data_9VDP
#
_entry.id   9VDP
#
_cell.length_a   1.00
_cell.length_b   1.00
_cell.length_c   1.00
_cell.angle_alpha   90.00
_cell.angle_beta   90.00
_cell.angle_gamma   90.00
#
_symmetry.space_group_name_H-M   'P 1'
#
loop_
_entity.id
_entity.type
_entity.pdbx_description
1 polymer 'Reverse transcriptase domain-containing protein'
2 polymer "DNA (5'-D(P*CP*CP*CP*AP*A)-3')"
#
loop_
_entity_poly.entity_id
_entity_poly.type
_entity_poly.pdbx_seq_one_letter_code
_entity_poly.pdbx_strand_id
1 'polypeptide(L)'
;HHHHHHSSGMVIFDEKRHLYEALLRHNYFPNQKGSISEIPPCFSSRTFTPEIAELISSDTSGRRSLQGYDCVEYYATRYN
NFPRTLSIIHPKAYSKLAKHIHDNWEEIRFIKENENSMIKPDMHADGRIIIMNYEDAETKTIRELNDGFGRRFKVNADIS
GCFTNIYSHSIPWAVIGVNNAKIALNTKVKNQDKHWSDKLDYFQRQAKRNETHGVPIGPATSSIVCEIILSAVDKRLRDD
GFLFRRYIDDYTCYCKTHDDAKEFLHLLGMELSKYKLSLNLHKTKITNLPGTLNDNWVSLLNVNSPTKKRFTDQDLNKLS
SSEVINFLDYAVQLNTQVGGGSILKYAISLVINNLDEYTITQVYDYLLNLSWHYPMLIPYLGVLIEHVYLDDGDEYKNKF
NEILSMCAENKCSDGMAWTLYFCIKNNIDIDDDVIEKIICFGDCLSLCLLDSSDIYEEKINNFVSDIIKLDYEYDIDRYW
LLFYQRFFKDKAPSPYNDKCFDIMKGYGVDFMPDENYKTKAESYCHVVNNPFLEDGDEIVSFNDYMAIA
;
A,B,D,F,H,K
2 'polydeoxyribonucleotide' (DC)(DC)(DC)(DA)(DA) I,C,E,G,J,L
#
# COMPACT_ATOMS: atom_id res chain seq x y z
N ASP A 14 22.99 31.68 44.13
CA ASP A 14 21.84 32.56 43.92
C ASP A 14 21.20 32.28 42.56
N GLU A 15 19.87 32.37 42.51
CA GLU A 15 19.15 32.18 41.26
C GLU A 15 19.45 33.30 40.27
N LYS A 16 19.56 34.53 40.77
CA LYS A 16 19.77 35.69 39.90
C LYS A 16 21.16 35.67 39.27
N ARG A 17 22.19 35.41 40.08
CA ARG A 17 23.55 35.34 39.58
C ARG A 17 23.74 34.18 38.63
N HIS A 18 23.12 33.03 38.95
CA HIS A 18 23.18 31.88 38.05
C HIS A 18 22.49 32.18 36.74
N LEU A 19 21.38 32.93 36.79
CA LEU A 19 20.71 33.35 35.55
C LEU A 19 21.61 34.25 34.71
N TYR A 20 22.29 35.20 35.35
CA TYR A 20 23.16 36.12 34.62
C TYR A 20 24.30 35.36 33.95
N GLU A 21 24.97 34.50 34.72
CA GLU A 21 26.09 33.74 34.18
C GLU A 21 25.63 32.69 33.16
N ALA A 22 24.40 32.21 33.28
CA ALA A 22 23.86 31.31 32.26
C ALA A 22 23.61 32.05 30.96
N LEU A 23 23.03 33.25 31.06
CA LEU A 23 22.71 34.03 29.86
C LEU A 23 23.98 34.43 29.12
N LEU A 24 25.05 34.78 29.85
CA LEU A 24 26.22 35.29 29.15
C LEU A 24 27.32 34.25 28.95
N ARG A 25 27.67 33.47 29.98
CA ARG A 25 28.82 32.59 29.89
C ARG A 25 28.50 31.22 29.30
N HIS A 26 27.25 30.77 29.38
CA HIS A 26 26.93 29.41 28.96
C HIS A 26 25.90 29.33 27.84
N ASN A 27 24.83 30.13 27.89
CA ASN A 27 23.76 30.03 26.91
C ASN A 27 23.69 31.24 25.98
N TYR A 28 24.80 31.99 25.87
CA TYR A 28 24.89 33.01 24.82
C TYR A 28 24.96 32.35 23.46
N PHE A 29 25.97 31.51 23.25
CA PHE A 29 26.05 30.73 22.04
C PHE A 29 24.95 29.66 22.07
N PRO A 30 24.55 29.14 20.91
CA PRO A 30 23.58 28.04 20.92
C PRO A 30 24.21 26.79 21.50
N ASN A 31 23.83 26.48 22.73
CA ASN A 31 24.42 25.39 23.50
C ASN A 31 23.33 24.68 24.30
N GLN A 32 22.14 24.56 23.71
CA GLN A 32 21.01 23.98 24.41
C GLN A 32 20.90 22.48 24.24
N LYS A 33 21.70 21.88 23.36
CA LYS A 33 21.62 20.44 23.15
C LYS A 33 22.22 19.69 24.33
N GLY A 34 21.77 18.46 24.52
CA GLY A 34 22.18 17.67 25.66
C GLY A 34 23.54 17.02 25.54
N SER A 35 23.73 16.18 24.52
CA SER A 35 24.93 15.37 24.44
C SER A 35 26.03 16.04 23.62
N ILE A 36 25.75 16.30 22.33
CA ILE A 36 26.71 16.97 21.45
C ILE A 36 26.12 18.30 21.03
N SER A 37 26.96 19.33 21.02
CA SER A 37 26.48 20.68 20.73
C SER A 37 26.33 20.91 19.24
N GLU A 38 25.55 21.93 18.90
CA GLU A 38 25.44 22.35 17.50
C GLU A 38 26.72 23.00 17.02
N ILE A 39 27.49 23.57 17.95
CA ILE A 39 28.71 24.31 17.67
C ILE A 39 29.88 23.49 18.20
N PRO A 40 31.03 23.47 17.53
CA PRO A 40 32.17 22.74 18.07
C PRO A 40 32.62 23.32 19.39
N PRO A 41 33.22 22.50 20.27
CA PRO A 41 33.56 22.96 21.62
C PRO A 41 34.69 23.98 21.67
N CYS A 42 35.40 24.19 20.56
CA CYS A 42 36.42 25.24 20.52
C CYS A 42 35.81 26.62 20.68
N PHE A 43 34.56 26.80 20.24
CA PHE A 43 33.81 28.01 20.51
C PHE A 43 33.19 27.92 21.89
N SER A 44 33.45 28.92 22.72
CA SER A 44 32.86 28.97 24.05
C SER A 44 32.56 30.41 24.41
N SER A 45 31.39 30.62 25.01
CA SER A 45 30.97 31.96 25.43
C SER A 45 31.44 32.31 26.82
N ARG A 46 32.21 31.44 27.47
CA ARG A 46 32.78 31.75 28.77
C ARG A 46 33.87 32.82 28.63
N THR A 47 34.30 33.35 29.78
CA THR A 47 35.12 34.56 29.93
C THR A 47 34.40 35.79 29.39
N PHE A 48 33.08 35.74 29.31
CA PHE A 48 32.24 36.89 28.98
C PHE A 48 31.29 37.06 30.16
N THR A 49 31.78 37.75 31.19
CA THR A 49 31.15 37.78 32.50
C THR A 49 30.04 38.83 32.56
N PRO A 50 29.13 38.73 33.54
CA PRO A 50 28.11 39.78 33.71
C PRO A 50 28.66 41.17 33.96
N GLU A 51 29.83 41.30 34.59
CA GLU A 51 30.42 42.61 34.78
C GLU A 51 30.83 43.23 33.44
N ILE A 52 31.35 42.41 32.53
CA ILE A 52 31.73 42.89 31.21
C ILE A 52 30.51 43.33 30.42
N ALA A 53 29.41 42.57 30.52
CA ALA A 53 28.18 42.96 29.83
C ALA A 53 27.57 44.22 30.45
N GLU A 54 27.71 44.39 31.77
CA GLU A 54 27.31 45.64 32.41
C GLU A 54 28.10 46.82 31.87
N LEU A 55 29.41 46.63 31.68
CA LEU A 55 30.25 47.68 31.13
C LEU A 55 29.88 47.98 29.67
N ILE A 56 29.53 46.95 28.90
CA ILE A 56 29.10 47.16 27.52
C ILE A 56 27.80 47.93 27.47
N SER A 57 26.82 47.55 28.31
CA SER A 57 25.54 48.25 28.33
C SER A 57 25.68 49.67 28.86
N SER A 58 26.67 49.92 29.72
CA SER A 58 26.92 51.28 30.19
C SER A 58 27.55 52.15 29.12
N ASP A 59 28.14 51.56 28.08
CA ASP A 59 28.78 52.34 27.03
C ASP A 59 27.72 53.02 26.16
N THR A 60 27.92 54.30 25.91
CA THR A 60 27.02 55.09 25.07
C THR A 60 27.71 55.70 23.85
N SER A 61 29.01 55.49 23.69
CA SER A 61 29.74 56.09 22.59
C SER A 61 29.43 55.36 21.28
N GLY A 62 29.81 55.99 20.17
CA GLY A 62 29.61 55.42 18.86
C GLY A 62 28.31 55.87 18.22
N ARG A 63 28.30 55.82 16.88
CA ARG A 63 27.14 56.20 16.11
C ARG A 63 26.84 55.12 15.09
N ARG A 64 25.57 54.76 14.96
CA ARG A 64 25.12 53.74 14.02
C ARG A 64 24.17 54.37 13.01
N SER A 65 24.49 54.22 11.73
CA SER A 65 23.58 54.68 10.68
C SER A 65 22.31 53.84 10.68
N LEU A 66 22.43 52.54 10.89
CA LEU A 66 21.29 51.63 10.93
C LEU A 66 20.81 51.47 12.36
N GLN A 67 19.54 51.06 12.49
CA GLN A 67 18.93 50.84 13.79
C GLN A 67 18.91 49.35 14.09
N GLY A 68 19.28 48.99 15.32
CA GLY A 68 19.39 47.59 15.70
C GLY A 68 20.71 46.98 15.29
N TYR A 69 20.84 45.70 15.58
CA TYR A 69 22.04 44.94 15.27
C TYR A 69 21.68 43.65 14.56
N ASP A 70 22.43 43.30 13.54
CA ASP A 70 22.31 41.97 12.95
C ASP A 70 23.16 40.98 13.74
N CYS A 71 22.95 39.70 13.47
CA CYS A 71 23.54 38.63 14.27
C CYS A 71 24.28 37.66 13.37
N VAL A 72 25.23 36.94 13.97
CA VAL A 72 25.94 35.88 13.27
C VAL A 72 24.99 34.73 13.00
N GLU A 73 24.90 34.31 11.74
CA GLU A 73 23.95 33.29 11.33
C GLU A 73 24.68 31.97 11.14
N TYR A 74 24.11 30.90 11.66
CA TYR A 74 24.75 29.59 11.74
C TYR A 74 23.72 28.55 11.30
N TYR A 75 23.91 28.01 10.11
CA TYR A 75 22.93 27.12 9.50
C TYR A 75 23.25 25.68 9.90
N ALA A 76 22.42 25.11 10.77
CA ALA A 76 22.59 23.73 11.22
C ALA A 76 21.53 22.85 10.56
N THR A 77 21.95 21.73 10.00
CA THR A 77 21.01 20.83 9.36
C THR A 77 20.23 20.03 10.40
N ARG A 78 18.99 19.73 10.05
CA ARG A 78 18.16 18.82 10.83
C ARG A 78 18.36 17.40 10.29
N TYR A 79 17.49 16.48 10.73
CA TYR A 79 17.63 15.08 10.29
C TYR A 79 17.27 14.92 8.83
N ASN A 80 16.36 15.74 8.31
CA ASN A 80 15.96 15.69 6.92
C ASN A 80 16.78 16.60 6.03
N ASN A 81 17.97 17.01 6.50
CA ASN A 81 18.89 17.96 5.86
C ASN A 81 18.28 19.34 5.68
N PHE A 82 17.21 19.66 6.40
CA PHE A 82 16.60 20.98 6.30
C PHE A 82 17.38 21.97 7.16
N PRO A 83 17.79 23.10 6.62
CA PRO A 83 18.58 24.05 7.42
C PRO A 83 17.72 24.76 8.46
N ARG A 84 18.30 24.94 9.64
CA ARG A 84 17.72 25.74 10.71
C ARG A 84 18.73 26.81 11.08
N THR A 85 18.29 28.06 11.15
CA THR A 85 19.20 29.17 11.31
C THR A 85 19.30 29.51 12.80
N LEU A 86 20.37 29.04 13.44
CA LEU A 86 20.73 29.51 14.76
C LEU A 86 21.43 30.85 14.64
N SER A 87 21.39 31.64 15.70
CA SER A 87 21.94 32.98 15.65
C SER A 87 22.72 33.30 16.91
N ILE A 88 23.86 33.95 16.74
CA ILE A 88 24.66 34.48 17.83
C ILE A 88 24.50 35.99 17.80
N ILE A 89 23.85 36.54 18.83
CA ILE A 89 23.49 37.95 18.86
C ILE A 89 24.76 38.79 19.07
N HIS A 90 24.77 39.99 18.49
CA HIS A 90 25.86 40.93 18.69
C HIS A 90 25.98 41.29 20.17
N PRO A 91 27.20 41.32 20.72
CA PRO A 91 27.35 41.42 22.19
C PRO A 91 26.85 42.71 22.79
N LYS A 92 26.74 43.79 22.03
CA LYS A 92 26.16 45.01 22.58
C LYS A 92 24.66 44.84 22.82
N ALA A 93 23.94 44.42 21.79
CA ALA A 93 22.50 44.18 21.91
C ALA A 93 22.22 43.02 22.86
N TYR A 94 23.02 41.95 22.78
CA TYR A 94 22.83 40.82 23.68
C TYR A 94 23.14 41.20 25.12
N SER A 95 24.17 42.03 25.34
CA SER A 95 24.50 42.46 26.69
C SER A 95 23.39 43.30 27.28
N LYS A 96 22.83 44.22 26.50
CA LYS A 96 21.69 45.01 26.98
C LYS A 96 20.48 44.14 27.25
N LEU A 97 20.20 43.18 26.36
CA LEU A 97 19.05 42.29 26.53
C LEU A 97 19.19 41.41 27.76
N ALA A 98 20.38 40.82 27.95
CA ALA A 98 20.62 39.96 29.10
C ALA A 98 20.62 40.75 30.39
N LYS A 99 21.14 41.98 30.38
CA LYS A 99 21.09 42.83 31.56
C LYS A 99 19.66 43.18 31.93
N HIS A 100 18.82 43.48 30.93
CA HIS A 100 17.43 43.80 31.23
C HIS A 100 16.66 42.58 31.71
N ILE A 101 16.96 41.40 31.17
CA ILE A 101 16.30 40.19 31.65
C ILE A 101 16.72 39.87 33.07
N HIS A 102 18.00 40.07 33.39
CA HIS A 102 18.49 39.84 34.74
C HIS A 102 17.91 40.84 35.73
N ASP A 103 17.84 42.11 35.36
CA ASP A 103 17.44 43.15 36.30
C ASP A 103 15.99 43.02 36.72
N ASN A 104 15.14 42.44 35.88
CA ASN A 104 13.73 42.24 36.19
C ASN A 104 13.38 40.76 36.30
N TRP A 105 14.33 39.94 36.78
CA TRP A 105 14.10 38.50 36.88
C TRP A 105 13.00 38.14 37.88
N GLU A 106 12.73 39.00 38.86
CA GLU A 106 11.61 38.75 39.75
C GLU A 106 10.28 38.77 39.01
N GLU A 107 10.16 39.65 38.00
CA GLU A 107 8.95 39.73 37.22
C GLU A 107 8.93 38.75 36.05
N ILE A 108 10.06 38.09 35.77
CA ILE A 108 10.17 37.17 34.63
C ILE A 108 10.08 35.73 35.10
N ARG A 109 10.54 35.45 36.32
CA ARG A 109 10.74 34.09 36.82
C ARG A 109 9.45 33.30 37.04
N PHE A 110 8.28 33.86 36.72
CA PHE A 110 7.06 33.08 36.72
C PHE A 110 7.05 32.04 35.61
N ILE A 111 7.91 32.18 34.59
CA ILE A 111 8.05 31.16 33.57
C ILE A 111 8.72 29.91 34.12
N LYS A 112 9.44 30.02 35.24
CA LYS A 112 10.02 28.84 35.88
C LYS A 112 8.93 27.95 36.45
N GLU A 113 7.90 28.56 37.05
CA GLU A 113 6.81 27.81 37.68
C GLU A 113 5.65 27.58 36.70
N ASN A 114 5.99 27.06 35.52
CA ASN A 114 5.01 26.68 34.51
C ASN A 114 5.17 25.17 34.34
N GLU A 115 4.23 24.41 34.88
CA GLU A 115 4.36 22.95 34.89
C GLU A 115 4.15 22.36 33.50
N ASN A 116 3.44 23.06 32.62
CA ASN A 116 3.15 22.51 31.30
C ASN A 116 4.36 22.57 30.38
N SER A 117 5.22 23.58 30.55
CA SER A 117 6.40 23.74 29.71
C SER A 117 7.53 22.91 30.27
N MET A 118 8.00 21.94 29.48
CA MET A 118 9.07 21.07 29.96
C MET A 118 10.45 21.70 29.76
N ILE A 119 10.68 22.31 28.60
CA ILE A 119 11.95 22.95 28.31
C ILE A 119 11.78 24.41 28.68
N LYS A 120 12.31 24.78 29.84
CA LYS A 120 12.18 26.12 30.40
C LYS A 120 13.47 26.41 31.14
N PRO A 121 13.68 27.67 31.57
CA PRO A 121 14.83 27.94 32.43
C PRO A 121 14.81 27.12 33.70
N ASP A 122 15.99 26.67 34.13
CA ASP A 122 16.15 25.82 35.29
C ASP A 122 17.62 25.85 35.68
N MET A 123 17.89 25.88 36.98
CA MET A 123 19.25 25.95 37.47
C MET A 123 19.92 24.60 37.26
N HIS A 124 20.92 24.55 36.37
CA HIS A 124 21.61 23.32 36.03
C HIS A 124 23.02 23.32 36.62
N ALA A 125 23.59 22.11 36.71
CA ALA A 125 24.90 21.96 37.32
C ALA A 125 26.00 22.58 36.47
N ASP A 126 25.93 22.42 35.14
CA ASP A 126 26.97 22.94 34.27
C ASP A 126 26.93 24.45 34.11
N GLY A 127 25.89 25.12 34.60
CA GLY A 127 25.79 26.55 34.53
C GLY A 127 24.75 27.07 33.55
N ARG A 128 24.10 26.20 32.79
CA ARG A 128 23.10 26.62 31.83
C ARG A 128 21.74 26.79 32.50
N ILE A 129 20.83 27.47 31.80
CA ILE A 129 19.42 27.47 32.18
C ILE A 129 18.55 26.71 31.18
N ILE A 130 18.95 26.64 29.92
CA ILE A 130 18.15 25.96 28.90
C ILE A 130 18.94 24.75 28.42
N ILE A 131 18.48 23.57 28.78
CA ILE A 131 18.98 22.31 28.25
C ILE A 131 17.80 21.50 27.75
N MET A 132 17.80 21.17 26.46
CA MET A 132 16.74 20.33 25.90
C MET A 132 16.90 18.89 26.37
N ASN A 133 15.81 18.32 26.90
CA ASN A 133 15.71 16.91 27.28
C ASN A 133 16.64 16.59 28.44
N TYR A 134 16.76 17.53 29.37
CA TYR A 134 17.62 17.32 30.54
C TYR A 134 17.04 16.27 31.48
N GLU A 135 15.71 16.15 31.53
CA GLU A 135 15.08 15.25 32.48
C GLU A 135 15.35 13.79 32.11
N ASP A 136 15.44 12.96 33.13
CA ASP A 136 15.80 11.55 32.95
C ASP A 136 14.60 10.75 32.46
N ALA A 137 14.88 9.52 32.01
CA ALA A 137 13.84 8.64 31.49
C ALA A 137 12.88 8.18 32.57
N GLU A 138 13.31 8.17 33.83
CA GLU A 138 12.43 7.83 34.95
C GLU A 138 11.22 8.75 35.00
N THR A 139 11.46 10.04 35.27
CA THR A 139 10.37 11.00 35.42
C THR A 139 9.65 11.23 34.10
N LYS A 140 10.36 11.16 32.98
CA LYS A 140 9.73 11.27 31.66
C LYS A 140 8.71 10.16 31.45
N THR A 141 9.13 8.91 31.67
CA THR A 141 8.25 7.76 31.46
C THR A 141 7.04 7.82 32.40
N ILE A 142 7.28 8.12 33.67
CA ILE A 142 6.18 8.22 34.63
C ILE A 142 5.24 9.37 34.27
N ARG A 143 5.78 10.47 33.73
CA ARG A 143 4.96 11.62 33.40
C ARG A 143 4.06 11.34 32.20
N GLU A 144 4.61 10.76 31.12
CA GLU A 144 3.73 10.45 30.00
C GLU A 144 2.80 9.28 30.29
N LEU A 145 3.14 8.39 31.22
CA LEU A 145 2.16 7.36 31.58
C LEU A 145 1.06 7.90 32.48
N ASN A 146 1.38 8.88 33.33
CA ASN A 146 0.35 9.48 34.18
C ASN A 146 -0.55 10.41 33.37
N ASP A 147 0.02 11.14 32.41
CA ASP A 147 -0.78 12.06 31.61
C ASP A 147 -1.66 11.30 30.62
N GLY A 148 -1.15 10.22 30.05
CA GLY A 148 -1.90 9.45 29.09
C GLY A 148 -2.88 8.45 29.67
N PHE A 149 -2.93 8.31 30.98
CA PHE A 149 -3.86 7.36 31.59
C PHE A 149 -5.28 7.92 31.56
N GLY A 150 -6.23 7.06 31.19
CA GLY A 150 -7.62 7.44 31.15
C GLY A 150 -8.02 8.26 29.94
N ARG A 151 -7.07 8.62 29.08
CA ARG A 151 -7.32 9.41 27.89
C ARG A 151 -7.06 8.53 26.68
N ARG A 152 -7.88 8.67 25.65
CA ARG A 152 -7.71 7.89 24.44
C ARG A 152 -7.35 8.72 23.23
N PHE A 153 -7.06 10.02 23.40
CA PHE A 153 -6.63 10.84 22.28
C PHE A 153 -5.42 11.67 22.64
N LYS A 154 -4.47 11.74 21.71
CA LYS A 154 -3.26 12.54 21.87
C LYS A 154 -3.20 13.57 20.76
N VAL A 155 -3.01 14.83 21.13
CA VAL A 155 -3.03 15.96 20.20
C VAL A 155 -1.62 16.50 20.10
N ASN A 156 -1.09 16.56 18.87
CA ASN A 156 0.21 17.16 18.61
C ASN A 156 0.00 18.37 17.72
N ALA A 157 0.19 19.57 18.29
CA ALA A 157 -0.02 20.81 17.56
C ALA A 157 1.23 21.66 17.66
N ASP A 158 1.77 22.09 16.52
CA ASP A 158 3.00 22.86 16.49
C ASP A 158 2.68 24.31 16.13
N ILE A 159 3.30 25.23 16.85
CA ILE A 159 3.25 26.64 16.46
C ILE A 159 4.08 26.83 15.20
N SER A 160 3.51 27.53 14.23
CA SER A 160 4.16 27.65 12.93
C SER A 160 5.41 28.51 13.01
N GLY A 161 5.31 29.68 13.63
CA GLY A 161 6.37 30.66 13.59
C GLY A 161 6.87 31.14 14.94
N CYS A 162 7.03 30.23 15.90
CA CYS A 162 7.40 30.60 17.26
C CYS A 162 8.76 31.29 17.32
N PHE A 163 9.65 30.97 16.38
CA PHE A 163 10.92 31.70 16.26
C PHE A 163 10.92 32.71 15.14
N THR A 164 10.18 32.46 14.05
CA THR A 164 10.37 33.25 12.84
C THR A 164 9.35 34.39 12.71
N ASN A 165 8.20 34.30 13.37
CA ASN A 165 7.22 35.38 13.27
C ASN A 165 6.53 35.62 14.62
N ILE A 166 7.28 35.48 15.70
CA ILE A 166 6.76 35.86 17.00
C ILE A 166 6.75 37.38 17.09
N TYR A 167 5.73 37.93 17.74
CA TYR A 167 5.53 39.37 17.75
C TYR A 167 6.22 39.95 18.99
N SER A 168 7.20 40.82 18.76
CA SER A 168 7.91 41.44 19.88
C SER A 168 7.01 42.39 20.66
N HIS A 169 6.13 43.11 19.95
CA HIS A 169 5.16 43.97 20.63
C HIS A 169 4.12 43.20 21.42
N SER A 170 4.03 41.89 21.24
CA SER A 170 3.17 41.06 22.08
C SER A 170 3.86 40.65 23.38
N ILE A 171 5.11 41.04 23.60
CA ILE A 171 5.75 40.79 24.89
C ILE A 171 5.02 41.48 26.05
N PRO A 172 4.61 42.77 25.96
CA PRO A 172 3.73 43.30 27.01
C PRO A 172 2.38 42.60 27.09
N TRP A 173 1.83 42.17 25.94
CA TRP A 173 0.49 41.62 25.92
C TRP A 173 0.40 40.31 26.70
N ALA A 174 1.48 39.55 26.75
CA ALA A 174 1.51 38.34 27.57
C ALA A 174 1.65 38.66 29.05
N VAL A 175 2.25 39.79 29.38
CA VAL A 175 2.56 40.08 30.79
C VAL A 175 1.35 40.69 31.49
N ILE A 176 0.87 41.84 31.00
CA ILE A 176 -0.18 42.58 31.66
C ILE A 176 -1.52 42.45 30.94
N GLY A 177 -1.60 41.66 29.90
CA GLY A 177 -2.81 41.58 29.12
C GLY A 177 -2.71 42.42 27.86
N VAL A 178 -3.45 42.04 26.83
CA VAL A 178 -3.42 42.75 25.56
C VAL A 178 -4.07 44.13 25.70
N ASN A 179 -5.26 44.16 26.32
CA ASN A 179 -6.00 45.41 26.45
C ASN A 179 -5.28 46.39 27.36
N ASN A 180 -4.74 45.90 28.49
CA ASN A 180 -4.05 46.78 29.43
C ASN A 180 -2.77 47.34 28.83
N ALA A 181 -2.06 46.54 28.02
CA ALA A 181 -0.88 47.04 27.33
C ALA A 181 -1.26 48.05 26.26
N LYS A 182 -2.42 47.87 25.61
CA LYS A 182 -2.86 48.87 24.64
C LYS A 182 -3.27 50.18 25.30
N ILE A 183 -3.92 50.12 26.46
CA ILE A 183 -4.26 51.35 27.18
C ILE A 183 -3.00 52.02 27.72
N ALA A 184 -2.03 51.22 28.19
CA ALA A 184 -0.82 51.78 28.81
C ALA A 184 0.02 52.60 27.84
N LEU A 185 -0.07 52.30 26.55
CA LEU A 185 0.60 53.12 25.53
C LEU A 185 -0.27 54.29 25.09
N LYS A 194 8.79 53.53 32.30
CA LYS A 194 7.89 52.64 31.57
C LYS A 194 8.00 51.21 32.08
N HIS A 195 7.10 50.35 31.59
CA HIS A 195 7.06 48.97 32.04
C HIS A 195 8.27 48.19 31.53
N TRP A 196 8.64 47.15 32.28
CA TRP A 196 9.80 46.35 31.92
C TRP A 196 9.54 45.51 30.67
N SER A 197 8.29 45.15 30.41
CA SER A 197 7.98 44.33 29.25
C SER A 197 8.18 45.09 27.95
N ASP A 198 7.86 46.39 27.96
CA ASP A 198 8.08 47.20 26.76
C ASP A 198 9.57 47.37 26.49
N LYS A 199 10.37 47.54 27.55
CA LYS A 199 11.82 47.64 27.36
C LYS A 199 12.40 46.31 26.91
N LEU A 200 11.85 45.19 27.40
CA LEU A 200 12.27 43.87 26.93
C LEU A 200 11.94 43.69 25.46
N ASP A 201 10.77 44.18 25.04
CA ASP A 201 10.39 44.21 23.63
C ASP A 201 11.39 45.03 22.83
N TYR A 202 11.78 46.20 23.34
CA TYR A 202 12.72 47.06 22.64
C TYR A 202 14.09 46.40 22.49
N PHE A 203 14.60 45.78 23.56
CA PHE A 203 15.92 45.15 23.50
C PHE A 203 15.89 43.89 22.64
N GLN A 204 14.78 43.15 22.67
CA GLN A 204 14.65 41.98 21.79
C GLN A 204 14.59 42.42 20.33
N ARG A 205 13.97 43.56 20.04
CA ARG A 205 14.02 44.11 18.69
C ARG A 205 15.43 44.54 18.31
N GLN A 206 16.14 45.21 19.23
CA GLN A 206 17.52 45.64 18.97
C GLN A 206 18.44 44.45 18.75
N ALA A 207 18.10 43.29 19.30
CA ALA A 207 18.89 42.08 19.08
C ALA A 207 18.92 41.68 17.62
N LYS A 208 17.83 41.90 16.88
CA LYS A 208 17.78 41.56 15.45
C LYS A 208 17.24 42.77 14.65
N ARG A 209 18.16 43.69 14.32
CA ARG A 209 17.98 44.70 13.28
C ARG A 209 16.77 45.61 13.48
N ASN A 210 16.34 45.78 14.74
CA ASN A 210 15.15 46.57 15.11
C ASN A 210 13.92 46.09 14.35
N GLU A 211 13.75 44.78 14.28
CA GLU A 211 12.65 44.14 13.57
C GLU A 211 11.65 43.60 14.56
N THR A 212 10.37 43.89 14.32
CA THR A 212 9.31 43.56 15.26
C THR A 212 8.94 42.09 15.27
N HIS A 213 9.37 41.32 14.28
CA HIS A 213 8.98 39.92 14.14
C HIS A 213 10.23 39.04 14.16
N GLY A 214 10.17 37.97 14.94
CA GLY A 214 11.22 36.97 14.97
C GLY A 214 12.16 37.14 16.14
N VAL A 215 12.73 36.02 16.58
CA VAL A 215 13.73 36.02 17.64
C VAL A 215 14.91 35.17 17.18
N PRO A 216 16.13 35.48 17.62
CA PRO A 216 17.28 34.64 17.25
C PRO A 216 17.23 33.29 17.96
N ILE A 217 17.37 32.22 17.18
CA ILE A 217 17.32 30.87 17.74
C ILE A 217 18.68 30.52 18.31
N GLY A 218 18.68 29.97 19.53
CA GLY A 218 19.90 29.51 20.15
C GLY A 218 20.28 30.14 21.48
N PRO A 219 20.23 31.47 21.62
CA PRO A 219 20.42 32.06 22.94
C PRO A 219 19.23 31.82 23.85
N ALA A 220 19.50 31.84 25.15
CA ALA A 220 18.45 31.62 26.13
C ALA A 220 17.60 32.86 26.38
N THR A 221 18.05 34.03 25.93
CA THR A 221 17.23 35.23 26.06
C THR A 221 15.98 35.14 25.20
N SER A 222 16.13 34.68 23.97
CA SER A 222 14.96 34.50 23.11
C SER A 222 14.10 33.34 23.57
N SER A 223 14.71 32.31 24.17
CA SER A 223 13.93 31.24 24.77
C SER A 223 13.11 31.76 25.95
N ILE A 224 13.69 32.66 26.74
CA ILE A 224 12.97 33.29 27.85
C ILE A 224 11.83 34.14 27.32
N VAL A 225 12.07 34.87 26.22
CA VAL A 225 11.02 35.70 25.61
C VAL A 225 9.88 34.82 25.10
N CYS A 226 10.21 33.71 24.44
CA CYS A 226 9.19 32.79 23.95
C CYS A 226 8.43 32.15 25.11
N GLU A 227 9.12 31.82 26.20
CA GLU A 227 8.44 31.28 27.38
C GLU A 227 7.51 32.31 28.01
N ILE A 228 7.93 33.58 28.03
CA ILE A 228 7.08 34.65 28.55
C ILE A 228 5.81 34.77 27.72
N ILE A 229 5.95 34.74 26.39
CA ILE A 229 4.80 34.88 25.52
C ILE A 229 3.87 33.67 25.64
N LEU A 230 4.43 32.46 25.65
CA LEU A 230 3.64 31.25 25.67
C LEU A 230 3.14 30.88 27.05
N SER A 231 3.63 31.53 28.11
CA SER A 231 3.16 31.22 29.45
C SER A 231 1.72 31.66 29.67
N ALA A 232 1.31 32.77 29.05
CA ALA A 232 -0.09 33.19 29.14
C ALA A 232 -1.01 32.21 28.42
N VAL A 233 -0.56 31.71 27.26
CA VAL A 233 -1.33 30.69 26.54
C VAL A 233 -1.42 29.41 27.36
N ASP A 234 -0.31 29.01 28.00
CA ASP A 234 -0.32 27.83 28.85
C ASP A 234 -1.24 28.02 30.06
N LYS A 235 -1.25 29.22 30.64
CA LYS A 235 -2.14 29.51 31.76
C LYS A 235 -3.60 29.46 31.34
N ARG A 236 -3.93 30.00 30.17
CA ARG A 236 -5.31 29.98 29.69
C ARG A 236 -5.76 28.56 29.37
N LEU A 237 -4.86 27.74 28.80
CA LEU A 237 -5.21 26.34 28.55
C LEU A 237 -5.29 25.54 29.85
N ARG A 238 -4.50 25.91 30.85
CA ARG A 238 -4.50 25.18 32.12
C ARG A 238 -5.74 25.51 32.93
N ASP A 239 -6.22 26.76 32.87
CA ASP A 239 -7.40 27.16 33.62
C ASP A 239 -8.67 26.53 33.08
N ASP A 240 -8.64 26.01 31.84
CA ASP A 240 -9.78 25.30 31.27
C ASP A 240 -9.74 23.81 31.56
N GLY A 241 -8.76 23.34 32.34
CA GLY A 241 -8.70 21.95 32.73
C GLY A 241 -7.99 21.02 31.76
N PHE A 242 -7.27 21.56 30.79
CA PHE A 242 -6.58 20.73 29.82
C PHE A 242 -5.27 20.17 30.39
N LEU A 243 -5.04 18.88 30.14
CA LEU A 243 -3.79 18.22 30.51
C LEU A 243 -2.91 18.19 29.27
N PHE A 244 -1.84 18.98 29.30
CA PHE A 244 -1.00 19.17 28.12
C PHE A 244 0.43 19.46 28.55
N ARG A 245 1.35 19.21 27.63
CA ARG A 245 2.77 19.44 27.84
C ARG A 245 3.30 20.21 26.64
N ARG A 246 4.12 21.23 26.89
CA ARG A 246 4.67 22.02 25.80
C ARG A 246 6.19 21.88 25.80
N TYR A 247 6.73 21.43 24.67
CA TYR A 247 8.17 21.41 24.42
C TYR A 247 8.46 22.48 23.38
N ILE A 248 9.06 23.59 23.82
CA ILE A 248 9.28 24.79 23.00
C ILE A 248 7.96 25.24 22.37
N ASP A 249 7.76 24.89 21.10
CA ASP A 249 6.57 25.29 20.35
C ASP A 249 5.57 24.16 20.16
N ASP A 250 5.90 22.93 20.56
CA ASP A 250 5.08 21.77 20.30
C ASP A 250 4.20 21.46 21.50
N TYR A 251 2.90 21.38 21.27
CA TYR A 251 1.91 21.09 22.29
C TYR A 251 1.46 19.64 22.15
N THR A 252 1.46 18.90 23.25
CA THR A 252 0.97 17.54 23.28
C THR A 252 -0.08 17.46 24.38
N CYS A 253 -1.33 17.26 23.99
CA CYS A 253 -2.45 17.26 24.93
C CYS A 253 -3.07 15.88 24.98
N TYR A 254 -3.50 15.48 26.17
CA TYR A 254 -4.11 14.17 26.38
C TYR A 254 -5.58 14.38 26.71
N CYS A 255 -6.46 13.80 25.89
CA CYS A 255 -7.88 14.07 25.96
C CYS A 255 -8.68 12.77 26.08
N LYS A 256 -9.69 12.82 26.95
CA LYS A 256 -10.58 11.67 27.15
C LYS A 256 -11.41 11.40 25.91
N THR A 257 -11.90 12.45 25.26
CA THR A 257 -12.78 12.32 24.11
C THR A 257 -12.21 13.15 22.95
N HIS A 258 -12.76 12.91 21.76
CA HIS A 258 -12.23 13.55 20.55
C HIS A 258 -12.65 15.01 20.45
N ASP A 259 -13.86 15.35 20.92
CA ASP A 259 -14.26 16.75 20.96
C ASP A 259 -13.42 17.54 21.91
N ASP A 260 -12.90 16.90 22.97
CA ASP A 260 -11.95 17.56 23.86
C ASP A 260 -10.67 17.90 23.12
N ALA A 261 -10.23 17.01 22.22
CA ALA A 261 -9.09 17.31 21.38
C ALA A 261 -9.37 18.48 20.44
N LYS A 262 -10.56 18.49 19.81
CA LYS A 262 -10.91 19.59 18.92
C LYS A 262 -11.06 20.90 19.69
N GLU A 263 -11.60 20.83 20.91
CA GLU A 263 -11.78 22.03 21.73
C GLU A 263 -10.44 22.56 22.22
N PHE A 264 -9.49 21.66 22.54
CA PHE A 264 -8.14 22.09 22.84
C PHE A 264 -7.50 22.77 21.65
N LEU A 265 -7.68 22.20 20.45
CA LEU A 265 -7.12 22.81 19.24
C LEU A 265 -7.72 24.18 18.98
N HIS A 266 -9.03 24.31 19.18
CA HIS A 266 -9.71 25.58 18.96
C HIS A 266 -9.25 26.63 19.97
N LEU A 267 -9.23 26.27 21.26
CA LEU A 267 -8.83 27.22 22.30
C LEU A 267 -7.37 27.62 22.17
N LEU A 268 -6.51 26.67 21.79
CA LEU A 268 -5.12 26.98 21.51
C LEU A 268 -4.99 27.89 20.30
N GLY A 269 -5.86 27.72 19.30
CA GLY A 269 -5.86 28.64 18.17
C GLY A 269 -6.24 30.05 18.57
N MET A 270 -7.29 30.21 19.38
CA MET A 270 -7.65 31.55 19.85
C MET A 270 -6.57 32.15 20.72
N GLU A 271 -5.96 31.35 21.61
CA GLU A 271 -4.93 31.88 22.50
C GLU A 271 -3.66 32.25 21.74
N LEU A 272 -3.33 31.51 20.67
CA LEU A 272 -2.18 31.89 19.85
C LEU A 272 -2.50 33.11 18.99
N SER A 273 -3.72 33.19 18.45
CA SER A 273 -4.12 34.34 17.65
C SER A 273 -4.24 35.60 18.48
N LYS A 274 -4.44 35.48 19.80
CA LYS A 274 -4.41 36.65 20.67
C LYS A 274 -3.05 37.32 20.66
N TYR A 275 -1.97 36.54 20.49
CA TYR A 275 -0.62 37.07 20.44
C TYR A 275 0.00 36.96 19.05
N LYS A 276 -0.84 37.02 18.02
CA LYS A 276 -0.45 37.03 16.61
C LYS A 276 0.38 35.80 16.24
N LEU A 277 0.01 34.65 16.81
CA LEU A 277 0.63 33.38 16.48
C LEU A 277 -0.43 32.45 15.88
N SER A 278 0.03 31.43 15.18
CA SER A 278 -0.86 30.49 14.53
C SER A 278 -0.29 29.09 14.62
N LEU A 279 -1.19 28.10 14.68
CA LEU A 279 -0.78 26.71 14.63
C LEU A 279 -0.28 26.35 13.23
N ASN A 280 0.68 25.43 13.19
CA ASN A 280 1.12 24.85 11.93
C ASN A 280 0.06 23.82 11.54
N LEU A 281 -0.80 24.18 10.59
CA LEU A 281 -1.93 23.32 10.23
C LEU A 281 -1.50 22.02 9.57
N HIS A 282 -0.30 21.98 9.00
CA HIS A 282 0.22 20.73 8.45
C HIS A 282 0.67 19.78 9.55
N LYS A 283 1.21 20.33 10.65
CA LYS A 283 1.85 19.50 11.66
C LYS A 283 0.87 18.96 12.69
N THR A 284 -0.27 19.62 12.90
CA THR A 284 -1.20 19.19 13.94
C THR A 284 -1.86 17.86 13.56
N LYS A 285 -1.98 16.97 14.52
CA LYS A 285 -2.59 15.68 14.30
C LYS A 285 -3.18 15.15 15.60
N ILE A 286 -4.12 14.23 15.46
CA ILE A 286 -4.79 13.58 16.58
C ILE A 286 -4.61 12.08 16.42
N THR A 287 -3.95 11.46 17.39
CA THR A 287 -3.67 10.03 17.37
C THR A 287 -4.43 9.34 18.49
N ASN A 288 -4.55 8.03 18.37
CA ASN A 288 -5.29 7.22 19.33
C ASN A 288 -4.36 6.70 20.41
N LEU A 289 -4.66 7.03 21.66
CA LEU A 289 -3.94 6.39 22.76
C LEU A 289 -4.49 4.97 22.97
N PRO A 290 -3.62 4.01 23.32
CA PRO A 290 -2.19 4.13 23.60
C PRO A 290 -1.33 4.09 22.34
N GLY A 291 -0.47 5.09 22.18
CA GLY A 291 0.51 5.04 21.12
C GLY A 291 1.80 4.47 21.68
N THR A 292 2.89 5.20 21.50
CA THR A 292 4.16 4.86 22.14
C THR A 292 4.64 6.06 22.92
N LEU A 293 5.42 5.79 23.98
CA LEU A 293 5.93 6.86 24.82
C LEU A 293 6.89 7.75 24.05
N ASN A 294 7.75 7.15 23.25
CA ASN A 294 8.59 7.85 22.28
C ASN A 294 7.96 7.70 20.90
N ASP A 295 8.71 8.09 19.87
CA ASP A 295 8.28 7.78 18.52
C ASP A 295 8.42 6.29 18.24
N ASN A 296 7.75 5.84 17.18
CA ASN A 296 7.74 4.43 16.85
C ASN A 296 9.11 3.94 16.40
N TRP A 297 9.85 4.78 15.68
CA TRP A 297 11.19 4.40 15.23
C TRP A 297 12.15 4.27 16.39
N VAL A 298 11.90 5.00 17.49
CA VAL A 298 12.76 4.90 18.66
C VAL A 298 12.68 3.51 19.27
N SER A 299 11.47 2.99 19.44
CA SER A 299 11.29 1.64 19.94
C SER A 299 11.76 0.61 18.94
N LEU A 300 11.60 0.88 17.64
CA LEU A 300 12.12 -0.02 16.62
C LEU A 300 13.65 -0.12 16.67
N LEU A 301 14.31 1.02 16.93
CA LEU A 301 15.76 1.03 17.04
C LEU A 301 16.23 0.35 18.31
N ASN A 302 15.59 0.65 19.44
CA ASN A 302 16.05 0.12 20.73
C ASN A 302 15.76 -1.37 20.83
N VAL A 303 14.67 -1.84 20.23
CA VAL A 303 14.35 -3.26 20.26
C VAL A 303 15.27 -4.04 19.34
N ASN A 304 15.95 -3.37 18.40
CA ASN A 304 16.91 -4.00 17.51
C ASN A 304 18.35 -3.61 17.84
N SER A 305 18.56 -2.90 18.95
CA SER A 305 19.90 -2.43 19.29
C SER A 305 20.76 -3.59 19.76
N PRO A 306 21.98 -3.73 19.23
CA PRO A 306 22.87 -4.80 19.73
C PRO A 306 23.41 -4.53 21.12
N THR A 307 23.36 -3.28 21.59
CA THR A 307 23.88 -2.88 22.88
C THR A 307 22.81 -2.68 23.94
N LYS A 308 21.57 -3.11 23.65
CA LYS A 308 20.42 -2.78 24.49
C LYS A 308 20.48 -3.41 25.89
N LYS A 309 21.29 -4.45 26.09
CA LYS A 309 21.38 -5.11 27.38
C LYS A 309 22.79 -4.94 27.94
N ARG A 310 22.87 -4.47 29.19
CA ARG A 310 24.13 -4.38 29.89
C ARG A 310 24.52 -5.74 30.47
N PHE A 311 25.83 -5.98 30.57
CA PHE A 311 26.35 -7.24 31.07
C PHE A 311 27.20 -7.09 32.33
N THR A 312 27.50 -5.85 32.73
CA THR A 312 28.31 -5.45 33.89
C THR A 312 29.79 -5.86 33.78
N ASP A 313 30.21 -6.48 32.69
CA ASP A 313 31.63 -6.66 32.38
C ASP A 313 31.88 -6.06 31.01
N GLN A 314 32.96 -5.28 30.90
CA GLN A 314 33.14 -4.44 29.72
C GLN A 314 33.48 -5.24 28.48
N ASP A 315 34.11 -6.41 28.63
CA ASP A 315 34.46 -7.22 27.47
C ASP A 315 33.23 -7.84 26.82
N LEU A 316 32.17 -8.09 27.58
CA LEU A 316 30.98 -8.73 27.02
C LEU A 316 30.21 -7.77 26.14
N ASN A 317 30.00 -6.53 26.60
CA ASN A 317 29.24 -5.54 25.82
C ASN A 317 30.17 -4.71 24.93
N LYS A 318 30.99 -5.41 24.17
CA LYS A 318 31.77 -4.82 23.09
C LYS A 318 31.24 -5.38 21.78
N LEU A 319 30.72 -4.51 20.93
CA LEU A 319 30.03 -4.94 19.73
C LEU A 319 31.03 -5.39 18.67
N SER A 320 30.64 -6.41 17.91
CA SER A 320 31.47 -6.90 16.82
C SER A 320 31.23 -6.05 15.57
N SER A 321 31.96 -6.39 14.49
CA SER A 321 31.82 -5.62 13.25
C SER A 321 30.47 -5.88 12.59
N SER A 322 30.05 -7.15 12.54
CA SER A 322 28.79 -7.51 11.88
C SER A 322 27.61 -6.89 12.59
N GLU A 323 27.65 -6.86 13.93
CA GLU A 323 26.55 -6.29 14.72
C GLU A 323 26.34 -4.82 14.40
N VAL A 324 27.40 -4.02 14.48
CA VAL A 324 27.27 -2.58 14.28
C VAL A 324 26.97 -2.27 12.81
N ILE A 325 27.64 -2.97 11.88
CA ILE A 325 27.41 -2.71 10.46
C ILE A 325 25.97 -3.03 10.07
N ASN A 326 25.45 -4.17 10.54
CA ASN A 326 24.08 -4.52 10.22
C ASN A 326 23.07 -3.64 10.94
N PHE A 327 23.38 -3.20 12.17
CA PHE A 327 22.48 -2.28 12.86
C PHE A 327 22.43 -0.93 12.19
N LEU A 328 23.57 -0.43 11.69
CA LEU A 328 23.57 0.83 10.97
C LEU A 328 22.91 0.70 9.61
N ASP A 329 23.03 -0.45 8.95
CA ASP A 329 22.28 -0.68 7.72
C ASP A 329 20.78 -0.69 7.98
N TYR A 330 20.36 -1.33 9.08
CA TYR A 330 18.95 -1.30 9.47
C TYR A 330 18.52 0.11 9.86
N ALA A 331 19.42 0.90 10.44
CA ALA A 331 19.11 2.29 10.76
C ALA A 331 18.91 3.13 9.52
N VAL A 332 19.71 2.90 8.49
CA VAL A 332 19.51 3.59 7.22
C VAL A 332 18.20 3.14 6.58
N GLN A 333 17.88 1.86 6.69
CA GLN A 333 16.59 1.36 6.23
C GLN A 333 15.43 2.05 6.94
N LEU A 334 15.54 2.22 8.26
CA LEU A 334 14.49 2.87 9.02
C LEU A 334 14.40 4.36 8.71
N ASN A 335 15.55 5.00 8.45
CA ASN A 335 15.56 6.42 8.10
C ASN A 335 14.91 6.64 6.74
N THR A 336 15.17 5.74 5.79
CA THR A 336 14.53 5.85 4.48
C THR A 336 13.04 5.53 4.57
N GLN A 337 12.69 4.44 5.27
CA GLN A 337 11.32 3.95 5.27
C GLN A 337 10.41 4.83 6.13
N VAL A 338 10.88 5.23 7.31
CA VAL A 338 10.02 5.97 8.24
C VAL A 338 10.34 7.45 8.16
N GLY A 339 11.58 7.81 8.51
CA GLY A 339 12.00 9.20 8.47
C GLY A 339 11.26 10.12 9.40
N GLY A 340 10.80 9.61 10.54
CA GLY A 340 10.05 10.40 11.49
C GLY A 340 10.87 11.20 12.46
N GLY A 341 12.19 11.13 12.39
CA GLY A 341 13.02 11.85 13.32
C GLY A 341 14.48 11.57 13.05
N SER A 342 15.32 11.89 14.05
CA SER A 342 16.76 11.70 13.93
C SER A 342 17.10 10.24 14.24
N ILE A 343 16.78 9.39 13.25
CA ILE A 343 16.97 7.95 13.40
C ILE A 343 18.45 7.59 13.40
N LEU A 344 19.19 8.16 12.44
CA LEU A 344 20.61 7.82 12.29
C LEU A 344 21.43 8.31 13.47
N LYS A 345 21.16 9.53 13.95
CA LYS A 345 21.88 10.04 15.11
C LYS A 345 21.59 9.20 16.36
N TYR A 346 20.34 8.76 16.52
CA TYR A 346 19.98 7.91 17.65
C TYR A 346 20.72 6.58 17.60
N ALA A 347 20.75 5.93 16.42
CA ALA A 347 21.41 4.63 16.31
C ALA A 347 22.92 4.76 16.46
N ILE A 348 23.50 5.84 15.91
CA ILE A 348 24.94 6.04 16.04
C ILE A 348 25.31 6.27 17.50
N SER A 349 24.55 7.09 18.22
CA SER A 349 24.79 7.27 19.65
C SER A 349 24.52 5.99 20.43
N LEU A 350 23.67 5.10 19.93
CA LEU A 350 23.55 3.77 20.54
C LEU A 350 24.85 2.98 20.41
N VAL A 351 25.48 2.98 19.23
CA VAL A 351 26.59 2.06 19.01
C VAL A 351 27.98 2.69 19.09
N ILE A 352 28.10 4.00 19.24
CA ILE A 352 29.43 4.61 19.12
C ILE A 352 30.27 4.44 20.39
N ASN A 353 29.68 4.12 21.52
CA ASN A 353 30.42 4.02 22.78
C ASN A 353 30.72 2.59 23.18
N ASN A 354 30.34 1.60 22.38
CA ASN A 354 30.57 0.20 22.69
C ASN A 354 31.39 -0.47 21.60
N LEU A 355 32.32 0.28 21.02
CA LEU A 355 33.16 -0.21 19.93
C LEU A 355 34.48 -0.74 20.47
N ASP A 356 34.95 -1.84 19.87
CA ASP A 356 36.28 -2.38 20.13
C ASP A 356 37.25 -1.92 19.05
N GLU A 357 38.54 -2.17 19.29
CA GLU A 357 39.57 -1.60 18.43
C GLU A 357 39.69 -2.33 17.10
N TYR A 358 39.09 -3.51 16.95
CA TYR A 358 39.07 -4.15 15.64
C TYR A 358 38.13 -3.45 14.67
N THR A 359 37.03 -2.89 15.17
CA THR A 359 35.96 -2.40 14.31
C THR A 359 35.95 -0.88 14.18
N ILE A 360 36.99 -0.19 14.64
CA ILE A 360 37.00 1.28 14.60
C ILE A 360 37.02 1.77 13.15
N THR A 361 37.81 1.12 12.29
CA THR A 361 37.94 1.58 10.91
C THR A 361 36.63 1.41 10.13
N GLN A 362 35.95 0.28 10.31
CA GLN A 362 34.69 0.04 9.59
C GLN A 362 33.62 1.05 9.97
N VAL A 363 33.41 1.23 11.28
CA VAL A 363 32.41 2.17 11.76
C VAL A 363 32.80 3.59 11.41
N TYR A 364 34.09 3.91 11.44
CA TYR A 364 34.51 5.26 11.10
C TYR A 364 34.29 5.56 9.62
N ASP A 365 34.55 4.60 8.74
CA ASP A 365 34.27 4.80 7.32
C ASP A 365 32.77 4.90 7.07
N TYR A 366 31.97 4.10 7.78
CA TYR A 366 30.52 4.18 7.67
C TYR A 366 30.02 5.54 8.14
N LEU A 367 30.58 6.05 9.23
CA LEU A 367 30.24 7.38 9.72
C LEU A 367 30.69 8.47 8.77
N LEU A 368 31.82 8.27 8.10
CA LEU A 368 32.28 9.23 7.11
C LEU A 368 31.31 9.31 5.93
N ASN A 369 30.84 8.16 5.46
CA ASN A 369 29.86 8.14 4.37
C ASN A 369 28.55 8.78 4.80
N LEU A 370 28.02 8.37 5.96
CA LEU A 370 26.77 8.92 6.45
C LEU A 370 26.88 10.41 6.76
N SER A 371 28.06 10.85 7.19
CA SER A 371 28.27 12.25 7.51
C SER A 371 28.43 13.09 6.25
N TRP A 372 28.97 12.50 5.18
CA TRP A 372 28.91 13.17 3.89
C TRP A 372 27.46 13.31 3.43
N HIS A 373 26.66 12.27 3.63
CA HIS A 373 25.26 12.38 3.23
C HIS A 373 24.43 13.19 4.22
N TYR A 374 24.74 13.13 5.50
CA TYR A 374 24.01 13.87 6.53
C TYR A 374 24.99 14.60 7.42
N PRO A 375 25.14 15.91 7.26
CA PRO A 375 26.17 16.66 8.03
C PRO A 375 25.95 16.67 9.53
N MET A 376 24.73 16.42 10.00
CA MET A 376 24.47 16.40 11.44
C MET A 376 25.17 15.26 12.15
N LEU A 377 25.58 14.23 11.41
CA LEU A 377 26.37 13.12 11.94
C LEU A 377 27.86 13.43 11.96
N ILE A 378 28.27 14.60 11.45
CA ILE A 378 29.69 14.96 11.46
C ILE A 378 30.30 15.04 12.85
N PRO A 379 29.65 15.61 13.90
CA PRO A 379 30.32 15.65 15.21
C PRO A 379 30.69 14.29 15.80
N TYR A 380 29.99 13.22 15.43
CA TYR A 380 30.33 11.89 15.89
C TYR A 380 31.69 11.41 15.42
N LEU A 381 32.20 12.00 14.32
CA LEU A 381 33.56 11.71 13.87
C LEU A 381 34.60 12.11 14.92
N GLY A 382 34.26 13.07 15.79
CA GLY A 382 35.15 13.41 16.87
C GLY A 382 35.20 12.41 18.00
N VAL A 383 34.25 11.46 18.03
CA VAL A 383 34.28 10.43 19.06
C VAL A 383 35.42 9.46 18.82
N LEU A 384 35.61 9.04 17.57
CA LEU A 384 36.64 8.09 17.20
C LEU A 384 37.77 8.76 16.41
N ILE A 385 37.98 10.05 16.63
CA ILE A 385 39.02 10.78 15.90
C ILE A 385 40.42 10.43 16.40
N GLU A 386 40.54 9.88 17.61
CA GLU A 386 41.86 9.53 18.14
C GLU A 386 42.31 8.15 17.67
N HIS A 387 41.39 7.19 17.61
CA HIS A 387 41.77 5.80 17.34
C HIS A 387 42.11 5.59 15.87
N VAL A 388 41.63 6.46 14.99
CA VAL A 388 41.84 6.29 13.56
C VAL A 388 43.18 6.89 13.17
N TYR A 389 44.00 6.11 12.46
CA TYR A 389 45.30 6.58 11.99
C TYR A 389 45.07 7.57 10.85
N LEU A 390 45.06 8.86 11.20
CA LEU A 390 44.65 9.89 10.26
C LEU A 390 45.72 10.21 9.23
N ASP A 391 46.99 10.00 9.55
CA ASP A 391 48.05 10.21 8.57
C ASP A 391 47.90 9.26 7.40
N ASP A 392 48.09 7.95 7.65
CA ASP A 392 47.79 6.84 6.74
C ASP A 392 48.35 7.04 5.33
N GLY A 393 47.46 6.94 4.33
CA GLY A 393 47.82 7.20 2.95
C GLY A 393 47.04 8.33 2.34
N ASP A 394 46.70 9.34 3.17
CA ASP A 394 46.06 10.60 2.83
C ASP A 394 44.60 10.44 2.37
N GLU A 395 44.06 9.22 2.43
CA GLU A 395 42.67 8.98 2.04
C GLU A 395 41.70 9.70 2.96
N TYR A 396 41.99 9.73 4.27
CA TYR A 396 41.14 10.44 5.21
C TYR A 396 41.17 11.94 4.97
N LYS A 397 42.31 12.48 4.54
CA LYS A 397 42.39 13.89 4.16
C LYS A 397 41.48 14.19 2.98
N ASN A 398 41.48 13.32 1.98
CA ASN A 398 40.59 13.50 0.82
C ASN A 398 39.13 13.38 1.23
N LYS A 399 38.82 12.47 2.15
CA LYS A 399 37.44 12.31 2.60
C LYS A 399 36.96 13.52 3.38
N PHE A 400 37.81 14.06 4.26
CA PHE A 400 37.46 15.26 5.01
C PHE A 400 37.31 16.47 4.10
N ASN A 401 38.16 16.60 3.09
CA ASN A 401 38.02 17.74 2.18
C ASN A 401 36.80 17.58 1.26
N GLU A 402 36.43 16.35 0.91
CA GLU A 402 35.19 16.14 0.18
C GLU A 402 33.98 16.49 1.05
N ILE A 403 34.05 16.18 2.34
CA ILE A 403 33.01 16.59 3.27
C ILE A 403 32.94 18.11 3.35
N LEU A 404 34.09 18.78 3.37
CA LEU A 404 34.12 20.24 3.36
C LEU A 404 33.52 20.81 2.08
N SER A 405 33.79 20.15 0.93
CA SER A 405 33.18 20.56 -0.33
C SER A 405 31.66 20.42 -0.28
N MET A 406 31.17 19.30 0.28
CA MET A 406 29.73 19.09 0.40
C MET A 406 29.11 20.14 1.32
N CYS A 407 29.81 20.50 2.39
CA CYS A 407 29.29 21.50 3.32
C CYS A 407 29.27 22.88 2.68
N ALA A 408 30.26 23.19 1.85
CA ALA A 408 30.26 24.46 1.13
C ALA A 408 29.16 24.51 0.08
N GLU A 409 28.92 23.39 -0.60
CA GLU A 409 27.89 23.36 -1.63
C GLU A 409 26.49 23.43 -1.03
N ASN A 410 26.25 22.68 0.06
CA ASN A 410 24.93 22.63 0.68
C ASN A 410 24.66 23.81 1.61
N LYS A 411 25.66 24.66 1.84
CA LYS A 411 25.54 25.87 2.67
C LYS A 411 25.09 25.54 4.08
N CYS A 412 25.79 24.59 4.71
CA CYS A 412 25.52 24.20 6.09
C CYS A 412 26.71 24.58 6.97
N SER A 413 26.42 25.25 8.08
CA SER A 413 27.49 25.74 8.94
C SER A 413 27.89 24.75 10.02
N ASP A 414 26.98 23.87 10.47
CA ASP A 414 27.32 22.94 11.53
C ASP A 414 28.34 21.92 11.06
N GLY A 415 28.10 21.31 9.89
CA GLY A 415 29.02 20.32 9.38
C GLY A 415 30.36 20.91 9.00
N MET A 416 30.35 22.08 8.37
CA MET A 416 31.60 22.74 8.00
C MET A 416 32.39 23.15 9.24
N ALA A 417 31.71 23.69 10.25
CA ALA A 417 32.40 24.11 11.47
C ALA A 417 33.00 22.92 12.21
N TRP A 418 32.24 21.82 12.33
CA TRP A 418 32.76 20.65 13.02
C TRP A 418 33.90 20.00 12.24
N THR A 419 33.77 19.93 10.91
CA THR A 419 34.84 19.37 10.08
C THR A 419 36.10 20.22 10.13
N LEU A 420 35.95 21.54 10.11
CA LEU A 420 37.10 22.42 10.22
C LEU A 420 37.75 22.31 11.59
N TYR A 421 36.93 22.14 12.64
CA TYR A 421 37.48 21.91 13.97
C TYR A 421 38.28 20.62 14.03
N PHE A 422 37.77 19.56 13.41
CA PHE A 422 38.50 18.29 13.38
C PHE A 422 39.80 18.42 12.58
N CYS A 423 39.75 19.12 11.45
CA CYS A 423 40.95 19.27 10.61
C CYS A 423 42.01 20.12 11.30
N ILE A 424 41.60 21.17 12.01
CA ILE A 424 42.56 22.02 12.71
C ILE A 424 43.14 21.30 13.92
N LYS A 425 42.28 20.61 14.69
CA LYS A 425 42.76 19.90 15.88
C LYS A 425 43.66 18.74 15.52
N ASN A 426 43.31 18.00 14.47
CA ASN A 426 44.02 16.77 14.12
C ASN A 426 45.00 16.96 12.98
N ASN A 427 45.27 18.20 12.58
CA ASN A 427 46.29 18.57 11.60
C ASN A 427 46.04 17.91 10.23
N ILE A 428 44.78 17.84 9.83
CA ILE A 428 44.42 17.40 8.49
C ILE A 428 44.56 18.58 7.54
N ASP A 429 45.34 18.41 6.49
CA ASP A 429 45.61 19.49 5.57
C ASP A 429 44.39 19.80 4.71
N ILE A 430 44.21 21.09 4.41
CA ILE A 430 43.09 21.58 3.63
C ILE A 430 43.64 22.20 2.36
N ASP A 431 43.14 21.75 1.21
CA ASP A 431 43.60 22.29 -0.07
C ASP A 431 43.10 23.71 -0.27
N ASP A 432 43.73 24.42 -1.21
CA ASP A 432 43.32 25.77 -1.53
C ASP A 432 41.96 25.80 -2.21
N ASP A 433 41.65 24.75 -2.98
CA ASP A 433 40.41 24.71 -3.76
C ASP A 433 39.19 24.73 -2.85
N VAL A 434 39.23 23.99 -1.74
CA VAL A 434 38.13 24.03 -0.79
C VAL A 434 38.15 25.30 0.06
N ILE A 435 39.32 25.91 0.25
CA ILE A 435 39.38 27.19 0.93
C ILE A 435 38.66 28.28 0.12
N GLU A 436 38.80 28.23 -1.21
CA GLU A 436 38.01 29.11 -2.07
C GLU A 436 36.52 28.91 -1.86
N LYS A 437 36.08 27.65 -1.73
CA LYS A 437 34.67 27.39 -1.50
C LYS A 437 34.21 27.85 -0.12
N ILE A 438 35.09 27.79 0.87
CA ILE A 438 34.74 28.28 2.21
C ILE A 438 34.59 29.80 2.20
N ILE A 439 35.50 30.51 1.52
CA ILE A 439 35.36 31.96 1.39
C ILE A 439 34.12 32.32 0.58
N CYS A 440 33.80 31.53 -0.45
CA CYS A 440 32.59 31.77 -1.23
C CYS A 440 31.34 31.57 -0.39
N PHE A 441 31.32 30.54 0.45
CA PHE A 441 30.21 30.36 1.39
C PHE A 441 30.21 31.48 2.43
N GLY A 442 31.37 31.73 3.05
CA GLY A 442 31.49 32.78 4.03
C GLY A 442 30.69 32.56 5.29
N ASP A 443 30.75 31.36 5.86
CA ASP A 443 30.20 31.14 7.19
C ASP A 443 31.08 31.79 8.24
N CYS A 444 30.46 32.49 9.18
CA CYS A 444 31.22 33.28 10.15
C CYS A 444 32.04 32.41 11.08
N LEU A 445 31.48 31.29 11.55
CA LEU A 445 32.21 30.44 12.48
C LEU A 445 33.32 29.67 11.78
N SER A 446 33.07 29.25 10.54
CA SER A 446 34.10 28.59 9.74
C SER A 446 35.25 29.55 9.46
N LEU A 447 34.94 30.81 9.16
CA LEU A 447 35.99 31.80 8.96
C LEU A 447 36.69 32.16 10.27
N CYS A 448 35.98 32.07 11.40
CA CYS A 448 36.64 32.22 12.69
C CYS A 448 37.68 31.12 12.91
N LEU A 449 37.32 29.88 12.58
CA LEU A 449 38.27 28.77 12.68
C LEU A 449 39.45 28.95 11.72
N LEU A 450 39.16 29.38 10.49
CA LEU A 450 40.22 29.61 9.51
C LEU A 450 41.17 30.72 9.95
N ASP A 451 40.61 31.78 10.56
CA ASP A 451 41.44 32.85 11.09
C ASP A 451 42.24 32.38 12.31
N SER A 452 41.66 31.49 13.11
CA SER A 452 42.37 30.94 14.26
C SER A 452 43.47 29.98 13.86
N SER A 453 43.44 29.45 12.63
CA SER A 453 44.56 28.64 12.17
C SER A 453 45.74 29.50 11.71
N ASP A 454 45.49 30.77 11.37
CA ASP A 454 46.46 31.76 10.91
C ASP A 454 47.18 31.40 9.61
N ILE A 455 46.77 30.32 8.95
CA ILE A 455 47.38 29.93 7.68
C ILE A 455 46.85 30.82 6.55
N TYR A 456 45.57 31.16 6.62
CA TYR A 456 44.84 31.81 5.52
C TYR A 456 44.55 33.27 5.84
N GLU A 457 45.56 33.97 6.38
CA GLU A 457 45.37 35.33 6.86
C GLU A 457 44.99 36.30 5.74
N GLU A 458 45.61 36.16 4.57
CA GLU A 458 45.36 37.11 3.49
C GLU A 458 43.95 36.96 2.90
N LYS A 459 43.41 35.74 2.87
CA LYS A 459 42.06 35.56 2.33
C LYS A 459 41.01 36.07 3.29
N ILE A 460 41.20 35.83 4.58
CA ILE A 460 40.31 36.38 5.60
C ILE A 460 40.40 37.90 5.61
N ASN A 461 41.61 38.44 5.38
CA ASN A 461 41.79 39.88 5.28
C ASN A 461 41.05 40.46 4.08
N ASN A 462 41.10 39.77 2.94
CA ASN A 462 40.36 40.22 1.76
C ASN A 462 38.86 40.17 2.00
N PHE A 463 38.39 39.12 2.68
CA PHE A 463 36.96 38.99 2.98
C PHE A 463 36.48 40.13 3.88
N VAL A 464 37.21 40.38 4.98
CA VAL A 464 36.80 41.43 5.90
C VAL A 464 37.01 42.81 5.28
N SER A 465 37.95 42.94 4.33
CA SER A 465 38.10 44.20 3.62
C SER A 465 36.91 44.46 2.70
N ASP A 466 36.39 43.40 2.07
CA ASP A 466 35.16 43.56 1.29
C ASP A 466 33.99 43.93 2.17
N ILE A 467 33.89 43.32 3.35
CA ILE A 467 32.81 43.65 4.28
C ILE A 467 32.92 45.11 4.75
N ILE A 468 34.14 45.56 5.04
CA ILE A 468 34.34 46.94 5.50
C ILE A 468 34.03 47.92 4.37
N LYS A 469 34.52 47.66 3.15
CA LYS A 469 34.30 48.57 2.04
C LYS A 469 32.87 48.54 1.53
N LEU A 470 32.09 47.52 1.90
CA LEU A 470 30.66 47.54 1.57
C LEU A 470 29.90 48.59 2.37
N ASP A 471 30.45 49.01 3.52
CA ASP A 471 29.92 50.09 4.37
C ASP A 471 28.50 49.82 4.87
N TYR A 472 28.12 48.55 4.98
CA TYR A 472 26.83 48.16 5.54
C TYR A 472 27.06 47.69 6.97
N GLU A 473 26.36 48.31 7.93
CA GLU A 473 26.57 47.99 9.33
C GLU A 473 26.06 46.58 9.67
N TYR A 474 24.96 46.17 9.02
CA TYR A 474 24.46 44.81 9.25
C TYR A 474 25.41 43.77 8.69
N ASP A 475 26.16 44.10 7.63
CA ASP A 475 27.13 43.16 7.09
C ASP A 475 28.30 42.96 8.07
N ILE A 476 28.70 44.01 8.76
CA ILE A 476 29.71 43.88 9.81
C ILE A 476 29.13 43.12 11.00
N ASP A 477 27.86 43.36 11.31
CA ASP A 477 27.21 42.68 12.42
C ASP A 477 27.06 41.18 12.16
N ARG A 478 26.89 40.79 10.89
CA ARG A 478 26.78 39.38 10.54
C ARG A 478 28.10 38.63 10.72
N TYR A 479 29.23 39.34 10.79
CA TYR A 479 30.54 38.74 10.99
C TYR A 479 31.27 39.37 12.16
N TRP A 480 30.51 39.93 13.12
CA TRP A 480 31.10 40.51 14.32
C TRP A 480 32.01 39.55 15.06
N LEU A 481 31.71 38.25 15.06
CA LEU A 481 32.57 37.31 15.76
C LEU A 481 33.92 37.16 15.07
N LEU A 482 33.92 37.10 13.75
CA LEU A 482 35.18 37.08 13.00
C LEU A 482 35.96 38.38 13.22
N PHE A 483 35.26 39.51 13.18
CA PHE A 483 35.92 40.80 13.36
C PHE A 483 36.51 40.92 14.76
N TYR A 484 35.79 40.45 15.78
CA TYR A 484 36.31 40.51 17.13
C TYR A 484 37.44 39.51 17.36
N GLN A 485 37.40 38.35 16.72
CA GLN A 485 38.51 37.41 16.85
C GLN A 485 39.77 37.95 16.17
N ARG A 486 39.62 38.65 15.06
CA ARG A 486 40.78 39.30 14.45
C ARG A 486 41.25 40.50 15.27
N PHE A 487 40.32 41.22 15.90
CA PHE A 487 40.70 42.39 16.69
C PHE A 487 41.39 41.98 17.99
N PHE A 488 40.94 40.87 18.59
CA PHE A 488 41.47 40.44 19.88
C PHE A 488 42.89 39.89 19.74
N LYS A 489 43.21 39.28 18.61
CA LYS A 489 44.56 38.81 18.32
C LYS A 489 45.41 39.87 17.63
N ASP A 490 44.93 41.12 17.59
CA ASP A 490 45.63 42.27 17.01
C ASP A 490 45.97 42.06 15.53
N LYS A 491 45.10 41.35 14.81
CA LYS A 491 45.28 41.15 13.38
C LYS A 491 44.50 42.17 12.54
N ALA A 492 43.59 42.92 13.15
CA ALA A 492 42.77 43.89 12.45
C ALA A 492 42.25 44.90 13.45
N PRO A 493 42.02 46.15 13.04
CA PRO A 493 41.39 47.11 13.94
C PRO A 493 39.91 46.83 14.13
N SER A 494 39.33 47.48 15.14
CA SER A 494 37.92 47.30 15.42
C SER A 494 37.08 47.94 14.32
N PRO A 495 36.15 47.21 13.71
CA PRO A 495 35.34 47.82 12.65
C PRO A 495 34.35 48.86 13.15
N TYR A 496 33.95 48.77 14.41
CA TYR A 496 32.98 49.70 14.95
C TYR A 496 33.66 50.95 15.52
N ASN A 497 32.85 51.96 15.79
CA ASN A 497 33.31 53.19 16.41
C ASN A 497 32.95 53.30 17.88
N ASP A 498 32.25 52.31 18.44
CA ASP A 498 31.92 52.31 19.85
C ASP A 498 33.05 51.66 20.65
N LYS A 499 32.83 51.52 21.95
CA LYS A 499 33.83 50.96 22.86
C LYS A 499 33.53 49.54 23.27
N CYS A 500 32.53 48.88 22.66
CA CYS A 500 32.15 47.54 23.06
C CYS A 500 33.25 46.53 22.79
N PHE A 501 33.83 46.58 21.59
CA PHE A 501 34.94 45.69 21.25
C PHE A 501 36.17 46.00 22.09
N ASP A 502 36.41 47.29 22.36
CA ASP A 502 37.54 47.67 23.20
C ASP A 502 37.33 47.21 24.65
N ILE A 503 36.09 47.27 25.15
CA ILE A 503 35.80 46.78 26.49
C ILE A 503 36.00 45.27 26.56
N MET A 504 35.55 44.54 25.53
CA MET A 504 35.72 43.10 25.52
C MET A 504 37.18 42.68 25.40
N LYS A 505 37.96 43.43 24.60
CA LYS A 505 39.38 43.13 24.47
C LYS A 505 40.14 43.46 25.75
N GLY A 506 39.79 44.56 26.41
CA GLY A 506 40.50 44.97 27.60
C GLY A 506 40.31 44.03 28.78
N TYR A 507 39.17 43.36 28.85
CA TYR A 507 38.89 42.40 29.91
C TYR A 507 39.13 40.97 29.47
N GLY A 508 39.78 40.77 28.33
CA GLY A 508 40.17 39.43 27.89
C GLY A 508 39.03 38.52 27.50
N VAL A 509 38.01 39.04 26.84
CA VAL A 509 36.95 38.19 26.32
C VAL A 509 37.47 37.47 25.08
N ASP A 510 37.41 36.15 25.10
CA ASP A 510 37.84 35.35 23.96
C ASP A 510 36.80 34.28 23.71
N PHE A 511 36.23 34.28 22.51
CA PHE A 511 35.24 33.28 22.13
C PHE A 511 35.87 32.06 21.49
N MET A 512 37.20 32.04 21.37
CA MET A 512 37.95 30.85 20.96
C MET A 512 39.06 30.61 21.98
N PRO A 513 38.71 30.19 23.19
CA PRO A 513 39.72 30.07 24.24
C PRO A 513 40.45 28.73 24.19
N ASP A 514 41.63 28.72 24.78
CA ASP A 514 42.39 27.48 24.92
C ASP A 514 41.90 26.71 26.14
N GLU A 515 42.33 25.46 26.23
CA GLU A 515 41.91 24.58 27.32
C GLU A 515 42.59 24.97 28.63
N ASP C 14 -59.01 -0.57 2.54
CA ASP C 14 -58.82 -0.61 3.98
C ASP C 14 -57.39 -1.02 4.31
N GLU C 15 -56.84 -0.43 5.37
CA GLU C 15 -55.50 -0.78 5.82
C GLU C 15 -55.44 -2.21 6.34
N LYS C 16 -56.48 -2.64 7.05
CA LYS C 16 -56.50 -3.96 7.68
C LYS C 16 -56.59 -5.06 6.63
N ARG C 17 -57.51 -4.91 5.67
CA ARG C 17 -57.66 -5.89 4.61
C ARG C 17 -56.43 -5.95 3.72
N HIS C 18 -55.84 -4.79 3.43
CA HIS C 18 -54.60 -4.75 2.65
C HIS C 18 -53.47 -5.43 3.40
N LEU C 19 -53.43 -5.27 4.72
CA LEU C 19 -52.43 -5.97 5.53
C LEU C 19 -52.62 -7.48 5.45
N TYR C 20 -53.87 -7.93 5.55
CA TYR C 20 -54.14 -9.37 5.52
C TYR C 20 -53.73 -9.97 4.17
N GLU C 21 -54.15 -9.31 3.08
CA GLU C 21 -53.82 -9.81 1.75
C GLU C 21 -52.35 -9.66 1.43
N ALA C 22 -51.66 -8.68 2.05
CA ALA C 22 -50.23 -8.58 1.88
C ALA C 22 -49.51 -9.72 2.59
N LEU C 23 -49.94 -10.04 3.81
CA LEU C 23 -49.31 -11.09 4.59
C LEU C 23 -49.48 -12.44 3.91
N LEU C 24 -50.65 -12.70 3.32
CA LEU C 24 -50.88 -14.03 2.77
C LEU C 24 -50.66 -14.14 1.27
N ARG C 25 -51.19 -13.21 0.48
CA ARG C 25 -51.16 -13.35 -0.97
C ARG C 25 -49.88 -12.81 -1.61
N HIS C 26 -49.20 -11.88 -0.97
CA HIS C 26 -48.05 -11.22 -1.61
C HIS C 26 -46.74 -11.39 -0.86
N ASN C 27 -46.73 -11.28 0.47
CA ASN C 27 -45.50 -11.32 1.24
C ASN C 27 -45.38 -12.57 2.11
N TYR C 28 -46.13 -13.62 1.77
CA TYR C 28 -45.90 -14.92 2.38
C TYR C 28 -44.57 -15.48 1.92
N PHE C 29 -44.41 -15.65 0.62
CA PHE C 29 -43.13 -16.05 0.06
C PHE C 29 -42.16 -14.88 0.19
N PRO C 30 -40.86 -15.15 0.19
CA PRO C 30 -39.90 -14.03 0.19
C PRO C 30 -39.96 -13.27 -1.12
N ASN C 31 -40.58 -12.09 -1.06
CA ASN C 31 -40.85 -11.28 -2.24
C ASN C 31 -40.65 -9.81 -1.89
N GLN C 32 -39.64 -9.52 -1.07
CA GLN C 32 -39.40 -8.17 -0.60
C GLN C 32 -38.48 -7.37 -1.51
N LYS C 33 -37.84 -8.02 -2.48
CA LYS C 33 -36.92 -7.33 -3.37
C LYS C 33 -37.68 -6.42 -4.33
N GLY C 34 -37.01 -5.38 -4.80
CA GLY C 34 -37.64 -4.39 -5.65
C GLY C 34 -37.80 -4.81 -7.10
N SER C 35 -36.68 -5.09 -7.78
CA SER C 35 -36.71 -5.30 -9.22
C SER C 35 -36.89 -6.78 -9.58
N ILE C 36 -35.94 -7.62 -9.18
CA ILE C 36 -36.01 -9.05 -9.44
C ILE C 36 -36.12 -9.78 -8.10
N SER C 37 -36.98 -10.79 -8.06
CA SER C 37 -37.25 -11.48 -6.82
C SER C 37 -36.17 -12.52 -6.53
N GLU C 38 -36.09 -12.92 -5.26
CA GLU C 38 -35.21 -14.02 -4.87
C GLU C 38 -35.72 -15.35 -5.39
N ILE C 39 -37.03 -15.44 -5.62
CA ILE C 39 -37.70 -16.67 -6.05
C ILE C 39 -38.17 -16.45 -7.49
N PRO C 40 -38.14 -17.45 -8.35
CA PRO C 40 -38.66 -17.28 -9.71
C PRO C 40 -40.14 -16.97 -9.70
N PRO C 41 -40.62 -16.22 -10.70
CA PRO C 41 -42.03 -15.77 -10.69
C PRO C 41 -43.05 -16.89 -10.87
N CYS C 42 -42.62 -18.09 -11.25
CA CYS C 42 -43.54 -19.22 -11.33
C CYS C 42 -44.11 -19.58 -9.95
N PHE C 43 -43.33 -19.34 -8.89
CA PHE C 43 -43.84 -19.46 -7.54
C PHE C 43 -44.58 -18.19 -7.16
N SER C 44 -45.82 -18.33 -6.71
CA SER C 44 -46.61 -17.19 -6.27
C SER C 44 -47.48 -17.61 -5.10
N SER C 45 -47.55 -16.75 -4.09
CA SER C 45 -48.36 -17.01 -2.92
C SER C 45 -49.80 -16.53 -3.06
N ARG C 46 -50.17 -16.01 -4.23
CA ARG C 46 -51.54 -15.62 -4.49
C ARG C 46 -52.42 -16.86 -4.59
N THR C 47 -53.74 -16.62 -4.60
CA THR C 47 -54.81 -17.62 -4.42
C THR C 47 -54.73 -18.31 -3.07
N PHE C 48 -54.08 -17.66 -2.10
CA PHE C 48 -54.06 -18.09 -0.70
C PHE C 48 -54.65 -16.93 0.10
N THR C 49 -55.98 -16.90 0.16
CA THR C 49 -56.72 -15.73 0.62
C THR C 49 -56.83 -15.73 2.15
N PRO C 50 -57.15 -14.57 2.74
CA PRO C 50 -57.37 -14.53 4.20
C PRO C 50 -58.49 -15.43 4.70
N GLU C 51 -59.52 -15.67 3.88
CA GLU C 51 -60.58 -16.59 4.29
C GLU C 51 -60.06 -18.01 4.42
N ILE C 52 -59.17 -18.42 3.51
CA ILE C 52 -58.57 -19.74 3.56
C ILE C 52 -57.69 -19.88 4.79
N ALA C 53 -56.91 -18.84 5.11
CA ALA C 53 -56.08 -18.88 6.32
C ALA C 53 -56.93 -18.87 7.59
N GLU C 54 -58.07 -18.19 7.57
CA GLU C 54 -59.02 -18.26 8.68
C GLU C 54 -59.54 -19.68 8.86
N LEU C 55 -59.85 -20.35 7.76
CA LEU C 55 -60.30 -21.74 7.83
C LEU C 55 -59.22 -22.66 8.34
N ILE C 56 -57.96 -22.41 7.94
CA ILE C 56 -56.84 -23.22 8.42
C ILE C 56 -56.65 -23.03 9.93
N SER C 57 -56.69 -21.77 10.39
CA SER C 57 -56.52 -21.50 11.81
C SER C 57 -57.70 -22.02 12.63
N SER C 58 -58.89 -22.10 12.02
CA SER C 58 -60.03 -22.67 12.71
C SER C 58 -59.92 -24.19 12.85
N ASP C 59 -59.09 -24.84 12.03
CA ASP C 59 -58.95 -26.28 12.07
C ASP C 59 -58.20 -26.70 13.33
N THR C 60 -58.74 -27.70 14.04
CA THR C 60 -58.12 -28.22 15.25
C THR C 60 -57.81 -29.71 15.15
N SER C 61 -58.12 -30.36 14.04
CA SER C 61 -57.89 -31.78 13.91
C SER C 61 -56.41 -32.08 13.69
N GLY C 62 -56.05 -33.35 13.84
CA GLY C 62 -54.69 -33.79 13.65
C GLY C 62 -53.89 -33.80 14.93
N ARG C 63 -52.86 -34.64 14.94
CA ARG C 63 -51.98 -34.78 16.09
C ARG C 63 -50.53 -34.69 15.61
N ARG C 64 -49.73 -33.93 16.34
CA ARG C 64 -48.31 -33.75 16.04
C ARG C 64 -47.47 -34.28 17.18
N SER C 65 -46.55 -35.20 16.88
CA SER C 65 -45.62 -35.67 17.88
C SER C 65 -44.66 -34.56 18.29
N LEU C 66 -44.21 -33.77 17.34
CA LEU C 66 -43.32 -32.65 17.61
C LEU C 66 -44.11 -31.37 17.84
N GLN C 67 -43.48 -30.42 18.51
CA GLN C 67 -44.09 -29.13 18.80
C GLN C 67 -43.55 -28.09 17.83
N GLY C 68 -44.45 -27.28 17.30
CA GLY C 68 -44.07 -26.30 16.30
C GLY C 68 -44.02 -26.89 14.91
N TYR C 69 -43.63 -26.05 13.95
CA TYR C 69 -43.52 -26.44 12.56
C TYR C 69 -42.19 -25.98 12.00
N ASP C 70 -41.55 -26.84 11.22
CA ASP C 70 -40.39 -26.43 10.46
C ASP C 70 -40.83 -25.77 9.16
N CYS C 71 -39.89 -25.13 8.48
CA CYS C 71 -40.21 -24.31 7.32
C CYS C 71 -39.34 -24.72 6.13
N VAL C 72 -39.84 -24.41 4.93
CA VAL C 72 -39.06 -24.64 3.71
C VAL C 72 -37.88 -23.68 3.70
N GLU C 73 -36.69 -24.22 3.51
CA GLU C 73 -35.46 -23.44 3.56
C GLU C 73 -34.95 -23.21 2.16
N TYR C 74 -34.56 -21.96 1.87
CA TYR C 74 -34.24 -21.50 0.53
C TYR C 74 -32.96 -20.69 0.63
N TYR C 75 -31.84 -21.27 0.16
CA TYR C 75 -30.52 -20.67 0.33
C TYR C 75 -30.24 -19.76 -0.86
N ALA C 76 -30.26 -18.45 -0.64
CA ALA C 76 -29.98 -17.47 -1.67
C ALA C 76 -28.60 -16.87 -1.44
N THR C 77 -27.78 -16.82 -2.49
CA THR C 77 -26.45 -16.26 -2.35
C THR C 77 -26.51 -14.73 -2.30
N ARG C 78 -25.56 -14.16 -1.56
CA ARG C 78 -25.35 -12.73 -1.55
C ARG C 78 -24.31 -12.38 -2.61
N TYR C 79 -23.81 -11.14 -2.58
CA TYR C 79 -22.84 -10.72 -3.59
C TYR C 79 -21.49 -11.39 -3.39
N ASN C 80 -21.14 -11.74 -2.15
CA ASN C 80 -19.89 -12.42 -1.86
C ASN C 80 -20.03 -13.94 -1.86
N ASN C 81 -21.08 -14.46 -2.50
CA ASN C 81 -21.47 -15.87 -2.56
C ASN C 81 -21.78 -16.46 -1.19
N PHE C 82 -22.04 -15.62 -0.19
CA PHE C 82 -22.37 -16.10 1.15
C PHE C 82 -23.84 -16.50 1.18
N PRO C 83 -24.18 -17.71 1.62
CA PRO C 83 -25.58 -18.11 1.64
C PRO C 83 -26.37 -17.40 2.73
N ARG C 84 -27.60 -17.01 2.39
CA ARG C 84 -28.57 -16.47 3.33
C ARG C 84 -29.81 -17.33 3.25
N THR C 85 -30.31 -17.77 4.41
CA THR C 85 -31.38 -18.74 4.45
C THR C 85 -32.72 -18.02 4.56
N LEU C 86 -33.40 -17.87 3.43
CA LEU C 86 -34.79 -17.45 3.43
C LEU C 86 -35.66 -18.64 3.80
N SER C 87 -36.86 -18.36 4.32
CA SER C 87 -37.73 -19.42 4.79
C SER C 87 -39.17 -19.17 4.38
N ILE C 88 -39.84 -20.23 3.95
CA ILE C 88 -41.26 -20.22 3.68
C ILE C 88 -41.94 -21.00 4.78
N ILE C 89 -42.72 -20.30 5.61
CA ILE C 89 -43.31 -20.90 6.80
C ILE C 89 -44.42 -21.87 6.40
N HIS C 90 -44.59 -22.93 7.18
CA HIS C 90 -45.68 -23.88 6.98
C HIS C 90 -47.03 -23.15 7.09
N PRO C 91 -47.96 -23.43 6.18
CA PRO C 91 -49.18 -22.61 6.09
C PRO C 91 -50.09 -22.69 7.30
N LYS C 92 -50.01 -23.73 8.12
CA LYS C 92 -50.80 -23.76 9.34
C LYS C 92 -50.27 -22.75 10.35
N ALA C 93 -48.98 -22.83 10.65
CA ALA C 93 -48.34 -21.89 11.57
C ALA C 93 -48.36 -20.47 11.00
N TYR C 94 -48.09 -20.33 9.69
CA TYR C 94 -48.12 -19.01 9.08
C TYR C 94 -49.53 -18.43 9.07
N SER C 95 -50.54 -19.28 8.83
CA SER C 95 -51.92 -18.80 8.83
C SER C 95 -52.33 -18.32 10.21
N LYS C 96 -51.97 -19.07 11.26
CA LYS C 96 -52.26 -18.63 12.62
C LYS C 96 -51.52 -17.34 12.95
N LEU C 97 -50.24 -17.24 12.56
CA LEU C 97 -49.43 -16.05 12.84
C LEU C 97 -49.98 -14.82 12.13
N ALA C 98 -50.32 -14.97 10.85
CA ALA C 98 -50.86 -13.86 10.07
C ALA C 98 -52.23 -13.44 10.57
N LYS C 99 -53.06 -14.42 10.97
CA LYS C 99 -54.35 -14.10 11.54
C LYS C 99 -54.22 -13.33 12.84
N HIS C 100 -53.27 -13.72 13.70
CA HIS C 100 -53.07 -13.01 14.95
C HIS C 100 -52.50 -11.61 14.72
N ILE C 101 -51.61 -11.46 13.73
CA ILE C 101 -51.09 -10.13 13.42
C ILE C 101 -52.18 -9.23 12.86
N HIS C 102 -53.06 -9.79 12.03
CA HIS C 102 -54.16 -9.02 11.48
C HIS C 102 -55.18 -8.63 12.55
N ASP C 103 -55.50 -9.56 13.45
CA ASP C 103 -56.58 -9.32 14.42
C ASP C 103 -56.23 -8.23 15.42
N ASN C 104 -54.94 -8.04 15.68
CA ASN C 104 -54.48 -7.00 16.61
C ASN C 104 -53.67 -5.93 15.90
N TRP C 105 -54.01 -5.63 14.64
CA TRP C 105 -53.27 -4.64 13.87
C TRP C 105 -53.38 -3.23 14.43
N GLU C 106 -54.44 -2.93 15.18
CA GLU C 106 -54.52 -1.63 15.85
C GLU C 106 -53.42 -1.47 16.88
N GLU C 107 -53.06 -2.55 17.57
CA GLU C 107 -51.99 -2.51 18.56
C GLU C 107 -50.61 -2.71 17.95
N ILE C 108 -50.53 -3.09 16.67
CA ILE C 108 -49.26 -3.38 16.01
C ILE C 108 -48.85 -2.21 15.13
N ARG C 109 -49.82 -1.49 14.57
CA ARG C 109 -49.59 -0.51 13.51
C ARG C 109 -48.82 0.73 13.97
N PHE C 110 -48.38 0.80 15.23
CA PHE C 110 -47.46 1.85 15.63
C PHE C 110 -46.09 1.72 14.98
N ILE C 111 -45.77 0.54 14.45
CA ILE C 111 -44.53 0.36 13.69
C ILE C 111 -44.60 1.09 12.35
N LYS C 112 -45.80 1.40 11.86
CA LYS C 112 -45.92 2.18 10.63
C LYS C 112 -45.46 3.62 10.86
N GLU C 113 -45.79 4.18 12.01
CA GLU C 113 -45.42 5.57 12.34
C GLU C 113 -44.09 5.64 13.09
N ASN C 114 -43.08 4.99 12.51
CA ASN C 114 -41.71 5.04 13.02
C ASN C 114 -40.89 5.69 11.91
N GLU C 115 -40.52 6.95 12.12
CA GLU C 115 -39.84 7.71 11.07
C GLU C 115 -38.41 7.24 10.85
N ASN C 116 -37.80 6.62 11.88
CA ASN C 116 -36.41 6.21 11.75
C ASN C 116 -36.25 4.96 10.91
N SER C 117 -37.24 4.08 10.92
CA SER C 117 -37.18 2.83 10.16
C SER C 117 -37.65 3.10 8.73
N MET C 118 -36.77 2.88 7.76
CA MET C 118 -37.13 3.14 6.37
C MET C 118 -37.87 1.96 5.75
N ILE C 119 -37.41 0.74 5.99
CA ILE C 119 -38.04 -0.45 5.48
C ILE C 119 -38.99 -0.94 6.56
N LYS C 120 -40.27 -0.66 6.37
CA LYS C 120 -41.31 -0.96 7.33
C LYS C 120 -42.56 -1.31 6.54
N PRO C 121 -43.61 -1.84 7.19
CA PRO C 121 -44.88 -2.01 6.49
C PRO C 121 -45.42 -0.69 5.94
N ASP C 122 -46.00 -0.77 4.74
CA ASP C 122 -46.52 0.39 4.03
C ASP C 122 -47.44 -0.12 2.93
N MET C 123 -48.55 0.59 2.73
CA MET C 123 -49.53 0.18 1.73
C MET C 123 -48.97 0.47 0.34
N HIS C 124 -48.68 -0.59 -0.41
CA HIS C 124 -48.10 -0.49 -1.74
C HIS C 124 -49.13 -0.81 -2.81
N ALA C 125 -48.82 -0.37 -4.03
CA ALA C 125 -49.75 -0.55 -5.14
C ALA C 125 -49.89 -2.01 -5.55
N ASP C 126 -48.78 -2.74 -5.57
CA ASP C 126 -48.82 -4.14 -6.01
C ASP C 126 -49.43 -5.07 -4.97
N GLY C 127 -49.70 -4.60 -3.76
CA GLY C 127 -50.35 -5.39 -2.73
C GLY C 127 -49.43 -5.80 -1.60
N ARG C 128 -48.14 -5.48 -1.66
CA ARG C 128 -47.21 -5.85 -0.60
C ARG C 128 -47.23 -4.80 0.51
N ILE C 129 -46.67 -5.19 1.67
CA ILE C 129 -46.37 -4.23 2.71
C ILE C 129 -44.87 -4.02 2.90
N ILE C 130 -44.04 -5.00 2.58
CA ILE C 130 -42.60 -4.89 2.76
C ILE C 130 -41.96 -4.93 1.38
N ILE C 131 -41.43 -3.78 0.94
CA ILE C 131 -40.61 -3.69 -0.25
C ILE C 131 -39.34 -2.96 0.13
N MET C 132 -38.19 -3.62 -0.07
CA MET C 132 -36.90 -2.98 0.19
C MET C 132 -36.60 -1.95 -0.89
N ASN C 133 -36.25 -0.73 -0.44
CA ASN C 133 -35.77 0.36 -1.31
C ASN C 133 -36.89 0.84 -2.24
N TYR C 134 -38.12 0.86 -1.73
CA TYR C 134 -39.25 1.30 -2.54
C TYR C 134 -39.19 2.80 -2.81
N GLU C 135 -38.62 3.58 -1.89
CA GLU C 135 -38.62 5.02 -2.04
C GLU C 135 -37.71 5.46 -3.17
N ASP C 136 -38.10 6.55 -3.82
CA ASP C 136 -37.39 7.04 -5.01
C ASP C 136 -36.11 7.77 -4.62
N ALA C 137 -35.28 8.03 -5.64
CA ALA C 137 -34.00 8.69 -5.41
C ALA C 137 -34.18 10.16 -5.00
N GLU C 138 -35.32 10.77 -5.36
CA GLU C 138 -35.61 12.14 -4.94
C GLU C 138 -35.62 12.28 -3.43
N THR C 139 -36.56 11.61 -2.77
CA THR C 139 -36.71 11.70 -1.33
C THR C 139 -35.53 11.08 -0.60
N LYS C 140 -34.95 10.02 -1.17
CA LYS C 140 -33.75 9.42 -0.59
C LYS C 140 -32.59 10.42 -0.55
N THR C 141 -32.31 11.06 -1.68
CA THR C 141 -31.21 12.01 -1.76
C THR C 141 -31.43 13.20 -0.84
N ILE C 142 -32.66 13.75 -0.84
CA ILE C 142 -32.96 14.87 0.03
C ILE C 142 -32.88 14.47 1.50
N ARG C 143 -33.26 13.23 1.83
CA ARG C 143 -33.24 12.78 3.21
C ARG C 143 -31.82 12.60 3.73
N GLU C 144 -30.94 11.95 2.96
CA GLU C 144 -29.57 11.84 3.45
C GLU C 144 -28.80 13.15 3.37
N LEU C 145 -29.20 14.09 2.51
CA LEU C 145 -28.54 15.39 2.56
C LEU C 145 -29.04 16.24 3.73
N ASN C 146 -30.31 16.09 4.12
CA ASN C 146 -30.82 16.82 5.27
C ASN C 146 -30.31 16.23 6.57
N ASP C 147 -30.19 14.90 6.64
CA ASP C 147 -29.72 14.26 7.86
C ASP C 147 -28.21 14.49 8.05
N GLY C 148 -27.45 14.46 6.97
CA GLY C 148 -26.01 14.65 7.05
C GLY C 148 -25.54 16.08 7.13
N PHE C 149 -26.44 17.05 7.04
CA PHE C 149 -26.04 18.45 7.12
C PHE C 149 -25.70 18.83 8.54
N GLY C 150 -24.60 19.56 8.70
CA GLY C 150 -24.17 20.02 10.01
C GLY C 150 -23.52 18.97 10.87
N ARG C 151 -23.44 17.72 10.41
CA ARG C 151 -22.83 16.63 11.14
C ARG C 151 -21.58 16.19 10.39
N ARG C 152 -20.53 15.85 11.13
CA ARG C 152 -19.29 15.42 10.50
C ARG C 152 -18.95 13.97 10.82
N PHE C 153 -19.86 13.21 11.44
CA PHE C 153 -19.60 11.80 11.68
C PHE C 153 -20.81 10.95 11.30
N LYS C 154 -20.54 9.82 10.66
CA LYS C 154 -21.56 8.87 10.26
C LYS C 154 -21.27 7.53 10.91
N VAL C 155 -22.27 6.96 11.59
CA VAL C 155 -22.13 5.74 12.36
C VAL C 155 -22.91 4.65 11.66
N ASN C 156 -22.23 3.55 11.33
CA ASN C 156 -22.88 2.38 10.74
C ASN C 156 -22.74 1.23 11.72
N ALA C 157 -23.85 0.84 12.34
CA ALA C 157 -23.85 -0.24 13.33
C ALA C 157 -24.88 -1.28 12.94
N ASP C 158 -24.45 -2.54 12.84
CA ASP C 158 -25.33 -3.61 12.43
C ASP C 158 -25.66 -4.50 13.62
N ILE C 159 -26.95 -4.86 13.74
CA ILE C 159 -27.33 -5.87 14.71
C ILE C 159 -26.82 -7.23 14.24
N SER C 160 -26.19 -7.97 15.14
CA SER C 160 -25.55 -9.22 14.76
C SER C 160 -26.57 -10.28 14.38
N GLY C 161 -27.58 -10.47 15.21
CA GLY C 161 -28.50 -11.59 15.05
C GLY C 161 -29.97 -11.23 14.96
N CYS C 162 -30.29 -10.17 14.23
CA CYS C 162 -31.67 -9.67 14.17
C CYS C 162 -32.62 -10.72 13.59
N PHE C 163 -32.13 -11.60 12.73
CA PHE C 163 -32.94 -12.72 12.24
C PHE C 163 -32.60 -14.03 12.94
N THR C 164 -31.34 -14.23 13.35
CA THR C 164 -30.90 -15.56 13.75
C THR C 164 -30.97 -15.77 15.27
N ASN C 165 -30.93 -14.70 16.06
CA ASN C 165 -30.99 -14.88 17.52
C ASN C 165 -31.84 -13.79 18.16
N ILE C 166 -32.90 -13.37 17.48
CA ILE C 166 -33.86 -12.48 18.09
C ILE C 166 -34.69 -13.26 19.10
N TYR C 167 -35.03 -12.63 20.21
CA TYR C 167 -35.69 -13.32 21.31
C TYR C 167 -37.20 -13.19 21.15
N SER C 168 -37.88 -14.32 20.99
CA SER C 168 -39.33 -14.30 20.83
C SER C 168 -40.02 -13.86 22.12
N HIS C 169 -39.48 -14.28 23.27
CA HIS C 169 -40.03 -13.84 24.55
C HIS C 169 -39.80 -12.35 24.81
N SER C 170 -38.96 -11.69 24.02
CA SER C 170 -38.82 -10.25 24.10
C SER C 170 -39.88 -9.50 23.30
N ILE C 171 -40.77 -10.22 22.61
CA ILE C 171 -41.88 -9.55 21.93
C ILE C 171 -42.81 -8.82 22.91
N PRO C 172 -43.22 -9.40 24.06
CA PRO C 172 -43.91 -8.56 25.05
C PRO C 172 -43.05 -7.43 25.61
N TRP C 173 -41.74 -7.66 25.77
CA TRP C 173 -40.87 -6.68 26.42
C TRP C 173 -40.77 -5.39 25.61
N ALA C 174 -40.89 -5.48 24.29
CA ALA C 174 -40.89 -4.28 23.47
C ALA C 174 -42.23 -3.56 23.53
N VAL C 175 -43.32 -4.28 23.81
CA VAL C 175 -44.64 -3.68 23.75
C VAL C 175 -44.97 -2.95 25.04
N ILE C 176 -44.99 -3.67 26.16
CA ILE C 176 -45.42 -3.13 27.43
C ILE C 176 -44.27 -2.84 28.38
N GLY C 177 -43.03 -3.03 27.93
CA GLY C 177 -41.89 -2.90 28.82
C GLY C 177 -41.42 -4.25 29.32
N VAL C 178 -40.13 -4.32 29.64
CA VAL C 178 -39.55 -5.58 30.11
C VAL C 178 -40.08 -5.92 31.51
N ASN C 179 -40.06 -4.95 32.41
CA ASN C 179 -40.48 -5.18 33.79
C ASN C 179 -41.98 -5.49 33.87
N ASN C 180 -42.80 -4.76 33.12
CA ASN C 180 -44.25 -4.99 33.16
C ASN C 180 -44.61 -6.34 32.56
N ALA C 181 -43.89 -6.77 31.52
CA ALA C 181 -44.11 -8.10 30.97
C ALA C 181 -43.66 -9.19 31.95
N LYS C 182 -42.59 -8.92 32.72
CA LYS C 182 -42.17 -9.89 33.73
C LYS C 182 -43.17 -9.99 34.89
N ILE C 183 -43.75 -8.87 35.31
CA ILE C 183 -44.77 -8.91 36.35
C ILE C 183 -46.04 -9.57 35.83
N ALA C 184 -46.40 -9.30 34.57
CA ALA C 184 -47.66 -9.83 34.01
C ALA C 184 -47.68 -11.35 33.94
N LEU C 185 -46.51 -11.99 33.83
CA LEU C 185 -46.45 -13.44 33.88
C LEU C 185 -46.35 -13.94 35.31
N LYS C 194 -55.19 -13.39 27.82
CA LYS C 194 -53.81 -12.91 27.94
C LYS C 194 -53.51 -11.83 26.91
N HIS C 195 -52.34 -11.22 27.03
CA HIS C 195 -51.96 -10.12 26.14
C HIS C 195 -51.69 -10.63 24.73
N TRP C 196 -51.89 -9.74 23.76
CA TRP C 196 -51.69 -10.12 22.36
C TRP C 196 -50.22 -10.34 22.03
N SER C 197 -49.32 -9.66 22.75
CA SER C 197 -47.90 -9.81 22.46
C SER C 197 -47.39 -11.19 22.84
N ASP C 198 -47.91 -11.75 23.93
CA ASP C 198 -47.52 -13.10 24.33
C ASP C 198 -48.01 -14.14 23.33
N LYS C 199 -49.22 -13.95 22.81
CA LYS C 199 -49.74 -14.85 21.79
C LYS C 199 -48.97 -14.69 20.47
N LEU C 200 -48.56 -13.46 20.15
CA LEU C 200 -47.71 -13.24 18.99
C LEU C 200 -46.37 -13.94 19.15
N ASP C 201 -45.81 -13.90 20.36
CA ASP C 201 -44.61 -14.65 20.70
C ASP C 201 -44.83 -16.15 20.49
N TYR C 202 -45.97 -16.66 20.96
CA TYR C 202 -46.27 -18.08 20.82
C TYR C 202 -46.40 -18.50 19.36
N PHE C 203 -47.10 -17.70 18.55
CA PHE C 203 -47.28 -18.05 17.15
C PHE C 203 -45.99 -17.90 16.36
N GLN C 204 -45.16 -16.90 16.70
CA GLN C 204 -43.86 -16.77 16.07
C GLN C 204 -42.95 -17.93 16.41
N ARG C 205 -43.05 -18.45 17.65
CA ARG C 205 -42.33 -19.66 18.00
C ARG C 205 -42.85 -20.87 17.22
N GLN C 206 -44.18 -21.00 17.10
CA GLN C 206 -44.77 -22.10 16.35
C GLN C 206 -44.40 -22.06 14.88
N ALA C 207 -44.09 -20.87 14.36
CA ALA C 207 -43.64 -20.74 12.98
C ALA C 207 -42.34 -21.49 12.73
N LYS C 208 -41.45 -21.55 13.71
CA LYS C 208 -40.17 -22.27 13.57
C LYS C 208 -39.95 -23.19 14.76
N ARG C 209 -40.55 -24.38 14.70
CA ARG C 209 -40.20 -25.55 15.52
C ARG C 209 -40.31 -25.30 17.02
N ASN C 210 -41.16 -24.36 17.43
CA ASN C 210 -41.34 -23.97 18.83
C ASN C 210 -40.01 -23.57 19.47
N GLU C 211 -39.23 -22.79 18.72
CA GLU C 211 -37.91 -22.35 19.16
C GLU C 211 -37.97 -20.88 19.54
N THR C 212 -37.39 -20.56 20.70
CA THR C 212 -37.51 -19.22 21.27
C THR C 212 -36.61 -18.20 20.58
N HIS C 213 -35.65 -18.64 19.77
CA HIS C 213 -34.68 -17.75 19.14
C HIS C 213 -34.76 -17.86 17.63
N GLY C 214 -34.79 -16.72 16.96
CA GLY C 214 -34.75 -16.69 15.51
C GLY C 214 -36.10 -16.48 14.89
N VAL C 215 -36.11 -15.86 13.71
CA VAL C 215 -37.32 -15.67 12.93
C VAL C 215 -37.05 -16.09 11.49
N PRO C 216 -38.05 -16.59 10.76
CA PRO C 216 -37.83 -16.95 9.35
C PRO C 216 -37.66 -15.70 8.49
N ILE C 217 -36.59 -15.68 7.70
CA ILE C 217 -36.31 -14.53 6.84
C ILE C 217 -37.13 -14.65 5.57
N GLY C 218 -37.77 -13.54 5.18
CA GLY C 218 -38.52 -13.50 3.95
C GLY C 218 -40.00 -13.17 4.04
N PRO C 219 -40.75 -13.80 4.95
CA PRO C 219 -42.13 -13.37 5.17
C PRO C 219 -42.20 -12.03 5.88
N ALA C 220 -43.31 -11.32 5.67
CA ALA C 220 -43.50 -10.03 6.30
C ALA C 220 -43.94 -10.14 7.75
N THR C 221 -44.39 -11.31 8.19
CA THR C 221 -44.76 -11.48 9.59
C THR C 221 -43.54 -11.35 10.49
N SER C 222 -42.43 -11.99 10.11
CA SER C 222 -41.21 -11.86 10.88
C SER C 222 -40.60 -10.46 10.77
N SER C 223 -40.80 -9.80 9.62
CA SER C 223 -40.39 -8.41 9.49
C SER C 223 -41.20 -7.52 10.43
N ILE C 224 -42.49 -7.80 10.56
CA ILE C 224 -43.35 -7.07 11.50
C ILE C 224 -42.90 -7.31 12.92
N VAL C 225 -42.54 -8.56 13.25
CA VAL C 225 -42.06 -8.89 14.60
C VAL C 225 -40.75 -8.16 14.90
N CYS C 226 -39.83 -8.14 13.93
CA CYS C 226 -38.57 -7.42 14.10
C CYS C 226 -38.80 -5.92 14.24
N GLU C 227 -39.75 -5.37 13.47
CA GLU C 227 -40.09 -3.96 13.60
C GLU C 227 -40.70 -3.64 14.96
N ILE C 228 -41.51 -4.56 15.49
CA ILE C 228 -42.10 -4.39 16.82
C ILE C 228 -41.00 -4.36 17.88
N ILE C 229 -40.05 -5.28 17.78
CA ILE C 229 -38.98 -5.35 18.76
C ILE C 229 -38.06 -4.12 18.65
N LEU C 230 -37.70 -3.72 17.44
CA LEU C 230 -36.77 -2.63 17.24
C LEU C 230 -37.41 -1.25 17.35
N SER C 231 -38.75 -1.18 17.39
CA SER C 231 -39.41 0.12 17.50
C SER C 231 -39.19 0.74 18.87
N ALA C 232 -39.12 -0.08 19.92
CA ALA C 232 -38.82 0.44 21.25
C ALA C 232 -37.39 0.98 21.32
N VAL C 233 -36.45 0.29 20.68
CA VAL C 233 -35.07 0.76 20.60
C VAL C 233 -35.00 2.08 19.83
N ASP C 234 -35.74 2.16 18.72
CA ASP C 234 -35.79 3.39 17.93
C ASP C 234 -36.41 4.53 18.71
N LYS C 235 -37.46 4.25 19.50
CA LYS C 235 -38.08 5.27 20.34
C LYS C 235 -37.12 5.76 21.42
N ARG C 236 -36.38 4.84 22.04
CA ARG C 236 -35.42 5.25 23.07
C ARG C 236 -34.28 6.07 22.49
N LEU C 237 -33.81 5.70 21.29
CA LEU C 237 -32.78 6.50 20.65
C LEU C 237 -33.31 7.84 20.15
N ARG C 238 -34.58 7.89 19.77
CA ARG C 238 -35.18 9.12 19.27
C ARG C 238 -35.44 10.11 20.40
N ASP C 239 -35.82 9.60 21.57
CA ASP C 239 -36.09 10.46 22.72
C ASP C 239 -34.84 11.12 23.27
N ASP C 240 -33.66 10.57 22.94
CA ASP C 240 -32.39 11.17 23.35
C ASP C 240 -31.87 12.18 22.32
N GLY C 241 -32.62 12.46 21.28
CA GLY C 241 -32.24 13.46 20.30
C GLY C 241 -31.35 12.98 19.19
N PHE C 242 -31.19 11.69 19.00
CA PHE C 242 -30.32 11.16 17.96
C PHE C 242 -31.01 11.20 16.60
N LEU C 243 -30.27 11.64 15.58
CA LEU C 243 -30.73 11.61 14.20
C LEU C 243 -30.16 10.37 13.55
N PHE C 244 -31.02 9.40 13.26
CA PHE C 244 -30.58 8.10 12.77
C PHE C 244 -31.65 7.50 11.88
N ARG C 245 -31.21 6.57 11.03
CA ARG C 245 -32.08 5.86 10.11
C ARG C 245 -31.79 4.37 10.24
N ARG C 246 -32.83 3.55 10.28
CA ARG C 246 -32.65 2.11 10.41
C ARG C 246 -33.20 1.42 9.17
N TYR C 247 -32.35 0.66 8.49
CA TYR C 247 -32.76 -0.22 7.39
C TYR C 247 -32.63 -1.64 7.90
N ILE C 248 -33.76 -2.29 8.17
CA ILE C 248 -33.85 -3.60 8.80
C ILE C 248 -33.05 -3.61 10.10
N ASP C 249 -31.83 -4.14 10.07
CA ASP C 249 -30.96 -4.24 11.24
C ASP C 249 -29.83 -3.23 11.25
N ASP C 250 -29.66 -2.45 10.20
CA ASP C 250 -28.52 -1.55 10.05
C ASP C 250 -28.91 -0.15 10.49
N TYR C 251 -28.16 0.40 11.43
CA TYR C 251 -28.36 1.74 11.95
C TYR C 251 -27.33 2.67 11.35
N THR C 252 -27.80 3.81 10.84
CA THR C 252 -26.92 4.85 10.31
C THR C 252 -27.27 6.15 11.03
N CYS C 253 -26.36 6.63 11.86
CA CYS C 253 -26.59 7.81 12.68
C CYS C 253 -25.68 8.94 12.24
N TYR C 254 -26.20 10.17 12.27
CA TYR C 254 -25.44 11.34 11.87
C TYR C 254 -25.18 12.19 13.11
N CYS C 255 -23.91 12.41 13.41
CA CYS C 255 -23.50 13.03 14.66
C CYS C 255 -22.60 14.24 14.40
N LYS C 256 -22.86 15.29 15.18
CA LYS C 256 -22.06 16.52 15.10
C LYS C 256 -20.64 16.28 15.57
N THR C 257 -20.47 15.51 16.65
CA THR C 257 -19.17 15.27 17.25
C THR C 257 -18.95 13.77 17.39
N HIS C 258 -17.70 13.40 17.67
CA HIS C 258 -17.33 11.98 17.72
C HIS C 258 -17.82 11.31 19.00
N ASP C 259 -17.84 12.03 20.12
CA ASP C 259 -18.41 11.48 21.34
C ASP C 259 -19.89 11.23 21.20
N ASP C 260 -20.57 12.02 20.37
CA ASP C 260 -21.97 11.76 20.07
C ASP C 260 -22.12 10.43 19.34
N ALA C 261 -21.18 10.11 18.45
CA ALA C 261 -21.16 8.82 17.80
C ALA C 261 -20.93 7.69 18.80
N LYS C 262 -19.97 7.88 19.71
CA LYS C 262 -19.71 6.86 20.72
C LYS C 262 -20.88 6.70 21.68
N GLU C 263 -21.54 7.81 22.01
CA GLU C 263 -22.70 7.77 22.91
C GLU C 263 -23.90 7.11 22.24
N PHE C 264 -24.07 7.35 20.93
CA PHE C 264 -25.09 6.62 20.18
C PHE C 264 -24.80 5.12 20.17
N LEU C 265 -23.53 4.75 19.95
CA LEU C 265 -23.16 3.34 19.95
C LEU C 265 -23.41 2.71 21.32
N HIS C 266 -23.07 3.43 22.40
CA HIS C 266 -23.27 2.92 23.75
C HIS C 266 -24.75 2.76 24.07
N LEU C 267 -25.56 3.79 23.78
CA LEU C 267 -26.98 3.74 24.08
C LEU C 267 -27.69 2.69 23.24
N LEU C 268 -27.29 2.54 21.97
CA LEU C 268 -27.82 1.47 21.13
C LEU C 268 -27.42 0.11 21.66
N GLY C 269 -26.21 -0.02 22.23
CA GLY C 269 -25.82 -1.26 22.86
C GLY C 269 -26.67 -1.62 24.06
N MET C 270 -26.93 -0.64 24.93
CA MET C 270 -27.81 -0.90 26.09
C MET C 270 -29.23 -1.21 25.64
N GLU C 271 -29.75 -0.48 24.64
CA GLU C 271 -31.11 -0.72 24.19
C GLU C 271 -31.25 -2.07 23.49
N LEU C 272 -30.23 -2.52 22.79
CA LEU C 272 -30.27 -3.85 22.18
C LEU C 272 -30.10 -4.94 23.24
N SER C 273 -29.23 -4.72 24.22
CA SER C 273 -29.03 -5.69 25.29
C SER C 273 -30.25 -5.79 26.20
N LYS C 274 -31.10 -4.76 26.24
CA LYS C 274 -32.36 -4.86 26.96
C LYS C 274 -33.26 -5.93 26.38
N TYR C 275 -33.19 -6.15 25.07
CA TYR C 275 -33.99 -7.16 24.39
C TYR C 275 -33.14 -8.33 23.88
N LYS C 276 -32.03 -8.60 24.58
CA LYS C 276 -31.14 -9.74 24.30
C LYS C 276 -30.58 -9.70 22.88
N LEU C 277 -30.28 -8.51 22.40
CA LEU C 277 -29.64 -8.31 21.11
C LEU C 277 -28.29 -7.66 21.31
N SER C 278 -27.43 -7.78 20.31
CA SER C 278 -26.09 -7.22 20.38
C SER C 278 -25.69 -6.67 19.02
N LEU C 279 -24.86 -5.63 19.05
CA LEU C 279 -24.29 -5.08 17.84
C LEU C 279 -23.26 -6.04 17.25
N ASN C 280 -23.16 -6.04 15.92
CA ASN C 280 -22.10 -6.77 15.24
C ASN C 280 -20.85 -5.91 15.37
N LEU C 281 -19.96 -6.30 16.28
CA LEU C 281 -18.79 -5.48 16.58
C LEU C 281 -17.81 -5.41 15.41
N HIS C 282 -17.86 -6.36 14.49
CA HIS C 282 -17.02 -6.28 13.30
C HIS C 282 -17.57 -5.25 12.31
N LYS C 283 -18.90 -5.10 12.24
CA LYS C 283 -19.51 -4.31 11.19
C LYS C 283 -19.61 -2.83 11.55
N THR C 284 -19.62 -2.49 12.84
CA THR C 284 -19.79 -1.09 13.23
C THR C 284 -18.56 -0.27 12.88
N LYS C 285 -18.80 0.93 12.35
CA LYS C 285 -17.72 1.81 11.97
C LYS C 285 -18.19 3.25 12.04
N ILE C 286 -17.21 4.16 12.16
CA ILE C 286 -17.46 5.59 12.22
C ILE C 286 -16.65 6.23 11.09
N THR C 287 -17.35 6.89 10.17
CA THR C 287 -16.73 7.54 9.02
C THR C 287 -16.91 9.04 9.11
N ASN C 288 -16.10 9.76 8.34
CA ASN C 288 -16.11 11.22 8.36
C ASN C 288 -17.05 11.74 7.29
N LEU C 289 -18.03 12.53 7.70
CA LEU C 289 -18.84 13.24 6.72
C LEU C 289 -18.06 14.45 6.20
N PRO C 290 -18.20 14.78 4.91
CA PRO C 290 -19.07 14.18 3.91
C PRO C 290 -18.46 12.95 3.25
N GLY C 291 -19.20 11.84 3.27
CA GLY C 291 -18.80 10.68 2.51
C GLY C 291 -19.46 10.71 1.15
N THR C 292 -20.15 9.64 0.80
CA THR C 292 -20.98 9.60 -0.38
C THR C 292 -22.39 9.20 0.03
N LEU C 293 -23.37 9.65 -0.76
CA LEU C 293 -24.76 9.33 -0.46
C LEU C 293 -25.03 7.84 -0.58
N ASN C 294 -24.48 7.22 -1.62
CA ASN C 294 -24.46 5.78 -1.76
C ASN C 294 -23.08 5.27 -1.36
N ASP C 295 -22.80 4.00 -1.66
CA ASP C 295 -21.46 3.50 -1.50
C ASP C 295 -20.54 4.08 -2.57
N ASN C 296 -19.23 3.98 -2.34
CA ASN C 296 -18.27 4.57 -3.26
C ASN C 296 -18.26 3.86 -4.60
N TRP C 297 -18.44 2.52 -4.59
CA TRP C 297 -18.47 1.78 -5.85
C TRP C 297 -19.69 2.12 -6.67
N VAL C 298 -20.78 2.56 -6.03
CA VAL C 298 -21.98 2.95 -6.77
C VAL C 298 -21.70 4.17 -7.64
N SER C 299 -21.06 5.18 -7.06
CA SER C 299 -20.68 6.36 -7.82
C SER C 299 -19.60 6.04 -8.84
N LEU C 300 -18.69 5.12 -8.51
CA LEU C 300 -17.68 4.70 -9.48
C LEU C 300 -18.32 4.00 -10.69
N LEU C 301 -19.35 3.20 -10.45
CA LEU C 301 -20.05 2.53 -11.53
C LEU C 301 -20.87 3.51 -12.37
N ASN C 302 -21.61 4.40 -11.71
CA ASN C 302 -22.49 5.31 -12.43
C ASN C 302 -21.70 6.37 -13.19
N VAL C 303 -20.55 6.79 -12.66
CA VAL C 303 -19.73 7.76 -13.36
C VAL C 303 -19.01 7.13 -14.55
N ASN C 304 -18.93 5.81 -14.59
CA ASN C 304 -18.35 5.08 -15.72
C ASN C 304 -19.39 4.35 -16.54
N SER C 305 -20.67 4.57 -16.27
CA SER C 305 -21.72 3.85 -16.97
C SER C 305 -21.85 4.37 -18.40
N PRO C 306 -21.90 3.50 -19.41
CA PRO C 306 -22.10 3.97 -20.78
C PRO C 306 -23.52 4.45 -21.04
N THR C 307 -24.47 4.09 -20.19
CA THR C 307 -25.88 4.43 -20.36
C THR C 307 -26.33 5.57 -19.44
N LYS C 308 -25.38 6.25 -18.78
CA LYS C 308 -25.71 7.20 -17.72
C LYS C 308 -26.46 8.43 -18.20
N LYS C 309 -26.42 8.73 -19.49
CA LYS C 309 -27.10 9.91 -20.04
C LYS C 309 -28.20 9.47 -20.99
N ARG C 310 -29.42 9.98 -20.77
CA ARG C 310 -30.52 9.75 -21.68
C ARG C 310 -30.44 10.69 -22.88
N PHE C 311 -30.93 10.23 -24.02
CA PHE C 311 -30.88 11.00 -25.25
C PHE C 311 -32.26 11.31 -25.82
N THR C 312 -33.32 10.74 -25.25
CA THR C 312 -34.74 10.86 -25.63
C THR C 312 -35.08 10.27 -26.99
N ASP C 313 -34.11 9.70 -27.70
CA ASP C 313 -34.38 8.87 -28.88
C ASP C 313 -33.75 7.50 -28.65
N GLN C 314 -34.51 6.45 -28.95
CA GLN C 314 -34.13 5.11 -28.51
C GLN C 314 -32.91 4.57 -29.27
N ASP C 315 -32.71 5.02 -30.51
CA ASP C 315 -31.57 4.53 -31.29
C ASP C 315 -30.25 5.07 -30.75
N LEU C 316 -30.26 6.25 -30.14
CA LEU C 316 -29.01 6.85 -29.65
C LEU C 316 -28.51 6.12 -28.40
N ASN C 317 -29.40 5.83 -27.45
CA ASN C 317 -29.00 5.15 -26.22
C ASN C 317 -29.13 3.64 -26.34
N LYS C 318 -28.54 3.10 -27.41
CA LYS C 318 -28.35 1.68 -27.58
C LYS C 318 -26.86 1.41 -27.52
N LEU C 319 -26.44 0.62 -26.55
CA LEU C 319 -25.03 0.42 -26.28
C LEU C 319 -24.41 -0.52 -27.30
N SER C 320 -23.16 -0.25 -27.68
CA SER C 320 -22.43 -1.11 -28.58
C SER C 320 -21.83 -2.29 -27.83
N SER C 321 -21.14 -3.17 -28.56
CA SER C 321 -20.53 -4.34 -27.94
C SER C 321 -19.34 -3.95 -27.08
N SER C 322 -18.48 -3.06 -27.59
CA SER C 322 -17.28 -2.66 -26.86
C SER C 322 -17.63 -1.93 -25.58
N GLU C 323 -18.68 -1.10 -25.61
CA GLU C 323 -19.10 -0.34 -24.43
C GLU C 323 -19.52 -1.26 -23.30
N VAL C 324 -20.43 -2.20 -23.58
CA VAL C 324 -20.94 -3.07 -22.52
C VAL C 324 -19.88 -4.06 -22.07
N ILE C 325 -19.10 -4.61 -23.01
CA ILE C 325 -18.06 -5.58 -22.64
C ILE C 325 -17.00 -4.93 -21.76
N ASN C 326 -16.56 -3.72 -22.12
CA ASN C 326 -15.57 -3.03 -21.30
C ASN C 326 -16.14 -2.55 -19.98
N PHE C 327 -17.42 -2.15 -19.95
CA PHE C 327 -18.02 -1.74 -18.69
C PHE C 327 -18.18 -2.93 -17.75
N LEU C 328 -18.54 -4.10 -18.28
CA LEU C 328 -18.63 -5.29 -17.44
C LEU C 328 -17.25 -5.76 -16.98
N ASP C 329 -16.23 -5.61 -17.82
CA ASP C 329 -14.86 -5.91 -17.39
C ASP C 329 -14.43 -4.98 -16.26
N TYR C 330 -14.76 -3.69 -16.38
CA TYR C 330 -14.49 -2.74 -15.32
C TYR C 330 -15.32 -3.04 -14.06
N ALA C 331 -16.53 -3.57 -14.24
CA ALA C 331 -17.35 -3.97 -13.11
C ALA C 331 -16.74 -5.16 -12.38
N VAL C 332 -16.19 -6.12 -13.12
CA VAL C 332 -15.49 -7.24 -12.48
C VAL C 332 -14.23 -6.75 -11.77
N GLN C 333 -13.53 -5.78 -12.37
CA GLN C 333 -12.40 -5.15 -11.72
C GLN C 333 -12.80 -4.48 -10.41
N LEU C 334 -13.93 -3.77 -10.40
CA LEU C 334 -14.39 -3.11 -9.20
C LEU C 334 -14.87 -4.10 -8.16
N ASN C 335 -15.49 -5.20 -8.59
CA ASN C 335 -15.94 -6.24 -7.66
C ASN C 335 -14.75 -6.94 -7.00
N THR C 336 -13.69 -7.18 -7.76
CA THR C 336 -12.48 -7.77 -7.18
C THR C 336 -11.77 -6.78 -6.27
N GLN C 337 -11.60 -5.54 -6.74
CA GLN C 337 -10.78 -4.57 -6.02
C GLN C 337 -11.49 -4.04 -4.78
N VAL C 338 -12.78 -3.71 -4.89
CA VAL C 338 -13.50 -3.10 -3.78
C VAL C 338 -14.33 -4.14 -3.05
N GLY C 339 -15.29 -4.74 -3.75
CA GLY C 339 -16.14 -5.76 -3.16
C GLY C 339 -17.00 -5.29 -2.01
N GLY C 340 -17.41 -4.03 -2.03
CA GLY C 340 -18.21 -3.46 -0.97
C GLY C 340 -19.70 -3.70 -1.07
N GLY C 341 -20.14 -4.37 -2.12
CA GLY C 341 -21.56 -4.59 -2.30
C GLY C 341 -21.84 -5.35 -3.58
N SER C 342 -23.09 -5.30 -4.01
CA SER C 342 -23.52 -5.99 -5.23
C SER C 342 -23.14 -5.15 -6.44
N ILE C 343 -21.84 -5.15 -6.75
CA ILE C 343 -21.30 -4.34 -7.83
C ILE C 343 -21.74 -4.90 -9.18
N LEU C 344 -21.62 -6.22 -9.35
CA LEU C 344 -21.92 -6.85 -10.64
C LEU C 344 -23.40 -6.76 -10.97
N LYS C 345 -24.27 -6.99 -9.97
CA LYS C 345 -25.70 -6.88 -10.20
C LYS C 345 -26.09 -5.44 -10.56
N TYR C 346 -25.48 -4.46 -9.91
CA TYR C 346 -25.74 -3.06 -10.22
C TYR C 346 -25.34 -2.73 -11.66
N ALA C 347 -24.14 -3.15 -12.06
CA ALA C 347 -23.68 -2.83 -13.41
C ALA C 347 -24.49 -3.56 -14.48
N ILE C 348 -24.86 -4.82 -14.20
CA ILE C 348 -25.66 -5.58 -15.16
C ILE C 348 -27.03 -4.94 -15.32
N SER C 349 -27.67 -4.54 -14.22
CA SER C 349 -28.94 -3.82 -14.31
C SER C 349 -28.78 -2.46 -14.97
N LEU C 350 -27.59 -1.87 -14.91
CA LEU C 350 -27.33 -0.66 -15.69
C LEU C 350 -27.38 -0.95 -17.19
N VAL C 351 -26.75 -2.04 -17.63
CA VAL C 351 -26.58 -2.24 -19.08
C VAL C 351 -27.54 -3.23 -19.72
N ILE C 352 -28.37 -3.94 -18.94
CA ILE C 352 -29.14 -5.02 -19.54
C ILE C 352 -30.36 -4.53 -20.33
N ASN C 353 -30.81 -3.30 -20.10
CA ASN C 353 -32.02 -2.81 -20.76
C ASN C 353 -31.73 -1.89 -21.93
N ASN C 354 -30.47 -1.67 -22.27
CA ASN C 354 -30.08 -0.79 -23.38
C ASN C 354 -29.26 -1.54 -24.41
N LEU C 355 -29.59 -2.81 -24.62
CA LEU C 355 -28.88 -3.68 -25.54
C LEU C 355 -29.56 -3.70 -26.90
N ASP C 356 -28.76 -3.72 -27.96
CA ASP C 356 -29.24 -3.92 -29.32
C ASP C 356 -29.06 -5.37 -29.73
N GLU C 357 -29.65 -5.72 -30.87
CA GLU C 357 -29.71 -7.12 -31.26
C GLU C 357 -28.39 -7.66 -31.79
N TYR C 358 -27.44 -6.78 -32.12
CA TYR C 358 -26.11 -7.28 -32.49
C TYR C 358 -25.34 -7.83 -31.30
N THR C 359 -25.53 -7.26 -30.12
CA THR C 359 -24.70 -7.56 -28.97
C THR C 359 -25.36 -8.48 -27.96
N ILE C 360 -26.48 -9.10 -28.31
CA ILE C 360 -27.20 -9.96 -27.36
C ILE C 360 -26.38 -11.19 -27.01
N THR C 361 -25.72 -11.78 -28.01
CA THR C 361 -24.96 -13.01 -27.79
C THR C 361 -23.74 -12.77 -26.90
N GLN C 362 -23.02 -11.67 -27.11
CA GLN C 362 -21.84 -11.38 -26.32
C GLN C 362 -22.19 -11.15 -24.86
N VAL C 363 -23.17 -10.28 -24.61
CA VAL C 363 -23.59 -9.99 -23.24
C VAL C 363 -24.21 -11.21 -22.59
N TYR C 364 -24.93 -12.02 -23.35
CA TYR C 364 -25.53 -13.21 -22.78
C TYR C 364 -24.48 -14.25 -22.39
N ASP C 365 -23.43 -14.42 -23.20
CA ASP C 365 -22.35 -15.32 -22.82
C ASP C 365 -21.58 -14.78 -21.62
N TYR C 366 -21.38 -13.46 -21.56
CA TYR C 366 -20.73 -12.84 -20.40
C TYR C 366 -21.57 -13.05 -19.15
N LEU C 367 -22.89 -12.90 -19.27
CA LEU C 367 -23.78 -13.15 -18.14
C LEU C 367 -23.79 -14.61 -17.75
N LEU C 368 -23.66 -15.51 -18.72
CA LEU C 368 -23.59 -16.94 -18.41
C LEU C 368 -22.34 -17.26 -17.60
N ASN C 369 -21.20 -16.68 -18.00
CA ASN C 369 -19.96 -16.88 -17.25
C ASN C 369 -20.05 -16.31 -15.85
N LEU C 370 -20.51 -15.05 -15.74
CA LEU C 370 -20.64 -14.40 -14.44
C LEU C 370 -21.67 -15.09 -13.56
N SER C 371 -22.71 -15.65 -14.16
CA SER C 371 -23.75 -16.34 -13.42
C SER C 371 -23.29 -17.71 -12.96
N TRP C 372 -22.41 -18.36 -13.72
CA TRP C 372 -21.75 -19.55 -13.21
C TRP C 372 -20.87 -19.21 -12.03
N HIS C 373 -20.15 -18.07 -12.10
CA HIS C 373 -19.32 -17.69 -10.97
C HIS C 373 -20.13 -17.08 -9.83
N TYR C 374 -21.20 -16.37 -10.13
CA TYR C 374 -22.03 -15.73 -9.12
C TYR C 374 -23.50 -16.05 -9.39
N PRO C 375 -24.11 -16.97 -8.64
CA PRO C 375 -25.48 -17.40 -8.96
C PRO C 375 -26.53 -16.31 -8.81
N MET C 376 -26.26 -15.24 -8.06
CA MET C 376 -27.22 -14.16 -7.90
C MET C 376 -27.47 -13.41 -9.21
N LEU C 377 -26.57 -13.53 -10.17
CA LEU C 377 -26.74 -12.95 -11.50
C LEU C 377 -27.53 -13.86 -12.43
N ILE C 378 -27.90 -15.06 -11.96
CA ILE C 378 -28.69 -15.98 -12.79
C ILE C 378 -30.04 -15.42 -13.24
N PRO C 379 -30.84 -14.74 -12.40
CA PRO C 379 -32.14 -14.23 -12.90
C PRO C 379 -32.04 -13.28 -14.08
N TYR C 380 -30.93 -12.56 -14.25
CA TYR C 380 -30.75 -11.67 -15.39
C TYR C 380 -30.72 -12.42 -16.71
N LEU C 381 -30.40 -13.72 -16.70
CA LEU C 381 -30.49 -14.54 -17.90
C LEU C 381 -31.91 -14.60 -18.44
N GLY C 382 -32.91 -14.40 -17.58
CA GLY C 382 -34.28 -14.33 -18.04
C GLY C 382 -34.64 -13.05 -18.76
N VAL C 383 -33.79 -12.03 -18.67
CA VAL C 383 -34.06 -10.78 -19.38
C VAL C 383 -33.87 -10.98 -20.88
N LEU C 384 -32.79 -11.65 -21.27
CA LEU C 384 -32.46 -11.89 -22.67
C LEU C 384 -32.67 -13.35 -23.06
N ILE C 385 -33.59 -14.04 -22.38
CA ILE C 385 -33.83 -15.45 -22.67
C ILE C 385 -34.62 -15.63 -23.97
N GLU C 386 -35.30 -14.60 -24.45
CA GLU C 386 -36.07 -14.72 -25.68
C GLU C 386 -35.21 -14.49 -26.92
N HIS C 387 -34.30 -13.52 -26.85
CA HIS C 387 -33.56 -13.11 -28.03
C HIS C 387 -32.48 -14.13 -28.41
N VAL C 388 -32.04 -14.94 -27.46
CA VAL C 388 -30.97 -15.89 -27.69
C VAL C 388 -31.54 -17.17 -28.30
N TYR C 389 -30.96 -17.61 -29.41
CA TYR C 389 -31.37 -18.84 -30.08
C TYR C 389 -30.93 -20.02 -29.23
N LEU C 390 -31.84 -20.51 -28.39
CA LEU C 390 -31.47 -21.50 -27.38
C LEU C 390 -31.30 -22.90 -27.95
N ASP C 391 -31.97 -23.21 -29.06
CA ASP C 391 -31.79 -24.50 -29.70
C ASP C 391 -30.35 -24.67 -30.19
N ASP C 392 -29.96 -23.85 -31.18
CA ASP C 392 -28.59 -23.69 -31.67
C ASP C 392 -27.85 -25.00 -31.93
N GLY C 393 -26.68 -25.15 -31.31
CA GLY C 393 -25.92 -26.38 -31.39
C GLY C 393 -25.71 -27.02 -30.03
N ASP C 394 -26.70 -26.87 -29.15
CA ASP C 394 -26.81 -27.47 -27.81
C ASP C 394 -25.78 -26.94 -26.81
N GLU C 395 -24.97 -25.95 -27.21
CA GLU C 395 -23.98 -25.38 -26.31
C GLU C 395 -24.63 -24.68 -25.12
N TYR C 396 -25.76 -24.00 -25.36
CA TYR C 396 -26.47 -23.34 -24.26
C TYR C 396 -27.06 -24.36 -23.30
N LYS C 397 -27.50 -25.52 -23.80
CA LYS C 397 -27.95 -26.60 -22.92
C LYS C 397 -26.83 -27.07 -22.00
N ASN C 398 -25.62 -27.24 -22.56
CA ASN C 398 -24.48 -27.65 -21.75
C ASN C 398 -24.12 -26.58 -20.72
N LYS C 399 -24.21 -25.31 -21.12
CA LYS C 399 -23.90 -24.22 -20.19
C LYS C 399 -24.91 -24.15 -19.05
N PHE C 400 -26.20 -24.31 -19.36
CA PHE C 400 -27.23 -24.31 -18.32
C PHE C 400 -27.08 -25.50 -17.38
N ASN C 401 -26.73 -26.68 -17.93
CA ASN C 401 -26.56 -27.83 -17.06
C ASN C 401 -25.29 -27.74 -16.23
N GLU C 402 -24.24 -27.09 -16.74
CA GLU C 402 -23.07 -26.83 -15.92
C GLU C 402 -23.39 -25.83 -14.81
N ILE C 403 -24.24 -24.86 -15.09
CA ILE C 403 -24.72 -23.94 -14.05
C ILE C 403 -25.52 -24.70 -13.00
N LEU C 404 -26.35 -25.66 -13.43
CA LEU C 404 -27.09 -26.49 -12.49
C LEU C 404 -26.16 -27.35 -11.65
N SER C 405 -25.08 -27.87 -12.25
CA SER C 405 -24.07 -28.61 -11.51
C SER C 405 -23.40 -27.73 -10.45
N MET C 406 -23.07 -26.50 -10.83
CA MET C 406 -22.45 -25.57 -9.87
C MET C 406 -23.40 -25.24 -8.74
N CYS C 407 -24.69 -25.08 -9.05
CA CYS C 407 -25.68 -24.79 -8.03
C CYS C 407 -25.89 -25.97 -7.09
N ALA C 408 -25.84 -27.19 -7.62
CA ALA C 408 -25.94 -28.37 -6.77
C ALA C 408 -24.71 -28.52 -5.88
N GLU C 409 -23.53 -28.22 -6.42
CA GLU C 409 -22.30 -28.35 -5.64
C GLU C 409 -22.21 -27.28 -4.56
N ASN C 410 -22.55 -26.04 -4.89
CA ASN C 410 -22.44 -24.94 -3.94
C ASN C 410 -23.62 -24.85 -2.99
N LYS C 411 -24.64 -25.69 -3.18
CA LYS C 411 -25.83 -25.76 -2.32
C LYS C 411 -26.54 -24.41 -2.23
N CYS C 412 -26.83 -23.82 -3.39
CA CYS C 412 -27.57 -22.57 -3.47
C CYS C 412 -28.91 -22.82 -4.14
N SER C 413 -29.97 -22.32 -3.52
CA SER C 413 -31.32 -22.56 -4.00
C SER C 413 -31.80 -21.50 -4.98
N ASP C 414 -31.32 -20.27 -4.88
CA ASP C 414 -31.78 -19.21 -5.77
C ASP C 414 -31.34 -19.47 -7.20
N GLY C 415 -30.05 -19.77 -7.39
CA GLY C 415 -29.54 -20.01 -8.73
C GLY C 415 -30.12 -21.27 -9.34
N MET C 416 -30.23 -22.34 -8.56
CA MET C 416 -30.81 -23.58 -9.06
C MET C 416 -32.28 -23.39 -9.42
N ALA C 417 -33.04 -22.70 -8.57
CA ALA C 417 -34.46 -22.48 -8.84
C ALA C 417 -34.67 -21.62 -10.08
N TRP C 418 -33.88 -20.56 -10.24
CA TRP C 418 -34.03 -19.71 -11.42
C TRP C 418 -33.59 -20.43 -12.68
N THR C 419 -32.49 -21.20 -12.60
CA THR C 419 -32.03 -21.96 -13.75
C THR C 419 -33.03 -23.04 -14.16
N LEU C 420 -33.61 -23.72 -13.17
CA LEU C 420 -34.62 -24.73 -13.46
C LEU C 420 -35.87 -24.10 -14.06
N TYR C 421 -36.24 -22.91 -13.58
CA TYR C 421 -37.35 -22.18 -14.16
C TYR C 421 -37.08 -21.82 -15.62
N PHE C 422 -35.86 -21.37 -15.91
CA PHE C 422 -35.50 -21.06 -17.29
C PHE C 422 -35.51 -22.31 -18.18
N CYS C 423 -34.99 -23.42 -17.66
CA CYS C 423 -34.94 -24.65 -18.44
C CYS C 423 -36.33 -25.21 -18.70
N ILE C 424 -37.22 -25.14 -17.72
CA ILE C 424 -38.58 -25.64 -17.90
C ILE C 424 -39.36 -24.73 -18.84
N LYS C 425 -39.25 -23.41 -18.66
CA LYS C 425 -39.99 -22.48 -19.50
C LYS C 425 -39.50 -22.51 -20.94
N ASN C 426 -38.19 -22.60 -21.15
CA ASN C 426 -37.60 -22.51 -22.48
C ASN C 426 -37.24 -23.87 -23.07
N ASN C 427 -37.69 -24.96 -22.44
CA ASN C 427 -37.55 -26.32 -22.95
C ASN C 427 -36.09 -26.71 -23.17
N ILE C 428 -35.22 -26.30 -22.25
CA ILE C 428 -33.83 -26.75 -22.24
C ILE C 428 -33.78 -28.10 -21.55
N ASP C 429 -33.22 -29.10 -22.25
CA ASP C 429 -33.18 -30.45 -21.71
C ASP C 429 -32.18 -30.56 -20.56
N ILE C 430 -32.53 -31.39 -19.58
CA ILE C 430 -31.72 -31.61 -18.39
C ILE C 430 -31.30 -33.07 -18.38
N ASP C 431 -30.00 -33.32 -18.27
CA ASP C 431 -29.50 -34.69 -18.24
C ASP C 431 -29.86 -35.37 -16.92
N ASP C 432 -29.77 -36.70 -16.92
CA ASP C 432 -30.05 -37.45 -15.70
C ASP C 432 -28.97 -37.24 -14.66
N ASP C 433 -27.72 -36.98 -15.09
CA ASP C 433 -26.61 -36.85 -14.16
C ASP C 433 -26.79 -35.64 -13.24
N VAL C 434 -27.27 -34.52 -13.79
CA VAL C 434 -27.55 -33.36 -12.95
C VAL C 434 -28.84 -33.53 -12.16
N ILE C 435 -29.78 -34.35 -12.64
CA ILE C 435 -30.98 -34.65 -11.85
C ILE C 435 -30.61 -35.42 -10.59
N GLU C 436 -29.64 -36.34 -10.69
CA GLU C 436 -29.09 -37.00 -9.51
C GLU C 436 -28.53 -35.99 -8.51
N LYS C 437 -27.81 -34.98 -9.00
CA LYS C 437 -27.26 -33.97 -8.12
C LYS C 437 -28.34 -33.10 -7.50
N ILE C 438 -29.44 -32.85 -8.22
CA ILE C 438 -30.55 -32.08 -7.68
C ILE C 438 -31.24 -32.85 -6.56
N ILE C 439 -31.46 -34.15 -6.76
CA ILE C 439 -32.04 -34.99 -5.71
C ILE C 439 -31.10 -35.09 -4.52
N CYS C 440 -29.79 -35.16 -4.77
CA CYS C 440 -28.81 -35.19 -3.68
C CYS C 440 -28.82 -33.90 -2.89
N PHE C 441 -28.93 -32.75 -3.57
CA PHE C 441 -29.09 -31.48 -2.88
C PHE C 441 -30.44 -31.43 -2.17
N GLY C 442 -31.51 -31.75 -2.88
CA GLY C 442 -32.84 -31.76 -2.30
C GLY C 442 -33.35 -30.41 -1.87
N ASP C 443 -33.20 -29.39 -2.72
CA ASP C 443 -33.85 -28.12 -2.47
C ASP C 443 -35.34 -28.24 -2.74
N CYS C 444 -36.16 -27.70 -1.83
CA CYS C 444 -37.60 -27.90 -1.90
C CYS C 444 -38.20 -27.21 -3.12
N LEU C 445 -37.76 -25.99 -3.43
CA LEU C 445 -38.34 -25.27 -4.56
C LEU C 445 -37.89 -25.87 -5.89
N SER C 446 -36.63 -26.31 -5.95
CA SER C 446 -36.14 -26.99 -7.14
C SER C 446 -36.88 -28.30 -7.37
N LEU C 447 -37.16 -29.04 -6.30
CA LEU C 447 -37.94 -30.26 -6.44
C LEU C 447 -39.40 -29.95 -6.76
N CYS C 448 -39.91 -28.80 -6.32
CA CYS C 448 -41.25 -28.37 -6.75
C CYS C 448 -41.29 -28.14 -8.24
N LEU C 449 -40.26 -27.49 -8.79
CA LEU C 449 -40.19 -27.27 -10.23
C LEU C 449 -40.04 -28.60 -10.98
N LEU C 450 -39.21 -29.50 -10.46
CA LEU C 450 -39.02 -30.81 -11.09
C LEU C 450 -40.31 -31.62 -11.08
N ASP C 451 -41.08 -31.54 -9.98
CA ASP C 451 -42.36 -32.20 -9.91
C ASP C 451 -43.37 -31.55 -10.86
N SER C 452 -43.29 -30.23 -11.02
CA SER C 452 -44.18 -29.53 -11.94
C SER C 452 -43.85 -29.81 -13.40
N SER C 453 -42.65 -30.31 -13.70
CA SER C 453 -42.35 -30.73 -15.06
C SER C 453 -42.94 -32.09 -15.38
N ASP C 454 -43.20 -32.91 -14.34
CA ASP C 454 -43.78 -34.26 -14.41
C ASP C 454 -42.91 -35.27 -15.17
N ILE C 455 -41.69 -34.88 -15.55
CA ILE C 455 -40.80 -35.81 -16.24
C ILE C 455 -40.16 -36.77 -15.24
N TYR C 456 -39.86 -36.28 -14.04
CA TYR C 456 -39.05 -36.98 -13.05
C TYR C 456 -39.91 -37.45 -11.87
N GLU C 457 -41.09 -38.00 -12.19
CA GLU C 457 -42.07 -38.35 -11.16
C GLU C 457 -41.55 -39.44 -10.22
N GLU C 458 -40.84 -40.44 -10.76
CA GLU C 458 -40.41 -41.56 -9.91
C GLU C 458 -39.30 -41.15 -8.94
N LYS C 459 -38.43 -40.21 -9.33
CA LYS C 459 -37.37 -39.78 -8.43
C LYS C 459 -37.92 -38.90 -7.31
N ILE C 460 -38.85 -38.02 -7.65
CA ILE C 460 -39.53 -37.22 -6.63
C ILE C 460 -40.33 -38.11 -5.70
N ASN C 461 -40.94 -39.16 -6.26
CA ASN C 461 -41.68 -40.14 -5.45
C ASN C 461 -40.75 -40.87 -4.49
N ASN C 462 -39.56 -41.26 -4.96
CA ASN C 462 -38.58 -41.90 -4.07
C ASN C 462 -38.11 -40.96 -2.97
N PHE C 463 -37.90 -39.68 -3.32
CA PHE C 463 -37.47 -38.70 -2.33
C PHE C 463 -38.53 -38.50 -1.25
N VAL C 464 -39.78 -38.30 -1.66
CA VAL C 464 -40.84 -38.07 -0.67
C VAL C 464 -41.16 -39.35 0.08
N SER C 465 -40.90 -40.53 -0.52
CA SER C 465 -41.06 -41.78 0.21
C SER C 465 -40.01 -41.92 1.30
N ASP C 466 -38.77 -41.48 1.01
CA ASP C 466 -37.74 -41.45 2.04
C ASP C 466 -38.11 -40.50 3.17
N ILE C 467 -38.65 -39.32 2.82
CA ILE C 467 -39.08 -38.36 3.84
C ILE C 467 -40.21 -38.92 4.68
N ILE C 468 -41.17 -39.61 4.06
CA ILE C 468 -42.29 -40.19 4.80
C ILE C 468 -41.81 -41.31 5.70
N LYS C 469 -40.96 -42.20 5.19
CA LYS C 469 -40.49 -43.34 5.97
C LYS C 469 -39.49 -42.93 7.04
N LEU C 470 -38.92 -41.73 6.96
CA LEU C 470 -38.10 -41.24 8.06
C LEU C 470 -38.91 -40.91 9.30
N ASP C 471 -40.22 -40.67 9.14
CA ASP C 471 -41.18 -40.44 10.22
C ASP C 471 -40.83 -39.24 11.10
N TYR C 472 -40.11 -38.27 10.56
CA TYR C 472 -39.80 -37.04 11.27
C TYR C 472 -40.74 -35.94 10.76
N GLU C 473 -41.48 -35.32 11.67
CA GLU C 473 -42.47 -34.32 11.26
C GLU C 473 -41.80 -33.07 10.73
N TYR C 474 -40.65 -32.69 11.29
CA TYR C 474 -39.92 -31.54 10.78
C TYR C 474 -39.36 -31.79 9.39
N ASP C 475 -39.05 -33.05 9.07
CA ASP C 475 -38.58 -33.36 7.72
C ASP C 475 -39.69 -33.19 6.69
N ILE C 476 -40.92 -33.55 7.07
CA ILE C 476 -42.06 -33.30 6.19
C ILE C 476 -42.33 -31.80 6.11
N ASP C 477 -42.16 -31.09 7.22
CA ASP C 477 -42.38 -29.64 7.23
C ASP C 477 -41.36 -28.90 6.38
N ARG C 478 -40.14 -29.43 6.27
CA ARG C 478 -39.12 -28.81 5.43
C ARG C 478 -39.43 -28.94 3.95
N TYR C 479 -40.31 -29.87 3.56
CA TYR C 479 -40.71 -30.06 2.17
C TYR C 479 -42.21 -30.01 2.01
N TRP C 480 -42.90 -29.31 2.92
CA TRP C 480 -44.36 -29.15 2.84
C TRP C 480 -44.81 -28.60 1.49
N LEU C 481 -44.02 -27.72 0.88
CA LEU C 481 -44.44 -27.15 -0.40
C LEU C 481 -44.41 -28.20 -1.50
N LEU C 482 -43.37 -29.04 -1.52
CA LEU C 482 -43.33 -30.16 -2.45
C LEU C 482 -44.46 -31.14 -2.20
N PHE C 483 -44.72 -31.44 -0.92
CA PHE C 483 -45.79 -32.39 -0.59
C PHE C 483 -47.16 -31.84 -0.98
N TYR C 484 -47.38 -30.54 -0.78
CA TYR C 484 -48.65 -29.94 -1.16
C TYR C 484 -48.79 -29.81 -2.67
N GLN C 485 -47.69 -29.56 -3.38
CA GLN C 485 -47.79 -29.51 -4.84
C GLN C 485 -48.08 -30.88 -5.42
N ARG C 486 -47.52 -31.94 -4.82
CA ARG C 486 -47.88 -33.28 -5.27
C ARG C 486 -49.30 -33.67 -4.85
N PHE C 487 -49.75 -33.19 -3.69
CA PHE C 487 -51.10 -33.51 -3.23
C PHE C 487 -52.15 -32.78 -4.03
N PHE C 488 -51.87 -31.54 -4.43
CA PHE C 488 -52.84 -30.72 -5.16
C PHE C 488 -53.06 -31.22 -6.57
N LYS C 489 -52.02 -31.79 -7.19
CA LYS C 489 -52.14 -32.38 -8.51
C LYS C 489 -52.52 -33.87 -8.45
N ASP C 490 -52.91 -34.35 -7.26
CA ASP C 490 -53.34 -35.73 -7.03
C ASP C 490 -52.26 -36.75 -7.38
N LYS C 491 -50.99 -36.39 -7.18
CA LYS C 491 -49.88 -37.31 -7.41
C LYS C 491 -49.45 -38.03 -6.15
N ALA C 492 -49.91 -37.59 -4.98
CA ALA C 492 -49.52 -38.18 -3.71
C ALA C 492 -50.57 -37.83 -2.68
N PRO C 493 -50.79 -38.67 -1.67
CA PRO C 493 -51.70 -38.32 -0.58
C PRO C 493 -51.08 -37.27 0.33
N SER C 494 -51.92 -36.69 1.18
CA SER C 494 -51.46 -35.69 2.12
C SER C 494 -50.61 -36.34 3.20
N PRO C 495 -49.37 -35.87 3.43
CA PRO C 495 -48.55 -36.50 4.46
C PRO C 495 -49.04 -36.25 5.88
N TYR C 496 -49.78 -35.17 6.11
CA TYR C 496 -50.26 -34.85 7.44
C TYR C 496 -51.60 -35.52 7.73
N ASN C 497 -51.97 -35.50 9.00
CA ASN C 497 -53.26 -36.02 9.44
C ASN C 497 -54.28 -34.92 9.75
N ASP C 498 -53.90 -33.66 9.63
CA ASP C 498 -54.84 -32.57 9.85
C ASP C 498 -55.57 -32.24 8.55
N LYS C 499 -56.40 -31.20 8.59
CA LYS C 499 -57.21 -30.81 7.45
C LYS C 499 -56.68 -29.57 6.74
N CYS C 500 -55.48 -29.11 7.07
CA CYS C 500 -54.94 -27.89 6.47
C CYS C 500 -54.68 -28.08 4.97
N PHE C 501 -54.05 -29.18 4.60
CA PHE C 501 -53.81 -29.46 3.19
C PHE C 501 -55.11 -29.71 2.44
N ASP C 502 -56.07 -30.37 3.10
CA ASP C 502 -57.37 -30.61 2.48
C ASP C 502 -58.14 -29.30 2.30
N ILE C 503 -58.03 -28.38 3.27
CA ILE C 503 -58.67 -27.08 3.15
C ILE C 503 -58.05 -26.29 2.00
N MET C 504 -56.72 -26.32 1.89
CA MET C 504 -56.05 -25.60 0.81
C MET C 504 -56.35 -26.20 -0.55
N LYS C 505 -56.46 -27.52 -0.64
CA LYS C 505 -56.79 -28.16 -1.91
C LYS C 505 -58.24 -27.89 -2.29
N GLY C 506 -59.15 -27.90 -1.31
CA GLY C 506 -60.56 -27.71 -1.61
C GLY C 506 -60.89 -26.32 -2.11
N TYR C 507 -60.14 -25.31 -1.69
CA TYR C 507 -60.33 -23.94 -2.13
C TYR C 507 -59.37 -23.54 -3.24
N GLY C 508 -58.69 -24.51 -3.83
CA GLY C 508 -57.84 -24.25 -5.00
C GLY C 508 -56.61 -23.41 -4.73
N VAL C 509 -55.94 -23.62 -3.60
CA VAL C 509 -54.68 -22.95 -3.35
C VAL C 509 -53.61 -23.62 -4.19
N ASP C 510 -52.92 -22.84 -5.01
CA ASP C 510 -51.83 -23.35 -5.83
C ASP C 510 -50.66 -22.38 -5.75
N PHE C 511 -49.53 -22.89 -5.29
CA PHE C 511 -48.32 -22.08 -5.19
C PHE C 511 -47.49 -22.13 -6.46
N MET C 512 -47.94 -22.87 -7.47
CA MET C 512 -47.35 -22.86 -8.81
C MET C 512 -48.46 -22.61 -9.83
N PRO C 513 -49.01 -21.40 -9.86
CA PRO C 513 -50.16 -21.16 -10.73
C PRO C 513 -49.75 -20.81 -12.15
N ASP C 514 -50.69 -21.02 -13.06
CA ASP C 514 -50.49 -20.61 -14.45
C ASP C 514 -50.81 -19.13 -14.62
N GLU C 515 -50.43 -18.59 -15.76
CA GLU C 515 -50.64 -17.17 -16.05
C GLU C 515 -52.11 -16.88 -16.33
N ASP E 14 -8.76 -42.99 39.26
CA ASP E 14 -9.77 -43.46 38.32
C ASP E 14 -10.13 -42.37 37.33
N GLU E 15 -10.37 -42.77 36.08
CA GLU E 15 -10.78 -41.82 35.04
C GLU E 15 -12.16 -41.24 35.35
N LYS E 16 -13.07 -42.07 35.84
CA LYS E 16 -14.44 -41.65 36.08
C LYS E 16 -14.53 -40.65 37.23
N ARG E 17 -13.85 -40.96 38.34
CA ARG E 17 -13.85 -40.07 39.50
C ARG E 17 -13.13 -38.76 39.19
N HIS E 18 -12.03 -38.84 38.43
CA HIS E 18 -11.33 -37.62 38.01
C HIS E 18 -12.22 -36.79 37.10
N LEU E 19 -13.00 -37.43 36.23
CA LEU E 19 -13.95 -36.70 35.39
C LEU E 19 -15.00 -35.98 36.24
N TYR E 20 -15.53 -36.67 37.24
CA TYR E 20 -16.57 -36.08 38.09
C TYR E 20 -16.03 -34.87 38.84
N GLU E 21 -14.86 -35.03 39.46
CA GLU E 21 -14.26 -33.95 40.23
C GLU E 21 -13.77 -32.83 39.32
N ALA E 22 -13.42 -33.14 38.07
CA ALA E 22 -13.06 -32.10 37.12
C ALA E 22 -14.28 -31.29 36.72
N LEU E 23 -15.40 -31.97 36.47
CA LEU E 23 -16.62 -31.28 36.06
C LEU E 23 -17.14 -30.38 37.15
N LEU E 24 -17.05 -30.80 38.41
CA LEU E 24 -17.65 -30.02 39.47
C LEU E 24 -16.67 -29.12 40.23
N ARG E 25 -15.52 -29.66 40.63
CA ARG E 25 -14.62 -28.92 41.50
C ARG E 25 -13.65 -28.00 40.75
N HIS E 26 -13.34 -28.31 39.49
CA HIS E 26 -12.31 -27.57 38.78
C HIS E 26 -12.79 -26.87 37.53
N ASN E 27 -13.63 -27.51 36.71
CA ASN E 27 -14.04 -26.95 35.43
C ASN E 27 -15.52 -26.57 35.41
N TYR E 28 -16.13 -26.40 36.59
CA TYR E 28 -17.46 -25.80 36.66
C TYR E 28 -17.39 -24.33 36.25
N PHE E 29 -16.60 -23.55 36.96
CA PHE E 29 -16.35 -22.18 36.56
C PHE E 29 -15.50 -22.18 35.30
N PRO E 30 -15.54 -21.10 34.52
CA PRO E 30 -14.64 -21.01 33.37
C PRO E 30 -13.19 -20.89 33.82
N ASN E 31 -12.46 -21.99 33.71
CA ASN E 31 -11.10 -22.11 34.20
C ASN E 31 -10.26 -22.90 33.21
N GLN E 32 -10.51 -22.71 31.92
CA GLN E 32 -9.84 -23.47 30.89
C GLN E 32 -8.54 -22.83 30.42
N LYS E 33 -8.26 -21.61 30.81
CA LYS E 33 -7.04 -20.93 30.39
C LYS E 33 -5.82 -21.53 31.07
N GLY E 34 -4.68 -21.39 30.41
CA GLY E 34 -3.46 -22.01 30.90
C GLY E 34 -2.77 -21.25 32.02
N SER E 35 -2.38 -20.00 31.76
CA SER E 35 -1.54 -19.27 32.70
C SER E 35 -2.37 -18.43 33.68
N ILE E 36 -3.15 -17.48 33.17
CA ILE E 36 -4.00 -16.64 33.99
C ILE E 36 -5.46 -16.92 33.63
N SER E 37 -6.30 -17.00 34.65
CA SER E 37 -7.69 -17.38 34.43
C SER E 37 -8.51 -16.17 33.98
N GLU E 38 -9.67 -16.47 33.38
CA GLU E 38 -10.61 -15.41 33.03
C GLU E 38 -11.27 -14.84 34.27
N ILE E 39 -11.33 -15.62 35.35
CA ILE E 39 -11.98 -15.25 36.60
C ILE E 39 -10.89 -15.06 37.64
N PRO E 40 -11.01 -14.11 38.57
CA PRO E 40 -10.00 -13.97 39.62
C PRO E 40 -9.96 -15.21 40.49
N PRO E 41 -8.80 -15.51 41.08
CA PRO E 41 -8.64 -16.76 41.84
C PRO E 41 -9.43 -16.81 43.14
N CYS E 42 -9.97 -15.68 43.59
CA CYS E 42 -10.83 -15.69 44.78
C CYS E 42 -12.10 -16.52 44.54
N PHE E 43 -12.56 -16.57 43.29
CA PHE E 43 -13.65 -17.47 42.91
C PHE E 43 -13.08 -18.86 42.65
N SER E 44 -13.63 -19.86 43.31
CA SER E 44 -13.21 -21.24 43.10
C SER E 44 -14.41 -22.15 43.21
N SER E 45 -14.49 -23.12 42.31
CA SER E 45 -15.59 -24.07 42.32
C SER E 45 -15.30 -25.29 43.17
N ARG E 46 -14.16 -25.32 43.86
CA ARG E 46 -13.87 -26.40 44.79
C ARG E 46 -14.78 -26.31 46.01
N THR E 47 -14.75 -27.38 46.81
CA THR E 47 -15.71 -27.68 47.90
C THR E 47 -17.12 -27.86 47.36
N PHE E 48 -17.26 -28.17 46.07
CA PHE E 48 -18.52 -28.55 45.45
C PHE E 48 -18.31 -29.95 44.89
N THR E 49 -18.47 -30.95 45.75
CA THR E 49 -18.04 -32.31 45.48
C THR E 49 -19.10 -33.07 44.68
N PRO E 50 -18.72 -34.19 44.04
CA PRO E 50 -19.72 -35.02 43.35
C PRO E 50 -20.84 -35.56 44.24
N GLU E 51 -20.56 -35.80 45.52
CA GLU E 51 -21.62 -36.25 46.43
C GLU E 51 -22.67 -35.15 46.62
N ILE E 52 -22.22 -33.90 46.71
CA ILE E 52 -23.15 -32.77 46.85
C ILE E 52 -24.01 -32.62 45.60
N ALA E 53 -23.39 -32.77 44.42
CA ALA E 53 -24.16 -32.69 43.17
C ALA E 53 -25.12 -33.86 43.03
N GLU E 54 -24.74 -35.05 43.53
CA GLU E 54 -25.66 -36.17 43.57
C GLU E 54 -26.86 -35.86 44.45
N LEU E 55 -26.62 -35.23 45.60
CA LEU E 55 -27.71 -34.85 46.49
C LEU E 55 -28.61 -33.78 45.86
N ILE E 56 -28.02 -32.85 45.11
CA ILE E 56 -28.80 -31.82 44.42
C ILE E 56 -29.67 -32.46 43.34
N SER E 57 -29.09 -33.37 42.54
CA SER E 57 -29.86 -34.03 41.49
C SER E 57 -30.92 -34.96 42.06
N SER E 58 -30.70 -35.50 43.27
CA SER E 58 -31.72 -36.30 43.92
C SER E 58 -32.88 -35.47 44.44
N ASP E 59 -32.69 -34.16 44.61
CA ASP E 59 -33.75 -33.31 45.13
C ASP E 59 -34.82 -33.10 44.07
N THR E 60 -36.08 -33.27 44.48
CA THR E 60 -37.23 -33.07 43.60
C THR E 60 -38.19 -32.01 44.09
N SER E 61 -37.92 -31.39 45.24
CA SER E 61 -38.83 -30.40 45.79
C SER E 61 -38.72 -29.08 45.01
N GLY E 62 -39.69 -28.20 45.25
CA GLY E 62 -39.72 -26.90 44.62
C GLY E 62 -40.53 -26.90 43.33
N ARG E 63 -41.02 -25.72 42.99
CA ARG E 63 -41.80 -25.51 41.77
C ARG E 63 -41.25 -24.33 41.01
N ARG E 64 -41.12 -24.48 39.70
CA ARG E 64 -40.62 -23.43 38.82
C ARG E 64 -41.70 -23.06 37.82
N SER E 65 -42.04 -21.77 37.77
CA SER E 65 -42.97 -21.29 36.75
C SER E 65 -42.35 -21.39 35.37
N LEU E 66 -41.07 -21.07 35.26
CA LEU E 66 -40.36 -21.15 33.99
C LEU E 66 -39.69 -22.52 33.84
N GLN E 67 -39.39 -22.87 32.60
CA GLN E 67 -38.74 -24.13 32.28
C GLN E 67 -37.27 -23.88 32.01
N GLY E 68 -36.42 -24.73 32.58
CA GLY E 68 -34.98 -24.54 32.46
C GLY E 68 -34.44 -23.56 33.47
N TYR E 69 -33.15 -23.32 33.38
CA TYR E 69 -32.46 -22.41 34.28
C TYR E 69 -31.59 -21.45 33.47
N ASP E 70 -31.60 -20.18 33.86
CA ASP E 70 -30.65 -19.23 33.30
C ASP E 70 -29.33 -19.33 34.07
N CYS E 71 -28.29 -18.71 33.52
CA CYS E 71 -26.94 -18.85 34.05
C CYS E 71 -26.33 -17.48 34.32
N VAL E 72 -25.34 -17.48 35.20
CA VAL E 72 -24.57 -16.26 35.47
C VAL E 72 -23.74 -15.92 34.24
N GLU E 73 -23.87 -14.69 33.76
CA GLU E 73 -23.20 -14.26 32.54
C GLU E 73 -22.01 -13.40 32.90
N TYR E 74 -20.88 -13.66 32.23
CA TYR E 74 -19.59 -13.08 32.57
C TYR E 74 -18.93 -12.65 31.28
N TYR E 75 -18.89 -11.34 31.03
CA TYR E 75 -18.43 -10.79 29.76
C TYR E 75 -16.93 -10.55 29.84
N ALA E 76 -16.15 -11.37 29.15
CA ALA E 76 -14.70 -11.24 29.11
C ALA E 76 -14.27 -10.68 27.76
N THR E 77 -13.43 -9.66 27.77
CA THR E 77 -12.97 -9.07 26.52
C THR E 77 -11.93 -9.96 25.86
N ARG E 78 -11.92 -9.92 24.54
CA ARG E 78 -10.87 -10.55 23.75
C ARG E 78 -9.77 -9.52 23.48
N TYR E 79 -8.85 -9.85 22.58
CA TYR E 79 -7.75 -8.93 22.29
C TYR E 79 -8.21 -7.68 21.56
N ASN E 80 -9.27 -7.80 20.76
CA ASN E 80 -9.83 -6.67 20.02
C ASN E 80 -10.92 -5.95 20.80
N ASN E 81 -10.98 -6.13 22.12
CA ASN E 81 -11.99 -5.62 23.04
C ASN E 81 -13.39 -6.14 22.72
N PHE E 82 -13.51 -7.22 21.96
CA PHE E 82 -14.81 -7.79 21.64
C PHE E 82 -15.28 -8.65 22.81
N PRO E 83 -16.49 -8.44 23.32
CA PRO E 83 -16.95 -9.23 24.47
C PRO E 83 -17.28 -10.66 24.07
N ARG E 84 -16.91 -11.59 24.94
CA ARG E 84 -17.27 -13.00 24.83
C ARG E 84 -17.98 -13.38 26.11
N THR E 85 -19.13 -14.02 25.99
CA THR E 85 -19.99 -14.28 27.13
C THR E 85 -19.69 -15.67 27.67
N LEU E 86 -18.89 -15.74 28.73
CA LEU E 86 -18.74 -16.96 29.50
C LEU E 86 -19.96 -17.11 30.42
N SER E 87 -20.25 -18.34 30.82
CA SER E 87 -21.43 -18.59 31.62
C SER E 87 -21.12 -19.58 32.74
N ILE E 88 -21.66 -19.30 33.92
CA ILE E 88 -21.62 -20.20 35.05
C ILE E 88 -23.02 -20.75 35.23
N ILE E 89 -23.18 -22.06 34.99
CA ILE E 89 -24.50 -22.68 34.98
C ILE E 89 -25.03 -22.78 36.40
N HIS E 90 -26.35 -22.68 36.53
CA HIS E 90 -27.01 -22.85 37.82
C HIS E 90 -26.73 -24.24 38.37
N PRO E 91 -26.41 -24.37 39.66
CA PRO E 91 -25.89 -25.64 40.19
C PRO E 91 -26.88 -26.79 40.16
N LYS E 92 -28.19 -26.53 40.10
CA LYS E 92 -29.14 -27.63 39.96
C LYS E 92 -29.04 -28.25 38.57
N ALA E 93 -29.17 -27.40 37.54
CA ALA E 93 -29.05 -27.87 36.15
C ALA E 93 -27.65 -28.39 35.87
N TYR E 94 -26.62 -27.69 36.36
CA TYR E 94 -25.25 -28.17 36.16
C TYR E 94 -25.00 -29.47 36.88
N SER E 95 -25.55 -29.64 38.09
CA SER E 95 -25.36 -30.87 38.83
C SER E 95 -26.01 -32.04 38.10
N LYS E 96 -27.22 -31.84 37.59
CA LYS E 96 -27.88 -32.89 36.81
C LYS E 96 -27.10 -33.21 35.54
N LEU E 97 -26.61 -32.17 34.85
CA LEU E 97 -25.87 -32.36 33.61
C LEU E 97 -24.56 -33.10 33.84
N ALA E 98 -23.81 -32.69 34.88
CA ALA E 98 -22.54 -33.34 35.19
C ALA E 98 -22.75 -34.76 35.68
N LYS E 99 -23.82 -35.00 36.45
CA LYS E 99 -24.13 -36.37 36.88
C LYS E 99 -24.46 -37.25 35.70
N HIS E 100 -25.23 -36.74 34.73
CA HIS E 100 -25.55 -37.55 33.55
C HIS E 100 -24.33 -37.79 32.68
N ILE E 101 -23.44 -36.80 32.56
CA ILE E 101 -22.22 -37.00 31.79
C ILE E 101 -21.31 -38.02 32.47
N HIS E 102 -21.23 -37.98 33.80
CA HIS E 102 -20.42 -38.94 34.53
C HIS E 102 -20.99 -40.35 34.45
N ASP E 103 -22.32 -40.48 34.57
CA ASP E 103 -22.93 -41.80 34.65
C ASP E 103 -22.80 -42.58 33.36
N ASN E 104 -22.70 -41.90 32.22
CA ASN E 104 -22.55 -42.54 30.93
C ASN E 104 -21.20 -42.22 30.30
N TRP E 105 -20.15 -42.07 31.12
CA TRP E 105 -18.84 -41.72 30.61
C TRP E 105 -18.22 -42.82 29.74
N GLU E 106 -18.65 -44.07 29.91
CA GLU E 106 -18.19 -45.12 29.01
C GLU E 106 -18.66 -44.88 27.59
N GLU E 107 -19.87 -44.34 27.43
CA GLU E 107 -20.39 -44.04 26.10
C GLU E 107 -19.96 -42.68 25.59
N ILE E 108 -19.35 -41.85 26.43
CA ILE E 108 -18.96 -40.49 26.05
C ILE E 108 -17.46 -40.42 25.76
N ARG E 109 -16.68 -41.27 26.44
CA ARG E 109 -15.22 -41.17 26.45
C ARG E 109 -14.56 -41.49 25.11
N PHE E 110 -15.32 -41.77 24.05
CA PHE E 110 -14.74 -41.86 22.72
C PHE E 110 -14.23 -40.52 22.21
N ILE E 111 -14.68 -39.41 22.82
CA ILE E 111 -14.14 -38.10 22.48
C ILE E 111 -12.71 -37.94 22.96
N LYS E 112 -12.28 -38.75 23.93
CA LYS E 112 -10.89 -38.72 24.37
C LYS E 112 -9.97 -39.25 23.29
N GLU E 113 -10.39 -40.31 22.61
CA GLU E 113 -9.59 -40.94 21.56
C GLU E 113 -9.90 -40.36 20.18
N ASN E 114 -9.86 -39.03 20.09
CA ASN E 114 -10.02 -38.30 18.84
C ASN E 114 -8.70 -37.58 18.63
N GLU E 115 -7.89 -38.08 17.69
CA GLU E 115 -6.55 -37.54 17.49
C GLU E 115 -6.58 -36.17 16.83
N ASN E 116 -7.65 -35.85 16.09
CA ASN E 116 -7.70 -34.58 15.38
C ASN E 116 -8.01 -33.43 16.31
N SER E 117 -8.76 -33.66 17.39
CA SER E 117 -9.11 -32.61 18.33
C SER E 117 -8.00 -32.45 19.35
N MET E 118 -7.38 -31.27 19.40
CA MET E 118 -6.29 -31.06 20.32
C MET E 118 -6.78 -30.66 21.71
N ILE E 119 -7.77 -29.78 21.79
CA ILE E 119 -8.34 -29.37 23.06
C ILE E 119 -9.55 -30.26 23.31
N LYS E 120 -9.36 -31.24 24.17
CA LYS E 120 -10.36 -32.26 24.48
C LYS E 120 -10.20 -32.61 25.95
N PRO E 121 -11.14 -33.36 26.53
CA PRO E 121 -10.92 -33.87 27.89
C PRO E 121 -9.66 -34.72 27.99
N ASP E 122 -8.96 -34.55 29.10
CA ASP E 122 -7.70 -35.24 29.36
C ASP E 122 -7.41 -35.14 30.86
N MET E 123 -6.88 -36.22 31.42
CA MET E 123 -6.61 -36.25 32.85
C MET E 123 -5.38 -35.39 33.14
N HIS E 124 -5.60 -34.28 33.84
CA HIS E 124 -4.53 -33.33 34.14
C HIS E 124 -4.14 -33.41 35.61
N ALA E 125 -2.95 -32.89 35.91
CA ALA E 125 -2.41 -32.97 37.26
C ALA E 125 -3.20 -32.10 38.23
N ASP E 126 -3.60 -30.89 37.81
CA ASP E 126 -4.29 -29.98 38.70
C ASP E 126 -5.74 -30.37 38.95
N GLY E 127 -6.26 -31.37 38.23
CA GLY E 127 -7.61 -31.84 38.43
C GLY E 127 -8.58 -31.48 37.34
N ARG E 128 -8.17 -30.71 36.34
CA ARG E 128 -9.05 -30.31 35.26
C ARG E 128 -9.08 -31.38 34.16
N ILE E 129 -10.08 -31.28 33.29
CA ILE E 129 -10.08 -32.06 32.06
C ILE E 129 -9.89 -31.18 30.83
N ILE E 130 -10.28 -29.91 30.86
CA ILE E 130 -10.16 -29.03 29.73
C ILE E 130 -9.17 -27.94 30.09
N ILE E 131 -7.99 -27.98 29.47
CA ILE E 131 -7.01 -26.91 29.54
C ILE E 131 -6.60 -26.56 28.12
N MET E 132 -6.80 -25.31 27.74
CA MET E 132 -6.39 -24.84 26.42
C MET E 132 -4.87 -24.70 26.36
N ASN E 133 -4.27 -25.31 25.34
CA ASN E 133 -2.84 -25.17 25.02
C ASN E 133 -1.97 -25.80 26.11
N TYR E 134 -2.45 -26.92 26.66
CA TYR E 134 -1.69 -27.61 27.70
C TYR E 134 -0.44 -28.25 27.16
N GLU E 135 -0.45 -28.68 25.89
CA GLU E 135 0.68 -29.39 25.33
C GLU E 135 1.88 -28.47 25.17
N ASP E 136 3.07 -29.05 25.33
CA ASP E 136 4.31 -28.29 25.30
C ASP E 136 4.73 -27.94 23.87
N ALA E 137 5.69 -27.03 23.76
CA ALA E 137 6.16 -26.58 22.46
C ALA E 137 6.91 -27.67 21.70
N GLU E 138 7.46 -28.66 22.42
CA GLU E 138 8.13 -29.80 21.78
C GLU E 138 7.18 -30.54 20.85
N THR E 139 6.15 -31.16 21.43
CA THR E 139 5.20 -31.95 20.66
C THR E 139 4.39 -31.10 19.71
N LYS E 140 4.09 -29.85 20.09
CA LYS E 140 3.39 -28.93 19.20
C LYS E 140 4.20 -28.66 17.93
N THR E 141 5.47 -28.31 18.11
CA THR E 141 6.33 -27.99 16.97
C THR E 141 6.53 -29.20 16.08
N ILE E 142 6.79 -30.38 16.68
CA ILE E 142 6.96 -31.59 15.89
C ILE E 142 5.66 -31.97 15.17
N ARG E 143 4.51 -31.71 15.79
CA ARG E 143 3.24 -32.08 15.19
C ARG E 143 2.90 -31.19 13.98
N GLU E 144 3.07 -29.87 14.11
CA GLU E 144 2.81 -29.04 12.93
C GLU E 144 3.89 -29.16 11.87
N LEU E 145 5.11 -29.58 12.22
CA LEU E 145 6.08 -29.83 11.16
C LEU E 145 5.83 -31.16 10.46
N ASN E 146 5.31 -32.16 11.19
CA ASN E 146 4.99 -33.43 10.56
C ASN E 146 3.72 -33.32 9.71
N ASP E 147 2.73 -32.56 10.18
CA ASP E 147 1.49 -32.42 9.43
C ASP E 147 1.69 -31.55 8.20
N GLY E 148 2.50 -30.51 8.30
CA GLY E 148 2.74 -29.62 7.18
C GLY E 148 3.76 -30.08 6.18
N PHE E 149 4.42 -31.22 6.42
CA PHE E 149 5.42 -31.72 5.49
C PHE E 149 4.74 -32.32 4.25
N GLY E 150 5.28 -31.99 3.08
CA GLY E 150 4.76 -32.52 1.84
C GLY E 150 3.49 -31.86 1.35
N ARG E 151 2.93 -30.93 2.11
CA ARG E 151 1.70 -30.23 1.76
C ARG E 151 2.05 -28.78 1.52
N ARG E 152 1.41 -28.17 0.52
CA ARG E 152 1.67 -26.76 0.22
C ARG E 152 0.45 -25.88 0.44
N PHE E 153 -0.61 -26.39 1.05
CA PHE E 153 -1.77 -25.56 1.36
C PHE E 153 -2.25 -25.80 2.78
N LYS E 154 -2.58 -24.71 3.47
CA LYS E 154 -3.11 -24.74 4.82
C LYS E 154 -4.49 -24.11 4.84
N VAL E 155 -5.46 -24.82 5.39
CA VAL E 155 -6.86 -24.39 5.39
C VAL E 155 -7.24 -24.05 6.81
N ASN E 156 -7.73 -22.83 7.03
CA ASN E 156 -8.23 -22.41 8.33
C ASN E 156 -9.72 -22.11 8.18
N ALA E 157 -10.56 -22.97 8.76
CA ALA E 157 -12.00 -22.83 8.66
C ALA E 157 -12.60 -22.83 10.06
N ASP E 158 -13.38 -21.81 10.37
CA ASP E 158 -13.97 -21.67 11.70
C ASP E 158 -15.46 -21.95 11.64
N ILE E 159 -15.95 -22.73 12.61
CA ILE E 159 -17.38 -22.89 12.77
C ILE E 159 -17.96 -21.58 13.29
N SER E 160 -19.05 -21.13 12.67
CA SER E 160 -19.62 -19.83 12.99
C SER E 160 -20.23 -19.81 14.39
N GLY E 161 -21.05 -20.81 14.69
CA GLY E 161 -21.84 -20.79 15.91
C GLY E 161 -21.69 -21.99 16.81
N CYS E 162 -20.45 -22.47 17.00
CA CYS E 162 -20.21 -23.70 17.76
C CYS E 162 -20.68 -23.56 19.21
N PHE E 163 -20.66 -22.35 19.76
CA PHE E 163 -21.22 -22.10 21.07
C PHE E 163 -22.60 -21.47 21.03
N THR E 164 -22.88 -20.64 20.02
CA THR E 164 -24.06 -19.80 20.07
C THR E 164 -25.26 -20.39 19.34
N ASN E 165 -25.04 -21.29 18.39
CA ASN E 165 -26.17 -21.90 17.67
C ASN E 165 -25.93 -23.37 17.40
N ILE E 166 -25.29 -24.05 18.35
CA ILE E 166 -25.17 -25.50 18.26
C ILE E 166 -26.53 -26.11 18.61
N TYR E 167 -26.88 -27.19 17.91
CA TYR E 167 -28.21 -27.78 18.06
C TYR E 167 -28.17 -28.86 19.12
N SER E 168 -28.93 -28.66 20.20
CA SER E 168 -28.98 -29.64 21.27
C SER E 168 -29.62 -30.94 20.82
N HIS E 169 -30.67 -30.85 19.98
CA HIS E 169 -31.30 -32.04 19.42
C HIS E 169 -30.38 -32.80 18.46
N SER E 170 -29.27 -32.20 18.03
CA SER E 170 -28.28 -32.92 17.25
C SER E 170 -27.31 -33.72 18.12
N ILE E 171 -27.44 -33.66 19.45
CA ILE E 171 -26.63 -34.52 20.31
C ILE E 171 -26.88 -36.01 20.05
N PRO E 172 -28.13 -36.50 19.94
CA PRO E 172 -28.28 -37.89 19.48
C PRO E 172 -27.77 -38.13 18.07
N TRP E 173 -27.89 -37.14 17.17
CA TRP E 173 -27.54 -37.34 15.77
C TRP E 173 -26.05 -37.61 15.60
N ALA E 174 -25.22 -37.05 16.47
CA ALA E 174 -23.79 -37.33 16.42
C ALA E 174 -23.47 -38.71 16.98
N VAL E 175 -24.31 -39.22 17.88
CA VAL E 175 -23.98 -40.46 18.58
C VAL E 175 -24.38 -41.68 17.74
N ILE E 176 -25.67 -41.79 17.43
CA ILE E 176 -26.21 -42.96 16.76
C ILE E 176 -26.53 -42.71 15.30
N GLY E 177 -26.22 -41.53 14.78
CA GLY E 177 -26.60 -41.17 13.43
C GLY E 177 -27.86 -40.33 13.41
N VAL E 178 -27.99 -39.51 12.37
CA VAL E 178 -29.15 -38.63 12.25
C VAL E 178 -30.42 -39.44 11.98
N ASN E 179 -30.34 -40.36 11.01
CA ASN E 179 -31.49 -41.15 10.62
C ASN E 179 -31.95 -42.08 11.73
N ASN E 180 -31.00 -42.74 12.41
CA ASN E 180 -31.35 -43.66 13.49
C ASN E 180 -31.95 -42.93 14.68
N ALA E 181 -31.46 -41.72 14.97
CA ALA E 181 -32.07 -40.91 16.03
C ALA E 181 -33.46 -40.44 15.63
N LYS E 182 -33.68 -40.16 14.34
CA LYS E 182 -35.02 -39.79 13.90
C LYS E 182 -36.01 -40.96 13.97
N ILE E 183 -35.55 -42.16 13.62
CA ILE E 183 -36.42 -43.34 13.75
C ILE E 183 -36.68 -43.66 15.23
N ALA E 184 -35.66 -43.50 16.08
CA ALA E 184 -35.78 -43.86 17.49
C ALA E 184 -36.83 -43.03 18.22
N LEU E 185 -37.09 -41.81 17.76
CA LEU E 185 -38.15 -41.00 18.34
C LEU E 185 -39.49 -41.29 17.66
N LYS E 194 -34.92 -44.57 27.81
CA LYS E 194 -34.51 -43.91 26.58
C LYS E 194 -32.99 -43.81 26.48
N HIS E 195 -32.50 -43.36 25.33
CA HIS E 195 -31.06 -43.28 25.10
C HIS E 195 -30.43 -42.19 25.95
N TRP E 196 -29.14 -42.38 26.25
CA TRP E 196 -28.44 -41.41 27.08
C TRP E 196 -28.20 -40.10 26.35
N SER E 197 -28.10 -40.13 25.02
CA SER E 197 -27.84 -38.91 24.26
C SER E 197 -29.05 -37.98 24.31
N ASP E 198 -30.27 -38.52 24.29
CA ASP E 198 -31.46 -37.69 24.39
C ASP E 198 -31.56 -37.04 25.76
N LYS E 199 -31.20 -37.79 26.81
CA LYS E 199 -31.20 -37.21 28.15
C LYS E 199 -30.11 -36.17 28.31
N LEU E 200 -28.95 -36.39 27.67
CA LEU E 200 -27.90 -35.38 27.65
C LEU E 200 -28.37 -34.11 26.94
N ASP E 201 -29.10 -34.28 25.83
CA ASP E 201 -29.73 -33.16 25.15
C ASP E 201 -30.68 -32.42 26.08
N TYR E 202 -31.50 -33.17 26.83
CA TYR E 202 -32.46 -32.55 27.74
C TYR E 202 -31.77 -31.77 28.85
N PHE E 203 -30.72 -32.35 29.44
CA PHE E 203 -30.03 -31.66 30.53
C PHE E 203 -29.23 -30.47 30.02
N GLN E 204 -28.66 -30.57 28.82
CA GLN E 204 -27.98 -29.43 28.23
C GLN E 204 -28.96 -28.31 27.92
N ARG E 205 -30.18 -28.65 27.50
CA ARG E 205 -31.21 -27.63 27.34
C ARG E 205 -31.59 -27.01 28.69
N GLN E 206 -31.76 -27.84 29.73
CA GLN E 206 -32.11 -27.33 31.05
C GLN E 206 -31.01 -26.43 31.62
N ALA E 207 -29.76 -26.62 31.17
CA ALA E 207 -28.67 -25.76 31.60
C ALA E 207 -28.89 -24.31 31.18
N LYS E 208 -29.51 -24.07 30.02
CA LYS E 208 -29.78 -22.71 29.54
C LYS E 208 -31.25 -22.59 29.11
N ARG E 209 -32.12 -22.35 30.10
CA ARG E 209 -33.48 -21.83 29.90
C ARG E 209 -34.35 -22.71 29.00
N ASN E 210 -34.05 -24.01 28.94
CA ASN E 210 -34.76 -24.97 28.08
C ASN E 210 -34.76 -24.52 26.62
N GLU E 211 -33.60 -24.05 26.16
CA GLU E 211 -33.43 -23.54 24.82
C GLU E 211 -32.65 -24.55 23.98
N THR E 212 -33.15 -24.82 22.78
CA THR E 212 -32.60 -25.87 21.94
C THR E 212 -31.29 -25.48 21.27
N HIS E 213 -30.95 -24.19 21.26
CA HIS E 213 -29.77 -23.71 20.56
C HIS E 213 -28.82 -23.03 21.54
N GLY E 214 -27.54 -23.37 21.43
CA GLY E 214 -26.51 -22.71 22.21
C GLY E 214 -26.08 -23.51 23.42
N VAL E 215 -24.83 -23.33 23.82
CA VAL E 215 -24.30 -23.96 25.03
C VAL E 215 -23.57 -22.89 25.84
N PRO E 216 -23.54 -23.00 27.17
CA PRO E 216 -22.80 -22.04 27.98
C PRO E 216 -21.30 -22.20 27.80
N ILE E 217 -20.62 -21.10 27.51
CA ILE E 217 -19.18 -21.14 27.30
C ILE E 217 -18.47 -21.10 28.65
N GLY E 218 -17.48 -21.97 28.83
CA GLY E 218 -16.69 -21.99 30.04
C GLY E 218 -16.69 -23.27 30.86
N PRO E 219 -17.86 -23.87 31.13
CA PRO E 219 -17.84 -25.18 31.76
C PRO E 219 -17.39 -26.27 30.81
N ALA E 220 -16.86 -27.35 31.39
CA ALA E 220 -16.38 -28.46 30.58
C ALA E 220 -17.51 -29.37 30.11
N THR E 221 -18.70 -29.25 30.69
CA THR E 221 -19.84 -30.04 30.21
C THR E 221 -20.23 -29.65 28.80
N SER E 222 -20.29 -28.34 28.53
CA SER E 222 -20.59 -27.88 27.19
C SER E 222 -19.45 -28.15 26.23
N SER E 223 -18.21 -28.13 26.72
CA SER E 223 -17.07 -28.53 25.90
C SER E 223 -17.17 -30.01 25.53
N ILE E 224 -17.61 -30.84 26.47
CA ILE E 224 -17.82 -32.26 26.20
C ILE E 224 -18.94 -32.45 25.18
N VAL E 225 -20.01 -31.66 25.30
CA VAL E 225 -21.12 -31.74 24.33
C VAL E 225 -20.65 -31.33 22.94
N CYS E 226 -19.87 -30.25 22.85
CA CYS E 226 -19.33 -29.82 21.56
C CYS E 226 -18.38 -30.85 20.98
N GLU E 227 -17.56 -31.49 21.83
CA GLU E 227 -16.68 -32.56 21.36
C GLU E 227 -17.46 -33.76 20.86
N ILE E 228 -18.58 -34.09 21.54
CA ILE E 228 -19.43 -35.19 21.10
C ILE E 228 -20.01 -34.90 19.73
N ILE E 229 -20.50 -33.67 19.53
CA ILE E 229 -21.10 -33.29 18.26
C ILE E 229 -20.05 -33.27 17.15
N LEU E 230 -18.89 -32.67 17.42
CA LEU E 230 -17.86 -32.52 16.39
C LEU E 230 -17.02 -33.77 16.18
N SER E 231 -17.14 -34.78 17.05
CA SER E 231 -16.37 -36.00 16.86
C SER E 231 -16.85 -36.79 15.65
N ALA E 232 -18.15 -36.76 15.37
CA ALA E 232 -18.65 -37.41 14.16
C ALA E 232 -18.15 -36.72 12.89
N VAL E 233 -18.10 -35.39 12.93
CA VAL E 233 -17.55 -34.62 11.80
C VAL E 233 -16.07 -34.94 11.63
N ASP E 234 -15.34 -35.02 12.73
CA ASP E 234 -13.91 -35.36 12.67
C ASP E 234 -13.71 -36.78 12.14
N LYS E 235 -14.57 -37.72 12.55
CA LYS E 235 -14.49 -39.08 12.04
C LYS E 235 -14.77 -39.15 10.54
N ARG E 236 -15.77 -38.40 10.08
CA ARG E 236 -16.09 -38.40 8.65
C ARG E 236 -14.98 -37.75 7.83
N LEU E 237 -14.35 -36.69 8.35
CA LEU E 237 -13.22 -36.09 7.66
C LEU E 237 -11.98 -36.99 7.72
N ARG E 238 -11.82 -37.74 8.80
CA ARG E 238 -10.66 -38.62 8.95
C ARG E 238 -10.77 -39.84 8.04
N ASP E 239 -11.98 -40.37 7.86
CA ASP E 239 -12.18 -41.53 7.01
C ASP E 239 -11.96 -41.22 5.54
N ASP E 240 -11.99 -39.95 5.15
CA ASP E 240 -11.69 -39.55 3.78
C ASP E 240 -10.21 -39.26 3.56
N GLY E 241 -9.37 -39.49 4.56
CA GLY E 241 -7.94 -39.33 4.41
C GLY E 241 -7.40 -37.93 4.64
N PHE E 242 -8.20 -37.03 5.22
CA PHE E 242 -7.75 -35.67 5.44
C PHE E 242 -6.88 -35.58 6.68
N LEU E 243 -5.77 -34.83 6.56
CA LEU E 243 -4.88 -34.54 7.68
C LEU E 243 -5.27 -33.16 8.20
N PHE E 244 -5.86 -33.12 9.40
CA PHE E 244 -6.40 -31.89 9.94
C PHE E 244 -6.33 -31.93 11.46
N ARG E 245 -6.37 -30.75 12.06
CA ARG E 245 -6.34 -30.57 13.50
C ARG E 245 -7.46 -29.62 13.88
N ARG E 246 -8.20 -29.94 14.93
CA ARG E 246 -9.30 -29.08 15.37
C ARG E 246 -8.99 -28.56 16.77
N TYR E 247 -8.99 -27.24 16.91
CA TYR E 247 -8.90 -26.56 18.20
C TYR E 247 -10.26 -25.93 18.45
N ILE E 248 -11.04 -26.52 19.37
CA ILE E 248 -12.43 -26.14 19.65
C ILE E 248 -13.23 -26.16 18.35
N ASP E 249 -13.44 -24.98 17.76
CA ASP E 249 -14.23 -24.82 16.55
C ASP E 249 -13.39 -24.56 15.31
N ASP E 250 -12.07 -24.39 15.45
CA ASP E 250 -11.21 -24.00 14.35
C ASP E 250 -10.54 -25.23 13.75
N TYR E 251 -10.72 -25.41 12.45
CA TYR E 251 -10.15 -26.51 11.70
C TYR E 251 -8.94 -26.01 10.92
N THR E 252 -7.83 -26.73 11.03
CA THR E 252 -6.63 -26.44 10.26
C THR E 252 -6.23 -27.70 9.52
N CYS E 253 -6.35 -27.67 8.20
CA CYS E 253 -6.10 -28.85 7.38
C CYS E 253 -4.88 -28.61 6.50
N TYR E 254 -4.09 -29.66 6.30
CA TYR E 254 -2.88 -29.57 5.48
C TYR E 254 -3.10 -30.39 4.22
N CYS E 255 -3.00 -29.73 3.06
CA CYS E 255 -3.38 -30.33 1.79
C CYS E 255 -2.23 -30.22 0.79
N LYS E 256 -2.03 -31.32 0.05
CA LYS E 256 -1.02 -31.38 -0.99
C LYS E 256 -1.35 -30.45 -2.15
N THR E 257 -2.62 -30.38 -2.53
CA THR E 257 -3.06 -29.59 -3.67
C THR E 257 -4.21 -28.69 -3.23
N HIS E 258 -4.53 -27.72 -4.10
CA HIS E 258 -5.53 -26.72 -3.75
C HIS E 258 -6.95 -27.27 -3.85
N ASP E 259 -7.21 -28.17 -4.80
CA ASP E 259 -8.51 -28.83 -4.86
C ASP E 259 -8.76 -29.69 -3.64
N ASP E 260 -7.70 -30.23 -3.04
CA ASP E 260 -7.85 -30.96 -1.79
C ASP E 260 -8.30 -30.02 -0.68
N ALA E 261 -7.81 -28.79 -0.69
CA ALA E 261 -8.29 -27.78 0.25
C ALA E 261 -9.75 -27.46 0.02
N LYS E 262 -10.14 -27.27 -1.25
CA LYS E 262 -11.54 -26.98 -1.56
C LYS E 262 -12.44 -28.17 -1.24
N GLU E 263 -11.96 -29.39 -1.45
CA GLU E 263 -12.73 -30.58 -1.16
C GLU E 263 -12.88 -30.79 0.35
N PHE E 264 -11.83 -30.46 1.11
CA PHE E 264 -11.94 -30.46 2.57
C PHE E 264 -12.98 -29.45 3.03
N LEU E 265 -12.95 -28.24 2.45
CA LEU E 265 -13.92 -27.21 2.81
C LEU E 265 -15.34 -27.66 2.49
N HIS E 266 -15.53 -28.27 1.31
CA HIS E 266 -16.85 -28.75 0.91
C HIS E 266 -17.35 -29.87 1.81
N LEU E 267 -16.50 -30.86 2.08
CA LEU E 267 -16.90 -31.99 2.91
C LEU E 267 -17.16 -31.56 4.35
N LEU E 268 -16.35 -30.63 4.86
CA LEU E 268 -16.59 -30.06 6.17
C LEU E 268 -17.89 -29.28 6.20
N GLY E 269 -18.23 -28.60 5.10
CA GLY E 269 -19.52 -27.93 5.02
C GLY E 269 -20.69 -28.88 5.08
N MET E 270 -20.63 -29.98 4.32
CA MET E 270 -21.70 -30.98 4.39
C MET E 270 -21.79 -31.63 5.76
N GLU E 271 -20.63 -31.95 6.37
CA GLU E 271 -20.64 -32.59 7.67
C GLU E 271 -21.15 -31.65 8.77
N LEU E 272 -20.87 -30.36 8.66
CA LEU E 272 -21.41 -29.41 9.63
C LEU E 272 -22.89 -29.17 9.40
N SER E 273 -23.31 -29.11 8.13
CA SER E 273 -24.72 -28.92 7.81
C SER E 273 -25.56 -30.13 8.17
N LYS E 274 -24.94 -31.31 8.27
CA LYS E 274 -25.66 -32.47 8.77
C LYS E 274 -26.12 -32.29 10.21
N TYR E 275 -25.37 -31.53 11.01
CA TYR E 275 -25.72 -31.26 12.40
C TYR E 275 -26.11 -29.80 12.61
N LYS E 276 -26.66 -29.17 11.57
CA LYS E 276 -27.18 -27.79 11.61
C LYS E 276 -26.11 -26.78 12.03
N LEU E 277 -24.89 -27.00 11.58
CA LEU E 277 -23.80 -26.07 11.78
C LEU E 277 -23.31 -25.55 10.44
N SER E 278 -22.61 -24.41 10.48
CA SER E 278 -22.10 -23.80 9.26
C SER E 278 -20.73 -23.21 9.52
N LEU E 279 -19.91 -23.19 8.47
CA LEU E 279 -18.62 -22.54 8.54
C LEU E 279 -18.79 -21.03 8.58
N ASN E 280 -17.87 -20.36 9.28
CA ASN E 280 -17.80 -18.90 9.26
C ASN E 280 -17.13 -18.54 7.94
N LEU E 281 -17.93 -18.09 6.97
CA LEU E 281 -17.42 -17.82 5.64
C LEU E 281 -16.46 -16.64 5.59
N HIS E 282 -16.51 -15.76 6.58
CA HIS E 282 -15.53 -14.67 6.65
C HIS E 282 -14.18 -15.19 7.13
N LYS E 283 -14.19 -16.17 8.03
CA LYS E 283 -12.95 -16.58 8.70
C LYS E 283 -12.15 -17.61 7.91
N THR E 284 -12.79 -18.37 7.03
CA THR E 284 -12.09 -19.43 6.31
C THR E 284 -11.12 -18.84 5.29
N LYS E 285 -9.92 -19.41 5.22
CA LYS E 285 -8.91 -18.94 4.30
C LYS E 285 -7.97 -20.09 3.95
N ILE E 286 -7.29 -19.94 2.82
CA ILE E 286 -6.33 -20.91 2.32
C ILE E 286 -5.02 -20.19 2.12
N THR E 287 -3.99 -20.62 2.85
CA THR E 287 -2.66 -20.02 2.78
C THR E 287 -1.67 -21.01 2.19
N ASN E 288 -0.53 -20.47 1.76
CA ASN E 288 0.50 -21.27 1.11
C ASN E 288 1.51 -21.75 2.14
N LEU E 289 1.68 -23.06 2.23
CA LEU E 289 2.76 -23.59 3.04
C LEU E 289 4.08 -23.45 2.27
N PRO E 290 5.19 -23.15 2.94
CA PRO E 290 5.36 -23.01 4.39
C PRO E 290 4.98 -21.61 4.90
N GLY E 291 4.11 -21.55 5.88
CA GLY E 291 3.84 -20.29 6.55
C GLY E 291 4.72 -20.18 7.77
N THR E 292 4.11 -19.95 8.93
CA THR E 292 4.81 -19.99 10.19
C THR E 292 4.08 -20.96 11.11
N LEU E 293 4.84 -21.57 12.04
CA LEU E 293 4.25 -22.52 12.97
C LEU E 293 3.23 -21.85 13.88
N ASN E 294 3.56 -20.66 14.37
CA ASN E 294 2.63 -19.80 15.07
C ASN E 294 2.15 -18.71 14.12
N ASP E 295 1.47 -17.72 14.66
CA ASP E 295 1.16 -16.54 13.85
C ASP E 295 2.42 -15.73 13.59
N ASN E 296 2.33 -14.85 12.59
CA ASN E 296 3.49 -14.06 12.19
C ASN E 296 3.91 -13.07 13.27
N TRP E 297 2.93 -12.49 13.99
CA TRP E 297 3.25 -11.55 15.05
C TRP E 297 3.93 -12.23 16.21
N VAL E 298 3.68 -13.53 16.41
CA VAL E 298 4.33 -14.28 17.48
C VAL E 298 5.83 -14.35 17.25
N SER E 299 6.24 -14.70 16.03
CA SER E 299 7.64 -14.72 15.68
C SER E 299 8.25 -13.32 15.65
N LEU E 300 7.45 -12.32 15.25
CA LEU E 300 7.93 -10.94 15.29
C LEU E 300 8.20 -10.48 16.72
N LEU E 301 7.34 -10.90 17.67
CA LEU E 301 7.53 -10.55 19.06
C LEU E 301 8.71 -11.29 19.67
N ASN E 302 8.82 -12.59 19.41
CA ASN E 302 9.87 -13.39 20.03
C ASN E 302 11.23 -13.06 19.45
N VAL E 303 11.30 -12.71 18.17
CA VAL E 303 12.58 -12.33 17.57
C VAL E 303 13.02 -10.96 18.04
N ASN E 304 12.11 -10.15 18.59
CA ASN E 304 12.44 -8.85 19.15
C ASN E 304 12.36 -8.84 20.67
N SER E 305 12.18 -9.99 21.30
CA SER E 305 12.04 -10.05 22.75
C SER E 305 13.38 -9.78 23.43
N PRO E 306 13.43 -8.89 24.42
CA PRO E 306 14.70 -8.68 25.14
C PRO E 306 15.07 -9.84 26.06
N THR E 307 14.11 -10.71 26.39
CA THR E 307 14.32 -11.83 27.29
C THR E 307 14.45 -13.17 26.58
N LYS E 308 14.58 -13.15 25.25
CA LYS E 308 14.49 -14.36 24.44
C LYS E 308 15.62 -15.35 24.70
N LYS E 309 16.74 -14.92 25.28
CA LYS E 309 17.87 -15.79 25.54
C LYS E 309 18.10 -15.92 27.04
N ARG E 310 18.18 -17.16 27.52
CA ARG E 310 18.52 -17.42 28.91
C ARG E 310 20.02 -17.34 29.11
N PHE E 311 20.42 -16.93 30.32
CA PHE E 311 21.83 -16.78 30.65
C PHE E 311 22.29 -17.67 31.79
N THR E 312 21.37 -18.37 32.46
CA THR E 312 21.55 -19.29 33.59
C THR E 312 22.03 -18.59 34.86
N ASP E 313 22.22 -17.27 34.86
CA ASP E 313 22.41 -16.50 36.08
C ASP E 313 21.34 -15.42 36.12
N GLN E 314 20.71 -15.26 37.28
CA GLN E 314 19.48 -14.46 37.36
C GLN E 314 19.77 -12.96 37.20
N ASP E 315 20.96 -12.50 37.57
CA ASP E 315 21.28 -11.08 37.44
C ASP E 315 21.43 -10.67 35.98
N LEU E 316 21.86 -11.59 35.12
CA LEU E 316 22.08 -11.23 33.72
C LEU E 316 20.76 -11.04 32.98
N ASN E 317 19.80 -11.93 33.17
CA ASN E 317 18.52 -11.83 32.48
C ASN E 317 17.50 -11.06 33.32
N LYS E 318 17.92 -9.88 33.77
CA LYS E 318 17.03 -8.89 34.36
C LYS E 318 16.97 -7.70 33.42
N LEU E 319 15.78 -7.41 32.92
CA LEU E 319 15.62 -6.42 31.88
C LEU E 319 15.72 -5.01 32.46
N SER E 320 16.30 -4.10 31.68
CA SER E 320 16.40 -2.71 32.08
C SER E 320 15.10 -1.98 31.75
N SER E 321 15.05 -0.68 32.09
CA SER E 321 13.85 0.10 31.83
C SER E 321 13.68 0.36 30.34
N SER E 322 14.76 0.73 29.65
CA SER E 322 14.69 1.04 28.23
C SER E 322 14.28 -0.18 27.42
N GLU E 323 14.78 -1.35 27.79
CA GLU E 323 14.47 -2.59 27.06
C GLU E 323 12.97 -2.90 27.12
N VAL E 324 12.40 -2.91 28.31
CA VAL E 324 10.99 -3.28 28.46
C VAL E 324 10.09 -2.18 27.89
N ILE E 325 10.43 -0.92 28.14
CA ILE E 325 9.59 0.18 27.64
C ILE E 325 9.58 0.20 26.11
N ASN E 326 10.74 0.02 25.49
CA ASN E 326 10.78 0.01 24.02
C ASN E 326 10.15 -1.26 23.45
N PHE E 327 10.28 -2.40 24.13
CA PHE E 327 9.63 -3.61 23.66
C PHE E 327 8.11 -3.50 23.75
N LEU E 328 7.60 -2.89 24.81
CA LEU E 328 6.15 -2.69 24.92
C LEU E 328 5.66 -1.65 23.92
N ASP E 329 6.46 -0.63 23.62
CA ASP E 329 6.10 0.31 22.57
C ASP E 329 6.04 -0.39 21.21
N TYR E 330 7.02 -1.26 20.94
CA TYR E 330 6.98 -2.06 19.72
C TYR E 330 5.82 -3.03 19.71
N ALA E 331 5.43 -3.53 20.88
CA ALA E 331 4.27 -4.41 20.97
C ALA E 331 2.98 -3.66 20.66
N VAL E 332 2.86 -2.42 21.13
CA VAL E 332 1.70 -1.60 20.79
C VAL E 332 1.70 -1.29 19.29
N GLN E 333 2.89 -1.03 18.72
CA GLN E 333 3.02 -0.85 17.28
C GLN E 333 2.55 -2.09 16.51
N LEU E 334 2.93 -3.27 16.98
CA LEU E 334 2.52 -4.51 16.31
C LEU E 334 1.03 -4.77 16.49
N ASN E 335 0.47 -4.42 17.65
CA ASN E 335 -0.95 -4.59 17.88
C ASN E 335 -1.78 -3.67 16.99
N THR E 336 -1.31 -2.44 16.80
CA THR E 336 -2.00 -1.52 15.90
C THR E 336 -1.84 -1.95 14.45
N GLN E 337 -0.61 -2.29 14.05
CA GLN E 337 -0.31 -2.55 12.64
C GLN E 337 -0.86 -3.90 12.19
N VAL E 338 -0.70 -4.94 13.00
CA VAL E 338 -1.10 -6.28 12.59
C VAL E 338 -2.45 -6.63 13.21
N GLY E 339 -2.50 -6.68 14.54
CA GLY E 339 -3.74 -7.00 15.23
C GLY E 339 -4.28 -8.38 14.97
N GLY E 340 -3.41 -9.34 14.69
CA GLY E 340 -3.84 -10.70 14.39
C GLY E 340 -4.10 -11.59 15.58
N GLY E 341 -3.91 -11.08 16.79
CA GLY E 341 -4.10 -11.90 17.96
C GLY E 341 -3.79 -11.11 19.22
N SER E 342 -3.59 -11.85 20.32
CA SER E 342 -3.31 -11.24 21.61
C SER E 342 -1.82 -10.88 21.68
N ILE E 343 -1.47 -9.82 20.96
CA ILE E 343 -0.08 -9.39 20.85
C ILE E 343 0.41 -8.79 22.17
N LEU E 344 -0.42 -7.92 22.77
CA LEU E 344 -0.02 -7.23 23.98
C LEU E 344 0.11 -8.18 25.16
N LYS E 345 -0.83 -9.12 25.29
CA LYS E 345 -0.76 -10.11 26.36
C LYS E 345 0.47 -11.00 26.21
N TYR E 346 0.79 -11.38 24.97
CA TYR E 346 1.99 -12.18 24.71
C TYR E 346 3.25 -11.44 25.11
N ALA E 347 3.37 -10.18 24.71
CA ALA E 347 4.58 -9.42 25.02
C ALA E 347 4.69 -9.13 26.51
N ILE E 348 3.57 -8.84 27.17
CA ILE E 348 3.58 -8.58 28.60
C ILE E 348 4.01 -9.83 29.35
N SER E 349 3.45 -10.99 28.99
CA SER E 349 3.90 -12.24 29.59
C SER E 349 5.34 -12.58 29.26
N LEU E 350 5.86 -12.07 28.14
CA LEU E 350 7.30 -12.19 27.88
C LEU E 350 8.11 -11.40 28.89
N VAL E 351 7.70 -10.16 29.21
CA VAL E 351 8.58 -9.29 30.00
C VAL E 351 8.20 -9.16 31.47
N ILE E 352 7.07 -9.72 31.91
CA ILE E 352 6.61 -9.41 33.27
C ILE E 352 7.37 -10.20 34.33
N ASN E 353 8.05 -11.29 33.98
CA ASN E 353 8.71 -12.12 34.97
C ASN E 353 10.22 -11.90 35.04
N ASN E 354 10.75 -10.95 34.26
CA ASN E 354 12.18 -10.66 34.24
C ASN E 354 12.44 -9.21 34.60
N LEU E 355 11.64 -8.67 35.51
CA LEU E 355 11.73 -7.28 35.92
C LEU E 355 12.57 -7.15 37.18
N ASP E 356 13.39 -6.10 37.25
CA ASP E 356 14.14 -5.74 38.44
C ASP E 356 13.38 -4.63 39.19
N GLU E 357 13.86 -4.36 40.41
CA GLU E 357 13.12 -3.48 41.30
C GLU E 357 13.25 -2.01 40.93
N TYR E 358 14.20 -1.65 40.07
CA TYR E 358 14.26 -0.27 39.59
C TYR E 358 13.13 0.05 38.62
N THR E 359 12.70 -0.93 37.82
CA THR E 359 11.79 -0.68 36.72
C THR E 359 10.36 -1.11 37.01
N ILE E 360 10.03 -1.42 38.26
CA ILE E 360 8.68 -1.89 38.58
C ILE E 360 7.65 -0.79 38.36
N THR E 361 7.98 0.44 38.75
CA THR E 361 7.03 1.56 38.63
C THR E 361 6.73 1.90 37.18
N GLN E 362 7.75 1.91 36.32
CA GLN E 362 7.55 2.25 34.91
C GLN E 362 6.67 1.22 34.22
N VAL E 363 7.00 -0.06 34.37
CA VAL E 363 6.23 -1.12 33.74
C VAL E 363 4.84 -1.19 34.34
N TYR E 364 4.70 -0.93 35.64
CA TYR E 364 3.37 -0.97 36.26
C TYR E 364 2.49 0.16 35.76
N ASP E 365 3.04 1.36 35.57
CA ASP E 365 2.26 2.45 35.01
C ASP E 365 1.91 2.19 33.55
N TYR E 366 2.84 1.58 32.80
CA TYR E 366 2.55 1.20 31.42
C TYR E 366 1.44 0.16 31.36
N LEU E 367 1.49 -0.82 32.27
CA LEU E 367 0.43 -1.82 32.36
C LEU E 367 -0.89 -1.22 32.78
N LEU E 368 -0.85 -0.21 33.66
CA LEU E 368 -2.07 0.48 34.06
C LEU E 368 -2.72 1.19 32.88
N ASN E 369 -1.91 1.86 32.06
CA ASN E 369 -2.43 2.54 30.87
C ASN E 369 -3.00 1.53 29.86
N LEU E 370 -2.22 0.47 29.57
CA LEU E 370 -2.66 -0.54 28.62
C LEU E 370 -3.88 -1.30 29.13
N SER E 371 -3.98 -1.48 30.44
CA SER E 371 -5.10 -2.17 31.04
C SER E 371 -6.35 -1.31 31.07
N TRP E 372 -6.19 0.01 31.19
CA TRP E 372 -7.32 0.90 30.97
C TRP E 372 -7.79 0.81 29.52
N HIS E 373 -6.85 0.75 28.57
CA HIS E 373 -7.26 0.63 27.18
C HIS E 373 -7.71 -0.78 26.82
N TYR E 374 -7.10 -1.80 27.41
CA TYR E 374 -7.43 -3.20 27.13
C TYR E 374 -7.65 -3.94 28.44
N PRO E 375 -8.89 -4.21 28.83
CA PRO E 375 -9.13 -4.83 30.15
C PRO E 375 -8.58 -6.23 30.31
N MET E 376 -8.29 -6.94 29.22
CA MET E 376 -7.73 -8.28 29.32
C MET E 376 -6.32 -8.29 29.90
N LEU E 377 -5.64 -7.15 29.88
CA LEU E 377 -4.33 -7.00 30.52
C LEU E 377 -4.44 -6.65 31.99
N ILE E 378 -5.66 -6.48 32.51
CA ILE E 378 -5.83 -6.18 33.93
C ILE E 378 -5.28 -7.25 34.87
N PRO E 379 -5.46 -8.57 34.64
CA PRO E 379 -4.89 -9.54 35.59
C PRO E 379 -3.38 -9.47 35.79
N TYR E 380 -2.63 -8.98 34.80
CA TYR E 380 -1.19 -8.83 34.94
C TYR E 380 -0.81 -7.81 36.01
N LEU E 381 -1.72 -6.89 36.35
CA LEU E 381 -1.49 -5.98 37.46
C LEU E 381 -1.32 -6.72 38.78
N GLY E 382 -1.88 -7.92 38.89
CA GLY E 382 -1.67 -8.73 40.07
C GLY E 382 -0.29 -9.35 40.16
N VAL E 383 0.47 -9.35 39.06
CA VAL E 383 1.82 -9.90 39.11
C VAL E 383 2.73 -8.99 39.92
N LEU E 384 2.64 -7.67 39.70
CA LEU E 384 3.47 -6.69 40.39
C LEU E 384 2.68 -5.87 41.40
N ILE E 385 1.60 -6.45 41.94
CA ILE E 385 0.78 -5.74 42.90
C ILE E 385 1.45 -5.63 44.27
N GLU E 386 2.45 -6.47 44.56
CA GLU E 386 3.11 -6.41 45.86
C GLU E 386 4.22 -5.37 45.87
N HIS E 387 4.98 -5.27 44.77
CA HIS E 387 6.17 -4.43 44.75
C HIS E 387 5.82 -2.94 44.68
N VAL E 388 4.62 -2.62 44.20
CA VAL E 388 4.23 -1.23 44.00
C VAL E 388 3.68 -0.68 45.31
N TYR E 389 4.19 0.47 45.74
CA TYR E 389 3.72 1.13 46.95
C TYR E 389 2.34 1.71 46.68
N LEU E 390 1.31 0.95 47.04
CA LEU E 390 -0.05 1.29 46.64
C LEU E 390 -0.64 2.43 47.48
N ASP E 391 -0.17 2.61 48.71
CA ASP E 391 -0.64 3.73 49.52
C ASP E 391 -0.26 5.06 48.89
N ASP E 392 1.04 5.34 48.83
CA ASP E 392 1.66 6.45 48.09
C ASP E 392 0.97 7.80 48.30
N GLY E 393 0.58 8.44 47.22
CA GLY E 393 -0.17 9.69 47.28
C GLY E 393 -1.53 9.57 46.63
N ASP E 394 -2.15 8.39 46.74
CA ASP E 394 -3.52 8.04 46.32
C ASP E 394 -3.70 8.05 44.80
N GLU E 395 -2.63 8.27 44.03
CA GLU E 395 -2.73 8.27 42.58
C GLU E 395 -3.11 6.90 42.04
N TYR E 396 -2.59 5.83 42.65
CA TYR E 396 -2.96 4.48 42.23
C TYR E 396 -4.41 4.18 42.53
N LYS E 397 -4.95 4.72 43.62
CA LYS E 397 -6.38 4.59 43.91
C LYS E 397 -7.22 5.24 42.83
N ASN E 398 -6.84 6.44 42.39
CA ASN E 398 -7.55 7.12 41.32
C ASN E 398 -7.45 6.34 40.01
N LYS E 399 -6.28 5.76 39.74
CA LYS E 399 -6.10 4.99 38.50
C LYS E 399 -6.95 3.72 38.52
N PHE E 400 -6.99 3.02 39.66
CA PHE E 400 -7.83 1.83 39.77
C PHE E 400 -9.31 2.16 39.67
N ASN E 401 -9.73 3.28 40.26
CA ASN E 401 -11.15 3.64 40.15
C ASN E 401 -11.51 4.13 38.75
N GLU E 402 -10.57 4.75 38.04
CA GLU E 402 -10.81 5.08 36.64
C GLU E 402 -10.90 3.83 35.79
N ILE E 403 -10.10 2.81 36.12
CA ILE E 403 -10.22 1.52 35.43
C ILE E 403 -11.58 0.89 35.72
N LEU E 404 -12.06 1.01 36.96
CA LEU E 404 -13.39 0.51 37.31
C LEU E 404 -14.49 1.26 36.56
N SER E 405 -14.32 2.57 36.40
CA SER E 405 -15.25 3.36 35.59
C SER E 405 -15.27 2.91 34.14
N MET E 406 -14.09 2.64 33.57
CA MET E 406 -14.01 2.16 32.19
C MET E 406 -14.66 0.79 32.06
N CYS E 407 -14.48 -0.06 33.06
CA CYS E 407 -15.08 -1.40 33.02
C CYS E 407 -16.60 -1.33 33.15
N ALA E 408 -17.10 -0.39 33.96
CA ALA E 408 -18.54 -0.20 34.07
C ALA E 408 -19.13 0.37 32.78
N GLU E 409 -18.40 1.29 32.13
CA GLU E 409 -18.90 1.89 30.91
C GLU E 409 -18.88 0.90 29.74
N ASN E 410 -17.79 0.13 29.61
CA ASN E 410 -17.64 -0.81 28.51
C ASN E 410 -18.37 -2.13 28.74
N LYS E 411 -18.95 -2.32 29.93
CA LYS E 411 -19.72 -3.51 30.28
C LYS E 411 -18.91 -4.79 30.13
N CYS E 412 -17.72 -4.80 30.73
CA CYS E 412 -16.85 -5.96 30.73
C CYS E 412 -16.72 -6.50 32.15
N SER E 413 -16.91 -7.81 32.31
CA SER E 413 -16.89 -8.41 33.63
C SER E 413 -15.52 -8.89 34.05
N ASP E 414 -14.65 -9.26 33.11
CA ASP E 414 -13.33 -9.77 33.48
C ASP E 414 -12.48 -8.67 34.10
N GLY E 415 -12.42 -7.51 33.46
CA GLY E 415 -11.61 -6.42 33.98
C GLY E 415 -12.15 -5.88 35.29
N MET E 416 -13.48 -5.73 35.38
CA MET E 416 -14.09 -5.26 36.62
C MET E 416 -13.88 -6.24 37.76
N ALA E 417 -14.04 -7.54 37.49
CA ALA E 417 -13.86 -8.56 38.52
C ALA E 417 -12.42 -8.61 39.01
N TRP E 418 -11.46 -8.56 38.07
CA TRP E 418 -10.05 -8.60 38.47
C TRP E 418 -9.65 -7.32 39.21
N THR E 419 -10.13 -6.16 38.76
CA THR E 419 -9.83 -4.90 39.43
C THR E 419 -10.44 -4.86 40.83
N LEU E 420 -11.68 -5.35 40.97
CA LEU E 420 -12.31 -5.40 42.28
C LEU E 420 -11.58 -6.36 43.21
N TYR E 421 -11.11 -7.48 42.65
CA TYR E 421 -10.30 -8.42 43.44
C TYR E 421 -9.02 -7.77 43.93
N PHE E 422 -8.35 -7.01 43.06
CA PHE E 422 -7.13 -6.30 43.45
C PHE E 422 -7.42 -5.24 44.52
N CYS E 423 -8.53 -4.50 44.36
CA CYS E 423 -8.85 -3.45 45.32
C CYS E 423 -9.23 -4.03 46.68
N ILE E 424 -9.97 -5.14 46.69
CA ILE E 424 -10.35 -5.76 47.95
C ILE E 424 -9.14 -6.40 48.63
N LYS E 425 -8.30 -7.11 47.86
CA LYS E 425 -7.13 -7.76 48.45
C LYS E 425 -6.11 -6.76 48.95
N ASN E 426 -5.89 -5.67 48.21
CA ASN E 426 -4.84 -4.72 48.51
C ASN E 426 -5.37 -3.47 49.21
N ASN E 427 -6.63 -3.48 49.64
CA ASN E 427 -7.24 -2.41 50.44
C ASN E 427 -7.20 -1.06 49.72
N ILE E 428 -7.45 -1.07 48.42
CA ILE E 428 -7.62 0.16 47.66
C ILE E 428 -9.06 0.63 47.83
N ASP E 429 -9.23 1.87 48.27
CA ASP E 429 -10.57 2.39 48.54
C ASP E 429 -11.32 2.65 47.24
N ILE E 430 -12.63 2.41 47.28
CA ILE E 430 -13.51 2.58 46.14
C ILE E 430 -14.53 3.66 46.50
N ASP E 431 -14.63 4.68 45.64
CA ASP E 431 -15.57 5.76 45.89
C ASP E 431 -17.01 5.28 45.68
N ASP E 432 -17.95 6.06 46.20
CA ASP E 432 -19.37 5.73 46.04
C ASP E 432 -19.80 5.92 44.59
N ASP E 433 -19.19 6.87 43.87
CA ASP E 433 -19.61 7.18 42.51
C ASP E 433 -19.39 5.99 41.58
N VAL E 434 -18.26 5.29 41.73
CA VAL E 434 -18.05 4.09 40.92
C VAL E 434 -18.85 2.90 41.44
N ILE E 435 -19.22 2.89 42.72
CA ILE E 435 -20.11 1.85 43.23
C ILE E 435 -21.49 1.96 42.59
N GLU E 436 -21.97 3.20 42.39
CA GLU E 436 -23.20 3.42 41.63
C GLU E 436 -23.10 2.83 40.22
N LYS E 437 -21.95 3.02 39.56
CA LYS E 437 -21.77 2.47 38.22
C LYS E 437 -21.70 0.95 38.23
N ILE E 438 -21.14 0.37 39.30
CA ILE E 438 -21.10 -1.09 39.39
C ILE E 438 -22.50 -1.67 39.58
N ILE E 439 -23.31 -1.03 40.43
CA ILE E 439 -24.70 -1.47 40.60
C ILE E 439 -25.48 -1.27 39.30
N CYS E 440 -25.21 -0.18 38.58
CA CYS E 440 -25.88 0.05 37.30
C CYS E 440 -25.51 -1.01 36.27
N PHE E 441 -24.23 -1.39 36.23
CA PHE E 441 -23.81 -2.50 35.38
C PHE E 441 -24.41 -3.82 35.89
N GLY E 442 -24.27 -4.09 37.18
CA GLY E 442 -24.83 -5.29 37.76
C GLY E 442 -24.20 -6.58 37.27
N ASP E 443 -22.89 -6.64 37.20
CA ASP E 443 -22.21 -7.90 36.94
C ASP E 443 -22.29 -8.79 38.19
N CYS E 444 -22.62 -10.07 37.98
CA CYS E 444 -22.88 -10.96 39.12
C CYS E 444 -21.61 -11.23 39.93
N LEU E 445 -20.47 -11.43 39.26
CA LEU E 445 -19.24 -11.72 39.99
C LEU E 445 -18.71 -10.49 40.70
N SER E 446 -18.84 -9.32 40.06
CA SER E 446 -18.45 -8.07 40.70
C SER E 446 -19.30 -7.79 41.93
N LEU E 447 -20.61 -8.08 41.84
CA LEU E 447 -21.47 -7.92 43.00
C LEU E 447 -21.20 -8.97 44.05
N CYS E 448 -20.74 -10.16 43.64
CA CYS E 448 -20.28 -11.15 44.62
C CYS E 448 -19.09 -10.64 45.40
N LEU E 449 -18.13 -10.01 44.72
CA LEU E 449 -16.97 -9.43 45.39
C LEU E 449 -17.40 -8.28 46.31
N LEU E 450 -18.31 -7.43 45.84
CA LEU E 450 -18.79 -6.32 46.65
C LEU E 450 -19.52 -6.81 47.89
N ASP E 451 -20.31 -7.88 47.75
CA ASP E 451 -20.97 -8.48 48.90
C ASP E 451 -19.97 -9.14 49.84
N SER E 452 -18.90 -9.72 49.29
CA SER E 452 -17.87 -10.31 50.13
C SER E 452 -17.02 -9.27 50.86
N SER E 453 -17.04 -8.02 50.41
CA SER E 453 -16.36 -6.98 51.18
C SER E 453 -17.20 -6.51 52.37
N ASP E 454 -18.52 -6.74 52.33
CA ASP E 454 -19.50 -6.37 53.35
C ASP E 454 -19.61 -4.88 53.64
N ILE E 455 -18.93 -4.04 52.85
CA ILE E 455 -19.03 -2.59 53.03
C ILE E 455 -20.34 -2.08 52.45
N TYR E 456 -20.77 -2.65 51.33
CA TYR E 456 -21.87 -2.14 50.52
C TYR E 456 -23.11 -3.02 50.65
N GLU E 457 -23.42 -3.43 51.88
CA GLU E 457 -24.48 -4.39 52.13
C GLU E 457 -25.86 -3.85 51.71
N GLU E 458 -26.13 -2.57 51.98
CA GLU E 458 -27.45 -2.03 51.68
C GLU E 458 -27.71 -1.89 50.19
N LYS E 459 -26.67 -1.60 49.39
CA LYS E 459 -26.87 -1.48 47.95
C LYS E 459 -27.07 -2.84 47.30
N ILE E 460 -26.30 -3.84 47.75
CA ILE E 460 -26.51 -5.20 47.27
C ILE E 460 -27.88 -5.71 47.70
N ASN E 461 -28.32 -5.33 48.90
CA ASN E 461 -29.66 -5.69 49.37
C ASN E 461 -30.74 -5.06 48.50
N ASN E 462 -30.56 -3.79 48.13
CA ASN E 462 -31.53 -3.14 47.24
C ASN E 462 -31.55 -3.80 45.86
N PHE E 463 -30.37 -4.18 45.35
CA PHE E 463 -30.30 -4.84 44.05
C PHE E 463 -31.01 -6.19 44.07
N VAL E 464 -30.73 -7.01 45.08
CA VAL E 464 -31.37 -8.32 45.14
C VAL E 464 -32.85 -8.20 45.51
N SER E 465 -33.24 -7.11 46.19
CA SER E 465 -34.66 -6.87 46.44
C SER E 465 -35.39 -6.53 45.15
N ASP E 466 -34.74 -5.76 44.27
CA ASP E 466 -35.32 -5.50 42.95
C ASP E 466 -35.44 -6.78 42.14
N ILE E 467 -34.42 -7.65 42.19
CA ILE E 467 -34.48 -8.92 41.47
C ILE E 467 -35.60 -9.80 42.01
N ILE E 468 -35.77 -9.84 43.34
CA ILE E 468 -36.82 -10.65 43.94
C ILE E 468 -38.20 -10.11 43.60
N LYS E 469 -38.37 -8.79 43.71
CA LYS E 469 -39.68 -8.20 43.44
C LYS E 469 -40.02 -8.18 41.95
N LEU E 470 -39.03 -8.38 41.07
CA LEU E 470 -39.33 -8.54 39.65
C LEU E 470 -40.06 -9.85 39.36
N ASP E 471 -39.91 -10.85 40.24
CA ASP E 471 -40.62 -12.13 40.19
C ASP E 471 -40.32 -12.93 38.92
N TYR E 472 -39.16 -12.70 38.30
CA TYR E 472 -38.74 -13.46 37.13
C TYR E 472 -37.70 -14.48 37.59
N GLU E 473 -37.97 -15.75 37.31
CA GLU E 473 -37.09 -16.83 37.77
C GLU E 473 -35.74 -16.79 37.07
N TYR E 474 -35.73 -16.41 35.78
CA TYR E 474 -34.47 -16.29 35.06
C TYR E 474 -33.63 -15.14 35.59
N ASP E 475 -34.28 -14.09 36.11
CA ASP E 475 -33.52 -12.98 36.69
C ASP E 475 -32.83 -13.41 37.97
N ILE E 476 -33.47 -14.27 38.77
CA ILE E 476 -32.82 -14.83 39.94
C ILE E 476 -31.72 -15.80 39.52
N ASP E 477 -31.94 -16.56 38.44
CA ASP E 477 -30.95 -17.50 37.96
C ASP E 477 -29.71 -16.79 37.42
N ARG E 478 -29.88 -15.58 36.87
CA ARG E 478 -28.75 -14.82 36.37
C ARG E 478 -27.86 -14.31 37.49
N TYR E 479 -28.35 -14.26 38.72
CA TYR E 479 -27.58 -13.82 39.88
C TYR E 479 -27.60 -14.86 41.00
N TRP E 480 -27.81 -16.13 40.64
CA TRP E 480 -27.79 -17.22 41.61
C TRP E 480 -26.53 -17.24 42.45
N LEU E 481 -25.38 -16.89 41.87
CA LEU E 481 -24.14 -16.93 42.65
C LEU E 481 -24.14 -15.84 43.72
N LEU E 482 -24.61 -14.63 43.38
CA LEU E 482 -24.75 -13.58 44.38
C LEU E 482 -25.76 -13.98 45.46
N PHE E 483 -26.88 -14.57 45.04
CA PHE E 483 -27.91 -14.97 45.99
C PHE E 483 -27.40 -16.08 46.92
N TYR E 484 -26.64 -17.02 46.39
CA TYR E 484 -26.09 -18.08 47.22
C TYR E 484 -24.98 -17.59 48.13
N GLN E 485 -24.18 -16.62 47.67
CA GLN E 485 -23.15 -16.06 48.54
C GLN E 485 -23.77 -15.27 49.69
N ARG E 486 -24.87 -14.57 49.42
CA ARG E 486 -25.57 -13.90 50.53
C ARG E 486 -26.29 -14.89 51.43
N PHE E 487 -26.80 -16.00 50.87
CA PHE E 487 -27.50 -16.99 51.67
C PHE E 487 -26.54 -17.78 52.54
N PHE E 488 -25.34 -18.06 52.03
CA PHE E 488 -24.37 -18.88 52.74
C PHE E 488 -23.77 -18.14 53.93
N LYS E 489 -23.64 -16.82 53.82
CA LYS E 489 -23.17 -15.99 54.93
C LYS E 489 -24.32 -15.49 55.79
N ASP E 490 -25.52 -16.03 55.60
CA ASP E 490 -26.72 -15.70 56.38
C ASP E 490 -27.08 -14.22 56.29
N LYS E 491 -26.82 -13.60 55.14
CA LYS E 491 -27.20 -12.21 54.91
C LYS E 491 -28.54 -12.07 54.20
N ALA E 492 -29.07 -13.15 53.65
CA ALA E 492 -30.34 -13.12 52.93
C ALA E 492 -30.91 -14.52 52.91
N PRO E 493 -32.23 -14.67 52.85
CA PRO E 493 -32.82 -16.01 52.70
C PRO E 493 -32.64 -16.53 51.29
N SER E 494 -32.90 -17.82 51.13
CA SER E 494 -32.79 -18.45 49.82
C SER E 494 -33.90 -17.97 48.90
N PRO E 495 -33.58 -17.45 47.72
CA PRO E 495 -34.65 -16.98 46.82
C PRO E 495 -35.51 -18.08 46.25
N TYR E 496 -34.97 -19.30 46.16
CA TYR E 496 -35.70 -20.40 45.58
C TYR E 496 -36.54 -21.13 46.63
N ASN E 497 -37.44 -21.98 46.16
CA ASN E 497 -38.26 -22.81 47.03
C ASN E 497 -37.81 -24.26 47.05
N ASP E 498 -36.77 -24.62 46.30
CA ASP E 498 -36.25 -25.98 46.34
C ASP E 498 -35.20 -26.11 47.46
N LYS E 499 -34.58 -27.28 47.54
CA LYS E 499 -33.61 -27.57 48.58
C LYS E 499 -32.17 -27.53 48.08
N CYS E 500 -31.93 -27.07 46.85
CA CYS E 500 -30.58 -27.08 46.29
C CYS E 500 -29.65 -26.13 47.04
N PHE E 501 -30.12 -24.91 47.31
CA PHE E 501 -29.32 -23.96 48.08
C PHE E 501 -29.14 -24.43 49.51
N ASP E 502 -30.16 -25.04 50.09
CA ASP E 502 -30.06 -25.58 51.44
C ASP E 502 -29.08 -26.75 51.50
N ILE E 503 -29.08 -27.60 50.47
CA ILE E 503 -28.12 -28.71 50.40
C ILE E 503 -26.70 -28.18 50.28
N MET E 504 -26.50 -27.17 49.44
CA MET E 504 -25.17 -26.59 49.28
C MET E 504 -24.69 -25.88 50.53
N LYS E 505 -25.60 -25.20 51.24
CA LYS E 505 -25.22 -24.54 52.48
C LYS E 505 -24.93 -25.54 53.59
N GLY E 506 -25.70 -26.63 53.66
CA GLY E 506 -25.52 -27.60 54.72
C GLY E 506 -24.22 -28.37 54.61
N TYR E 507 -23.71 -28.56 53.40
CA TYR E 507 -22.44 -29.24 53.19
C TYR E 507 -21.28 -28.28 52.98
N GLY E 508 -21.48 -26.99 53.28
CA GLY E 508 -20.41 -26.02 53.25
C GLY E 508 -19.84 -25.71 51.88
N VAL E 509 -20.70 -25.63 50.86
CA VAL E 509 -20.25 -25.19 49.55
C VAL E 509 -20.03 -23.68 49.58
N ASP E 510 -18.83 -23.26 49.23
CA ASP E 510 -18.51 -21.84 49.19
C ASP E 510 -17.75 -21.57 47.89
N PHE E 511 -18.29 -20.69 47.07
CA PHE E 511 -17.65 -20.30 45.82
C PHE E 511 -16.71 -19.12 46.00
N MET E 512 -16.60 -18.59 47.22
CA MET E 512 -15.61 -17.57 47.57
C MET E 512 -14.85 -18.05 48.80
N PRO E 513 -14.02 -19.08 48.68
CA PRO E 513 -13.38 -19.65 49.86
C PRO E 513 -12.10 -18.91 50.24
N ASP E 514 -11.73 -19.07 51.50
CA ASP E 514 -10.47 -18.53 51.97
C ASP E 514 -9.33 -19.48 51.65
N GLU E 515 -8.10 -18.98 51.79
CA GLU E 515 -6.91 -19.78 51.48
C GLU E 515 -6.68 -20.86 52.52
N ASP G 14 -4.17 54.51 -22.28
CA ASP G 14 -2.80 54.66 -21.82
C ASP G 14 -2.47 53.58 -20.80
N GLU G 15 -1.22 53.10 -20.85
CA GLU G 15 -0.76 52.10 -19.91
C GLU G 15 -0.69 52.66 -18.49
N LYS G 16 -0.26 53.91 -18.35
CA LYS G 16 -0.07 54.52 -17.04
C LYS G 16 -1.41 54.77 -16.36
N ARG G 17 -2.38 55.34 -17.09
CA ARG G 17 -3.70 55.59 -16.53
C ARG G 17 -4.43 54.30 -16.21
N HIS G 18 -4.29 53.28 -17.08
CA HIS G 18 -4.88 51.98 -16.81
C HIS G 18 -4.26 51.35 -15.56
N LEU G 19 -2.95 51.53 -15.37
CA LEU G 19 -2.29 51.05 -14.17
C LEU G 19 -2.84 51.73 -12.92
N TYR G 20 -3.03 53.05 -12.99
CA TYR G 20 -3.53 53.80 -11.83
C TYR G 20 -4.93 53.34 -11.47
N GLU G 21 -5.81 53.25 -12.47
CA GLU G 21 -7.19 52.85 -12.23
C GLU G 21 -7.29 51.37 -11.85
N ALA G 22 -6.33 50.55 -12.30
CA ALA G 22 -6.29 49.16 -11.86
C ALA G 22 -5.90 49.06 -10.40
N LEU G 23 -4.90 49.83 -9.99
CA LEU G 23 -4.43 49.79 -8.62
C LEU G 23 -5.49 50.26 -7.65
N LEU G 24 -6.25 51.29 -8.03
CA LEU G 24 -7.20 51.85 -7.08
C LEU G 24 -8.63 51.36 -7.26
N ARG G 25 -9.15 51.35 -8.48
CA ARG G 25 -10.56 51.05 -8.69
C ARG G 25 -10.86 49.57 -8.82
N HIS G 26 -9.89 48.75 -9.23
CA HIS G 26 -10.18 47.35 -9.50
C HIS G 26 -9.39 46.37 -8.65
N ASN G 27 -8.10 46.61 -8.43
CA ASN G 27 -7.24 45.66 -7.72
C ASN G 27 -6.80 46.18 -6.36
N TYR G 28 -7.52 47.16 -5.80
CA TYR G 28 -7.31 47.54 -4.41
C TYR G 28 -7.77 46.41 -3.50
N PHE G 29 -9.04 46.05 -3.59
CA PHE G 29 -9.54 44.90 -2.88
C PHE G 29 -8.96 43.63 -3.49
N PRO G 30 -8.91 42.54 -2.74
CA PRO G 30 -8.46 41.28 -3.35
C PRO G 30 -9.47 40.78 -4.37
N ASN G 31 -9.13 40.96 -5.64
CA ASN G 31 -10.01 40.66 -6.75
C ASN G 31 -9.22 40.03 -7.89
N GLN G 32 -8.24 39.20 -7.55
CA GLN G 32 -7.36 38.61 -8.53
C GLN G 32 -7.87 37.29 -9.09
N LYS G 33 -8.92 36.72 -8.50
CA LYS G 33 -9.45 35.45 -8.97
C LYS G 33 -10.17 35.63 -10.30
N GLY G 34 -10.23 34.55 -11.07
CA GLY G 34 -10.79 34.60 -12.41
C GLY G 34 -12.31 34.57 -12.46
N SER G 35 -12.91 33.50 -11.92
CA SER G 35 -14.35 33.28 -12.09
C SER G 35 -15.16 33.88 -10.94
N ILE G 36 -14.94 33.40 -9.72
CA ILE G 36 -15.62 33.90 -8.54
C ILE G 36 -14.59 34.55 -7.62
N SER G 37 -14.96 35.69 -7.06
CA SER G 37 -14.03 36.45 -6.25
C SER G 37 -13.95 35.90 -4.83
N GLU G 38 -12.86 36.24 -4.14
CA GLU G 38 -12.74 35.90 -2.73
C GLU G 38 -13.71 36.72 -1.88
N ILE G 39 -14.08 37.90 -2.36
CA ILE G 39 -14.93 38.84 -1.65
C ILE G 39 -16.27 38.88 -2.38
N PRO G 40 -17.39 39.02 -1.68
CA PRO G 40 -18.68 39.13 -2.38
C PRO G 40 -18.73 40.37 -3.23
N PRO G 41 -19.51 40.35 -4.33
CA PRO G 41 -19.50 41.47 -5.28
C PRO G 41 -20.13 42.75 -4.75
N CYS G 42 -20.82 42.69 -3.60
CA CYS G 42 -21.34 43.91 -2.98
C CYS G 42 -20.21 44.85 -2.55
N PHE G 43 -19.05 44.29 -2.22
CA PHE G 43 -17.86 45.09 -1.97
C PHE G 43 -17.19 45.41 -3.30
N SER G 44 -16.94 46.68 -3.56
CA SER G 44 -16.26 47.10 -4.77
C SER G 44 -15.38 48.29 -4.45
N SER G 45 -14.17 48.28 -5.01
CA SER G 45 -13.22 49.36 -4.81
C SER G 45 -13.37 50.47 -5.84
N ARG G 46 -14.35 50.37 -6.73
CA ARG G 46 -14.63 51.44 -7.68
C ARG G 46 -15.21 52.65 -6.96
N THR G 47 -15.28 53.77 -7.70
CA THR G 47 -15.54 55.13 -7.20
C THR G 47 -14.46 55.58 -6.22
N PHE G 48 -13.27 54.99 -6.31
CA PHE G 48 -12.07 55.41 -5.58
C PHE G 48 -11.03 55.72 -6.65
N THR G 49 -11.09 56.93 -7.19
CA THR G 49 -10.38 57.30 -8.41
C THR G 49 -8.95 57.73 -8.09
N PRO G 50 -8.06 57.74 -9.09
CA PRO G 50 -6.70 58.26 -8.86
C PRO G 50 -6.63 59.70 -8.40
N GLU G 51 -7.59 60.54 -8.79
CA GLU G 51 -7.59 61.92 -8.28
C GLU G 51 -7.85 61.96 -6.79
N ILE G 52 -8.75 61.10 -6.30
CA ILE G 52 -9.04 61.03 -4.87
C ILE G 52 -7.81 60.54 -4.10
N ALA G 53 -7.11 59.54 -4.63
CA ALA G 53 -5.89 59.06 -3.99
C ALA G 53 -4.78 60.11 -4.02
N GLU G 54 -4.71 60.90 -5.10
CA GLU G 54 -3.78 62.02 -5.13
C GLU G 54 -4.11 63.03 -4.04
N LEU G 55 -5.39 63.31 -3.83
CA LEU G 55 -5.79 64.23 -2.77
C LEU G 55 -5.48 63.67 -1.38
N ILE G 56 -5.64 62.35 -1.21
CA ILE G 56 -5.31 61.72 0.07
C ILE G 56 -3.82 61.80 0.33
N SER G 57 -3.00 61.50 -0.68
CA SER G 57 -1.56 61.56 -0.52
C SER G 57 -1.06 62.99 -0.32
N SER G 58 -1.79 63.97 -0.87
CA SER G 58 -1.44 65.36 -0.64
C SER G 58 -1.76 65.82 0.77
N ASP G 59 -2.64 65.11 1.47
CA ASP G 59 -3.03 65.50 2.83
C ASP G 59 -1.87 65.23 3.79
N THR G 60 -1.58 66.23 4.63
CA THR G 60 -0.53 66.11 5.64
C THR G 60 -1.03 66.33 7.05
N SER G 61 -2.32 66.60 7.24
CA SER G 61 -2.87 66.85 8.56
C SER G 61 -3.00 65.56 9.36
N GLY G 62 -3.22 65.71 10.66
CA GLY G 62 -3.39 64.57 11.54
C GLY G 62 -2.09 64.13 12.18
N ARG G 63 -2.23 63.48 13.34
CA ARG G 63 -1.08 62.97 14.09
C ARG G 63 -1.34 61.52 14.46
N ARG G 64 -0.33 60.68 14.29
CA ARG G 64 -0.42 59.26 14.61
C ARG G 64 0.59 58.93 15.69
N SER G 65 0.12 58.35 16.80
CA SER G 65 1.03 57.88 17.84
C SER G 65 1.87 56.71 17.33
N LEU G 66 1.25 55.81 16.57
CA LEU G 66 1.94 54.66 16.00
C LEU G 66 2.46 54.99 14.61
N GLN G 67 3.46 54.23 14.17
CA GLN G 67 4.07 54.39 12.87
C GLN G 67 3.52 53.34 11.92
N GLY G 68 3.17 53.75 10.71
CA GLY G 68 2.57 52.86 9.75
C GLY G 68 1.08 52.71 9.97
N TYR G 69 0.47 51.86 9.14
CA TYR G 69 -0.95 51.59 9.20
C TYR G 69 -1.20 50.09 9.18
N ASP G 70 -2.13 49.65 10.02
CA ASP G 70 -2.59 48.27 9.92
C ASP G 70 -3.68 48.17 8.86
N CYS G 71 -4.02 46.94 8.48
CA CYS G 71 -4.90 46.69 7.36
C CYS G 71 -6.06 45.79 7.78
N VAL G 72 -7.15 45.87 7.02
CA VAL G 72 -8.28 44.98 7.24
C VAL G 72 -7.89 43.57 6.84
N GLU G 73 -8.10 42.63 7.76
CA GLU G 73 -7.67 41.25 7.56
C GLU G 73 -8.89 40.39 7.21
N TYR G 74 -8.73 39.55 6.20
CA TYR G 74 -9.83 38.79 5.60
C TYR G 74 -9.34 37.36 5.41
N TYR G 75 -9.84 36.45 6.24
CA TYR G 75 -9.36 35.08 6.27
C TYR G 75 -10.17 34.24 5.29
N ALA G 76 -9.56 33.85 4.18
CA ALA G 76 -10.21 33.03 3.17
C ALA G 76 -9.66 31.61 3.24
N THR G 77 -10.55 30.62 3.28
CA THR G 77 -10.09 29.24 3.34
C THR G 77 -9.59 28.77 1.99
N ARG G 78 -8.61 27.88 2.02
CA ARG G 78 -8.13 27.18 0.84
C ARG G 78 -8.92 25.88 0.69
N TYR G 79 -8.47 25.00 -0.20
CA TYR G 79 -9.18 23.75 -0.43
C TYR G 79 -9.06 22.79 0.74
N ASN G 80 -7.96 22.86 1.49
CA ASN G 80 -7.75 22.03 2.66
C ASN G 80 -8.23 22.68 3.94
N ASN G 81 -9.11 23.69 3.84
CA ASN G 81 -9.64 24.51 4.92
C ASN G 81 -8.55 25.30 5.64
N PHE G 82 -7.38 25.46 5.05
CA PHE G 82 -6.31 26.23 5.67
C PHE G 82 -6.56 27.71 5.44
N PRO G 83 -6.53 28.53 6.48
CA PRO G 83 -6.80 29.97 6.29
C PRO G 83 -5.63 30.67 5.60
N ARG G 84 -5.97 31.58 4.70
CA ARG G 84 -5.01 32.48 4.06
C ARG G 84 -5.49 33.89 4.31
N THR G 85 -4.58 34.75 4.77
CA THR G 85 -4.96 36.08 5.23
C THR G 85 -4.78 37.07 4.08
N LEU G 86 -5.87 37.39 3.41
CA LEU G 86 -5.89 38.52 2.48
C LEU G 86 -6.00 39.81 3.28
N SER G 87 -5.55 40.91 2.69
CA SER G 87 -5.53 42.17 3.41
C SER G 87 -6.00 43.31 2.50
N ILE G 88 -6.80 44.20 3.08
CA ILE G 88 -7.21 45.43 2.42
C ILE G 88 -6.47 46.57 3.12
N ILE G 89 -5.57 47.21 2.40
CA ILE G 89 -4.68 48.22 2.99
C ILE G 89 -5.48 49.48 3.30
N HIS G 90 -5.07 50.18 4.37
CA HIS G 90 -5.68 51.45 4.72
C HIS G 90 -5.50 52.45 3.58
N PRO G 91 -6.55 53.21 3.23
CA PRO G 91 -6.51 54.01 1.99
C PRO G 91 -5.48 55.13 1.99
N LYS G 92 -5.03 55.60 3.16
CA LYS G 92 -3.96 56.60 3.16
C LYS G 92 -2.64 55.98 2.72
N ALA G 93 -2.23 54.89 3.38
CA ALA G 93 -1.02 54.19 3.01
C ALA G 93 -1.13 53.58 1.62
N TYR G 94 -2.28 53.01 1.28
CA TYR G 94 -2.46 52.44 -0.05
C TYR G 94 -2.45 53.53 -1.12
N SER G 95 -3.05 54.69 -0.83
CA SER G 95 -3.05 55.77 -1.80
C SER G 95 -1.63 56.28 -2.06
N LYS G 96 -0.83 56.43 -0.99
CA LYS G 96 0.56 56.85 -1.17
C LYS G 96 1.35 55.79 -1.94
N LEU G 97 1.13 54.51 -1.62
CA LEU G 97 1.86 53.43 -2.28
C LEU G 97 1.50 53.33 -3.75
N ALA G 98 0.21 53.42 -4.08
CA ALA G 98 -0.24 53.35 -5.46
C ALA G 98 0.21 54.58 -6.25
N LYS G 99 0.20 55.75 -5.61
CA LYS G 99 0.69 56.95 -6.28
C LYS G 99 2.18 56.83 -6.59
N HIS G 100 2.97 56.29 -5.65
CA HIS G 100 4.39 56.13 -5.90
C HIS G 100 4.67 55.07 -6.97
N ILE G 101 3.87 54.00 -6.99
CA ILE G 101 4.04 52.99 -8.03
C ILE G 101 3.67 53.56 -9.40
N HIS G 102 2.61 54.37 -9.46
CA HIS G 102 2.21 54.99 -10.72
C HIS G 102 3.24 56.01 -11.21
N ASP G 103 3.77 56.82 -10.29
CA ASP G 103 4.64 57.93 -10.69
C ASP G 103 5.95 57.44 -11.28
N ASN G 104 6.41 56.26 -10.88
CA ASN G 104 7.65 55.69 -11.39
C ASN G 104 7.40 54.42 -12.19
N TRP G 105 6.26 54.35 -12.89
CA TRP G 105 5.91 53.15 -13.66
C TRP G 105 6.87 52.89 -14.82
N GLU G 106 7.56 53.92 -15.32
CA GLU G 106 8.57 53.69 -16.34
C GLU G 106 9.71 52.85 -15.79
N GLU G 107 10.07 53.04 -14.52
CA GLU G 107 11.13 52.27 -13.91
C GLU G 107 10.65 50.94 -13.33
N ILE G 108 9.33 50.73 -13.27
CA ILE G 108 8.76 49.53 -12.67
C ILE G 108 8.32 48.55 -13.75
N ARG G 109 7.91 49.07 -14.91
CA ARG G 109 7.24 48.29 -15.95
C ARG G 109 8.13 47.26 -16.64
N PHE G 110 9.39 47.10 -16.22
CA PHE G 110 10.20 45.98 -16.69
C PHE G 110 9.68 44.64 -16.18
N ILE G 111 8.84 44.64 -15.14
CA ILE G 111 8.21 43.41 -14.68
C ILE G 111 7.17 42.93 -15.67
N LYS G 112 6.66 43.81 -16.54
CA LYS G 112 5.74 43.38 -17.57
C LYS G 112 6.44 42.50 -18.60
N GLU G 113 7.67 42.85 -18.96
CA GLU G 113 8.44 42.11 -19.95
C GLU G 113 9.31 41.03 -19.31
N ASN G 114 8.68 40.21 -18.48
CA ASN G 114 9.32 39.07 -17.86
C ASN G 114 8.56 37.85 -18.37
N GLU G 115 9.18 37.11 -19.30
CA GLU G 115 8.49 36.00 -19.95
C GLU G 115 8.30 34.82 -19.02
N ASN G 116 9.14 34.69 -17.99
CA ASN G 116 9.06 33.54 -17.11
C ASN G 116 7.89 33.66 -16.13
N SER G 117 7.51 34.86 -15.74
CA SER G 117 6.42 35.07 -14.80
C SER G 117 5.10 35.11 -15.56
N MET G 118 4.22 34.17 -15.26
CA MET G 118 2.95 34.11 -15.97
C MET G 118 1.92 35.06 -15.37
N ILE G 119 1.82 35.11 -14.05
CA ILE G 119 0.90 36.00 -13.37
C ILE G 119 1.67 37.27 -13.05
N LYS G 120 1.44 38.29 -13.85
CA LYS G 120 2.14 39.56 -13.75
C LYS G 120 1.15 40.65 -14.14
N PRO G 121 1.49 41.93 -13.93
CA PRO G 121 0.64 43.00 -14.45
C PRO G 121 0.47 42.91 -15.96
N ASP G 122 -0.75 43.20 -16.41
CA ASP G 122 -1.12 43.12 -17.82
C ASP G 122 -2.41 43.90 -18.00
N MET G 123 -2.51 44.62 -19.12
CA MET G 123 -3.69 45.43 -19.38
C MET G 123 -4.86 44.52 -19.75
N HIS G 124 -5.86 44.48 -18.88
CA HIS G 124 -7.02 43.61 -19.06
C HIS G 124 -8.24 44.43 -19.45
N ALA G 125 -9.24 43.73 -20.01
CA ALA G 125 -10.43 44.41 -20.49
C ALA G 125 -11.28 44.94 -19.35
N ASP G 126 -11.40 44.19 -18.25
CA ASP G 126 -12.24 44.62 -17.14
C ASP G 126 -11.63 45.73 -16.31
N GLY G 127 -10.36 46.07 -16.55
CA GLY G 127 -9.71 47.15 -15.85
C GLY G 127 -8.65 46.72 -14.85
N ARG G 128 -8.49 45.42 -14.64
CA ARG G 128 -7.49 44.92 -13.70
C ARG G 128 -6.12 44.82 -14.35
N ILE G 129 -5.09 44.69 -13.51
CA ILE G 129 -3.77 44.31 -13.99
C ILE G 129 -3.37 42.91 -13.53
N ILE G 130 -3.88 42.43 -12.41
CA ILE G 130 -3.53 41.11 -11.90
C ILE G 130 -4.77 40.24 -11.94
N ILE G 131 -4.78 39.27 -12.86
CA ILE G 131 -5.79 38.22 -12.90
C ILE G 131 -5.07 36.88 -12.95
N MET G 132 -5.33 36.04 -11.97
CA MET G 132 -4.76 34.69 -11.95
C MET G 132 -5.41 33.82 -13.01
N ASN G 133 -4.59 33.18 -13.84
CA ASN G 133 -5.03 32.18 -14.82
C ASN G 133 -5.89 32.82 -15.92
N TYR G 134 -5.52 34.04 -16.29
CA TYR G 134 -6.27 34.75 -17.33
C TYR G 134 -6.07 34.11 -18.70
N GLU G 135 -4.90 33.52 -18.94
CA GLU G 135 -4.59 32.98 -20.25
C GLU G 135 -5.44 31.75 -20.56
N ASP G 136 -5.76 31.59 -21.84
CA ASP G 136 -6.65 30.53 -22.28
C ASP G 136 -5.92 29.18 -22.32
N ALA G 137 -6.72 28.12 -22.47
CA ALA G 137 -6.16 26.76 -22.50
C ALA G 137 -5.35 26.51 -23.77
N GLU G 138 -5.62 27.25 -24.84
CA GLU G 138 -4.84 27.13 -26.08
C GLU G 138 -3.36 27.41 -25.82
N THR G 139 -3.06 28.66 -25.45
CA THR G 139 -1.67 29.07 -25.26
C THR G 139 -1.05 28.37 -24.06
N LYS G 140 -1.84 28.07 -23.02
CA LYS G 140 -1.35 27.32 -21.87
C LYS G 140 -0.87 25.93 -22.29
N THR G 141 -1.72 25.21 -23.03
CA THR G 141 -1.39 23.85 -23.44
C THR G 141 -0.18 23.84 -24.37
N ILE G 142 -0.15 24.76 -25.33
CA ILE G 142 0.99 24.84 -26.24
C ILE G 142 2.26 25.22 -25.49
N ARG G 143 2.15 26.07 -24.47
CA ARG G 143 3.33 26.51 -23.73
C ARG G 143 3.92 25.39 -22.88
N GLU G 144 3.08 24.66 -22.13
CA GLU G 144 3.65 23.54 -21.38
C GLU G 144 4.07 22.37 -22.25
N LEU G 145 3.50 22.22 -23.45
CA LEU G 145 4.02 21.18 -24.34
C LEU G 145 5.33 21.59 -25.00
N ASN G 146 5.51 22.88 -25.28
CA ASN G 146 6.76 23.35 -25.85
C ASN G 146 7.88 23.36 -24.81
N ASP G 147 7.55 23.73 -23.57
CA ASP G 147 8.56 23.79 -22.52
C ASP G 147 8.97 22.38 -22.08
N GLY G 148 8.02 21.46 -22.02
CA GLY G 148 8.31 20.11 -21.59
C GLY G 148 8.87 19.20 -22.65
N PHE G 149 8.99 19.65 -23.89
CA PHE G 149 9.52 18.82 -24.95
C PHE G 149 11.04 18.69 -24.81
N GLY G 150 11.53 17.46 -24.98
CA GLY G 150 12.95 17.19 -24.91
C GLY G 150 13.51 17.15 -23.50
N ARG G 151 12.70 17.42 -22.49
CA ARG G 151 13.13 17.40 -21.09
C ARG G 151 12.42 16.25 -20.40
N ARG G 152 13.13 15.58 -19.50
CA ARG G 152 12.54 14.46 -18.77
C ARG G 152 12.42 14.72 -17.28
N PHE G 153 12.68 15.94 -16.82
CA PHE G 153 12.51 16.26 -15.41
C PHE G 153 11.76 17.57 -15.23
N LYS G 154 10.83 17.57 -14.28
CA LYS G 154 10.05 18.76 -13.93
C LYS G 154 10.30 19.10 -12.47
N VAL G 155 10.65 20.35 -12.21
CA VAL G 155 11.03 20.81 -10.88
C VAL G 155 9.94 21.76 -10.39
N ASN G 156 9.36 21.46 -9.23
CA ASN G 156 8.38 22.33 -8.59
C ASN G 156 8.97 22.82 -7.28
N ALA G 157 9.32 24.10 -7.22
CA ALA G 157 9.92 24.68 -6.03
C ALA G 157 9.13 25.90 -5.61
N ASP G 158 8.69 25.93 -4.36
CA ASP G 158 7.87 27.01 -3.84
C ASP G 158 8.69 27.88 -2.91
N ILE G 159 8.56 29.21 -3.06
CA ILE G 159 9.12 30.12 -2.09
C ILE G 159 8.31 30.02 -0.80
N SER G 160 9.01 29.91 0.33
CA SER G 160 8.34 29.67 1.60
C SER G 160 7.53 30.90 2.04
N GLY G 161 8.16 32.06 2.02
CA GLY G 161 7.58 33.26 2.60
C GLY G 161 7.45 34.45 1.68
N CYS G 162 7.03 34.22 0.42
CA CYS G 162 6.98 35.29 -0.57
C CYS G 162 6.01 36.40 -0.17
N PHE G 163 4.98 36.07 0.60
CA PHE G 163 4.09 37.08 1.17
C PHE G 163 4.39 37.39 2.63
N THR G 164 4.85 36.40 3.39
CA THR G 164 4.87 36.55 4.85
C THR G 164 6.23 37.01 5.38
N ASN G 165 7.31 36.78 4.64
CA ASN G 165 8.62 37.21 5.12
C ASN G 165 9.47 37.74 3.97
N ILE G 166 8.85 38.42 3.03
CA ILE G 166 9.60 39.11 1.99
C ILE G 166 10.22 40.37 2.61
N TYR G 167 11.43 40.69 2.18
CA TYR G 167 12.18 41.78 2.80
C TYR G 167 11.91 43.06 2.04
N SER G 168 11.33 44.05 2.73
CA SER G 168 11.04 45.33 2.10
C SER G 168 12.32 46.08 1.75
N HIS G 169 13.34 46.00 2.62
CA HIS G 169 14.63 46.61 2.32
C HIS G 169 15.35 45.95 1.16
N SER G 170 14.89 44.77 0.71
CA SER G 170 15.43 44.16 -0.49
C SER G 170 14.78 44.68 -1.76
N ILE G 171 13.81 45.61 -1.66
CA ILE G 171 13.26 46.24 -2.85
C ILE G 171 14.30 47.03 -3.63
N PRO G 172 15.17 47.86 -3.00
CA PRO G 172 16.30 48.42 -3.78
C PRO G 172 17.26 47.37 -4.30
N TRP G 173 17.48 46.28 -3.54
CA TRP G 173 18.49 45.29 -3.91
C TRP G 173 18.13 44.57 -5.20
N ALA G 174 16.84 44.42 -5.49
CA ALA G 174 16.43 43.84 -6.75
C ALA G 174 16.57 44.81 -7.91
N VAL G 175 16.49 46.12 -7.63
CA VAL G 175 16.47 47.11 -8.70
C VAL G 175 17.89 47.43 -9.17
N ILE G 176 18.73 47.94 -8.26
CA ILE G 176 20.05 48.42 -8.61
C ILE G 176 21.15 47.47 -8.17
N GLY G 177 20.81 46.32 -7.62
CA GLY G 177 21.81 45.42 -7.08
C GLY G 177 21.92 45.56 -5.58
N VAL G 178 22.34 44.49 -4.91
CA VAL G 178 22.46 44.51 -3.46
C VAL G 178 23.61 45.40 -3.03
N ASN G 179 24.78 45.24 -3.67
CA ASN G 179 25.97 46.01 -3.30
C ASN G 179 25.78 47.49 -3.59
N ASN G 180 25.21 47.83 -4.75
CA ASN G 180 25.02 49.23 -5.11
C ASN G 180 24.01 49.91 -4.20
N ALA G 181 22.96 49.18 -3.79
CA ALA G 181 22.02 49.73 -2.82
C ALA G 181 22.66 49.90 -1.45
N LYS G 182 23.58 49.01 -1.08
CA LYS G 182 24.28 49.18 0.19
C LYS G 182 25.23 50.38 0.16
N ILE G 183 25.92 50.60 -0.96
CA ILE G 183 26.78 51.77 -1.07
C ILE G 183 25.95 53.05 -1.12
N ALA G 184 24.80 53.01 -1.80
CA ALA G 184 23.97 54.21 -1.97
C ALA G 184 23.44 54.75 -0.65
N LEU G 185 23.28 53.89 0.35
CA LEU G 185 22.87 54.35 1.67
C LEU G 185 24.09 54.74 2.51
N LYS G 194 16.22 60.98 -3.30
CA LYS G 194 16.63 59.59 -3.14
C LYS G 194 16.02 58.72 -4.23
N HIS G 195 16.45 57.45 -4.28
CA HIS G 195 15.99 56.54 -5.31
C HIS G 195 14.53 56.16 -5.10
N TRP G 196 13.85 55.81 -6.20
CA TRP G 196 12.44 55.47 -6.12
C TRP G 196 12.22 54.14 -5.43
N SER G 197 13.19 53.23 -5.50
CA SER G 197 13.03 51.92 -4.88
C SER G 197 13.03 52.02 -3.36
N ASP G 198 13.83 52.94 -2.80
CA ASP G 198 13.84 53.13 -1.35
C ASP G 198 12.52 53.73 -0.88
N LYS G 199 11.95 54.66 -1.65
CA LYS G 199 10.65 55.22 -1.30
C LYS G 199 9.54 54.18 -1.46
N LEU G 200 9.66 53.31 -2.46
CA LEU G 200 8.72 52.19 -2.60
C LEU G 200 8.80 51.25 -1.40
N ASP G 201 10.02 51.00 -0.93
CA ASP G 201 10.24 50.23 0.29
C ASP G 201 9.56 50.92 1.48
N TYR G 202 9.72 52.23 1.59
CA TYR G 202 9.13 52.97 2.70
C TYR G 202 7.60 52.91 2.67
N PHE G 203 7.01 53.11 1.49
CA PHE G 203 5.56 53.09 1.38
C PHE G 203 4.99 51.69 1.57
N GLN G 204 5.71 50.66 1.09
CA GLN G 204 5.28 49.29 1.34
C GLN G 204 5.36 48.94 2.82
N ARG G 205 6.35 49.48 3.53
CA ARG G 205 6.39 49.33 4.98
C ARG G 205 5.23 50.05 5.65
N GLN G 206 4.94 51.28 5.21
CA GLN G 206 3.82 52.05 5.77
C GLN G 206 2.48 51.36 5.53
N ALA G 207 2.40 50.56 4.47
CA ALA G 207 1.17 49.80 4.20
C ALA G 207 0.84 48.83 5.31
N LYS G 208 1.85 48.24 5.97
CA LYS G 208 1.63 47.29 7.06
C LYS G 208 2.51 47.68 8.26
N ARG G 209 2.01 48.62 9.07
CA ARG G 209 2.47 48.89 10.44
C ARG G 209 3.96 49.24 10.54
N ASN G 210 4.55 49.77 9.47
CA ASN G 210 5.97 50.10 9.39
C ASN G 210 6.84 48.88 9.72
N GLU G 211 6.46 47.74 9.15
CA GLU G 211 7.14 46.48 9.39
C GLU G 211 7.95 46.10 8.16
N THR G 212 9.21 45.71 8.38
CA THR G 212 10.13 45.47 7.29
C THR G 212 9.90 44.15 6.58
N HIS G 213 9.10 43.25 7.15
CA HIS G 213 8.89 41.93 6.59
C HIS G 213 7.41 41.72 6.30
N GLY G 214 7.12 41.20 5.11
CA GLY G 214 5.77 40.83 4.75
C GLY G 214 5.09 41.86 3.87
N VAL G 215 4.17 41.39 3.04
CA VAL G 215 3.36 42.27 2.19
C VAL G 215 1.90 41.85 2.33
N PRO G 216 0.95 42.77 2.21
CA PRO G 216 -0.47 42.40 2.26
C PRO G 216 -0.87 41.62 1.03
N ILE G 217 -1.50 40.47 1.24
CA ILE G 217 -1.94 39.62 0.13
C ILE G 217 -3.26 40.14 -0.41
N GLY G 218 -3.37 40.25 -1.73
CA GLY G 218 -4.60 40.65 -2.37
C GLY G 218 -4.57 41.91 -3.22
N PRO G 219 -3.97 43.01 -2.74
CA PRO G 219 -3.79 44.17 -3.62
C PRO G 219 -2.71 43.91 -4.65
N ALA G 220 -2.82 44.63 -5.77
CA ALA G 220 -1.85 44.49 -6.84
C ALA G 220 -0.55 45.25 -6.57
N THR G 221 -0.55 46.16 -5.60
CA THR G 221 0.68 46.86 -5.26
C THR G 221 1.72 45.90 -4.67
N SER G 222 1.27 45.02 -3.77
CA SER G 222 2.18 44.03 -3.21
C SER G 222 2.56 42.97 -4.23
N SER G 223 1.65 42.67 -5.17
CA SER G 223 2.00 41.78 -6.27
C SER G 223 3.08 42.41 -7.16
N ILE G 224 2.98 43.73 -7.39
CA ILE G 224 3.99 44.45 -8.15
C ILE G 224 5.33 44.43 -7.41
N VAL G 225 5.28 44.61 -6.09
CA VAL G 225 6.50 44.58 -5.27
C VAL G 225 7.15 43.20 -5.33
N CYS G 226 6.34 42.14 -5.22
CA CYS G 226 6.86 40.78 -5.32
C CYS G 226 7.43 40.50 -6.70
N GLU G 227 6.77 41.00 -7.76
CA GLU G 227 7.29 40.85 -9.11
C GLU G 227 8.61 41.59 -9.29
N ILE G 228 8.74 42.77 -8.68
CA ILE G 228 9.98 43.53 -8.74
C ILE G 228 11.11 42.75 -8.08
N ILE G 229 10.83 42.18 -6.91
CA ILE G 229 11.86 41.43 -6.18
C ILE G 229 12.24 40.16 -6.93
N LEU G 230 11.25 39.42 -7.44
CA LEU G 230 11.50 38.14 -8.09
C LEU G 230 11.96 38.28 -9.53
N SER G 231 11.86 39.47 -10.13
CA SER G 231 12.30 39.66 -11.50
C SER G 231 13.82 39.53 -11.63
N ALA G 232 14.57 39.99 -10.63
CA ALA G 232 16.01 39.81 -10.65
C ALA G 232 16.39 38.34 -10.55
N VAL G 233 15.67 37.58 -9.71
CA VAL G 233 15.90 36.14 -9.61
C VAL G 233 15.57 35.46 -10.94
N ASP G 234 14.47 35.86 -11.56
CA ASP G 234 14.10 35.30 -12.86
C ASP G 234 15.12 35.64 -13.93
N LYS G 235 15.66 36.86 -13.90
CA LYS G 235 16.70 37.26 -14.84
C LYS G 235 17.98 36.45 -14.65
N ARG G 236 18.37 36.22 -13.39
CA ARG G 236 19.57 35.44 -13.12
C ARG G 236 19.39 33.98 -13.52
N LEU G 237 18.20 33.42 -13.31
CA LEU G 237 17.94 32.06 -13.76
C LEU G 237 17.83 31.97 -15.28
N ARG G 238 17.34 33.03 -15.92
CA ARG G 238 17.19 33.04 -17.38
C ARG G 238 18.53 33.17 -18.08
N ASP G 239 19.44 33.95 -17.50
CA ASP G 239 20.76 34.16 -18.09
C ASP G 239 21.61 32.89 -18.03
N ASP G 240 21.27 31.94 -17.17
CA ASP G 240 21.97 30.66 -17.10
C ASP G 240 21.37 29.61 -18.03
N GLY G 241 20.38 29.98 -18.83
CA GLY G 241 19.81 29.07 -19.80
C GLY G 241 18.70 28.18 -19.30
N PHE G 242 18.15 28.45 -18.13
CA PHE G 242 17.10 27.61 -17.58
C PHE G 242 15.75 27.93 -18.20
N LEU G 243 15.00 26.89 -18.55
CA LEU G 243 13.63 27.02 -19.05
C LEU G 243 12.70 26.78 -17.87
N PHE G 244 12.03 27.84 -17.42
CA PHE G 244 11.23 27.79 -16.22
C PHE G 244 10.08 28.78 -16.33
N ARG G 245 9.04 28.53 -15.54
CA ARG G 245 7.85 29.36 -15.47
C ARG G 245 7.55 29.64 -14.00
N ARG G 246 7.23 30.88 -13.68
CA ARG G 246 6.93 31.25 -12.30
C ARG G 246 5.48 31.73 -12.21
N TYR G 247 4.70 31.08 -11.36
CA TYR G 247 3.36 31.51 -11.01
C TYR G 247 3.41 32.00 -9.57
N ILE G 248 3.35 33.32 -9.39
CA ILE G 248 3.53 34.00 -8.10
C ILE G 248 4.85 33.55 -7.47
N ASP G 249 4.79 32.61 -6.53
CA ASP G 249 5.95 32.12 -5.81
C ASP G 249 6.40 30.73 -6.25
N ASP G 250 5.65 30.08 -7.13
CA ASP G 250 5.91 28.69 -7.50
C ASP G 250 6.71 28.65 -8.80
N TYR G 251 7.85 27.98 -8.76
CA TYR G 251 8.74 27.82 -9.90
C TYR G 251 8.56 26.42 -10.47
N THR G 252 8.38 26.33 -11.78
CA THR G 252 8.30 25.06 -12.49
C THR G 252 9.34 25.08 -13.59
N CYS G 253 10.37 24.25 -13.46
CA CYS G 253 11.47 24.24 -14.40
C CYS G 253 11.51 22.92 -15.15
N TYR G 254 11.86 22.97 -16.43
CA TYR G 254 11.92 21.78 -17.27
C TYR G 254 13.38 21.52 -17.61
N CYS G 255 13.87 20.34 -17.23
CA CYS G 255 15.29 20.02 -17.33
C CYS G 255 15.50 18.73 -18.09
N LYS G 256 16.54 18.76 -18.95
CA LYS G 256 16.92 17.59 -19.73
C LYS G 256 17.45 16.48 -18.85
N THR G 257 18.25 16.83 -17.84
CA THR G 257 18.88 15.86 -16.96
C THR G 257 18.58 16.21 -15.51
N HIS G 258 18.86 15.26 -14.62
CA HIS G 258 18.52 15.43 -13.21
C HIS G 258 19.47 16.38 -12.50
N ASP G 259 20.75 16.39 -12.87
CA ASP G 259 21.68 17.37 -12.32
C ASP G 259 21.30 18.78 -12.71
N ASP G 260 20.69 18.95 -13.89
CA ASP G 260 20.17 20.25 -14.28
C ASP G 260 19.05 20.69 -13.34
N ALA G 261 18.23 19.75 -12.90
CA ALA G 261 17.21 20.05 -11.90
C ALA G 261 17.83 20.44 -10.58
N LYS G 262 18.86 19.70 -10.14
CA LYS G 262 19.53 20.03 -8.89
C LYS G 262 20.27 21.36 -8.98
N GLU G 263 20.85 21.66 -10.15
CA GLU G 263 21.55 22.91 -10.35
C GLU G 263 20.59 24.09 -10.41
N PHE G 264 19.42 23.89 -11.00
CA PHE G 264 18.36 24.91 -10.94
C PHE G 264 17.93 25.16 -9.51
N LEU G 265 17.74 24.09 -8.73
CA LEU G 265 17.36 24.24 -7.33
C LEU G 265 18.43 24.98 -6.54
N HIS G 266 19.70 24.65 -6.78
CA HIS G 266 20.80 25.31 -6.07
C HIS G 266 20.89 26.79 -6.45
N LEU G 267 20.85 27.09 -7.75
CA LEU G 267 20.97 28.48 -8.19
C LEU G 267 19.77 29.31 -7.75
N LEU G 268 18.58 28.72 -7.76
CA LEU G 268 17.40 29.40 -7.23
C LEU G 268 17.52 29.62 -5.73
N GLY G 269 18.15 28.69 -5.01
CA GLY G 269 18.41 28.90 -3.60
C GLY G 269 19.34 30.06 -3.34
N MET G 270 20.45 30.15 -4.09
CA MET G 270 21.36 31.29 -3.94
C MET G 270 20.69 32.60 -4.33
N GLU G 271 19.91 32.60 -5.41
CA GLU G 271 19.26 33.83 -5.85
C GLU G 271 18.17 34.28 -4.89
N LEU G 272 17.47 33.34 -4.25
CA LEU G 272 16.49 33.71 -3.24
C LEU G 272 17.17 34.17 -1.95
N SER G 273 18.27 33.51 -1.56
CA SER G 273 19.00 33.91 -0.37
C SER G 273 19.71 35.24 -0.54
N LYS G 274 19.97 35.67 -1.78
CA LYS G 274 20.49 37.00 -2.01
C LYS G 274 19.51 38.08 -1.56
N TYR G 275 18.20 37.81 -1.66
CA TYR G 275 17.16 38.75 -1.24
C TYR G 275 16.42 38.26 0.00
N LYS G 276 17.12 37.50 0.85
CA LYS G 276 16.61 37.03 2.15
C LYS G 276 15.33 36.19 2.00
N LEU G 277 15.27 35.40 0.94
CA LEU G 277 14.18 34.47 0.71
C LEU G 277 14.71 33.05 0.71
N SER G 278 13.82 32.09 0.92
CA SER G 278 14.21 30.70 0.97
C SER G 278 13.14 29.83 0.30
N LEU G 279 13.58 28.72 -0.27
CA LEU G 279 12.65 27.75 -0.82
C LEU G 279 11.91 27.02 0.28
N ASN G 280 10.66 26.65 0.01
CA ASN G 280 9.92 25.79 0.91
C ASN G 280 10.43 24.37 0.67
N LEU G 281 11.28 23.89 1.58
CA LEU G 281 11.93 22.60 1.41
C LEU G 281 10.96 21.43 1.44
N HIS G 282 9.79 21.61 2.05
CA HIS G 282 8.77 20.56 2.01
C HIS G 282 8.10 20.49 0.65
N LYS G 283 7.93 21.63 -0.02
CA LYS G 283 7.12 21.69 -1.22
C LYS G 283 7.90 21.34 -2.48
N THR G 284 9.21 21.50 -2.48
CA THR G 284 10.00 21.27 -3.69
C THR G 284 10.05 19.78 -4.01
N LYS G 285 9.90 19.46 -5.30
CA LYS G 285 9.93 18.07 -5.74
C LYS G 285 10.39 18.02 -7.19
N ILE G 286 10.87 16.85 -7.58
CA ILE G 286 11.34 16.58 -8.93
C ILE G 286 10.56 15.38 -9.45
N THR G 287 9.81 15.58 -10.53
CA THR G 287 9.00 14.54 -11.14
C THR G 287 9.52 14.21 -12.52
N ASN G 288 9.10 13.06 -13.02
CA ASN G 288 9.56 12.56 -14.31
C ASN G 288 8.61 13.01 -15.41
N LEU G 289 9.14 13.71 -16.39
CA LEU G 289 8.34 13.99 -17.59
C LEU G 289 8.30 12.74 -18.47
N PRO G 290 7.17 12.47 -19.13
CA PRO G 290 5.94 13.25 -19.19
C PRO G 290 5.01 12.99 -18.00
N GLY G 291 4.61 14.05 -17.32
CA GLY G 291 3.57 13.91 -16.31
C GLY G 291 2.22 14.22 -16.93
N THR G 292 1.50 15.15 -16.34
CA THR G 292 0.27 15.66 -16.91
C THR G 292 0.38 17.18 -17.03
N LEU G 293 -0.32 17.74 -18.00
CA LEU G 293 -0.29 19.19 -18.20
C LEU G 293 -0.89 19.93 -17.01
N ASN G 294 -1.99 19.42 -16.50
CA ASN G 294 -2.58 19.86 -15.25
C ASN G 294 -2.21 18.87 -14.16
N ASP G 295 -2.84 19.01 -13.00
CA ASP G 295 -2.69 17.98 -11.98
C ASP G 295 -3.44 16.72 -12.39
N ASN G 296 -3.11 15.61 -11.73
CA ASN G 296 -3.70 14.33 -12.09
C ASN G 296 -5.18 14.27 -11.77
N TRP G 297 -5.60 14.91 -10.67
CA TRP G 297 -7.02 14.92 -10.32
C TRP G 297 -7.83 15.74 -11.31
N VAL G 298 -7.20 16.71 -11.98
CA VAL G 298 -7.91 17.51 -12.97
C VAL G 298 -8.33 16.64 -14.16
N SER G 299 -7.40 15.84 -14.65
CA SER G 299 -7.73 14.91 -15.73
C SER G 299 -8.66 13.81 -15.26
N LEU G 300 -8.54 13.38 -14.00
CA LEU G 300 -9.48 12.40 -13.47
C LEU G 300 -10.89 12.95 -13.40
N LEU G 301 -11.03 14.23 -13.05
CA LEU G 301 -12.35 14.86 -12.99
C LEU G 301 -12.91 15.09 -14.38
N ASN G 302 -12.10 15.59 -15.31
CA ASN G 302 -12.60 15.92 -16.63
C ASN G 302 -12.91 14.67 -17.44
N VAL G 303 -12.15 13.59 -17.23
CA VAL G 303 -12.43 12.35 -17.93
C VAL G 303 -13.67 11.66 -17.39
N ASN G 304 -14.11 12.03 -16.18
CA ASN G 304 -15.33 11.51 -15.58
C ASN G 304 -16.45 12.54 -15.55
N SER G 305 -16.26 13.69 -16.19
CA SER G 305 -17.26 14.75 -16.14
C SER G 305 -18.47 14.38 -17.00
N PRO G 306 -19.69 14.50 -16.47
CA PRO G 306 -20.88 14.23 -17.31
C PRO G 306 -21.12 15.30 -18.36
N THR G 307 -20.52 16.48 -18.21
CA THR G 307 -20.72 17.60 -19.12
C THR G 307 -19.56 17.81 -20.08
N LYS G 308 -18.62 16.86 -20.15
CA LYS G 308 -17.37 17.05 -20.85
C LYS G 308 -17.53 17.21 -22.36
N LYS G 309 -18.66 16.78 -22.94
CA LYS G 309 -18.88 16.88 -24.37
C LYS G 309 -20.04 17.83 -24.64
N ARG G 310 -19.80 18.79 -25.53
CA ARG G 310 -20.85 19.69 -25.98
C ARG G 310 -21.68 19.02 -27.08
N PHE G 311 -22.96 19.39 -27.14
CA PHE G 311 -23.88 18.82 -28.10
C PHE G 311 -24.48 19.83 -29.06
N THR G 312 -24.24 21.14 -28.84
CA THR G 312 -24.70 22.30 -29.60
C THR G 312 -26.21 22.51 -29.53
N ASP G 313 -26.96 21.68 -28.80
CA ASP G 313 -28.35 21.95 -28.47
C ASP G 313 -28.48 21.91 -26.96
N GLN G 314 -29.17 22.90 -26.40
CA GLN G 314 -29.13 23.11 -24.95
C GLN G 314 -29.88 22.03 -24.19
N ASP G 315 -30.90 21.42 -24.80
CA ASP G 315 -31.65 20.38 -24.10
C ASP G 315 -30.83 19.11 -23.92
N LEU G 316 -29.89 18.84 -24.82
CA LEU G 316 -29.11 17.61 -24.73
C LEU G 316 -28.11 17.67 -23.60
N ASN G 317 -27.39 18.79 -23.45
CA ASN G 317 -26.38 18.92 -22.40
C ASN G 317 -26.98 19.55 -21.15
N LYS G 318 -28.09 18.96 -20.71
CA LYS G 318 -28.68 19.25 -19.40
C LYS G 318 -28.54 18.00 -18.55
N LEU G 319 -27.81 18.10 -17.46
CA LEU G 319 -27.47 16.94 -16.66
C LEU G 319 -28.66 16.48 -15.82
N SER G 320 -28.79 15.18 -15.66
CA SER G 320 -29.84 14.61 -14.83
C SER G 320 -29.42 14.63 -13.36
N SER G 321 -30.31 14.16 -12.49
CA SER G 321 -30.01 14.14 -11.06
C SER G 321 -28.95 13.11 -10.72
N SER G 322 -29.08 11.90 -11.30
CA SER G 322 -28.13 10.82 -11.01
C SER G 322 -26.73 11.18 -11.47
N GLU G 323 -26.62 11.83 -12.63
CA GLU G 323 -25.32 12.19 -13.18
C GLU G 323 -24.57 13.15 -12.26
N VAL G 324 -25.23 14.24 -11.86
CA VAL G 324 -24.55 15.25 -11.04
C VAL G 324 -24.31 14.71 -9.63
N ILE G 325 -25.28 13.99 -9.06
CA ILE G 325 -25.11 13.47 -7.70
C ILE G 325 -23.97 12.46 -7.65
N ASN G 326 -23.88 11.56 -8.63
CA ASN G 326 -22.80 10.60 -8.64
C ASN G 326 -21.46 11.23 -8.99
N PHE G 327 -21.46 12.27 -9.83
CA PHE G 327 -20.20 12.96 -10.13
C PHE G 327 -19.69 13.72 -8.91
N LEU G 328 -20.59 14.34 -8.15
CA LEU G 328 -20.17 15.01 -6.93
C LEU G 328 -19.73 14.03 -5.85
N ASP G 329 -20.37 12.85 -5.79
CA ASP G 329 -19.90 11.82 -4.87
C ASP G 329 -18.50 11.34 -5.26
N TYR G 330 -18.26 11.16 -6.55
CA TYR G 330 -16.92 10.81 -7.03
C TYR G 330 -15.93 11.94 -6.78
N ALA G 331 -16.39 13.18 -6.84
CA ALA G 331 -15.52 14.33 -6.54
C ALA G 331 -15.12 14.35 -5.07
N VAL G 332 -16.07 14.01 -4.18
CA VAL G 332 -15.74 13.91 -2.76
C VAL G 332 -14.78 12.75 -2.52
N GLN G 333 -14.98 11.64 -3.25
CA GLN G 333 -14.04 10.53 -3.19
C GLN G 333 -12.64 10.94 -3.64
N LEU G 334 -12.55 11.72 -4.70
CA LEU G 334 -11.25 12.18 -5.19
C LEU G 334 -10.62 13.19 -4.24
N ASN G 335 -11.44 14.04 -3.61
CA ASN G 335 -10.93 15.01 -2.65
C ASN G 335 -10.38 14.31 -1.41
N THR G 336 -11.06 13.26 -0.95
CA THR G 336 -10.57 12.50 0.19
C THR G 336 -9.32 11.70 -0.18
N GLN G 337 -9.36 11.01 -1.33
CA GLN G 337 -8.29 10.09 -1.68
C GLN G 337 -7.04 10.82 -2.15
N VAL G 338 -7.19 11.85 -2.97
CA VAL G 338 -6.03 12.53 -3.53
C VAL G 338 -5.75 13.81 -2.75
N GLY G 339 -6.70 14.74 -2.78
CA GLY G 339 -6.55 16.00 -2.06
C GLY G 339 -5.40 16.87 -2.55
N GLY G 340 -5.08 16.80 -3.83
CA GLY G 340 -3.98 17.57 -4.39
C GLY G 340 -4.32 18.98 -4.81
N GLY G 341 -5.56 19.40 -4.64
CA GLY G 341 -5.95 20.73 -5.05
C GLY G 341 -7.42 20.96 -4.80
N SER G 342 -7.95 22.00 -5.44
CA SER G 342 -9.36 22.37 -5.29
C SER G 342 -10.21 21.46 -6.18
N ILE G 343 -10.36 20.21 -5.73
CA ILE G 343 -11.08 19.21 -6.51
C ILE G 343 -12.57 19.50 -6.51
N LEU G 344 -13.13 19.82 -5.33
CA LEU G 344 -14.56 20.03 -5.21
C LEU G 344 -15.01 21.28 -5.94
N LYS G 345 -14.23 22.36 -5.85
CA LYS G 345 -14.56 23.59 -6.57
C LYS G 345 -14.51 23.37 -8.08
N TYR G 346 -13.53 22.60 -8.56
CA TYR G 346 -13.42 22.29 -9.97
C TYR G 346 -14.63 21.49 -10.46
N ALA G 347 -15.03 20.46 -9.71
CA ALA G 347 -16.15 19.64 -10.14
C ALA G 347 -17.46 20.40 -10.06
N ILE G 348 -17.63 21.23 -9.04
CA ILE G 348 -18.85 22.03 -8.90
C ILE G 348 -18.97 23.02 -10.06
N SER G 349 -17.86 23.70 -10.39
CA SER G 349 -17.87 24.58 -11.55
C SER G 349 -18.06 23.82 -12.86
N LEU G 350 -17.68 22.54 -12.90
CA LEU G 350 -18.03 21.71 -14.05
C LEU G 350 -19.54 21.53 -14.18
N VAL G 351 -20.23 21.24 -13.06
CA VAL G 351 -21.64 20.84 -13.18
C VAL G 351 -22.65 21.93 -12.83
N ILE G 352 -22.22 23.10 -12.35
CA ILE G 352 -23.22 24.05 -11.84
C ILE G 352 -23.93 24.82 -12.94
N ASN G 353 -23.40 24.85 -14.17
CA ASN G 353 -23.99 25.64 -15.23
C ASN G 353 -24.79 24.81 -16.22
N ASN G 354 -24.91 23.49 -16.00
CA ASN G 354 -25.64 22.60 -16.88
C ASN G 354 -26.76 21.89 -16.14
N LEU G 355 -27.38 22.59 -15.20
CA LEU G 355 -28.44 22.03 -14.37
C LEU G 355 -29.80 22.38 -14.95
N ASP G 356 -30.72 21.42 -14.88
CA ASP G 356 -32.12 21.63 -15.22
C ASP G 356 -32.94 21.88 -13.95
N GLU G 357 -34.19 22.30 -14.15
CA GLU G 357 -35.00 22.77 -13.03
C GLU G 357 -35.53 21.63 -12.16
N TYR G 358 -35.46 20.38 -12.63
CA TYR G 358 -35.82 19.27 -11.77
C TYR G 358 -34.78 19.02 -10.69
N THR G 359 -33.51 19.25 -10.99
CA THR G 359 -32.42 18.84 -10.11
C THR G 359 -31.82 19.98 -9.31
N ILE G 360 -32.46 21.15 -9.30
CA ILE G 360 -31.89 22.31 -8.59
C ILE G 360 -31.86 22.06 -7.08
N THR G 361 -32.92 21.46 -6.54
CA THR G 361 -33.00 21.23 -5.09
C THR G 361 -31.95 20.24 -4.61
N GLN G 362 -31.75 19.15 -5.36
CA GLN G 362 -30.77 18.13 -4.95
C GLN G 362 -29.35 18.69 -4.94
N VAL G 363 -28.97 19.34 -6.04
CA VAL G 363 -27.63 19.91 -6.14
C VAL G 363 -27.45 21.04 -5.13
N TYR G 364 -28.51 21.82 -4.88
CA TYR G 364 -28.40 22.91 -3.93
C TYR G 364 -28.22 22.40 -2.50
N ASP G 365 -28.93 21.32 -2.15
CA ASP G 365 -28.72 20.74 -0.82
C ASP G 365 -27.35 20.10 -0.70
N TYR G 366 -26.87 19.47 -1.78
CA TYR G 366 -25.51 18.93 -1.78
C TYR G 366 -24.47 20.03 -1.63
N LEU G 367 -24.68 21.15 -2.32
CA LEU G 367 -23.79 22.30 -2.18
C LEU G 367 -23.87 22.91 -0.79
N LEU G 368 -25.05 22.89 -0.17
CA LEU G 368 -25.18 23.40 1.19
C LEU G 368 -24.40 22.54 2.16
N ASN G 369 -24.47 21.21 2.01
CA ASN G 369 -23.69 20.32 2.87
C ASN G 369 -22.18 20.50 2.65
N LEU G 370 -21.76 20.51 1.39
CA LEU G 370 -20.33 20.67 1.08
C LEU G 370 -19.82 22.04 1.49
N SER G 371 -20.68 23.06 1.42
CA SER G 371 -20.30 24.41 1.80
C SER G 371 -20.24 24.57 3.31
N TRP G 372 -21.06 23.82 4.05
CA TRP G 372 -20.87 23.75 5.49
C TRP G 372 -19.54 23.08 5.82
N HIS G 373 -19.20 22.02 5.09
CA HIS G 373 -17.92 21.37 5.35
C HIS G 373 -16.75 22.14 4.77
N TYR G 374 -16.93 22.81 3.63
CA TYR G 374 -15.86 23.57 2.98
C TYR G 374 -16.38 24.95 2.62
N PRO G 375 -16.01 25.99 3.38
CA PRO G 375 -16.59 27.33 3.14
C PRO G 375 -16.23 27.94 1.79
N MET G 376 -15.17 27.48 1.14
CA MET G 376 -14.79 28.01 -0.17
C MET G 376 -15.82 27.69 -1.25
N LEU G 377 -16.68 26.70 -1.02
CA LEU G 377 -17.77 26.37 -1.92
C LEU G 377 -19.02 27.21 -1.64
N ILE G 378 -18.98 28.07 -0.62
CA ILE G 378 -20.13 28.92 -0.32
C ILE G 378 -20.53 29.87 -1.45
N PRO G 379 -19.61 30.54 -2.18
CA PRO G 379 -20.06 31.44 -3.27
C PRO G 379 -20.89 30.77 -4.36
N TYR G 380 -20.70 29.46 -4.58
CA TYR G 380 -21.49 28.74 -5.58
C TYR G 380 -22.96 28.69 -5.23
N LEU G 381 -23.31 28.85 -3.94
CA LEU G 381 -24.72 28.95 -3.54
C LEU G 381 -25.39 30.16 -4.18
N GLY G 382 -24.62 31.18 -4.55
CA GLY G 382 -25.20 32.31 -5.27
C GLY G 382 -25.52 32.03 -6.71
N VAL G 383 -25.02 30.92 -7.26
CA VAL G 383 -25.35 30.58 -8.64
C VAL G 383 -26.81 30.15 -8.75
N LEU G 384 -27.26 29.32 -7.82
CA LEU G 384 -28.63 28.80 -7.83
C LEU G 384 -29.47 29.41 -6.71
N ILE G 385 -29.13 30.63 -6.29
CA ILE G 385 -29.87 31.29 -5.21
C ILE G 385 -31.24 31.78 -5.67
N GLU G 386 -31.44 31.95 -6.98
CA GLU G 386 -32.72 32.42 -7.47
C GLU G 386 -33.73 31.29 -7.64
N HIS G 387 -33.27 30.13 -8.12
CA HIS G 387 -34.19 29.06 -8.47
C HIS G 387 -34.74 28.35 -7.23
N VAL G 388 -34.04 28.44 -6.11
CA VAL G 388 -34.44 27.74 -4.90
C VAL G 388 -35.47 28.57 -4.15
N TYR G 389 -36.59 27.96 -3.80
CA TYR G 389 -37.64 28.62 -3.04
C TYR G 389 -37.15 28.81 -1.60
N LEU G 390 -36.60 29.99 -1.33
CA LEU G 390 -35.92 30.23 -0.07
C LEU G 390 -36.87 30.43 1.10
N ASP G 391 -38.09 30.91 0.84
CA ASP G 391 -39.06 31.06 1.92
C ASP G 391 -39.43 29.70 2.51
N ASP G 392 -40.08 28.84 1.71
CA ASP G 392 -40.34 27.43 1.98
C ASP G 392 -40.91 27.15 3.37
N GLY G 393 -40.24 26.28 4.12
CA GLY G 393 -40.61 25.99 5.49
C GLY G 393 -39.50 26.32 6.47
N ASP G 394 -38.72 27.36 6.16
CA ASP G 394 -37.66 27.96 6.98
C ASP G 394 -36.44 27.05 7.15
N GLU G 395 -36.42 25.89 6.50
CA GLU G 395 -35.29 24.98 6.60
C GLU G 395 -34.02 25.59 6.01
N TYR G 396 -34.15 26.32 4.91
CA TYR G 396 -33.00 26.99 4.31
C TYR G 396 -32.45 28.08 5.21
N LYS G 397 -33.33 28.77 5.94
CA LYS G 397 -32.88 29.75 6.93
C LYS G 397 -32.04 29.10 8.01
N ASN G 398 -32.49 27.93 8.51
CA ASN G 398 -31.73 27.22 9.52
C ASN G 398 -30.39 26.73 8.96
N LYS G 399 -30.38 26.28 7.71
CA LYS G 399 -29.13 25.83 7.09
C LYS G 399 -28.14 26.97 6.90
N PHE G 400 -28.63 28.13 6.45
CA PHE G 400 -27.75 29.29 6.30
C PHE G 400 -27.22 29.78 7.65
N ASN G 401 -28.05 29.75 8.68
CA ASN G 401 -27.57 30.19 9.99
C ASN G 401 -26.62 29.18 10.61
N GLU G 402 -26.79 27.89 10.33
CA GLU G 402 -25.80 26.90 10.75
C GLU G 402 -24.49 27.09 10.02
N ILE G 403 -24.54 27.47 8.74
CA ILE G 403 -23.34 27.81 8.00
C ILE G 403 -22.66 29.03 8.61
N LEU G 404 -23.45 30.03 9.02
CA LEU G 404 -22.90 31.21 9.70
C LEU G 404 -22.26 30.82 11.03
N SER G 405 -22.87 29.89 11.77
CA SER G 405 -22.28 29.40 13.01
C SER G 405 -20.95 28.71 12.75
N MET G 406 -20.88 27.89 11.70
CA MET G 406 -19.64 27.21 11.35
C MET G 406 -18.57 28.21 10.95
N CYS G 407 -18.96 29.26 10.23
CA CYS G 407 -18.00 30.28 9.82
C CYS G 407 -17.49 31.10 11.01
N ALA G 408 -18.37 31.36 11.99
CA ALA G 408 -17.93 32.04 13.20
C ALA G 408 -17.01 31.17 14.03
N GLU G 409 -17.30 29.87 14.11
CA GLU G 409 -16.47 28.96 14.90
C GLU G 409 -15.10 28.74 14.25
N ASN G 410 -15.08 28.54 12.93
CA ASN G 410 -13.83 28.27 12.23
C ASN G 410 -13.03 29.52 11.92
N LYS G 411 -13.58 30.70 12.21
CA LYS G 411 -12.91 32.00 12.01
C LYS G 411 -12.49 32.20 10.56
N CYS G 412 -13.44 32.01 9.64
CA CYS G 412 -13.21 32.22 8.22
C CYS G 412 -14.06 33.39 7.74
N SER G 413 -13.44 34.32 7.02
CA SER G 413 -14.12 35.52 6.59
C SER G 413 -14.77 35.38 5.23
N ASP G 414 -14.24 34.53 4.35
CA ASP G 414 -14.81 34.39 3.01
C ASP G 414 -16.20 33.76 3.07
N GLY G 415 -16.33 32.65 3.80
CA GLY G 415 -17.62 31.99 3.90
C GLY G 415 -18.65 32.82 4.62
N MET G 416 -18.24 33.46 5.72
CA MET G 416 -19.16 34.32 6.47
C MET G 416 -19.60 35.52 5.65
N ALA G 417 -18.66 36.14 4.92
CA ALA G 417 -19.00 37.31 4.11
C ALA G 417 -19.94 36.92 2.97
N TRP G 418 -19.68 35.81 2.29
CA TRP G 418 -20.54 35.39 1.19
C TRP G 418 -21.92 34.96 1.70
N THR G 419 -21.96 34.25 2.84
CA THR G 419 -23.23 33.84 3.42
C THR G 419 -24.05 35.04 3.89
N LEU G 420 -23.39 36.03 4.51
CA LEU G 420 -24.08 37.24 4.92
C LEU G 420 -24.59 38.03 3.72
N TYR G 421 -23.81 38.05 2.64
CA TYR G 421 -24.25 38.69 1.41
C TYR G 421 -25.49 38.00 0.84
N PHE G 422 -25.50 36.66 0.86
CA PHE G 422 -26.68 35.92 0.38
C PHE G 422 -27.89 36.18 1.28
N CYS G 423 -27.69 36.21 2.60
CA CYS G 423 -28.81 36.42 3.51
C CYS G 423 -29.38 37.84 3.40
N ILE G 424 -28.51 38.83 3.22
CA ILE G 424 -28.98 40.20 3.08
C ILE G 424 -29.68 40.40 1.74
N LYS G 425 -29.09 39.87 0.66
CA LYS G 425 -29.68 40.03 -0.66
C LYS G 425 -31.00 39.29 -0.80
N ASN G 426 -31.09 38.08 -0.24
CA ASN G 426 -32.24 37.22 -0.41
C ASN G 426 -33.19 37.24 0.79
N ASN G 427 -32.98 38.18 1.73
CA ASN G 427 -33.87 38.40 2.88
C ASN G 427 -34.03 37.17 3.75
N ILE G 428 -32.94 36.43 3.95
CA ILE G 428 -32.92 35.32 4.90
C ILE G 428 -32.68 35.89 6.29
N ASP G 429 -33.58 35.58 7.22
CA ASP G 429 -33.48 36.13 8.56
C ASP G 429 -32.32 35.50 9.33
N ILE G 430 -31.68 36.33 10.16
CA ILE G 430 -30.54 35.92 10.97
C ILE G 430 -30.93 36.06 12.43
N ASP G 431 -30.77 34.98 13.19
CA ASP G 431 -31.09 35.01 14.61
C ASP G 431 -30.10 35.86 15.38
N ASP G 432 -30.50 36.24 16.60
CA ASP G 432 -29.60 37.02 17.46
C ASP G 432 -28.43 36.18 17.94
N ASP G 433 -28.63 34.87 18.11
CA ASP G 433 -27.59 34.01 18.65
C ASP G 433 -26.37 33.95 17.74
N VAL G 434 -26.61 33.88 16.42
CA VAL G 434 -25.49 33.91 15.49
C VAL G 434 -24.92 35.31 15.32
N ILE G 435 -25.73 36.36 15.55
CA ILE G 435 -25.21 37.72 15.54
C ILE G 435 -24.20 37.93 16.67
N GLU G 436 -24.48 37.35 17.84
CA GLU G 436 -23.51 37.34 18.93
C GLU G 436 -22.20 36.69 18.50
N LYS G 437 -22.27 35.57 17.77
CA LYS G 437 -21.06 34.91 17.30
C LYS G 437 -20.33 35.73 16.25
N ILE G 438 -21.06 36.47 15.43
CA ILE G 438 -20.42 37.33 14.44
C ILE G 438 -19.68 38.49 15.13
N ILE G 439 -20.30 39.10 16.14
CA ILE G 439 -19.61 40.14 16.90
C ILE G 439 -18.41 39.58 17.65
N CYS G 440 -18.54 38.35 18.17
CA CYS G 440 -17.41 37.71 18.85
C CYS G 440 -16.26 37.44 17.89
N PHE G 441 -16.57 37.00 16.68
CA PHE G 441 -15.54 36.85 15.65
C PHE G 441 -15.00 38.20 15.23
N GLY G 442 -15.89 39.15 14.93
CA GLY G 442 -15.49 40.48 14.55
C GLY G 442 -14.71 40.57 13.25
N ASP G 443 -15.20 39.89 12.21
CA ASP G 443 -14.65 40.10 10.88
C ASP G 443 -15.10 41.44 10.34
N CYS G 444 -14.15 42.19 9.75
CA CYS G 444 -14.44 43.56 9.34
C CYS G 444 -15.44 43.61 8.19
N LEU G 445 -15.32 42.71 7.22
CA LEU G 445 -16.23 42.74 6.07
C LEU G 445 -17.62 42.25 6.47
N SER G 446 -17.68 41.25 7.33
CA SER G 446 -18.96 40.78 7.84
C SER G 446 -19.66 41.86 8.65
N LEU G 447 -18.91 42.60 9.46
CA LEU G 447 -19.49 43.71 10.19
C LEU G 447 -19.86 44.87 9.27
N CYS G 448 -19.15 45.04 8.16
CA CYS G 448 -19.56 46.01 7.15
C CYS G 448 -20.91 45.64 6.55
N LEU G 449 -21.12 44.35 6.26
CA LEU G 449 -22.40 43.89 5.75
C LEU G 449 -23.50 44.06 6.79
N LEU G 450 -23.20 43.74 8.06
CA LEU G 450 -24.18 43.89 9.13
C LEU G 450 -24.55 45.35 9.34
N ASP G 451 -23.58 46.25 9.23
CA ASP G 451 -23.85 47.68 9.32
C ASP G 451 -24.64 48.17 8.11
N SER G 452 -24.39 47.59 6.94
CA SER G 452 -25.15 47.96 5.75
C SER G 452 -26.57 47.43 5.78
N SER G 453 -26.87 46.44 6.62
CA SER G 453 -28.27 46.03 6.78
C SER G 453 -29.05 46.98 7.69
N ASP G 454 -28.34 47.73 8.54
CA ASP G 454 -28.89 48.70 9.50
C ASP G 454 -29.82 48.10 10.56
N ILE G 455 -29.93 46.77 10.60
CA ILE G 455 -30.77 46.14 11.61
C ILE G 455 -30.04 46.11 12.96
N TYR G 456 -28.73 45.91 12.93
CA TYR G 456 -27.92 45.64 14.12
C TYR G 456 -27.04 46.84 14.48
N GLU G 457 -27.64 48.04 14.42
CA GLU G 457 -26.89 49.28 14.59
C GLU G 457 -26.27 49.39 15.99
N GLU G 458 -27.00 48.98 17.02
CA GLU G 458 -26.51 49.15 18.39
C GLU G 458 -25.34 48.21 18.70
N LYS G 459 -25.33 47.00 18.12
CA LYS G 459 -24.23 46.09 18.38
C LYS G 459 -22.96 46.52 17.65
N ILE G 460 -23.11 46.99 16.41
CA ILE G 460 -21.98 47.55 15.68
C ILE G 460 -21.46 48.79 16.39
N ASN G 461 -22.37 49.59 16.94
CA ASN G 461 -21.99 50.78 17.70
C ASN G 461 -21.19 50.40 18.95
N ASN G 462 -21.64 49.35 19.65
CA ASN G 462 -20.89 48.88 20.83
C ASN G 462 -19.51 48.36 20.44
N PHE G 463 -19.43 47.64 19.31
CA PHE G 463 -18.14 47.11 18.85
C PHE G 463 -17.18 48.25 18.52
N VAL G 464 -17.64 49.23 17.74
CA VAL G 464 -16.74 50.33 17.37
C VAL G 464 -16.45 51.24 18.56
N SER G 465 -17.36 51.28 19.55
CA SER G 465 -17.08 52.02 20.77
C SER G 465 -15.97 51.34 21.57
N ASP G 466 -15.97 50.01 21.61
CA ASP G 466 -14.87 49.28 22.24
C ASP G 466 -13.56 49.53 21.52
N ILE G 467 -13.59 49.53 20.18
CA ILE G 467 -12.38 49.80 19.40
C ILE G 467 -11.86 51.21 19.65
N ILE G 468 -12.77 52.20 19.73
CA ILE G 468 -12.37 53.58 19.98
C ILE G 468 -11.81 53.73 21.40
N LYS G 469 -12.49 53.16 22.39
CA LYS G 469 -12.03 53.30 23.78
C LYS G 469 -10.79 52.47 24.07
N LEU G 470 -10.44 51.52 23.21
CA LEU G 470 -9.16 50.83 23.36
C LEU G 470 -7.97 51.73 23.05
N ASP G 471 -8.19 52.80 22.28
CA ASP G 471 -7.20 53.84 21.96
C ASP G 471 -5.97 53.29 21.25
N TYR G 472 -6.10 52.17 20.54
CA TYR G 472 -5.02 51.62 19.74
C TYR G 472 -5.28 51.97 18.28
N GLU G 473 -4.29 52.63 17.66
CA GLU G 473 -4.48 53.10 16.29
C GLU G 473 -4.53 51.94 15.30
N TYR G 474 -3.77 50.88 15.56
CA TYR G 474 -3.81 49.70 14.70
C TYR G 474 -5.14 48.98 14.82
N ASP G 475 -5.80 49.06 15.97
CA ASP G 475 -7.12 48.45 16.12
C ASP G 475 -8.16 49.18 15.28
N ILE G 476 -8.05 50.51 15.19
CA ILE G 476 -8.92 51.27 14.30
C ILE G 476 -8.57 50.98 12.85
N ASP G 477 -7.28 50.81 12.56
CA ASP G 477 -6.86 50.52 11.19
C ASP G 477 -7.33 49.14 10.74
N ARG G 478 -7.45 48.19 11.66
CA ARG G 478 -7.95 46.87 11.31
C ARG G 478 -9.43 46.87 10.95
N TYR G 479 -10.17 47.90 11.33
CA TYR G 479 -11.58 48.04 11.01
C TYR G 479 -11.89 49.36 10.33
N TRP G 480 -10.88 49.94 9.66
CA TRP G 480 -11.07 51.19 8.92
C TRP G 480 -12.21 51.12 7.92
N LEU G 481 -12.44 49.96 7.30
CA LEU G 481 -13.53 49.87 6.33
C LEU G 481 -14.89 49.97 7.00
N LEU G 482 -15.04 49.31 8.16
CA LEU G 482 -16.27 49.45 8.94
C LEU G 482 -16.46 50.89 9.41
N PHE G 483 -15.37 51.51 9.89
CA PHE G 483 -15.46 52.88 10.39
C PHE G 483 -15.80 53.85 9.27
N TYR G 484 -15.24 53.65 8.07
CA TYR G 484 -15.55 54.52 6.95
C TYR G 484 -16.96 54.27 6.41
N GLN G 485 -17.43 53.02 6.45
CA GLN G 485 -18.80 52.78 6.02
C GLN G 485 -19.81 53.40 6.98
N ARG G 486 -19.51 53.39 8.28
CA ARG G 486 -20.39 54.09 9.22
C ARG G 486 -20.25 55.60 9.10
N PHE G 487 -19.06 56.11 8.78
CA PHE G 487 -18.86 57.54 8.64
C PHE G 487 -19.52 58.08 7.38
N PHE G 488 -19.49 57.29 6.30
CA PHE G 488 -20.02 57.73 5.01
C PHE G 488 -21.54 57.80 5.03
N LYS G 489 -22.19 56.92 5.79
CA LYS G 489 -23.63 56.96 5.96
C LYS G 489 -24.07 57.82 7.13
N ASP G 490 -23.14 58.61 7.69
CA ASP G 490 -23.38 59.54 8.80
C ASP G 490 -23.92 58.83 10.04
N LYS G 491 -23.48 57.60 10.28
CA LYS G 491 -23.86 56.85 11.47
C LYS G 491 -22.84 56.97 12.59
N ALA G 492 -21.65 57.50 12.30
CA ALA G 492 -20.59 57.62 13.29
C ALA G 492 -19.62 58.70 12.81
N PRO G 493 -18.95 59.39 13.71
CA PRO G 493 -17.90 60.34 13.30
C PRO G 493 -16.64 59.61 12.84
N SER G 494 -15.77 60.36 12.19
CA SER G 494 -14.51 59.79 11.72
C SER G 494 -13.60 59.48 12.90
N PRO G 495 -13.10 58.25 13.02
CA PRO G 495 -12.23 57.92 14.16
C PRO G 495 -10.87 58.59 14.09
N TYR G 496 -10.41 58.95 12.89
CA TYR G 496 -9.10 59.56 12.73
C TYR G 496 -9.17 61.07 12.87
N ASN G 497 -8.00 61.69 13.01
CA ASN G 497 -7.89 63.14 13.06
C ASN G 497 -7.37 63.74 11.77
N ASP G 498 -7.06 62.93 10.77
CA ASP G 498 -6.62 63.46 9.48
C ASP G 498 -7.82 63.74 8.60
N LYS G 499 -7.56 64.13 7.35
CA LYS G 499 -8.59 64.50 6.41
C LYS G 499 -8.84 63.42 5.35
N CYS G 500 -8.25 62.23 5.50
CA CYS G 500 -8.39 61.19 4.49
C CYS G 500 -9.83 60.69 4.38
N PHE G 501 -10.46 60.42 5.53
CA PHE G 501 -11.85 59.99 5.53
C PHE G 501 -12.77 61.10 5.06
N ASP G 502 -12.46 62.35 5.42
CA ASP G 502 -13.25 63.48 4.96
C ASP G 502 -13.10 63.70 3.46
N ILE G 503 -11.90 63.49 2.92
CA ILE G 503 -11.68 63.58 1.48
C ILE G 503 -12.46 62.50 0.75
N MET G 504 -12.43 61.27 1.28
CA MET G 504 -13.15 60.17 0.64
C MET G 504 -14.66 60.37 0.72
N LYS G 505 -15.16 60.91 1.84
CA LYS G 505 -16.60 61.16 1.96
C LYS G 505 -17.04 62.31 1.06
N GLY G 506 -16.20 63.34 0.94
CA GLY G 506 -16.58 64.50 0.14
C GLY G 506 -16.67 64.21 -1.34
N TYR G 507 -15.87 63.26 -1.83
CA TYR G 507 -15.90 62.86 -3.23
C TYR G 507 -16.72 61.61 -3.47
N GLY G 508 -17.51 61.19 -2.49
CA GLY G 508 -18.43 60.08 -2.67
C GLY G 508 -17.79 58.72 -2.85
N VAL G 509 -16.72 58.44 -2.13
CA VAL G 509 -16.14 57.10 -2.16
C VAL G 509 -17.02 56.17 -1.34
N ASP G 510 -17.49 55.10 -1.97
CA ASP G 510 -18.30 54.11 -1.28
C ASP G 510 -17.79 52.73 -1.66
N PHE G 511 -17.40 51.96 -0.65
CA PHE G 511 -16.92 50.60 -0.85
C PHE G 511 -18.05 49.58 -0.79
N MET G 512 -19.28 50.02 -0.56
CA MET G 512 -20.47 49.20 -0.66
C MET G 512 -21.48 49.90 -1.57
N PRO G 513 -21.21 49.98 -2.86
CA PRO G 513 -22.08 50.76 -3.75
C PRO G 513 -23.27 49.95 -4.23
N ASP G 514 -24.31 50.68 -4.64
CA ASP G 514 -25.46 50.06 -5.26
C ASP G 514 -25.20 49.80 -6.74
N GLU G 515 -26.09 49.00 -7.34
CA GLU G 515 -25.94 48.64 -8.75
C GLU G 515 -26.27 49.82 -9.66
N ASP I 14 -4.83 -20.07 -55.33
CA ASP I 14 -4.19 -21.27 -54.81
C ASP I 14 -3.53 -20.98 -53.47
N GLU I 15 -3.59 -21.96 -52.56
CA GLU I 15 -2.95 -21.83 -51.26
C GLU I 15 -1.43 -21.77 -51.39
N LYS I 16 -0.88 -22.57 -52.29
CA LYS I 16 0.58 -22.67 -52.44
C LYS I 16 1.15 -21.37 -53.02
N ARG I 17 0.53 -20.85 -54.07
CA ARG I 17 0.99 -19.61 -54.70
C ARG I 17 0.81 -18.43 -53.76
N HIS I 18 -0.31 -18.40 -53.02
CA HIS I 18 -0.51 -17.34 -52.03
C HIS I 18 0.52 -17.43 -50.91
N LEU I 19 0.91 -18.64 -50.52
CA LEU I 19 1.97 -18.81 -49.53
C LEU I 19 3.30 -18.26 -50.05
N TYR I 20 3.62 -18.57 -51.30
CA TYR I 20 4.89 -18.11 -51.89
C TYR I 20 4.94 -16.60 -51.95
N GLU I 21 3.86 -15.98 -52.46
CA GLU I 21 3.81 -14.53 -52.59
C GLU I 21 3.70 -13.85 -51.23
N ALA I 22 3.14 -14.53 -50.23
CA ALA I 22 3.12 -14.00 -48.87
C ALA I 22 4.51 -14.00 -48.27
N LEU I 23 5.24 -15.10 -48.46
CA LEU I 23 6.59 -15.21 -47.91
C LEU I 23 7.53 -14.18 -48.51
N LEU I 24 7.41 -13.92 -49.81
CA LEU I 24 8.38 -13.05 -50.45
C LEU I 24 7.90 -11.61 -50.63
N ARG I 25 6.67 -11.40 -51.12
CA ARG I 25 6.23 -10.06 -51.47
C ARG I 25 5.62 -9.30 -50.29
N HIS I 26 5.09 -9.99 -49.29
CA HIS I 26 4.36 -9.31 -48.22
C HIS I 26 4.95 -9.51 -46.84
N ASN I 27 5.37 -10.72 -46.49
CA ASN I 27 5.85 -11.01 -45.14
C ASN I 27 7.35 -11.29 -45.10
N TYR I 28 8.09 -10.86 -46.11
CA TYR I 28 9.55 -10.87 -46.02
C TYR I 28 10.02 -9.86 -44.99
N PHE I 29 9.67 -8.59 -45.18
CA PHE I 29 9.93 -7.58 -44.18
C PHE I 29 9.03 -7.81 -42.99
N PRO I 30 9.40 -7.31 -41.82
CA PRO I 30 8.49 -7.42 -40.67
C PRO I 30 7.26 -6.56 -40.89
N ASN I 31 6.16 -7.21 -41.20
CA ASN I 31 4.91 -6.54 -41.57
C ASN I 31 3.74 -7.30 -40.98
N GLN I 32 3.91 -7.83 -39.76
CA GLN I 32 2.89 -8.65 -39.13
C GLN I 32 1.90 -7.84 -38.30
N LYS I 33 2.16 -6.56 -38.07
CA LYS I 33 1.27 -5.75 -37.27
C LYS I 33 -0.01 -5.45 -38.04
N GLY I 34 -1.09 -5.18 -37.28
CA GLY I 34 -2.39 -4.98 -37.88
C GLY I 34 -2.61 -3.60 -38.46
N SER I 35 -2.50 -2.56 -37.62
CA SER I 35 -2.89 -1.21 -38.04
C SER I 35 -1.71 -0.43 -38.61
N ILE I 36 -0.69 -0.19 -37.80
CA ILE I 36 0.51 0.51 -38.23
C ILE I 36 1.69 -0.44 -38.17
N SER I 37 2.54 -0.37 -39.19
CA SER I 37 3.64 -1.32 -39.30
C SER I 37 4.82 -0.88 -38.43
N GLU I 38 5.70 -1.84 -38.14
CA GLU I 38 6.94 -1.53 -37.44
C GLU I 38 7.89 -0.75 -38.34
N ILE I 39 7.76 -0.91 -39.65
CA ILE I 39 8.62 -0.30 -40.65
C ILE I 39 7.79 0.74 -41.40
N PRO I 40 8.37 1.88 -41.79
CA PRO I 40 7.61 2.86 -42.56
C PRO I 40 7.17 2.28 -43.89
N PRO I 41 6.05 2.77 -44.44
CA PRO I 41 5.51 2.16 -45.67
C PRO I 41 6.34 2.41 -46.92
N CYS I 42 7.33 3.30 -46.86
CA CYS I 42 8.23 3.49 -47.99
C CYS I 42 9.05 2.24 -48.27
N PHE I 43 9.33 1.45 -47.24
CA PHE I 43 9.93 0.13 -47.42
C PHE I 43 8.85 -0.87 -47.75
N SER I 44 9.03 -1.60 -48.86
CA SER I 44 8.08 -2.63 -49.25
C SER I 44 8.85 -3.78 -49.88
N SER I 45 8.45 -5.00 -49.53
CA SER I 45 9.08 -6.20 -50.07
C SER I 45 8.43 -6.66 -51.36
N ARG I 46 7.45 -5.93 -51.87
CA ARG I 46 6.85 -6.26 -53.16
C ARG I 46 7.85 -6.00 -54.28
N THR I 47 7.49 -6.47 -55.48
CA THR I 47 8.36 -6.60 -56.67
C THR I 47 9.54 -7.54 -56.41
N PHE I 48 9.40 -8.42 -55.43
CA PHE I 48 10.35 -9.50 -55.17
C PHE I 48 9.56 -10.80 -55.28
N THR I 49 9.41 -11.28 -56.52
CA THR I 49 8.46 -12.31 -56.86
C THR I 49 9.05 -13.70 -56.60
N PRO I 50 8.20 -14.73 -56.50
CA PRO I 50 8.72 -16.10 -56.37
C PRO I 50 9.62 -16.56 -57.50
N GLU I 51 9.42 -16.08 -58.72
CA GLU I 51 10.30 -16.43 -59.82
C GLU I 51 11.71 -15.89 -59.60
N ILE I 52 11.79 -14.66 -59.06
CA ILE I 52 13.09 -14.06 -58.76
C ILE I 52 13.81 -14.84 -57.67
N ALA I 53 13.07 -15.25 -56.63
CA ALA I 53 13.67 -16.05 -55.57
C ALA I 53 14.08 -17.43 -56.06
N GLU I 54 13.32 -18.00 -57.01
CA GLU I 54 13.73 -19.25 -57.64
C GLU I 54 15.04 -19.07 -58.39
N LEU I 55 15.19 -17.94 -59.10
CA LEU I 55 16.43 -17.66 -59.81
C LEU I 55 17.60 -17.44 -58.85
N ILE I 56 17.34 -16.80 -57.71
CA ILE I 56 18.38 -16.61 -56.71
C ILE I 56 18.83 -17.95 -56.13
N SER I 57 17.87 -18.81 -55.78
CA SER I 57 18.20 -20.11 -55.22
C SER I 57 18.87 -21.01 -56.25
N SER I 58 18.58 -20.81 -57.53
CA SER I 58 19.27 -21.56 -58.58
C SER I 58 20.71 -21.11 -58.77
N ASP I 59 21.06 -19.91 -58.32
CA ASP I 59 22.41 -19.40 -58.49
C ASP I 59 23.37 -20.14 -57.55
N THR I 60 24.51 -20.57 -58.11
CA THR I 60 25.54 -21.27 -57.35
C THR I 60 26.88 -20.57 -57.40
N SER I 61 27.00 -19.44 -58.09
CA SER I 61 28.27 -18.75 -58.22
C SER I 61 28.60 -18.01 -56.93
N GLY I 62 29.85 -17.57 -56.83
CA GLY I 62 30.32 -16.83 -55.68
C GLY I 62 30.93 -17.73 -54.61
N ARG I 63 31.81 -17.12 -53.81
CA ARG I 63 32.48 -17.82 -52.72
C ARG I 63 32.35 -16.99 -51.46
N ARG I 64 32.04 -17.67 -50.35
CA ARG I 64 31.90 -17.02 -49.05
C ARG I 64 32.93 -17.60 -48.10
N SER I 65 33.74 -16.72 -47.50
CA SER I 65 34.68 -17.16 -46.47
C SER I 65 33.93 -17.63 -45.23
N LEU I 66 32.87 -16.93 -44.86
CA LEU I 66 32.06 -17.29 -43.71
C LEU I 66 30.90 -18.18 -44.14
N GLN I 67 30.37 -18.92 -43.17
CA GLN I 67 29.25 -19.82 -43.40
C GLN I 67 27.96 -19.17 -42.90
N GLY I 68 26.91 -19.25 -43.72
CA GLY I 68 25.66 -18.60 -43.38
C GLY I 68 25.65 -17.15 -43.79
N TYR I 69 24.54 -16.49 -43.47
CA TYR I 69 24.36 -15.08 -43.79
C TYR I 69 23.85 -14.34 -42.56
N ASP I 70 24.40 -13.15 -42.33
CA ASP I 70 23.84 -12.28 -41.31
C ASP I 70 22.68 -11.49 -41.91
N CYS I 71 21.91 -10.83 -41.04
CA CYS I 71 20.67 -10.19 -41.46
C CYS I 71 20.66 -8.73 -41.01
N VAL I 72 19.84 -7.94 -41.70
CA VAL I 72 19.65 -6.55 -41.31
C VAL I 72 18.88 -6.50 -39.98
N GLU I 73 19.43 -5.78 -39.01
CA GLU I 73 18.87 -5.73 -37.67
C GLU I 73 18.14 -4.41 -37.48
N TYR I 74 16.94 -4.49 -36.91
CA TYR I 74 16.02 -3.36 -36.83
C TYR I 74 15.46 -3.34 -35.41
N TYR I 75 15.91 -2.38 -34.60
CA TYR I 75 15.57 -2.35 -33.18
C TYR I 75 14.29 -1.53 -33.00
N ALA I 76 13.19 -2.20 -32.68
CA ALA I 76 11.91 -1.54 -32.46
C ALA I 76 11.60 -1.54 -30.97
N THR I 77 11.22 -0.38 -30.43
CA THR I 77 10.90 -0.30 -29.02
C THR I 77 9.53 -0.90 -28.74
N ARG I 78 9.40 -1.48 -27.55
CA ARG I 78 8.12 -1.93 -27.03
C ARG I 78 7.49 -0.80 -26.23
N TYR I 79 6.43 -1.10 -25.49
CA TYR I 79 5.74 -0.07 -24.71
C TYR I 79 6.57 0.41 -23.53
N ASN I 80 7.42 -0.46 -22.98
CA ASN I 80 8.28 -0.10 -21.87
C ASN I 80 9.65 0.39 -22.33
N ASN I 81 9.77 0.83 -23.59
CA ASN I 81 10.99 1.26 -24.26
C ASN I 81 12.04 0.16 -24.35
N PHE I 82 11.65 -1.09 -24.19
CA PHE I 82 12.59 -2.21 -24.29
C PHE I 82 12.80 -2.54 -25.76
N PRO I 83 14.05 -2.62 -26.23
CA PRO I 83 14.27 -2.92 -27.64
C PRO I 83 13.98 -4.37 -27.97
N ARG I 84 13.36 -4.58 -29.13
CA ARG I 84 13.14 -5.90 -29.71
C ARG I 84 13.77 -5.90 -31.09
N THR I 85 14.57 -6.92 -31.38
CA THR I 85 15.37 -6.94 -32.59
C THR I 85 14.61 -7.69 -33.68
N LEU I 86 13.95 -6.95 -34.56
CA LEU I 86 13.43 -7.53 -35.79
C LEU I 86 14.57 -7.70 -36.79
N SER I 87 14.40 -8.62 -37.72
CA SER I 87 15.46 -8.92 -38.67
C SER I 87 14.91 -9.09 -40.07
N ILE I 88 15.64 -8.54 -41.03
CA ILE I 88 15.37 -8.74 -42.46
C ILE I 88 16.46 -9.65 -42.99
N ILE I 89 16.07 -10.85 -43.38
CA ILE I 89 17.04 -11.88 -43.78
C ILE I 89 17.63 -11.51 -45.14
N HIS I 90 18.89 -11.90 -45.34
CA HIS I 90 19.56 -11.71 -46.62
C HIS I 90 18.81 -12.45 -47.71
N PRO I 91 18.61 -11.84 -48.88
CA PRO I 91 17.70 -12.43 -49.88
C PRO I 91 18.15 -13.76 -50.47
N LYS I 92 19.44 -14.08 -50.42
CA LYS I 92 19.87 -15.39 -50.88
C LYS I 92 19.41 -16.48 -49.92
N ALA I 93 19.73 -16.33 -48.63
CA ALA I 93 19.31 -17.28 -47.62
C ALA I 93 17.80 -17.28 -47.47
N TYR I 94 17.17 -16.10 -47.50
CA TYR I 94 15.72 -16.03 -47.39
C TYR I 94 15.05 -16.65 -48.61
N SER I 95 15.61 -16.45 -49.80
CA SER I 95 15.04 -17.03 -51.01
C SER I 95 15.10 -18.55 -50.96
N LYS I 96 16.25 -19.10 -50.52
CA LYS I 96 16.35 -20.54 -50.37
C LYS I 96 15.39 -21.08 -49.31
N LEU I 97 15.27 -20.37 -48.19
CA LEU I 97 14.39 -20.80 -47.10
C LEU I 97 12.93 -20.76 -47.52
N ALA I 98 12.52 -19.68 -48.19
CA ALA I 98 11.13 -19.56 -48.64
C ALA I 98 10.82 -20.56 -49.74
N LYS I 99 11.78 -20.82 -50.62
CA LYS I 99 11.58 -21.83 -51.66
C LYS I 99 11.42 -23.22 -51.05
N HIS I 100 12.22 -23.55 -50.03
CA HIS I 100 12.08 -24.85 -49.38
C HIS I 100 10.78 -24.96 -48.60
N ILE I 101 10.33 -23.88 -47.97
CA ILE I 101 9.06 -23.91 -47.26
C ILE I 101 7.91 -24.07 -48.24
N HIS I 102 7.99 -23.39 -49.39
CA HIS I 102 6.95 -23.52 -50.40
C HIS I 102 6.91 -24.91 -51.02
N ASP I 103 8.09 -25.48 -51.31
CA ASP I 103 8.15 -26.74 -52.05
C ASP I 103 7.59 -27.91 -51.25
N ASN I 104 7.65 -27.83 -49.91
CA ASN I 104 7.13 -28.86 -49.04
C ASN I 104 5.94 -28.38 -48.22
N TRP I 105 5.14 -27.47 -48.77
CA TRP I 105 4.01 -26.90 -48.05
C TRP I 105 2.94 -27.94 -47.71
N GLU I 106 2.86 -29.04 -48.48
CA GLU I 106 1.93 -30.11 -48.12
C GLU I 106 2.31 -30.74 -46.79
N GLU I 107 3.62 -30.85 -46.51
CA GLU I 107 4.07 -31.42 -45.26
C GLU I 107 4.16 -30.39 -44.13
N ILE I 108 4.01 -29.10 -44.45
CA ILE I 108 4.13 -28.04 -43.46
C ILE I 108 2.76 -27.53 -43.03
N ARG I 109 1.78 -27.59 -43.93
CA ARG I 109 0.48 -26.94 -43.77
C ARG I 109 -0.38 -27.55 -42.67
N PHE I 110 0.11 -28.55 -41.93
CA PHE I 110 -0.60 -29.00 -40.74
C PHE I 110 -0.59 -27.95 -39.63
N ILE I 111 0.31 -26.97 -39.70
CA ILE I 111 0.30 -25.86 -38.75
C ILE I 111 -0.91 -24.96 -38.97
N LYS I 112 -1.51 -25.00 -40.16
CA LYS I 112 -2.73 -24.23 -40.40
C LYS I 112 -3.90 -24.78 -39.60
N GLU I 113 -3.99 -26.11 -39.51
CA GLU I 113 -5.08 -26.78 -38.80
C GLU I 113 -4.71 -27.06 -37.35
N ASN I 114 -4.24 -26.02 -36.66
CA ASN I 114 -3.94 -26.07 -35.23
C ASN I 114 -4.88 -25.07 -34.58
N GLU I 115 -5.92 -25.58 -33.91
CA GLU I 115 -6.96 -24.71 -33.36
C GLU I 115 -6.46 -23.93 -32.15
N ASN I 116 -5.43 -24.42 -31.47
CA ASN I 116 -4.96 -23.75 -30.26
C ASN I 116 -4.14 -22.52 -30.59
N SER I 117 -3.44 -22.51 -31.71
CA SER I 117 -2.61 -21.37 -32.10
C SER I 117 -3.46 -20.36 -32.83
N MET I 118 -3.56 -19.15 -32.28
CA MET I 118 -4.39 -18.13 -32.90
C MET I 118 -3.65 -17.38 -34.00
N ILE I 119 -2.39 -17.02 -33.75
CA ILE I 119 -1.58 -16.34 -34.75
C ILE I 119 -0.79 -17.41 -35.49
N LYS I 120 -1.26 -17.73 -36.68
CA LYS I 120 -0.69 -18.79 -37.51
C LYS I 120 -0.84 -18.35 -38.96
N PRO I 121 -0.20 -19.05 -39.90
CA PRO I 121 -0.46 -18.76 -41.31
C PRO I 121 -1.94 -18.90 -41.67
N ASP I 122 -2.41 -17.99 -42.52
CA ASP I 122 -3.80 -17.95 -42.94
C ASP I 122 -3.87 -17.07 -44.18
N MET I 123 -4.72 -17.46 -45.13
CA MET I 123 -4.84 -16.73 -46.38
C MET I 123 -5.59 -15.44 -46.13
N HIS I 124 -4.90 -14.31 -46.26
CA HIS I 124 -5.48 -13.00 -46.00
C HIS I 124 -5.72 -12.25 -47.29
N ALA I 125 -6.58 -11.23 -47.22
CA ALA I 125 -6.95 -10.47 -48.40
C ALA I 125 -5.80 -9.64 -48.94
N ASP I 126 -5.02 -9.02 -48.05
CA ASP I 126 -3.93 -8.15 -48.49
C ASP I 126 -2.73 -8.92 -49.02
N GLY I 127 -2.70 -10.24 -48.89
CA GLY I 127 -1.63 -11.06 -49.42
C GLY I 127 -0.71 -11.65 -48.37
N ARG I 128 -0.90 -11.32 -47.09
CA ARG I 128 -0.05 -11.84 -46.04
C ARG I 128 -0.54 -13.20 -45.56
N ILE I 129 0.32 -13.91 -44.85
CA ILE I 129 -0.11 -15.10 -44.10
C ILE I 129 -0.07 -14.87 -42.59
N ILE I 130 0.79 -13.99 -42.09
CA ILE I 130 0.91 -13.74 -40.66
C ILE I 130 0.46 -12.32 -40.39
N ILE I 131 -0.70 -12.18 -39.77
CA ILE I 131 -1.18 -10.90 -39.24
C ILE I 131 -1.56 -11.12 -37.78
N MET I 132 -0.92 -10.36 -36.89
CA MET I 132 -1.26 -10.42 -35.48
C MET I 132 -2.60 -9.75 -35.23
N ASN I 133 -3.50 -10.46 -34.53
CA ASN I 133 -4.79 -9.94 -34.06
C ASN I 133 -5.71 -9.61 -35.22
N TYR I 134 -5.65 -10.44 -36.27
CA TYR I 134 -6.50 -10.24 -37.43
C TYR I 134 -7.97 -10.51 -37.12
N GLU I 135 -8.24 -11.42 -36.20
CA GLU I 135 -9.62 -11.80 -35.92
C GLU I 135 -10.38 -10.67 -35.24
N ASP I 136 -11.67 -10.60 -35.52
CA ASP I 136 -12.51 -9.52 -35.05
C ASP I 136 -12.90 -9.73 -33.59
N ALA I 137 -13.45 -8.67 -32.98
CA ALA I 137 -13.83 -8.72 -31.57
C ALA I 137 -15.02 -9.65 -31.33
N GLU I 138 -15.84 -9.90 -32.36
CA GLU I 138 -16.95 -10.84 -32.26
C GLU I 138 -16.47 -12.22 -31.86
N THR I 139 -15.69 -12.86 -32.75
CA THR I 139 -15.22 -14.22 -32.52
C THR I 139 -14.25 -14.28 -31.36
N LYS I 140 -13.45 -13.23 -31.17
CA LYS I 140 -12.54 -13.16 -30.02
C LYS I 140 -13.31 -13.20 -28.70
N THR I 141 -14.32 -12.34 -28.57
CA THR I 141 -15.10 -12.27 -27.34
C THR I 141 -15.84 -13.57 -27.09
N ILE I 142 -16.47 -14.13 -28.13
CA ILE I 142 -17.18 -15.40 -27.97
C ILE I 142 -16.21 -16.53 -27.62
N ARG I 143 -14.99 -16.49 -28.17
CA ARG I 143 -14.03 -17.56 -27.91
C ARG I 143 -13.51 -17.52 -26.48
N GLU I 144 -13.13 -16.34 -25.97
CA GLU I 144 -12.69 -16.31 -24.58
C GLU I 144 -13.84 -16.48 -23.59
N LEU I 145 -15.08 -16.17 -23.97
CA LEU I 145 -16.18 -16.48 -23.06
C LEU I 145 -16.53 -17.96 -23.07
N ASN I 146 -16.37 -18.63 -24.21
CA ASN I 146 -16.63 -20.07 -24.27
C ASN I 146 -15.52 -20.85 -23.58
N ASP I 147 -14.27 -20.41 -23.75
CA ASP I 147 -13.14 -21.12 -23.14
C ASP I 147 -13.12 -20.91 -21.63
N GLY I 148 -13.45 -19.71 -21.17
CA GLY I 148 -13.44 -19.42 -19.75
C GLY I 148 -14.66 -19.84 -18.98
N PHE I 149 -15.67 -20.38 -19.65
CA PHE I 149 -16.87 -20.82 -18.95
C PHE I 149 -16.62 -22.12 -18.20
N GLY I 150 -17.09 -22.19 -16.96
CA GLY I 150 -16.95 -23.37 -16.15
C GLY I 150 -15.59 -23.57 -15.54
N ARG I 151 -14.63 -22.69 -15.86
CA ARG I 151 -13.28 -22.76 -15.34
C ARG I 151 -13.05 -21.58 -14.42
N ARG I 152 -12.33 -21.79 -13.32
CA ARG I 152 -12.06 -20.70 -12.39
C ARG I 152 -10.58 -20.36 -12.30
N PHE I 153 -9.73 -20.92 -13.17
CA PHE I 153 -8.32 -20.56 -13.18
C PHE I 153 -7.83 -20.30 -14.59
N LYS I 154 -7.04 -19.24 -14.73
CA LYS I 154 -6.43 -18.85 -16.00
C LYS I 154 -4.91 -18.87 -15.85
N VAL I 155 -4.24 -19.58 -16.76
CA VAL I 155 -2.80 -19.79 -16.70
C VAL I 155 -2.17 -19.01 -17.84
N ASN I 156 -1.22 -18.13 -17.52
CA ASN I 156 -0.47 -17.39 -18.53
C ASN I 156 0.99 -17.80 -18.40
N ALA I 157 1.48 -18.56 -19.38
CA ALA I 157 2.86 -19.05 -19.37
C ALA I 157 3.54 -18.65 -20.67
N ASP I 158 4.69 -18.00 -20.55
CA ASP I 158 5.41 -17.51 -21.72
C ASP I 158 6.66 -18.35 -21.93
N ILE I 159 6.90 -18.72 -23.19
CA ILE I 159 8.17 -19.33 -23.54
C ILE I 159 9.27 -18.28 -23.46
N SER I 160 10.38 -18.63 -22.81
CA SER I 160 11.43 -17.65 -22.55
C SER I 160 12.14 -17.25 -23.85
N GLY I 161 12.54 -18.22 -24.64
CA GLY I 161 13.39 -17.97 -25.78
C GLY I 161 12.88 -18.47 -27.12
N CYS I 162 11.58 -18.29 -27.39
CA CYS I 162 10.97 -18.83 -28.60
C CYS I 162 11.59 -18.24 -29.86
N PHE I 163 12.10 -17.02 -29.79
CA PHE I 163 12.84 -16.44 -30.91
C PHE I 163 14.34 -16.49 -30.70
N THR I 164 14.82 -16.40 -29.45
CA THR I 164 16.24 -16.15 -29.23
C THR I 164 17.03 -17.43 -28.97
N ASN I 165 16.38 -18.51 -28.51
CA ASN I 165 17.11 -19.75 -28.26
C ASN I 165 16.29 -20.96 -28.67
N ILE I 166 15.54 -20.83 -29.75
CA ILE I 166 14.86 -21.97 -30.32
C ILE I 166 15.90 -22.84 -31.05
N TYR I 167 15.72 -24.15 -30.96
CA TYR I 167 16.72 -25.08 -31.47
C TYR I 167 16.38 -25.45 -32.90
N SER I 168 17.27 -25.10 -33.83
CA SER I 168 17.04 -25.42 -35.24
C SER I 168 17.09 -26.92 -35.49
N HIS I 169 17.99 -27.63 -34.80
CA HIS I 169 18.04 -29.08 -34.91
C HIS I 169 16.82 -29.77 -34.32
N SER I 170 15.99 -29.05 -33.57
CA SER I 170 14.71 -29.59 -33.10
C SER I 170 13.60 -29.46 -34.14
N ILE I 171 13.89 -28.86 -35.31
CA ILE I 171 12.89 -28.84 -36.38
C ILE I 171 12.52 -30.24 -36.86
N PRO I 172 13.47 -31.18 -37.10
CA PRO I 172 13.02 -32.57 -37.33
C PRO I 172 12.31 -33.21 -36.15
N TRP I 173 12.72 -32.87 -34.92
CA TRP I 173 12.18 -33.53 -33.74
C TRP I 173 10.69 -33.23 -33.56
N ALA I 174 10.23 -32.06 -34.00
CA ALA I 174 8.81 -31.76 -33.94
C ALA I 174 8.03 -32.48 -35.04
N VAL I 175 8.70 -32.81 -36.16
CA VAL I 175 7.98 -33.37 -37.31
C VAL I 175 7.80 -34.87 -37.15
N ILE I 176 8.90 -35.61 -37.04
CA ILE I 176 8.88 -37.06 -37.03
C ILE I 176 9.11 -37.64 -35.66
N GLY I 177 9.24 -36.81 -34.63
CA GLY I 177 9.59 -37.29 -33.32
C GLY I 177 11.07 -37.11 -33.04
N VAL I 178 11.40 -36.98 -31.76
CA VAL I 178 12.79 -36.78 -31.36
C VAL I 178 13.60 -38.05 -31.60
N ASN I 179 13.08 -39.19 -31.16
CA ASN I 179 13.79 -40.45 -31.28
C ASN I 179 13.97 -40.87 -32.74
N ASN I 180 12.91 -40.71 -33.54
CA ASN I 180 12.97 -41.10 -34.94
C ASN I 180 13.93 -40.20 -35.72
N ALA I 181 13.98 -38.92 -35.38
CA ALA I 181 14.96 -38.03 -36.01
C ALA I 181 16.38 -38.37 -35.57
N LYS I 182 16.56 -38.83 -34.33
CA LYS I 182 17.89 -39.25 -33.90
C LYS I 182 18.34 -40.54 -34.59
N ILE I 183 17.42 -41.48 -34.79
CA ILE I 183 17.78 -42.70 -35.51
C ILE I 183 18.04 -42.40 -36.99
N ALA I 184 17.26 -41.48 -37.57
CA ALA I 184 17.37 -41.18 -39.00
C ALA I 184 18.72 -40.59 -39.37
N LEU I 185 19.39 -39.92 -38.43
CA LEU I 185 20.73 -39.43 -38.67
C LEU I 185 21.78 -40.48 -38.33
N LYS I 194 17.35 -36.73 -48.38
CA LYS I 194 17.11 -36.60 -46.95
C LYS I 194 15.75 -35.97 -46.68
N HIS I 195 15.36 -35.94 -45.41
CA HIS I 195 14.05 -35.44 -45.03
C HIS I 195 13.98 -33.93 -45.22
N TRP I 196 12.75 -33.43 -45.45
CA TRP I 196 12.56 -32.00 -45.68
C TRP I 196 12.79 -31.19 -44.42
N SER I 197 12.55 -31.78 -43.25
CA SER I 197 12.71 -31.05 -42.00
C SER I 197 14.18 -30.75 -41.72
N ASP I 198 15.08 -31.66 -42.08
CA ASP I 198 16.50 -31.42 -41.90
C ASP I 198 16.99 -30.32 -42.83
N LYS I 199 16.48 -30.30 -44.06
CA LYS I 199 16.84 -29.23 -44.99
C LYS I 199 16.25 -27.90 -44.55
N LEU I 200 15.05 -27.91 -43.96
CA LEU I 200 14.47 -26.71 -43.39
C LEU I 200 15.31 -26.20 -42.23
N ASP I 201 15.81 -27.11 -41.40
CA ASP I 201 16.76 -26.77 -40.33
C ASP I 201 18.02 -26.13 -40.93
N TYR I 202 18.55 -26.71 -42.00
CA TYR I 202 19.77 -26.18 -42.62
C TYR I 202 19.55 -24.78 -43.18
N PHE I 203 18.42 -24.56 -43.87
CA PHE I 203 18.16 -23.25 -44.46
C PHE I 203 17.84 -22.21 -43.39
N GLN I 204 17.15 -22.61 -42.31
CA GLN I 204 16.91 -21.70 -41.21
C GLN I 204 18.21 -21.32 -40.51
N ARG I 205 19.16 -22.26 -40.42
CA ARG I 205 20.48 -21.92 -39.91
C ARG I 205 21.21 -20.96 -40.85
N GLN I 206 21.15 -21.22 -42.16
CA GLN I 206 21.79 -20.35 -43.14
C GLN I 206 21.20 -18.95 -43.13
N ALA I 207 19.94 -18.82 -42.70
CA ALA I 207 19.32 -17.50 -42.58
C ALA I 207 20.03 -16.62 -41.58
N LYS I 208 20.58 -17.19 -40.50
CA LYS I 208 21.30 -16.43 -39.48
C LYS I 208 22.65 -17.10 -39.18
N ARG I 209 23.65 -16.79 -40.03
CA ARG I 209 25.08 -17.00 -39.75
C ARG I 209 25.44 -18.45 -39.43
N ASN I 210 24.66 -19.41 -39.94
CA ASN I 210 24.84 -20.84 -39.69
C ASN I 210 24.87 -21.14 -38.19
N GLU I 211 23.95 -20.52 -37.46
CA GLU I 211 23.86 -20.65 -36.02
C GLU I 211 22.67 -21.54 -35.67
N THR I 212 22.89 -22.50 -34.77
CA THR I 212 21.89 -23.50 -34.46
C THR I 212 20.78 -22.98 -33.56
N HIS I 213 20.96 -21.82 -32.94
CA HIS I 213 19.99 -21.29 -31.98
C HIS I 213 19.49 -19.94 -32.45
N GLY I 214 18.18 -19.75 -32.39
CA GLY I 214 17.57 -18.47 -32.68
C GLY I 214 16.99 -18.40 -34.09
N VAL I 215 15.95 -17.58 -34.23
CA VAL I 215 15.34 -17.33 -35.53
C VAL I 215 15.17 -15.83 -35.71
N PRO I 216 15.24 -15.31 -36.93
CA PRO I 216 15.01 -13.87 -37.14
C PRO I 216 13.56 -13.49 -36.91
N ILE I 217 13.33 -12.48 -36.09
CA ILE I 217 11.98 -12.04 -35.78
C ILE I 217 11.49 -11.12 -36.89
N GLY I 218 10.26 -11.36 -37.35
CA GLY I 218 9.65 -10.52 -38.35
C GLY I 218 9.24 -11.17 -39.67
N PRO I 219 10.10 -11.97 -40.28
CA PRO I 219 9.64 -12.74 -41.45
C PRO I 219 8.71 -13.87 -41.06
N ALA I 220 7.86 -14.26 -42.00
CA ALA I 220 6.91 -15.34 -41.76
C ALA I 220 7.54 -16.72 -41.85
N THR I 221 8.74 -16.83 -42.42
CA THR I 221 9.43 -18.12 -42.47
C THR I 221 9.80 -18.59 -41.07
N SER I 222 10.33 -17.69 -40.25
CA SER I 222 10.64 -18.05 -38.88
C SER I 222 9.39 -18.25 -38.05
N SER I 223 8.31 -17.53 -38.35
CA SER I 223 7.04 -17.79 -37.70
C SER I 223 6.51 -19.17 -38.06
N ILE I 224 6.69 -19.59 -39.31
CA ILE I 224 6.31 -20.93 -39.74
C ILE I 224 7.15 -21.97 -39.02
N VAL I 225 8.45 -21.71 -38.87
CA VAL I 225 9.34 -22.64 -38.16
C VAL I 225 8.93 -22.77 -36.70
N CYS I 226 8.61 -21.65 -36.06
CA CYS I 226 8.16 -21.66 -34.66
C CYS I 226 6.82 -22.38 -34.53
N GLU I 227 5.93 -22.19 -35.49
CA GLU I 227 4.65 -22.91 -35.48
C GLU I 227 4.85 -24.41 -35.66
N ILE I 228 5.81 -24.80 -36.51
CA ILE I 228 6.12 -26.22 -36.71
C ILE I 228 6.63 -26.83 -35.41
N ILE I 229 7.54 -26.12 -34.73
CA ILE I 229 8.10 -26.64 -33.48
C ILE I 229 7.04 -26.71 -32.39
N LEU I 230 6.23 -25.66 -32.25
CA LEU I 230 5.25 -25.60 -31.18
C LEU I 230 3.97 -26.38 -31.47
N SER I 231 3.77 -26.82 -32.71
CA SER I 231 2.58 -27.60 -33.03
C SER I 231 2.59 -28.96 -32.37
N ALA I 232 3.76 -29.58 -32.22
CA ALA I 232 3.84 -30.85 -31.50
C ALA I 232 3.52 -30.66 -30.02
N VAL I 233 4.00 -29.57 -29.43
CA VAL I 233 3.67 -29.25 -28.04
C VAL I 233 2.18 -29.00 -27.88
N ASP I 234 1.58 -28.28 -28.84
CA ASP I 234 0.15 -28.03 -28.80
C ASP I 234 -0.64 -29.32 -28.96
N LYS I 235 -0.17 -30.23 -29.82
CA LYS I 235 -0.84 -31.52 -29.98
C LYS I 235 -0.76 -32.36 -28.72
N ARG I 236 0.40 -32.36 -28.06
CA ARG I 236 0.55 -33.12 -26.83
C ARG I 236 -0.30 -32.55 -25.70
N LEU I 237 -0.41 -31.22 -25.63
CA LEU I 237 -1.28 -30.61 -24.63
C LEU I 237 -2.76 -30.82 -24.97
N ARG I 238 -3.09 -30.87 -26.26
CA ARG I 238 -4.47 -31.05 -26.68
C ARG I 238 -4.94 -32.48 -26.44
N ASP I 239 -4.06 -33.46 -26.64
CA ASP I 239 -4.41 -34.86 -26.43
C ASP I 239 -4.65 -35.19 -24.96
N ASP I 240 -4.17 -34.37 -24.05
CA ASP I 240 -4.42 -34.54 -22.62
C ASP I 240 -5.69 -33.84 -22.16
N GLY I 241 -6.44 -33.23 -23.06
CA GLY I 241 -7.70 -32.62 -22.72
C GLY I 241 -7.63 -31.18 -22.24
N PHE I 242 -6.50 -30.51 -22.41
CA PHE I 242 -6.35 -29.14 -21.95
C PHE I 242 -7.00 -28.16 -22.93
N LEU I 243 -7.73 -27.20 -22.38
CA LEU I 243 -8.31 -26.10 -23.15
C LEU I 243 -7.37 -24.91 -23.03
N PHE I 244 -6.70 -24.56 -24.12
CA PHE I 244 -5.67 -23.55 -24.09
C PHE I 244 -5.59 -22.87 -25.45
N ARG I 245 -5.04 -21.66 -25.45
CA ARG I 245 -4.84 -20.85 -26.63
C ARG I 245 -3.41 -20.35 -26.64
N ARG I 246 -2.75 -20.42 -27.79
CA ARG I 246 -1.37 -19.97 -27.90
C ARG I 246 -1.29 -18.80 -28.87
N TYR I 247 -0.78 -17.67 -28.40
CA TYR I 247 -0.46 -16.51 -29.23
C TYR I 247 1.05 -16.41 -29.28
N ILE I 248 1.63 -16.77 -30.44
CA ILE I 248 3.07 -16.89 -30.65
C ILE I 248 3.68 -17.80 -29.58
N ASP I 249 4.26 -17.21 -28.55
CA ASP I 249 4.92 -17.95 -27.47
C ASP I 249 4.13 -17.97 -26.17
N ASP I 250 3.01 -17.26 -26.10
CA ASP I 250 2.26 -17.10 -24.86
C ASP I 250 1.11 -18.10 -24.83
N TYR I 251 1.06 -18.91 -23.77
CA TYR I 251 0.03 -19.91 -23.56
C TYR I 251 -0.95 -19.38 -22.53
N THR I 252 -2.24 -19.48 -22.84
CA THR I 252 -3.31 -19.12 -21.92
C THR I 252 -4.23 -20.32 -21.80
N CYS I 253 -4.25 -20.93 -20.63
CA CYS I 253 -5.03 -22.16 -20.41
C CYS I 253 -6.13 -21.89 -19.41
N TYR I 254 -7.28 -22.50 -19.64
CA TYR I 254 -8.44 -22.34 -18.76
C TYR I 254 -8.68 -23.65 -18.03
N CYS I 255 -8.64 -23.61 -16.70
CA CYS I 255 -8.66 -24.81 -15.88
C CYS I 255 -9.77 -24.74 -14.84
N LYS I 256 -10.45 -25.87 -14.67
CA LYS I 256 -11.51 -25.99 -13.68
C LYS I 256 -10.96 -25.90 -12.26
N THR I 257 -9.82 -26.53 -12.01
CA THR I 257 -9.22 -26.58 -10.69
C THR I 257 -7.77 -26.10 -10.77
N HIS I 258 -7.18 -25.84 -9.60
CA HIS I 258 -5.85 -25.27 -9.54
C HIS I 258 -4.77 -26.31 -9.83
N ASP I 259 -4.98 -27.57 -9.43
CA ASP I 259 -4.04 -28.62 -9.80
C ASP I 259 -4.03 -28.86 -11.28
N ASP I 260 -5.15 -28.62 -11.96
CA ASP I 260 -5.17 -28.68 -13.42
C ASP I 260 -4.28 -27.61 -14.02
N ALA I 261 -4.25 -26.43 -13.40
CA ALA I 261 -3.33 -25.39 -13.83
C ALA I 261 -1.88 -25.80 -13.60
N LYS I 262 -1.58 -26.38 -12.44
CA LYS I 262 -0.22 -26.83 -12.15
C LYS I 262 0.18 -27.98 -13.08
N GLU I 263 -0.77 -28.88 -13.39
CA GLU I 263 -0.48 -30.00 -14.27
C GLU I 263 -0.29 -29.54 -15.71
N PHE I 264 -1.04 -28.52 -16.14
CA PHE I 264 -0.78 -27.90 -17.44
C PHE I 264 0.61 -27.28 -17.49
N LEU I 265 0.99 -26.58 -16.42
CA LEU I 265 2.31 -25.97 -16.36
C LEU I 265 3.41 -27.03 -16.41
N HIS I 266 3.23 -28.13 -15.68
CA HIS I 266 4.21 -29.20 -15.66
C HIS I 266 4.33 -29.88 -17.01
N LEU I 267 3.18 -30.23 -17.62
CA LEU I 267 3.21 -30.92 -18.91
C LEU I 267 3.75 -30.02 -20.01
N LEU I 268 3.42 -28.72 -19.96
CA LEU I 268 4.00 -27.77 -20.89
C LEU I 268 5.50 -27.63 -20.68
N GLY I 269 5.96 -27.72 -19.43
CA GLY I 269 7.39 -27.71 -19.17
C GLY I 269 8.11 -28.91 -19.77
N MET I 270 7.54 -30.12 -19.60
CA MET I 270 8.14 -31.30 -20.21
C MET I 270 8.10 -31.23 -21.73
N GLU I 271 6.99 -30.76 -22.30
CA GLU I 271 6.87 -30.69 -23.75
C GLU I 271 7.82 -29.64 -24.34
N LEU I 272 8.04 -28.54 -23.63
CA LEU I 272 9.01 -27.55 -24.10
C LEU I 272 10.44 -28.04 -23.93
N SER I 273 10.73 -28.73 -22.82
CA SER I 273 12.06 -29.28 -22.59
C SER I 273 12.39 -30.42 -23.53
N LYS I 274 11.38 -31.07 -24.11
CA LYS I 274 11.62 -32.06 -25.14
C LYS I 274 12.27 -31.44 -26.38
N TYR I 275 11.96 -30.18 -26.67
CA TYR I 275 12.52 -29.46 -27.80
C TYR I 275 13.46 -28.35 -27.37
N LYS I 276 14.12 -28.53 -26.21
CA LYS I 276 15.13 -27.61 -25.67
C LYS I 276 14.58 -26.20 -25.48
N LEU I 277 13.33 -26.10 -25.06
CA LEU I 277 12.71 -24.83 -24.72
C LEU I 277 12.33 -24.84 -23.25
N SER I 278 12.14 -23.64 -22.71
CA SER I 278 11.80 -23.50 -21.29
C SER I 278 10.79 -22.37 -21.12
N LEU I 279 9.94 -22.51 -20.11
CA LEU I 279 9.02 -21.45 -19.75
C LEU I 279 9.76 -20.29 -19.12
N ASN I 280 9.25 -19.09 -19.35
CA ASN I 280 9.75 -17.90 -18.66
C ASN I 280 9.15 -17.94 -17.27
N LEU I 281 9.96 -18.34 -16.28
CA LEU I 281 9.45 -18.53 -14.92
C LEU I 281 9.02 -17.23 -14.26
N HIS I 282 9.52 -16.08 -14.73
CA HIS I 282 9.05 -14.80 -14.21
C HIS I 282 7.66 -14.47 -14.74
N LYS I 283 7.37 -14.85 -15.99
CA LYS I 283 6.16 -14.40 -16.65
C LYS I 283 4.94 -15.26 -16.34
N THR I 284 5.14 -16.53 -15.96
CA THR I 284 4.02 -17.43 -15.75
C THR I 284 3.25 -17.04 -14.48
N LYS I 285 1.93 -17.06 -14.57
CA LYS I 285 1.09 -16.70 -13.45
C LYS I 285 -0.25 -17.42 -13.57
N ILE I 286 -0.93 -17.55 -12.43
CA ILE I 286 -2.24 -18.18 -12.34
C ILE I 286 -3.18 -17.17 -11.71
N THR I 287 -4.22 -16.80 -12.46
CA THR I 287 -5.21 -15.82 -12.00
C THR I 287 -6.56 -16.50 -11.83
N ASN I 288 -7.44 -15.82 -11.10
CA ASN I 288 -8.75 -16.36 -10.79
C ASN I 288 -9.77 -15.88 -11.84
N LEU I 289 -10.42 -16.82 -12.50
CA LEU I 289 -11.54 -16.45 -13.33
C LEU I 289 -12.77 -16.17 -12.47
N PRO I 290 -13.61 -15.20 -12.83
CA PRO I 290 -13.55 -14.35 -14.03
C PRO I 290 -12.62 -13.16 -13.88
N GLY I 291 -11.68 -13.00 -14.81
CA GLY I 291 -10.89 -11.80 -14.84
C GLY I 291 -11.52 -10.82 -15.80
N THR I 292 -10.75 -10.34 -16.77
CA THR I 292 -11.28 -9.52 -17.85
C THR I 292 -10.91 -10.17 -19.17
N LEU I 293 -11.74 -9.94 -20.19
CA LEU I 293 -11.48 -10.51 -21.51
C LEU I 293 -10.19 -9.96 -22.10
N ASN I 294 -9.97 -8.65 -21.97
CA ASN I 294 -8.72 -8.00 -22.28
C ASN I 294 -7.95 -7.77 -20.99
N ASP I 295 -6.89 -6.97 -21.07
CA ASP I 295 -6.23 -6.53 -19.86
C ASP I 295 -7.10 -5.51 -19.14
N ASN I 296 -6.77 -5.29 -17.87
CA ASN I 296 -7.57 -4.38 -17.04
C ASN I 296 -7.46 -2.93 -17.51
N TRP I 297 -6.26 -2.52 -17.96
CA TRP I 297 -6.09 -1.17 -18.45
C TRP I 297 -6.86 -0.92 -19.73
N VAL I 298 -7.11 -1.97 -20.52
CA VAL I 298 -7.89 -1.83 -21.74
C VAL I 298 -9.31 -1.41 -21.43
N SER I 299 -9.94 -2.08 -20.46
CA SER I 299 -11.28 -1.70 -20.04
C SER I 299 -11.29 -0.36 -19.32
N LEU I 300 -10.22 -0.05 -18.57
CA LEU I 300 -10.11 1.26 -17.95
C LEU I 300 -10.03 2.38 -18.98
N LEU I 301 -9.31 2.13 -20.08
CA LEU I 301 -9.22 3.13 -21.15
C LEU I 301 -10.52 3.26 -21.91
N ASN I 302 -11.15 2.14 -22.26
CA ASN I 302 -12.35 2.20 -23.08
C ASN I 302 -13.54 2.74 -22.29
N VAL I 303 -13.59 2.46 -20.98
CA VAL I 303 -14.67 2.98 -20.17
C VAL I 303 -14.50 4.48 -19.91
N ASN I 304 -13.30 5.02 -20.13
CA ASN I 304 -13.03 6.43 -20.00
C ASN I 304 -12.80 7.11 -21.34
N SER I 305 -13.03 6.41 -22.43
CA SER I 305 -12.76 6.96 -23.76
C SER I 305 -13.83 7.99 -24.11
N PRO I 306 -13.44 9.19 -24.58
CA PRO I 306 -14.43 10.18 -25.01
C PRO I 306 -15.13 9.80 -26.30
N THR I 307 -14.56 8.88 -27.08
CA THR I 307 -15.08 8.48 -28.37
C THR I 307 -15.80 7.13 -28.33
N LYS I 308 -16.04 6.59 -27.14
CA LYS I 308 -16.52 5.22 -26.99
C LYS I 308 -17.92 4.99 -27.56
N LYS I 309 -18.71 6.04 -27.77
CA LYS I 309 -20.06 5.89 -28.29
C LYS I 309 -20.16 6.55 -29.65
N ARG I 310 -20.67 5.81 -30.63
CA ARG I 310 -20.94 6.36 -31.96
C ARG I 310 -22.27 7.11 -31.95
N PHE I 311 -22.35 8.14 -32.80
CA PHE I 311 -23.54 8.97 -32.89
C PHE I 311 -24.20 8.94 -34.26
N THR I 312 -23.56 8.33 -35.26
CA THR I 312 -23.97 8.18 -36.66
C THR I 312 -24.00 9.50 -37.43
N ASP I 313 -23.66 10.63 -36.81
CA ASP I 313 -23.41 11.87 -37.52
C ASP I 313 -22.02 12.35 -37.16
N GLN I 314 -21.25 12.75 -38.18
CA GLN I 314 -19.81 12.96 -38.00
C GLN I 314 -19.52 14.19 -37.15
N ASP I 315 -20.38 15.19 -37.16
CA ASP I 315 -20.13 16.39 -36.37
C ASP I 315 -20.28 16.12 -34.87
N LEU I 316 -21.11 15.16 -34.48
CA LEU I 316 -21.31 14.90 -33.06
C LEU I 316 -20.10 14.20 -32.44
N ASN I 317 -19.55 13.19 -33.11
CA ASN I 317 -18.41 12.46 -32.57
C ASN I 317 -17.09 13.07 -33.06
N LYS I 318 -16.97 14.38 -32.88
CA LYS I 318 -15.72 15.10 -33.05
C LYS I 318 -15.29 15.60 -31.67
N LEU I 319 -14.14 15.13 -31.21
CA LEU I 319 -13.71 15.41 -29.85
C LEU I 319 -13.19 16.83 -29.71
N SER I 320 -13.46 17.44 -28.56
CA SER I 320 -12.96 18.78 -28.28
C SER I 320 -11.52 18.70 -27.77
N SER I 321 -10.94 19.87 -27.48
CA SER I 321 -9.56 19.91 -27.01
C SER I 321 -9.45 19.38 -25.59
N SER I 322 -10.38 19.78 -24.71
CA SER I 322 -10.33 19.36 -23.31
C SER I 322 -10.51 17.86 -23.19
N GLU I 323 -11.40 17.27 -24.00
CA GLU I 323 -11.66 15.84 -23.96
C GLU I 323 -10.41 15.03 -24.28
N VAL I 324 -9.76 15.34 -25.40
CA VAL I 324 -8.60 14.56 -25.83
C VAL I 324 -7.41 14.83 -24.92
N ILE I 325 -7.21 16.09 -24.52
CA ILE I 325 -6.06 16.42 -23.66
C ILE I 325 -6.20 15.74 -22.31
N ASN I 326 -7.40 15.75 -21.72
CA ASN I 326 -7.58 15.11 -20.44
C ASN I 326 -7.56 13.58 -20.56
N PHE I 327 -8.05 13.03 -21.68
CA PHE I 327 -7.98 11.58 -21.86
C PHE I 327 -6.53 11.12 -22.04
N LEU I 328 -5.71 11.90 -22.75
CA LEU I 328 -4.30 11.54 -22.88
C LEU I 328 -3.55 11.72 -21.58
N ASP I 329 -3.92 12.73 -20.78
CA ASP I 329 -3.32 12.86 -19.45
C ASP I 329 -3.68 11.66 -18.57
N TYR I 330 -4.94 11.22 -18.63
CA TYR I 330 -5.35 10.01 -17.91
C TYR I 330 -4.65 8.77 -18.46
N ALA I 331 -4.37 8.75 -19.77
CA ALA I 331 -3.64 7.63 -20.36
C ALA I 331 -2.20 7.59 -19.86
N VAL I 332 -1.56 8.76 -19.72
CA VAL I 332 -0.22 8.80 -19.14
C VAL I 332 -0.25 8.38 -17.68
N GLN I 333 -1.30 8.79 -16.96
CA GLN I 333 -1.49 8.33 -15.58
C GLN I 333 -1.63 6.80 -15.51
N LEU I 334 -2.38 6.21 -16.43
CA LEU I 334 -2.56 4.76 -16.44
C LEU I 334 -1.28 4.05 -16.86
N ASN I 335 -0.51 4.64 -17.78
CA ASN I 335 0.75 4.05 -18.19
C ASN I 335 1.77 4.07 -17.06
N THR I 336 1.80 5.15 -16.29
CA THR I 336 2.70 5.21 -15.14
C THR I 336 2.23 4.27 -14.03
N GLN I 337 0.94 4.30 -13.71
CA GLN I 337 0.43 3.57 -12.57
C GLN I 337 0.36 2.07 -12.83
N VAL I 338 -0.11 1.66 -14.01
CA VAL I 338 -0.30 0.24 -14.29
C VAL I 338 0.85 -0.28 -15.12
N GLY I 339 1.01 0.26 -16.33
CA GLY I 339 2.10 -0.16 -17.21
C GLY I 339 2.03 -1.60 -17.65
N GLY I 340 0.83 -2.16 -17.77
CA GLY I 340 0.67 -3.55 -18.15
C GLY I 340 0.68 -3.82 -19.63
N GLY I 341 0.83 -2.80 -20.46
CA GLY I 341 0.81 -2.99 -21.89
C GLY I 341 0.96 -1.67 -22.61
N SER I 342 0.61 -1.69 -23.90
CA SER I 342 0.70 -0.50 -24.74
C SER I 342 -0.51 0.40 -24.49
N ILE I 343 -0.49 1.06 -23.33
CA ILE I 343 -1.61 1.90 -22.92
C ILE I 343 -1.68 3.16 -23.78
N LEU I 344 -0.53 3.81 -23.98
CA LEU I 344 -0.51 5.08 -24.70
C LEU I 344 -0.87 4.89 -26.16
N LYS I 345 -0.36 3.82 -26.80
CA LYS I 345 -0.71 3.55 -28.18
C LYS I 345 -2.19 3.25 -28.34
N TYR I 346 -2.76 2.51 -27.39
CA TYR I 346 -4.19 2.21 -27.42
C TYR I 346 -5.03 3.49 -27.31
N ALA I 347 -4.68 4.36 -26.36
CA ALA I 347 -5.47 5.58 -26.18
C ALA I 347 -5.31 6.53 -27.37
N ILE I 348 -4.09 6.62 -27.91
CA ILE I 348 -3.85 7.48 -29.07
C ILE I 348 -4.65 6.99 -30.27
N SER I 349 -4.63 5.68 -30.52
CA SER I 349 -5.46 5.12 -31.59
C SER I 349 -6.95 5.28 -31.31
N LEU I 350 -7.35 5.36 -30.03
CA LEU I 350 -8.74 5.72 -29.72
C LEU I 350 -9.07 7.13 -30.18
N VAL I 351 -8.19 8.11 -29.94
CA VAL I 351 -8.56 9.50 -30.16
C VAL I 351 -8.02 10.13 -31.43
N ILE I 352 -7.16 9.44 -32.19
CA ILE I 352 -6.49 10.12 -33.29
C ILE I 352 -7.38 10.27 -34.53
N ASN I 353 -8.45 9.50 -34.64
CA ASN I 353 -9.28 9.54 -35.84
C ASN I 353 -10.56 10.34 -35.65
N ASN I 354 -10.77 10.95 -34.48
CA ASN I 354 -11.96 11.73 -34.20
C ASN I 354 -11.61 13.16 -33.83
N LEU I 355 -10.57 13.69 -34.46
CA LEU I 355 -10.08 15.03 -34.19
C LEU I 355 -10.67 16.02 -35.17
N ASP I 356 -11.01 17.21 -34.67
CA ASP I 356 -11.41 18.34 -35.48
C ASP I 356 -10.23 19.27 -35.72
N GLU I 357 -10.43 20.24 -36.63
CA GLU I 357 -9.32 21.06 -37.10
C GLU I 357 -8.90 22.11 -36.08
N TYR I 358 -9.72 22.38 -35.07
CA TYR I 358 -9.30 23.29 -34.02
C TYR I 358 -8.23 22.66 -33.12
N THR I 359 -8.30 21.35 -32.89
CA THR I 359 -7.49 20.70 -31.89
C THR I 359 -6.31 19.93 -32.47
N ILE I 360 -6.00 20.12 -33.75
CA ILE I 360 -4.91 19.36 -34.38
C ILE I 360 -3.56 19.75 -33.78
N THR I 361 -3.35 21.04 -33.53
CA THR I 361 -2.06 21.50 -33.01
C THR I 361 -1.79 21.00 -31.60
N GLN I 362 -2.82 21.02 -30.74
CA GLN I 362 -2.65 20.58 -29.35
C GLN I 362 -2.31 19.09 -29.29
N VAL I 363 -3.10 18.27 -29.98
CA VAL I 363 -2.87 16.83 -29.98
C VAL I 363 -1.56 16.50 -30.67
N TYR I 364 -1.19 17.25 -31.72
CA TYR I 364 0.06 16.98 -32.41
C TYR I 364 1.27 17.32 -31.53
N ASP I 365 1.20 18.40 -30.78
CA ASP I 365 2.29 18.72 -29.84
C ASP I 365 2.36 17.70 -28.71
N TYR I 366 1.20 17.24 -28.23
CA TYR I 366 1.17 16.20 -27.21
C TYR I 366 1.77 14.91 -27.74
N LEU I 367 1.45 14.56 -28.98
CA LEU I 367 2.03 13.38 -29.62
C LEU I 367 3.52 13.54 -29.84
N LEU I 368 3.97 14.76 -30.15
CA LEU I 368 5.40 15.02 -30.32
C LEU I 368 6.15 14.80 -29.01
N ASN I 369 5.57 15.28 -27.90
CA ASN I 369 6.19 15.07 -26.59
C ASN I 369 6.22 13.60 -26.21
N LEU I 370 5.07 12.92 -26.36
CA LEU I 370 4.99 11.50 -26.01
C LEU I 370 5.86 10.65 -26.93
N SER I 371 6.02 11.06 -28.18
CA SER I 371 6.83 10.33 -29.14
C SER I 371 8.32 10.56 -28.89
N TRP I 372 8.69 11.74 -28.38
CA TRP I 372 10.04 11.90 -27.88
C TRP I 372 10.29 10.99 -26.68
N HIS I 373 9.31 10.88 -25.79
CA HIS I 373 9.50 10.00 -24.64
C HIS I 373 9.33 8.53 -25.01
N TYR I 374 8.43 8.22 -25.95
CA TYR I 374 8.17 6.84 -26.35
C TYR I 374 8.21 6.75 -27.87
N PRO I 375 9.28 6.23 -28.47
CA PRO I 375 9.41 6.24 -29.93
C PRO I 375 8.37 5.40 -30.66
N MET I 376 7.72 4.45 -29.99
CA MET I 376 6.69 3.63 -30.64
C MET I 376 5.47 4.45 -31.02
N LEU I 377 5.28 5.62 -30.43
CA LEU I 377 4.21 6.53 -30.79
C LEU I 377 4.58 7.44 -31.95
N ILE I 378 5.82 7.34 -32.44
CA ILE I 378 6.25 8.16 -33.59
C ILE I 378 5.42 7.94 -34.85
N PRO I 379 5.04 6.71 -35.27
CA PRO I 379 4.24 6.58 -36.51
C PRO I 379 2.91 7.32 -36.50
N TYR I 380 2.31 7.55 -35.33
CA TYR I 380 1.06 8.30 -35.25
C TYR I 380 1.22 9.75 -35.69
N LEU I 381 2.44 10.29 -35.66
CA LEU I 381 2.70 11.62 -36.21
C LEU I 381 2.39 11.68 -37.70
N GLY I 382 2.45 10.54 -38.39
CA GLY I 382 2.06 10.53 -39.79
C GLY I 382 0.57 10.60 -40.02
N VAL I 383 -0.24 10.41 -38.98
CA VAL I 383 -1.69 10.52 -39.14
C VAL I 383 -2.09 11.96 -39.36
N LEU I 384 -1.52 12.88 -38.58
CA LEU I 384 -1.83 14.30 -38.65
C LEU I 384 -0.68 15.10 -39.26
N ILE I 385 0.13 14.47 -40.11
CA ILE I 385 1.28 15.15 -40.71
C ILE I 385 0.84 16.12 -41.80
N GLU I 386 -0.37 15.97 -42.35
CA GLU I 386 -0.82 16.86 -43.40
C GLU I 386 -1.44 18.14 -42.83
N HIS I 387 -2.21 18.02 -41.75
CA HIS I 387 -2.97 19.15 -41.25
C HIS I 387 -2.09 20.16 -40.52
N VAL I 388 -0.91 19.74 -40.07
CA VAL I 388 -0.03 20.61 -39.30
C VAL I 388 0.82 21.43 -40.26
N TYR I 389 0.83 22.74 -40.07
CA TYR I 389 1.65 23.65 -40.89
C TYR I 389 3.11 23.44 -40.51
N LEU I 390 3.80 22.60 -41.27
CA LEU I 390 5.14 22.17 -40.90
C LEU I 390 6.20 23.22 -41.18
N ASP I 391 5.97 24.11 -42.14
CA ASP I 391 6.92 25.18 -42.40
C ASP I 391 7.02 26.12 -41.19
N ASP I 392 5.93 26.83 -40.89
CA ASP I 392 5.72 27.61 -39.67
C ASP I 392 6.89 28.53 -39.32
N GLY I 393 7.40 28.40 -38.09
CA GLY I 393 8.57 29.13 -37.65
C GLY I 393 9.71 28.22 -37.26
N ASP I 394 9.83 27.08 -37.95
CA ASP I 394 10.90 26.08 -37.87
C ASP I 394 10.92 25.33 -36.54
N GLU I 395 9.95 25.57 -35.66
CA GLU I 395 9.88 24.87 -34.38
C GLU I 395 9.66 23.37 -34.56
N TYR I 396 8.82 22.99 -35.53
CA TYR I 396 8.59 21.58 -35.81
C TYR I 396 9.84 20.90 -36.36
N LYS I 397 10.65 21.62 -37.13
CA LYS I 397 11.94 21.09 -37.58
C LYS I 397 12.85 20.79 -36.40
N ASN I 398 12.91 21.71 -35.43
CA ASN I 398 13.72 21.49 -34.24
C ASN I 398 13.19 20.32 -33.42
N LYS I 399 11.87 20.18 -33.34
CA LYS I 399 11.29 19.07 -32.59
C LYS I 399 11.57 17.72 -33.25
N PHE I 400 11.45 17.67 -34.58
CA PHE I 400 11.76 16.43 -35.30
C PHE I 400 13.24 16.08 -35.20
N ASN I 401 14.13 17.08 -35.25
CA ASN I 401 15.55 16.77 -35.13
C ASN I 401 15.92 16.39 -33.70
N GLU I 402 15.24 16.93 -32.70
CA GLU I 402 15.45 16.47 -31.33
C GLU I 402 14.96 15.03 -31.16
N ILE I 403 13.86 14.68 -31.82
CA ILE I 403 13.40 13.29 -31.84
C ILE I 403 14.43 12.39 -32.50
N LEU I 404 15.04 12.86 -33.59
CA LEU I 404 16.10 12.10 -34.25
C LEU I 404 17.32 11.94 -33.34
N SER I 405 17.66 12.97 -32.59
CA SER I 405 18.74 12.89 -31.61
C SER I 405 18.43 11.85 -30.53
N MET I 406 17.20 11.85 -30.03
CA MET I 406 16.79 10.86 -29.03
C MET I 406 16.84 9.45 -29.59
N CYS I 407 16.45 9.28 -30.85
CA CYS I 407 16.48 7.97 -31.48
C CYS I 407 17.91 7.49 -31.70
N ALA I 408 18.81 8.41 -32.03
CA ALA I 408 20.22 8.04 -32.18
C ALA I 408 20.84 7.69 -30.84
N GLU I 409 20.46 8.42 -29.78
CA GLU I 409 21.04 8.15 -28.46
C GLU I 409 20.51 6.84 -27.89
N ASN I 410 19.20 6.58 -28.02
CA ASN I 410 18.59 5.40 -27.46
C ASN I 410 18.76 4.16 -28.33
N LYS I 411 19.35 4.32 -29.53
CA LYS I 411 19.63 3.22 -30.46
C LYS I 411 18.37 2.44 -30.83
N CYS I 412 17.34 3.17 -31.25
CA CYS I 412 16.09 2.58 -31.70
C CYS I 412 15.91 2.85 -33.18
N SER I 413 15.59 1.80 -33.94
CA SER I 413 15.47 1.91 -35.38
C SER I 413 14.07 2.26 -35.85
N ASP I 414 13.03 1.87 -35.09
CA ASP I 414 11.67 2.14 -35.52
C ASP I 414 11.37 3.65 -35.50
N GLY I 415 11.71 4.31 -34.39
CA GLY I 415 11.45 5.73 -34.29
C GLY I 415 12.28 6.54 -35.24
N MET I 416 13.55 6.19 -35.39
CA MET I 416 14.43 6.90 -36.33
C MET I 416 13.97 6.70 -37.77
N ALA I 417 13.58 5.47 -38.13
CA ALA I 417 13.14 5.20 -39.49
C ALA I 417 11.84 5.94 -39.80
N TRP I 418 10.89 5.93 -38.87
CA TRP I 418 9.63 6.63 -39.10
C TRP I 418 9.82 8.15 -39.15
N THR I 419 10.67 8.68 -38.26
CA THR I 419 10.95 10.11 -38.25
C THR I 419 11.68 10.54 -39.53
N LEU I 420 12.63 9.74 -40.00
CA LEU I 420 13.32 10.04 -41.24
C LEU I 420 12.38 9.96 -42.43
N TYR I 421 11.45 9.00 -42.40
CA TYR I 421 10.43 8.93 -43.45
C TYR I 421 9.55 10.17 -43.46
N PHE I 422 9.15 10.64 -42.28
CA PHE I 422 8.35 11.87 -42.20
C PHE I 422 9.14 13.09 -42.69
N CYS I 423 10.41 13.18 -42.31
CA CYS I 423 11.23 14.32 -42.72
C CYS I 423 11.49 14.32 -44.22
N ILE I 424 11.73 13.15 -44.81
CA ILE I 424 11.96 13.08 -46.24
C ILE I 424 10.68 13.35 -47.02
N LYS I 425 9.55 12.77 -46.58
CA LYS I 425 8.29 12.95 -47.29
C LYS I 425 7.80 14.39 -47.18
N ASN I 426 7.94 15.00 -46.00
CA ASN I 426 7.38 16.33 -45.74
C ASN I 426 8.42 17.44 -45.84
N ASN I 427 9.61 17.13 -46.35
CA ASN I 427 10.67 18.11 -46.62
C ASN I 427 11.09 18.88 -45.37
N ILE I 428 11.18 18.19 -44.24
CA ILE I 428 11.73 18.77 -43.03
C ILE I 428 13.26 18.65 -43.10
N ASP I 429 13.93 19.77 -42.95
CA ASP I 429 15.38 19.79 -43.07
C ASP I 429 16.05 19.12 -41.87
N ILE I 430 17.15 18.44 -42.14
CA ILE I 430 17.91 17.72 -41.14
C ILE I 430 19.30 18.35 -41.06
N ASP I 431 19.70 18.74 -39.85
CA ASP I 431 21.02 19.34 -39.66
C ASP I 431 22.12 18.31 -39.83
N ASP I 432 23.34 18.80 -40.03
CA ASP I 432 24.49 17.91 -40.17
C ASP I 432 24.82 17.23 -38.84
N ASP I 433 24.55 17.91 -37.72
CA ASP I 433 24.91 17.38 -36.40
C ASP I 433 24.16 16.09 -36.10
N VAL I 434 22.87 16.03 -36.44
CA VAL I 434 22.13 14.79 -36.26
C VAL I 434 22.46 13.76 -37.33
N ILE I 435 22.92 14.19 -38.52
CA ILE I 435 23.38 13.23 -39.52
C ILE I 435 24.62 12.50 -39.03
N GLU I 436 25.51 13.21 -38.33
CA GLU I 436 26.65 12.56 -37.68
C GLU I 436 26.19 11.49 -36.68
N LYS I 437 25.15 11.79 -35.91
CA LYS I 437 24.63 10.82 -34.96
C LYS I 437 23.98 9.63 -35.65
N ILE I 438 23.35 9.86 -36.80
CA ILE I 438 22.75 8.75 -37.56
C ILE I 438 23.84 7.83 -38.12
N ILE I 439 24.91 8.41 -38.65
CA ILE I 439 26.03 7.59 -39.13
C ILE I 439 26.71 6.86 -37.97
N CYS I 440 26.80 7.51 -36.80
CA CYS I 440 27.37 6.85 -35.63
C CYS I 440 26.51 5.69 -35.17
N PHE I 441 25.18 5.85 -35.19
CA PHE I 441 24.28 4.74 -34.90
C PHE I 441 24.37 3.69 -35.99
N GLY I 442 24.27 4.11 -37.25
CA GLY I 442 24.38 3.19 -38.37
C GLY I 442 23.25 2.18 -38.46
N ASP I 443 22.01 2.62 -38.31
CA ASP I 443 20.88 1.75 -38.59
C ASP I 443 20.73 1.57 -40.10
N CYS I 444 20.52 0.33 -40.53
CA CYS I 444 20.53 0.03 -41.95
C CYS I 444 19.34 0.67 -42.68
N LEU I 445 18.16 0.66 -42.07
CA LEU I 445 16.99 1.23 -42.73
C LEU I 445 17.05 2.75 -42.75
N SER I 446 17.55 3.34 -41.67
CA SER I 446 17.75 4.80 -41.64
C SER I 446 18.76 5.23 -42.67
N LEU I 447 19.84 4.46 -42.84
CA LEU I 447 20.81 4.78 -43.88
C LEU I 447 20.26 4.51 -45.27
N CYS I 448 19.34 3.55 -45.41
CA CYS I 448 18.63 3.38 -46.68
C CYS I 448 17.82 4.61 -47.03
N LEU I 449 17.11 5.17 -46.05
CA LEU I 449 16.35 6.40 -46.27
C LEU I 449 17.27 7.56 -46.60
N LEU I 450 18.38 7.68 -45.88
CA LEU I 450 19.35 8.76 -46.14
C LEU I 450 19.96 8.63 -47.53
N ASP I 451 20.24 7.41 -47.97
CA ASP I 451 20.74 7.19 -49.32
C ASP I 451 19.66 7.48 -50.36
N SER I 452 18.40 7.19 -50.04
CA SER I 452 17.31 7.49 -50.95
C SER I 452 17.01 8.98 -51.05
N SER I 453 17.47 9.78 -50.08
CA SER I 453 17.33 11.23 -50.22
C SER I 453 18.40 11.82 -51.14
N ASP I 454 19.52 11.10 -51.33
CA ASP I 454 20.66 11.47 -52.17
C ASP I 454 21.37 12.76 -51.74
N ILE I 455 20.99 13.33 -50.60
CA ILE I 455 21.66 14.54 -50.12
C ILE I 455 23.01 14.18 -49.49
N TYR I 456 23.06 13.04 -48.80
CA TYR I 456 24.19 12.66 -47.95
C TYR I 456 24.99 11.52 -48.58
N GLU I 457 25.24 11.64 -49.89
CA GLU I 457 25.87 10.57 -50.65
C GLU I 457 27.29 10.28 -50.16
N GLU I 458 28.07 11.31 -49.84
CA GLU I 458 29.46 11.09 -49.47
C GLU I 458 29.59 10.43 -48.09
N LYS I 459 28.68 10.71 -47.17
CA LYS I 459 28.76 10.08 -45.85
C LYS I 459 28.35 8.61 -45.91
N ILE I 460 27.30 8.30 -46.69
CA ILE I 460 26.91 6.92 -46.91
C ILE I 460 28.02 6.18 -47.65
N ASN I 461 28.69 6.85 -48.58
CA ASN I 461 29.82 6.26 -49.28
C ASN I 461 30.97 5.94 -48.33
N ASN I 462 31.26 6.86 -47.40
CA ASN I 462 32.30 6.60 -46.41
C ASN I 462 31.92 5.44 -45.50
N PHE I 463 30.66 5.36 -45.11
CA PHE I 463 30.20 4.27 -44.25
C PHE I 463 30.34 2.92 -44.95
N VAL I 464 29.86 2.83 -46.19
CA VAL I 464 29.94 1.55 -46.90
C VAL I 464 31.38 1.25 -47.31
N SER I 465 32.22 2.27 -47.45
CA SER I 465 33.64 2.03 -47.70
C SER I 465 34.31 1.43 -46.47
N ASP I 466 33.93 1.90 -45.27
CA ASP I 466 34.43 1.29 -44.05
C ASP I 466 33.96 -0.15 -43.92
N ILE I 467 32.70 -0.42 -44.27
CA ILE I 467 32.18 -1.79 -44.21
C ILE I 467 32.92 -2.70 -45.21
N ILE I 468 33.19 -2.19 -46.41
CA ILE I 468 33.90 -2.98 -47.42
C ILE I 468 35.34 -3.23 -46.99
N LYS I 469 36.03 -2.20 -46.50
CA LYS I 469 37.43 -2.36 -46.11
C LYS I 469 37.60 -3.14 -44.82
N LEU I 470 36.51 -3.32 -44.05
CA LEU I 470 36.59 -4.21 -42.90
C LEU I 470 36.71 -5.68 -43.30
N ASP I 471 36.29 -6.02 -44.52
CA ASP I 471 36.42 -7.35 -45.13
C ASP I 471 35.71 -8.44 -44.33
N TYR I 472 34.68 -8.09 -43.57
CA TYR I 472 33.88 -9.06 -42.84
C TYR I 472 32.58 -9.27 -43.61
N GLU I 473 32.30 -10.53 -43.96
CA GLU I 473 31.13 -10.82 -44.79
C GLU I 473 29.84 -10.60 -44.01
N TYR I 474 29.84 -10.87 -42.70
CA TYR I 474 28.66 -10.60 -41.89
C TYR I 474 28.39 -9.12 -41.75
N ASP I 475 29.44 -8.29 -41.80
CA ASP I 475 29.25 -6.85 -41.75
C ASP I 475 28.56 -6.34 -43.02
N ILE I 476 28.91 -6.91 -44.17
CA ILE I 476 28.20 -6.58 -45.40
C ILE I 476 26.77 -7.12 -45.36
N ASP I 477 26.59 -8.30 -44.77
CA ASP I 477 25.26 -8.88 -44.67
C ASP I 477 24.35 -8.08 -43.75
N ARG I 478 24.91 -7.43 -42.74
CA ARG I 478 24.12 -6.60 -41.84
C ARG I 478 23.61 -5.33 -42.52
N TYR I 479 24.21 -4.93 -43.63
CA TYR I 479 23.80 -3.75 -44.39
C TYR I 479 23.53 -4.09 -45.85
N TRP I 480 23.19 -5.35 -46.13
CA TRP I 480 22.85 -5.77 -47.49
C TRP I 480 21.77 -4.92 -48.11
N LEU I 481 20.79 -4.46 -47.33
CA LEU I 481 19.72 -3.64 -47.92
C LEU I 481 20.25 -2.29 -48.38
N LEU I 482 21.12 -1.67 -47.58
CA LEU I 482 21.76 -0.43 -48.00
C LEU I 482 22.64 -0.64 -49.22
N PHE I 483 23.40 -1.75 -49.22
CA PHE I 483 24.28 -2.03 -50.35
C PHE I 483 23.48 -2.30 -51.63
N TYR I 484 22.36 -3.00 -51.51
CA TYR I 484 21.53 -3.27 -52.69
C TYR I 484 20.79 -2.02 -53.15
N GLN I 485 20.39 -1.14 -52.23
CA GLN I 485 19.75 0.10 -52.66
C GLN I 485 20.74 1.02 -53.37
N ARG I 486 22.00 1.03 -52.93
CA ARG I 486 23.01 1.78 -53.66
C ARG I 486 23.37 1.12 -54.98
N PHE I 487 23.36 -0.21 -55.03
CA PHE I 487 23.69 -0.92 -56.26
C PHE I 487 22.59 -0.79 -57.31
N PHE I 488 21.33 -0.78 -56.86
CA PHE I 488 20.19 -0.73 -57.77
C PHE I 488 20.06 0.64 -58.43
N LYS I 489 20.44 1.71 -57.72
CA LYS I 489 20.45 3.05 -58.28
C LYS I 489 21.78 3.40 -58.93
N ASP I 490 22.65 2.40 -59.12
CA ASP I 490 23.97 2.56 -59.76
C ASP I 490 24.86 3.56 -59.05
N LYS I 491 24.74 3.64 -57.73
CA LYS I 491 25.60 4.50 -56.93
C LYS I 491 26.80 3.77 -56.36
N ALA I 492 26.83 2.44 -56.42
CA ALA I 492 27.92 1.64 -55.88
C ALA I 492 27.90 0.29 -56.56
N PRO I 493 29.05 -0.37 -56.70
CA PRO I 493 29.06 -1.74 -57.22
C PRO I 493 28.55 -2.73 -56.19
N SER I 494 28.26 -3.93 -56.67
CA SER I 494 27.78 -4.99 -55.78
C SER I 494 28.90 -5.45 -54.86
N PRO I 495 28.68 -5.46 -53.54
CA PRO I 495 29.75 -5.89 -52.63
C PRO I 495 30.05 -7.38 -52.71
N TYR I 496 29.08 -8.19 -53.14
CA TYR I 496 29.27 -9.62 -53.19
C TYR I 496 29.85 -10.05 -54.53
N ASN I 497 30.30 -11.29 -54.58
CA ASN I 497 30.82 -11.90 -55.81
C ASN I 497 29.84 -12.86 -56.45
N ASP I 498 28.67 -13.08 -55.86
CA ASP I 498 27.67 -13.95 -56.46
C ASP I 498 26.78 -13.14 -57.40
N LYS I 499 25.76 -13.80 -57.96
CA LYS I 499 24.86 -13.17 -58.91
C LYS I 499 23.51 -12.81 -58.32
N CYS I 500 23.35 -12.91 -57.00
CA CYS I 500 22.06 -12.64 -56.37
C CYS I 500 21.65 -11.18 -56.52
N PHE I 501 22.57 -10.27 -56.25
CA PHE I 501 22.29 -8.85 -56.42
C PHE I 501 22.08 -8.50 -57.88
N ASP I 502 22.85 -9.13 -58.78
CA ASP I 502 22.67 -8.91 -60.21
C ASP I 502 21.33 -9.44 -60.70
N ILE I 503 20.90 -10.59 -60.17
CA ILE I 503 19.59 -11.14 -60.53
C ILE I 503 18.48 -10.20 -60.04
N MET I 504 18.61 -9.69 -58.82
CA MET I 504 17.58 -8.80 -58.29
C MET I 504 17.56 -7.46 -59.03
N LYS I 505 18.72 -6.95 -59.43
CA LYS I 505 18.76 -5.71 -60.20
C LYS I 505 18.21 -5.90 -61.61
N GLY I 506 18.50 -7.04 -62.23
CA GLY I 506 18.07 -7.27 -63.59
C GLY I 506 16.57 -7.42 -63.74
N TYR I 507 15.91 -7.92 -62.70
CA TYR I 507 14.45 -8.08 -62.70
C TYR I 507 13.75 -6.94 -61.97
N GLY I 508 14.46 -5.87 -61.67
CA GLY I 508 13.85 -4.68 -61.09
C GLY I 508 13.32 -4.83 -59.69
N VAL I 509 14.04 -5.55 -58.82
CA VAL I 509 13.65 -5.63 -57.43
C VAL I 509 14.05 -4.32 -56.75
N ASP I 510 13.07 -3.66 -56.14
CA ASP I 510 13.32 -2.42 -55.41
C ASP I 510 12.60 -2.49 -54.08
N PHE I 511 13.36 -2.37 -53.00
CA PHE I 511 12.80 -2.38 -51.66
C PHE I 511 12.42 -0.98 -51.18
N MET I 512 12.63 0.03 -52.01
CA MET I 512 12.15 1.39 -51.78
C MET I 512 11.41 1.87 -53.01
N PRO I 513 10.23 1.30 -53.29
CA PRO I 513 9.54 1.64 -54.54
C PRO I 513 8.70 2.90 -54.41
N ASP I 514 8.43 3.49 -55.57
CA ASP I 514 7.53 4.63 -55.62
C ASP I 514 6.08 4.16 -55.65
N GLU I 515 5.16 5.10 -55.44
CA GLU I 515 3.74 4.80 -55.41
C GLU I 515 3.20 4.49 -56.80
N ASP K 14 53.95 -22.56 -8.30
CA ASP K 14 53.91 -21.87 -9.58
C ASP K 14 52.46 -21.47 -9.92
N GLU K 15 52.31 -20.31 -10.53
CA GLU K 15 50.99 -19.85 -10.96
C GLU K 15 50.43 -20.73 -12.07
N LYS K 16 51.28 -21.16 -13.00
CA LYS K 16 50.84 -21.94 -14.15
C LYS K 16 50.38 -23.34 -13.74
N ARG K 17 51.18 -24.01 -12.90
CA ARG K 17 50.83 -25.34 -12.42
C ARG K 17 49.59 -25.30 -11.53
N HIS K 18 49.48 -24.28 -10.69
CA HIS K 18 48.29 -24.11 -9.86
C HIS K 18 47.06 -23.87 -10.73
N LEU K 19 47.21 -23.11 -11.82
CA LEU K 19 46.12 -22.91 -12.75
C LEU K 19 45.68 -24.23 -13.39
N TYR K 20 46.65 -25.04 -13.82
CA TYR K 20 46.33 -26.31 -14.46
C TYR K 20 45.59 -27.24 -13.50
N GLU K 21 46.11 -27.38 -12.28
CA GLU K 21 45.49 -28.25 -11.29
C GLU K 21 44.17 -27.68 -10.80
N ALA K 22 44.00 -26.36 -10.83
CA ALA K 22 42.71 -25.77 -10.49
C ALA K 22 41.68 -26.09 -11.56
N LEU K 23 42.06 -25.96 -12.84
CA LEU K 23 41.14 -26.21 -13.94
C LEU K 23 40.70 -27.66 -13.97
N LEU K 24 41.60 -28.59 -13.67
CA LEU K 24 41.23 -29.99 -13.82
C LEU K 24 40.84 -30.68 -12.52
N ARG K 25 41.61 -30.50 -11.45
CA ARG K 25 41.38 -31.26 -10.23
C ARG K 25 40.36 -30.62 -9.29
N HIS K 26 40.17 -29.30 -9.36
CA HIS K 26 39.32 -28.62 -8.39
C HIS K 26 38.13 -27.90 -9.00
N ASN K 27 38.30 -27.20 -10.12
CA ASN K 27 37.24 -26.39 -10.69
C ASN K 27 36.72 -26.96 -12.01
N TYR K 28 36.96 -28.25 -12.27
CA TYR K 28 36.30 -28.91 -13.39
C TYR K 28 34.80 -29.04 -13.10
N PHE K 29 34.46 -29.72 -12.01
CA PHE K 29 33.09 -29.77 -11.57
C PHE K 29 32.67 -28.40 -11.06
N PRO K 30 31.37 -28.10 -11.04
CA PRO K 30 30.95 -26.83 -10.45
C PRO K 30 31.18 -26.83 -8.94
N ASN K 31 32.22 -26.13 -8.53
CA ASN K 31 32.66 -26.10 -7.14
C ASN K 31 33.09 -24.69 -6.75
N GLN K 32 32.37 -23.70 -7.26
CA GLN K 32 32.73 -22.30 -7.04
C GLN K 32 32.10 -21.71 -5.78
N LYS K 33 31.17 -22.43 -5.15
CA LYS K 33 30.52 -21.91 -3.95
C LYS K 33 31.48 -21.94 -2.77
N GLY K 34 31.22 -21.05 -1.80
CA GLY K 34 32.12 -20.90 -0.67
C GLY K 34 31.94 -21.95 0.41
N SER K 35 30.74 -22.03 0.99
CA SER K 35 30.54 -22.88 2.17
C SER K 35 30.08 -24.27 1.80
N ILE K 36 28.92 -24.40 1.15
CA ILE K 36 28.39 -25.69 0.73
C ILE K 36 28.34 -25.71 -0.80
N SER K 37 28.73 -26.84 -1.38
CA SER K 37 28.83 -26.94 -2.82
C SER K 37 27.46 -27.20 -3.44
N GLU K 38 27.37 -26.92 -4.75
CA GLU K 38 26.16 -27.27 -5.49
C GLU K 38 26.05 -28.76 -5.68
N ILE K 39 27.18 -29.47 -5.66
CA ILE K 39 27.27 -30.90 -5.90
C ILE K 39 27.65 -31.56 -4.57
N PRO K 40 27.13 -32.75 -4.26
CA PRO K 40 27.54 -33.42 -3.03
C PRO K 40 29.02 -33.76 -3.05
N PRO K 41 29.66 -33.81 -1.88
CA PRO K 41 31.12 -34.00 -1.82
C PRO K 41 31.59 -35.38 -2.27
N CYS K 42 30.69 -36.34 -2.43
CA CYS K 42 31.06 -37.64 -2.97
C CYS K 42 31.58 -37.53 -4.40
N PHE K 43 31.08 -36.55 -5.15
CA PHE K 43 31.63 -36.23 -6.47
C PHE K 43 32.84 -35.33 -6.29
N SER K 44 33.97 -35.74 -6.88
CA SER K 44 35.18 -34.94 -6.82
C SER K 44 35.92 -35.08 -8.14
N SER K 45 36.43 -33.97 -8.65
CA SER K 45 37.19 -33.96 -9.90
C SER K 45 38.67 -34.22 -9.69
N ARG K 46 39.09 -34.47 -8.45
CA ARG K 46 40.48 -34.82 -8.19
C ARG K 46 40.79 -36.22 -8.74
N THR K 47 42.09 -36.54 -8.75
CA THR K 47 42.69 -37.69 -9.47
C THR K 47 42.47 -37.58 -10.98
N PHE K 48 42.24 -36.38 -11.48
CA PHE K 48 42.19 -36.07 -12.90
C PHE K 48 43.27 -35.02 -13.15
N THR K 49 44.50 -35.48 -13.32
CA THR K 49 45.68 -34.64 -13.27
C THR K 49 45.94 -33.98 -14.63
N PRO K 50 46.74 -32.90 -14.66
CA PRO K 50 47.11 -32.31 -15.96
C PRO K 50 47.83 -33.24 -16.91
N GLU K 51 48.59 -34.22 -16.41
CA GLU K 51 49.24 -35.18 -17.30
C GLU K 51 48.21 -36.05 -18.00
N ILE K 52 47.14 -36.44 -17.29
CA ILE K 52 46.08 -37.24 -17.88
C ILE K 52 45.35 -36.44 -18.94
N ALA K 53 45.07 -35.15 -18.69
CA ALA K 53 44.43 -34.31 -19.69
C ALA K 53 45.33 -34.07 -20.89
N GLU K 54 46.64 -33.97 -20.67
CA GLU K 54 47.59 -33.90 -21.78
C GLU K 54 47.52 -35.15 -22.64
N LEU K 55 47.42 -36.32 -21.99
CA LEU K 55 47.31 -37.57 -22.74
C LEU K 55 46.00 -37.66 -23.50
N ILE K 56 44.91 -37.14 -22.91
CA ILE K 56 43.62 -37.12 -23.59
C ILE K 56 43.67 -36.21 -24.82
N SER K 57 44.24 -35.02 -24.66
CA SER K 57 44.35 -34.08 -25.77
C SER K 57 45.29 -34.59 -26.85
N SER K 58 46.29 -35.40 -26.47
CA SER K 58 47.17 -36.00 -27.46
C SER K 58 46.49 -37.11 -28.25
N ASP K 59 45.39 -37.65 -27.74
CA ASP K 59 44.70 -38.74 -28.43
C ASP K 59 43.98 -38.20 -29.66
N THR K 60 44.15 -38.89 -30.79
CA THR K 60 43.49 -38.52 -32.04
C THR K 60 42.61 -39.63 -32.60
N SER K 61 42.53 -40.78 -31.94
CA SER K 61 41.75 -41.89 -32.44
C SER K 61 40.25 -41.63 -32.24
N GLY K 62 39.44 -42.44 -32.91
CA GLY K 62 38.01 -42.34 -32.80
C GLY K 62 37.40 -41.45 -33.86
N ARG K 63 36.13 -41.70 -34.16
CA ARG K 63 35.37 -40.95 -35.15
C ARG K 63 34.05 -40.52 -34.54
N ARG K 64 33.68 -39.26 -34.76
CA ARG K 64 32.43 -38.69 -34.26
C ARG K 64 31.58 -38.28 -35.44
N SER K 65 30.34 -38.79 -35.49
CA SER K 65 29.40 -38.33 -36.51
C SER K 65 29.00 -36.89 -36.28
N LEU K 66 28.81 -36.50 -35.03
CA LEU K 66 28.47 -35.14 -34.66
C LEU K 66 29.72 -34.33 -34.37
N GLN K 67 29.57 -33.01 -34.46
CA GLN K 67 30.68 -32.08 -34.21
C GLN K 67 30.50 -31.48 -32.81
N GLY K 68 31.59 -31.44 -32.06
CA GLY K 68 31.53 -30.96 -30.69
C GLY K 68 31.10 -32.04 -29.72
N TYR K 69 31.00 -31.64 -28.47
CA TYR K 69 30.60 -32.55 -27.39
C TYR K 69 29.50 -31.90 -26.56
N ASP K 70 28.50 -32.70 -26.20
CA ASP K 70 27.52 -32.25 -25.22
C ASP K 70 28.06 -32.50 -23.81
N CYS K 71 27.40 -31.92 -22.82
CA CYS K 71 27.88 -31.93 -21.46
C CYS K 71 26.81 -32.45 -20.51
N VAL K 72 27.27 -32.94 -19.36
CA VAL K 72 26.35 -33.37 -18.31
C VAL K 72 25.65 -32.15 -17.73
N GLU K 73 24.32 -32.19 -17.70
CA GLU K 73 23.51 -31.06 -17.27
C GLU K 73 23.01 -31.31 -15.86
N TYR K 74 23.11 -30.29 -15.00
CA TYR K 74 22.86 -30.40 -13.58
C TYR K 74 22.02 -29.21 -13.17
N TYR K 75 20.73 -29.44 -12.91
CA TYR K 75 19.79 -28.37 -12.65
C TYR K 75 19.76 -28.07 -11.16
N ALA K 76 20.31 -26.92 -10.77
CA ALA K 76 20.34 -26.50 -9.37
C ALA K 76 19.34 -25.37 -9.17
N THR K 77 18.51 -25.49 -8.14
CA THR K 77 17.53 -24.44 -7.87
C THR K 77 18.19 -23.23 -7.23
N ARG K 78 17.63 -22.06 -7.53
CA ARG K 78 18.00 -20.83 -6.86
C ARG K 78 17.08 -20.63 -5.67
N TYR K 79 17.13 -19.42 -5.08
CA TYR K 79 16.30 -19.16 -3.89
C TYR K 79 14.82 -19.08 -4.25
N ASN K 80 14.48 -18.65 -5.46
CA ASN K 80 13.10 -18.56 -5.91
C ASN K 80 12.63 -19.83 -6.61
N ASN K 81 13.33 -20.96 -6.40
CA ASN K 81 13.11 -22.27 -7.02
C ASN K 81 13.30 -22.23 -8.52
N PHE K 82 13.97 -21.21 -9.06
CA PHE K 82 14.22 -21.13 -10.50
C PHE K 82 15.41 -22.01 -10.85
N PRO K 83 15.29 -22.90 -11.83
CA PRO K 83 16.41 -23.78 -12.16
C PRO K 83 17.52 -23.02 -12.88
N ARG K 84 18.76 -23.35 -12.53
CA ARG K 84 19.96 -22.87 -13.21
C ARG K 84 20.74 -24.09 -13.66
N THR K 85 21.14 -24.10 -14.92
CA THR K 85 21.74 -25.30 -15.52
C THR K 85 23.25 -25.19 -15.41
N LEU K 86 23.83 -25.86 -14.41
CA LEU K 86 25.26 -26.07 -14.37
C LEU K 86 25.63 -27.20 -15.32
N SER K 87 26.87 -27.20 -15.77
CA SER K 87 27.29 -28.19 -16.75
C SER K 87 28.68 -28.73 -16.41
N ILE K 88 28.82 -30.05 -16.58
CA ILE K 88 30.11 -30.72 -16.47
C ILE K 88 30.52 -31.11 -17.89
N ILE K 89 31.60 -30.49 -18.37
CA ILE K 89 32.01 -30.66 -19.76
C ILE K 89 32.61 -32.05 -19.95
N HIS K 90 32.43 -32.61 -21.15
CA HIS K 90 33.01 -33.88 -21.50
C HIS K 90 34.54 -33.80 -21.41
N PRO K 91 35.20 -34.80 -20.83
CA PRO K 91 36.63 -34.66 -20.49
C PRO K 91 37.56 -34.53 -21.68
N LYS K 92 37.14 -34.97 -22.87
CA LYS K 92 37.97 -34.75 -24.05
C LYS K 92 37.99 -33.27 -24.43
N ALA K 93 36.80 -32.68 -24.61
CA ALA K 93 36.70 -31.27 -24.92
C ALA K 93 37.22 -30.41 -23.78
N TYR K 94 36.90 -30.78 -22.54
CA TYR K 94 37.39 -30.01 -21.40
C TYR K 94 38.90 -30.12 -21.27
N SER K 95 39.47 -31.30 -21.54
CA SER K 95 40.91 -31.46 -21.46
C SER K 95 41.61 -30.61 -22.50
N LYS K 96 41.09 -30.60 -23.73
CA LYS K 96 41.66 -29.73 -24.76
C LYS K 96 41.53 -28.25 -24.40
N LEU K 97 40.36 -27.86 -23.88
CA LEU K 97 40.13 -26.47 -23.52
C LEU K 97 41.03 -26.02 -22.37
N ALA K 98 41.17 -26.86 -21.34
CA ALA K 98 42.01 -26.52 -20.20
C ALA K 98 43.48 -26.52 -20.59
N LYS K 99 43.89 -27.44 -21.48
CA LYS K 99 45.27 -27.44 -21.96
C LYS K 99 45.57 -26.17 -22.75
N HIS K 100 44.63 -25.73 -23.60
CA HIS K 100 44.86 -24.51 -24.35
C HIS K 100 44.87 -23.28 -23.46
N ILE K 101 44.02 -23.25 -22.42
CA ILE K 101 44.03 -22.12 -21.50
C ILE K 101 45.33 -22.09 -20.71
N HIS K 102 45.82 -23.27 -20.31
CA HIS K 102 47.09 -23.33 -19.58
C HIS K 102 48.27 -22.94 -20.44
N ASP K 103 48.30 -23.39 -21.70
CA ASP K 103 49.47 -23.20 -22.55
C ASP K 103 49.68 -21.73 -22.91
N ASN K 104 48.60 -20.95 -22.93
CA ASN K 104 48.69 -19.52 -23.23
C ASN K 104 48.30 -18.66 -22.04
N TRP K 105 48.60 -19.13 -20.82
CA TRP K 105 48.23 -18.39 -19.61
C TRP K 105 48.95 -17.06 -19.49
N GLU K 106 50.11 -16.90 -20.12
CA GLU K 106 50.77 -15.59 -20.13
C GLU K 106 49.93 -14.55 -20.86
N GLU K 107 49.24 -14.97 -21.92
CA GLU K 107 48.38 -14.05 -22.67
C GLU K 107 46.99 -13.95 -22.08
N ILE K 108 46.63 -14.80 -21.12
CA ILE K 108 45.29 -14.83 -20.55
C ILE K 108 45.28 -14.14 -19.18
N ARG K 109 46.40 -14.21 -18.46
CA ARG K 109 46.48 -13.81 -17.06
C ARG K 109 46.31 -12.30 -16.82
N PHE K 110 46.06 -11.51 -17.86
CA PHE K 110 45.68 -10.12 -17.64
C PHE K 110 44.31 -9.99 -17.00
N ILE K 111 43.49 -11.04 -17.03
CA ILE K 111 42.22 -11.03 -16.31
C ILE K 111 42.42 -11.08 -14.80
N LYS K 112 43.60 -11.54 -14.35
CA LYS K 112 43.90 -11.51 -12.92
C LYS K 112 44.06 -10.09 -12.42
N GLU K 113 44.70 -9.23 -13.21
CA GLU K 113 44.94 -7.84 -12.84
C GLU K 113 43.83 -6.92 -13.34
N ASN K 114 42.59 -7.30 -13.03
CA ASN K 114 41.42 -6.49 -13.32
C ASN K 114 40.81 -6.15 -11.96
N GLU K 115 40.99 -4.90 -11.52
CA GLU K 115 40.56 -4.51 -10.19
C GLU K 115 39.06 -4.41 -10.08
N ASN K 116 38.36 -4.20 -11.20
CA ASN K 116 36.91 -4.03 -11.14
C ASN K 116 36.18 -5.35 -10.94
N SER K 117 36.75 -6.45 -11.45
CA SER K 117 36.12 -7.76 -11.34
C SER K 117 36.52 -8.39 -10.00
N MET K 118 35.53 -8.65 -9.15
CA MET K 118 35.82 -9.22 -7.84
C MET K 118 35.97 -10.73 -7.90
N ILE K 119 35.09 -11.40 -8.63
CA ILE K 119 35.15 -12.85 -8.77
C ILE K 119 35.92 -13.13 -10.05
N LYS K 120 37.19 -13.48 -9.88
CA LYS K 120 38.12 -13.72 -10.98
C LYS K 120 39.04 -14.84 -10.54
N PRO K 121 39.85 -15.37 -11.47
CA PRO K 121 40.88 -16.34 -11.05
C PRO K 121 41.83 -15.74 -10.02
N ASP K 122 42.21 -16.58 -9.05
CA ASP K 122 43.07 -16.18 -7.95
C ASP K 122 43.61 -17.45 -7.31
N MET K 123 44.87 -17.42 -6.91
CA MET K 123 45.51 -18.59 -6.31
C MET K 123 44.96 -18.77 -4.89
N HIS K 124 44.21 -19.85 -4.68
CA HIS K 124 43.59 -20.12 -3.40
C HIS K 124 44.29 -21.28 -2.70
N ALA K 125 44.08 -21.36 -1.39
CA ALA K 125 44.74 -22.37 -0.57
C ALA K 125 44.25 -23.78 -0.90
N ASP K 126 42.94 -23.94 -1.10
CA ASP K 126 42.38 -25.27 -1.35
C ASP K 126 42.67 -25.79 -2.75
N GLY K 127 43.23 -24.96 -3.63
CA GLY K 127 43.61 -25.38 -4.96
C GLY K 127 42.73 -24.83 -6.07
N ARG K 128 41.67 -24.09 -5.74
CA ARG K 128 40.78 -23.53 -6.75
C ARG K 128 41.32 -22.21 -7.27
N ILE K 129 40.77 -21.77 -8.41
CA ILE K 129 40.98 -20.41 -8.87
C ILE K 129 39.72 -19.56 -8.79
N ILE K 130 38.53 -20.17 -8.87
CA ILE K 130 37.28 -19.43 -8.83
C ILE K 130 36.55 -19.84 -7.56
N ILE K 131 36.48 -18.91 -6.61
CA ILE K 131 35.63 -19.05 -5.43
C ILE K 131 34.80 -17.79 -5.30
N MET K 132 33.48 -17.95 -5.32
CA MET K 132 32.58 -16.82 -5.13
C MET K 132 32.60 -16.36 -3.67
N ASN K 133 32.81 -15.06 -3.49
CA ASN K 133 32.73 -14.39 -2.17
C ASN K 133 33.82 -14.86 -1.23
N TYR K 134 35.00 -15.11 -1.80
CA TYR K 134 36.13 -15.57 -0.99
C TYR K 134 36.64 -14.47 -0.06
N GLU K 135 36.51 -13.21 -0.48
CA GLU K 135 37.07 -12.12 0.31
C GLU K 135 36.30 -11.93 1.60
N ASP K 136 37.02 -11.50 2.64
CA ASP K 136 36.46 -11.38 3.97
C ASP K 136 35.62 -10.10 4.10
N ALA K 137 34.86 -10.03 5.19
CA ALA K 137 33.98 -8.89 5.42
C ALA K 137 34.75 -7.62 5.71
N GLU K 138 36.00 -7.73 6.19
CA GLU K 138 36.86 -6.57 6.42
C GLU K 138 37.06 -5.77 5.13
N THR K 139 37.73 -6.39 4.16
CA THR K 139 38.06 -5.71 2.91
C THR K 139 36.80 -5.41 2.10
N LYS K 140 35.79 -6.28 2.17
CA LYS K 140 34.51 -6.02 1.51
C LYS K 140 33.85 -4.76 2.04
N THR K 141 33.74 -4.63 3.36
CA THR K 141 33.10 -3.48 3.98
C THR K 141 33.87 -2.21 3.69
N ILE K 142 35.20 -2.25 3.81
CA ILE K 142 36.02 -1.08 3.51
C ILE K 142 35.91 -0.70 2.04
N ARG K 143 35.81 -1.69 1.15
CA ARG K 143 35.76 -1.41 -0.27
C ARG K 143 34.44 -0.77 -0.68
N GLU K 144 33.31 -1.29 -0.20
CA GLU K 144 32.05 -0.62 -0.55
C GLU K 144 31.86 0.70 0.20
N LEU K 145 32.51 0.91 1.34
CA LEU K 145 32.43 2.23 1.95
C LEU K 145 33.34 3.24 1.25
N ASN K 146 34.48 2.79 0.72
CA ASN K 146 35.35 3.70 -0.03
C ASN K 146 34.77 4.02 -1.39
N ASP K 147 34.15 3.04 -2.05
CA ASP K 147 33.58 3.27 -3.37
C ASP K 147 32.32 4.13 -3.28
N GLY K 148 31.50 3.92 -2.26
CA GLY K 148 30.28 4.68 -2.11
C GLY K 148 30.42 6.04 -1.48
N PHE K 149 31.63 6.41 -1.05
CA PHE K 149 31.81 7.72 -0.44
C PHE K 149 31.79 8.82 -1.50
N GLY K 150 31.09 9.90 -1.20
CA GLY K 150 31.01 11.03 -2.10
C GLY K 150 30.09 10.84 -3.28
N ARG K 151 29.48 9.68 -3.43
CA ARG K 151 28.56 9.37 -4.51
C ARG K 151 27.18 9.17 -3.93
N ARG K 152 26.16 9.66 -4.63
CA ARG K 152 24.79 9.51 -4.15
C ARG K 152 23.93 8.63 -5.05
N PHE K 153 24.53 7.95 -6.03
CA PHE K 153 23.77 7.04 -6.87
C PHE K 153 24.50 5.71 -7.03
N LYS K 154 23.73 4.62 -6.95
CA LYS K 154 24.26 3.27 -7.13
C LYS K 154 23.53 2.62 -8.30
N VAL K 155 24.28 2.08 -9.24
CA VAL K 155 23.74 1.51 -10.48
C VAL K 155 23.96 0.01 -10.42
N ASN K 156 22.88 -0.76 -10.56
CA ASN K 156 22.94 -2.21 -10.63
C ASN K 156 22.45 -2.63 -12.02
N ALA K 157 23.38 -3.09 -12.85
CA ALA K 157 23.05 -3.50 -14.22
C ALA K 157 23.54 -4.92 -14.45
N ASP K 158 22.65 -5.80 -14.89
CA ASP K 158 22.98 -7.20 -15.10
C ASP K 158 23.06 -7.49 -16.58
N ILE K 159 24.10 -8.24 -16.99
CA ILE K 159 24.14 -8.76 -18.35
C ILE K 159 23.10 -9.85 -18.48
N SER K 160 22.32 -9.79 -19.56
CA SER K 160 21.20 -10.70 -19.73
C SER K 160 21.67 -12.13 -19.98
N GLY K 161 22.61 -12.30 -20.90
CA GLY K 161 22.99 -13.62 -21.36
C GLY K 161 24.47 -13.95 -21.27
N CYS K 162 25.11 -13.57 -20.16
CA CYS K 162 26.55 -13.75 -20.02
C CYS K 162 26.95 -15.21 -20.08
N PHE K 163 26.07 -16.12 -19.67
CA PHE K 163 26.32 -17.55 -19.83
C PHE K 163 25.56 -18.15 -21.01
N THR K 164 24.38 -17.63 -21.34
CA THR K 164 23.49 -18.34 -22.25
C THR K 164 23.62 -17.84 -23.69
N ASN K 165 24.08 -16.61 -23.91
CA ASN K 165 24.21 -16.11 -25.29
C ASN K 165 25.49 -15.29 -25.44
N ILE K 166 26.55 -15.69 -24.76
CA ILE K 166 27.85 -15.06 -24.99
C ILE K 166 28.39 -15.57 -26.32
N TYR K 167 29.06 -14.69 -27.05
CA TYR K 167 29.50 -15.01 -28.40
C TYR K 167 30.91 -15.57 -28.35
N SER K 168 31.07 -16.82 -28.77
CA SER K 168 32.39 -17.44 -28.77
C SER K 168 33.33 -16.78 -29.79
N HIS K 169 32.79 -16.39 -30.95
CA HIS K 169 33.57 -15.65 -31.94
C HIS K 169 33.99 -14.27 -31.47
N SER K 170 33.41 -13.76 -30.39
CA SER K 170 33.85 -12.52 -29.79
C SER K 170 35.03 -12.71 -28.84
N ILE K 171 35.49 -13.95 -28.64
CA ILE K 171 36.71 -14.16 -27.85
C ILE K 171 37.94 -13.50 -28.47
N PRO K 172 38.20 -13.60 -29.79
CA PRO K 172 39.26 -12.75 -30.36
C PRO K 172 38.98 -11.26 -30.26
N TRP K 173 37.71 -10.85 -30.38
CA TRP K 173 37.37 -9.43 -30.42
C TRP K 173 37.71 -8.73 -29.11
N ALA K 174 37.64 -9.44 -27.98
CA ALA K 174 38.04 -8.87 -26.72
C ALA K 174 39.55 -8.78 -26.58
N VAL K 175 40.28 -9.67 -27.26
CA VAL K 175 41.73 -9.74 -27.07
C VAL K 175 42.45 -8.69 -27.91
N ILE K 176 42.28 -8.77 -29.23
CA ILE K 176 43.03 -7.92 -30.16
C ILE K 176 42.17 -6.82 -30.75
N GLY K 177 40.94 -6.68 -30.32
CA GLY K 177 40.04 -5.73 -30.92
C GLY K 177 39.12 -6.39 -31.93
N VAL K 178 37.94 -5.79 -32.13
CA VAL K 178 36.96 -6.35 -33.06
C VAL K 178 37.45 -6.20 -34.50
N ASN K 179 37.92 -5.00 -34.85
CA ASN K 179 38.35 -4.73 -36.22
C ASN K 179 39.58 -5.53 -36.59
N ASN K 180 40.56 -5.62 -35.67
CA ASN K 180 41.79 -6.35 -35.94
C ASN K 180 41.53 -7.84 -36.07
N ALA K 181 40.60 -8.37 -35.28
CA ALA K 181 40.22 -9.78 -35.42
C ALA K 181 39.48 -10.02 -36.73
N LYS K 182 38.69 -9.04 -37.19
CA LYS K 182 38.02 -9.19 -38.48
C LYS K 182 39.00 -9.14 -39.64
N ILE K 183 40.02 -8.27 -39.57
CA ILE K 183 41.04 -8.24 -40.62
C ILE K 183 41.89 -9.51 -40.58
N ALA K 184 42.19 -10.02 -39.38
CA ALA K 184 43.08 -11.17 -39.24
C ALA K 184 42.50 -12.43 -39.88
N LEU K 185 41.17 -12.53 -39.96
CA LEU K 185 40.55 -13.65 -40.65
C LEU K 185 40.39 -13.35 -42.14
N LYS K 194 47.93 -19.80 -36.13
CA LYS K 194 46.87 -18.82 -35.89
C LYS K 194 46.92 -18.31 -34.45
N HIS K 195 46.11 -17.30 -34.16
CA HIS K 195 46.11 -16.68 -32.85
C HIS K 195 45.52 -17.62 -31.80
N TRP K 196 45.94 -17.43 -30.55
CA TRP K 196 45.49 -18.29 -29.47
C TRP K 196 44.02 -18.04 -29.13
N SER K 197 43.53 -16.81 -29.36
CA SER K 197 42.15 -16.50 -29.04
C SER K 197 41.18 -17.23 -29.95
N ASP K 198 41.53 -17.39 -31.23
CA ASP K 198 40.68 -18.13 -32.15
C ASP K 198 40.64 -19.61 -31.78
N LYS K 199 41.76 -20.17 -31.35
CA LYS K 199 41.78 -21.56 -30.91
C LYS K 199 41.01 -21.73 -29.61
N LEU K 200 41.08 -20.73 -28.72
CA LEU K 200 40.28 -20.74 -27.50
C LEU K 200 38.78 -20.70 -27.84
N ASP K 201 38.42 -19.89 -28.83
CA ASP K 201 37.05 -19.87 -29.35
C ASP K 201 36.65 -21.24 -29.86
N TYR K 202 37.54 -21.89 -30.63
CA TYR K 202 37.23 -23.20 -31.19
C TYR K 202 37.04 -24.25 -30.09
N PHE K 203 37.92 -24.26 -29.08
CA PHE K 203 37.80 -25.26 -28.02
C PHE K 203 36.60 -24.98 -27.12
N GLN K 204 36.28 -23.70 -26.89
CA GLN K 204 35.08 -23.37 -26.13
C GLN K 204 33.82 -23.78 -26.88
N ARG K 205 33.84 -23.68 -28.21
CA ARG K 205 32.73 -24.21 -29.01
C ARG K 205 32.65 -25.73 -28.92
N GLN K 206 33.80 -26.40 -29.01
CA GLN K 206 33.84 -27.86 -28.91
C GLN K 206 33.37 -28.34 -27.54
N ALA K 207 33.49 -27.50 -26.51
CA ALA K 207 33.00 -27.86 -25.18
C ALA K 207 31.49 -28.06 -25.17
N LYS K 208 30.74 -27.30 -25.99
CA LYS K 208 29.28 -27.44 -26.05
C LYS K 208 28.84 -27.55 -27.51
N ARG K 209 28.91 -28.77 -28.05
CA ARG K 209 28.21 -29.19 -29.28
C ARG K 209 28.55 -28.35 -30.51
N ASN K 210 29.75 -27.75 -30.53
CA ASN K 210 30.21 -26.86 -31.61
C ASN K 210 29.21 -25.73 -31.85
N GLU K 211 28.74 -25.14 -30.77
CA GLU K 211 27.75 -24.08 -30.81
C GLU K 211 28.42 -22.74 -30.50
N THR K 212 28.14 -21.73 -31.32
CA THR K 212 28.82 -20.45 -31.22
C THR K 212 28.34 -19.60 -30.05
N HIS K 213 27.20 -19.94 -29.45
CA HIS K 213 26.61 -19.13 -28.40
C HIS K 213 26.49 -19.94 -27.12
N GLY K 214 26.90 -19.35 -26.01
CA GLY K 214 26.73 -19.95 -24.70
C GLY K 214 27.99 -20.61 -24.19
N VAL K 215 28.12 -20.65 -22.86
CA VAL K 215 29.22 -21.34 -22.21
C VAL K 215 28.67 -22.21 -21.11
N PRO K 216 29.31 -23.34 -20.79
CA PRO K 216 28.83 -24.17 -19.67
C PRO K 216 29.08 -23.50 -18.33
N ILE K 217 28.03 -23.42 -17.52
CA ILE K 217 28.13 -22.79 -16.21
C ILE K 217 28.72 -23.78 -15.22
N GLY K 218 29.69 -23.33 -14.43
CA GLY K 218 30.27 -24.15 -13.39
C GLY K 218 31.77 -24.43 -13.48
N PRO K 219 32.29 -24.82 -14.65
CA PRO K 219 33.75 -24.92 -14.78
C PRO K 219 34.40 -23.55 -14.81
N ALA K 220 35.68 -23.52 -14.40
CA ALA K 220 36.42 -22.28 -14.39
C ALA K 220 36.94 -21.88 -15.77
N THR K 221 36.92 -22.80 -16.74
CA THR K 221 37.33 -22.44 -18.09
C THR K 221 36.37 -21.45 -18.71
N SER K 222 35.06 -21.69 -18.55
CA SER K 222 34.07 -20.76 -19.06
C SER K 222 34.07 -19.45 -18.26
N SER K 223 34.38 -19.52 -16.96
CA SER K 223 34.54 -18.31 -16.17
C SER K 223 35.73 -17.50 -16.67
N ILE K 224 36.82 -18.17 -17.05
CA ILE K 224 37.98 -17.50 -17.63
C ILE K 224 37.61 -16.87 -18.97
N VAL K 225 36.83 -17.57 -19.78
CA VAL K 225 36.39 -17.04 -21.07
C VAL K 225 35.52 -15.80 -20.87
N CYS K 226 34.59 -15.85 -19.92
CA CYS K 226 33.74 -14.71 -19.63
C CYS K 226 34.56 -13.53 -19.08
N GLU K 227 35.56 -13.82 -18.26
CA GLU K 227 36.44 -12.77 -17.76
C GLU K 227 37.25 -12.14 -18.89
N ILE K 228 37.70 -12.96 -19.85
CA ILE K 228 38.43 -12.44 -21.00
C ILE K 228 37.55 -11.50 -21.82
N ILE K 229 36.30 -11.92 -22.05
CA ILE K 229 35.39 -11.09 -22.85
C ILE K 229 35.04 -9.81 -22.10
N LEU K 230 34.74 -9.90 -20.82
CA LEU K 230 34.30 -8.73 -20.05
C LEU K 230 35.45 -7.85 -19.58
N SER K 231 36.69 -8.30 -19.71
CA SER K 231 37.83 -7.48 -19.30
C SER K 231 38.01 -6.27 -20.21
N ALA K 232 37.72 -6.42 -21.50
CA ALA K 232 37.78 -5.27 -22.40
C ALA K 232 36.70 -4.25 -22.08
N VAL K 233 35.50 -4.72 -21.74
CA VAL K 233 34.42 -3.83 -21.31
C VAL K 233 34.80 -3.11 -20.02
N ASP K 234 35.40 -3.85 -19.08
CA ASP K 234 35.85 -3.24 -17.83
C ASP K 234 36.95 -2.22 -18.06
N LYS K 235 37.87 -2.50 -18.99
CA LYS K 235 38.92 -1.55 -19.33
C LYS K 235 38.35 -0.28 -19.97
N ARG K 236 37.38 -0.44 -20.87
CA ARG K 236 36.76 0.72 -21.50
C ARG K 236 35.98 1.57 -20.50
N LEU K 237 35.29 0.93 -19.56
CA LEU K 237 34.60 1.67 -18.52
C LEU K 237 35.56 2.31 -17.53
N ARG K 238 36.71 1.66 -17.29
CA ARG K 238 37.69 2.19 -16.35
C ARG K 238 38.42 3.38 -16.93
N ASP K 239 38.70 3.37 -18.24
CA ASP K 239 39.41 4.47 -18.88
C ASP K 239 38.56 5.73 -18.95
N ASP K 240 37.24 5.62 -18.79
CA ASP K 240 36.37 6.78 -18.74
C ASP K 240 36.18 7.33 -17.34
N GLY K 241 36.88 6.77 -16.35
CA GLY K 241 36.82 7.28 -15.00
C GLY K 241 35.71 6.75 -14.13
N PHE K 242 35.03 5.69 -14.55
CA PHE K 242 33.93 5.15 -13.77
C PHE K 242 34.44 4.28 -12.63
N LEU K 243 33.84 4.47 -11.46
CA LEU K 243 34.11 3.64 -10.28
C LEU K 243 33.02 2.57 -10.22
N PHE K 244 33.40 1.33 -10.49
CA PHE K 244 32.44 0.25 -10.60
C PHE K 244 33.09 -1.06 -10.19
N ARG K 245 32.24 -2.02 -9.82
CA ARG K 245 32.65 -3.35 -9.40
C ARG K 245 31.82 -4.36 -10.17
N ARG K 246 32.45 -5.41 -10.69
CA ARG K 246 31.72 -6.43 -11.43
C ARG K 246 31.83 -7.77 -10.71
N TYR K 247 30.69 -8.35 -10.38
CA TYR K 247 30.60 -9.71 -9.84
C TYR K 247 29.97 -10.56 -10.92
N ILE K 248 30.78 -11.41 -11.57
CA ILE K 248 30.40 -12.20 -12.74
C ILE K 248 29.81 -11.30 -13.81
N ASP K 249 28.47 -11.25 -13.89
CA ASP K 249 27.76 -10.47 -14.88
C ASP K 249 27.13 -9.20 -14.34
N ASP K 250 27.17 -8.99 -13.03
CA ASP K 250 26.47 -7.89 -12.38
C ASP K 250 27.42 -6.73 -12.16
N TYR K 251 27.06 -5.56 -12.67
CA TYR K 251 27.82 -4.33 -12.56
C TYR K 251 27.19 -3.45 -11.49
N THR K 252 28.00 -2.96 -10.56
CA THR K 252 27.57 -2.03 -9.53
C THR K 252 28.48 -0.80 -9.62
N CYS K 253 27.91 0.32 -10.04
CA CYS K 253 28.67 1.54 -10.25
C CYS K 253 28.25 2.61 -9.27
N TYR K 254 29.20 3.39 -8.78
CA TYR K 254 28.93 4.44 -7.82
C TYR K 254 29.15 5.79 -8.51
N CYS K 255 28.11 6.62 -8.54
CA CYS K 255 28.10 7.83 -9.33
C CYS K 255 27.74 9.03 -8.47
N LYS K 256 28.47 10.12 -8.69
CA LYS K 256 28.21 11.39 -7.99
C LYS K 256 26.87 11.98 -8.38
N THR K 257 26.51 11.91 -9.66
CA THR K 257 25.30 12.51 -10.17
C THR K 257 24.52 11.46 -10.96
N HIS K 258 23.25 11.78 -11.25
CA HIS K 258 22.36 10.82 -11.90
C HIS K 258 22.67 10.67 -13.38
N ASP K 259 23.09 11.75 -14.06
CA ASP K 259 23.51 11.64 -15.44
C ASP K 259 24.76 10.79 -15.57
N ASP K 260 25.61 10.78 -14.55
CA ASP K 260 26.75 9.87 -14.55
C ASP K 260 26.29 8.43 -14.52
N ALA K 261 25.21 8.15 -13.78
CA ALA K 261 24.62 6.82 -13.79
C ALA K 261 24.07 6.47 -15.17
N LYS K 262 23.35 7.40 -15.79
CA LYS K 262 22.82 7.16 -17.12
C LYS K 262 23.92 7.00 -18.16
N GLU K 263 25.00 7.77 -18.01
CA GLU K 263 26.11 7.69 -18.94
C GLU K 263 26.89 6.39 -18.77
N PHE K 264 27.01 5.92 -17.53
CA PHE K 264 27.58 4.60 -17.28
C PHE K 264 26.73 3.51 -17.93
N LEU K 265 25.39 3.61 -17.78
CA LEU K 265 24.50 2.64 -18.39
C LEU K 265 24.62 2.65 -19.91
N HIS K 266 24.69 3.85 -20.50
CA HIS K 266 24.81 3.97 -21.94
C HIS K 266 26.13 3.41 -22.45
N LEU K 267 27.24 3.79 -21.80
CA LEU K 267 28.56 3.31 -22.24
C LEU K 267 28.71 1.81 -22.04
N LEU K 268 28.16 1.28 -20.94
CA LEU K 268 28.15 -0.16 -20.74
C LEU K 268 27.29 -0.85 -21.80
N GLY K 269 26.19 -0.22 -22.22
CA GLY K 269 25.40 -0.77 -23.31
C GLY K 269 26.16 -0.85 -24.62
N MET K 270 26.87 0.23 -24.98
CA MET K 270 27.69 0.20 -26.20
C MET K 270 28.82 -0.82 -26.09
N GLU K 271 29.48 -0.89 -24.92
CA GLU K 271 30.58 -1.83 -24.77
C GLU K 271 30.11 -3.28 -24.78
N LEU K 272 28.92 -3.56 -24.26
CA LEU K 272 28.38 -4.90 -24.33
C LEU K 272 27.90 -5.23 -25.74
N SER K 273 27.29 -4.26 -26.43
CA SER K 273 26.84 -4.48 -27.79
C SER K 273 28.00 -4.62 -28.78
N LYS K 274 29.18 -4.11 -28.41
CA LYS K 274 30.37 -4.37 -29.23
C LYS K 274 30.71 -5.84 -29.29
N TYR K 275 30.42 -6.59 -28.22
CA TYR K 275 30.69 -8.02 -28.15
C TYR K 275 29.41 -8.84 -28.15
N LYS K 276 28.35 -8.31 -28.79
CA LYS K 276 27.06 -8.98 -28.98
C LYS K 276 26.42 -9.39 -27.64
N LEU K 277 26.58 -8.53 -26.64
CA LEU K 277 25.94 -8.72 -25.35
C LEU K 277 24.98 -7.55 -25.09
N SER K 278 24.04 -7.77 -24.17
CA SER K 278 23.05 -6.75 -23.85
C SER K 278 22.77 -6.78 -22.36
N LEU K 279 22.43 -5.61 -21.83
CA LEU K 279 22.00 -5.50 -20.44
C LEU K 279 20.62 -6.13 -20.26
N ASN K 280 20.40 -6.69 -19.09
CA ASN K 280 19.07 -7.17 -18.70
C ASN K 280 18.29 -5.93 -18.29
N LEU K 281 17.41 -5.47 -19.20
CA LEU K 281 16.68 -4.22 -18.97
C LEU K 281 15.70 -4.30 -17.81
N HIS K 282 15.28 -5.50 -17.43
CA HIS K 282 14.43 -5.65 -16.25
C HIS K 282 15.24 -5.49 -14.97
N LYS K 283 16.50 -5.93 -14.97
CA LYS K 283 17.27 -6.01 -13.74
C LYS K 283 17.97 -4.71 -13.39
N THR K 284 18.25 -3.86 -14.37
CA THR K 284 19.00 -2.63 -14.11
C THR K 284 18.16 -1.65 -13.31
N LYS K 285 18.80 -1.02 -12.32
CA LYS K 285 18.12 -0.06 -11.47
C LYS K 285 19.13 0.94 -10.92
N ILE K 286 18.61 2.09 -10.52
CA ILE K 286 19.41 3.17 -9.94
C ILE K 286 18.81 3.48 -8.58
N THR K 287 19.62 3.31 -7.53
CA THR K 287 19.19 3.56 -6.17
C THR K 287 19.96 4.73 -5.58
N ASN K 288 19.43 5.28 -4.49
CA ASN K 288 20.02 6.44 -3.84
C ASN K 288 20.98 6.00 -2.75
N LEU K 289 22.22 6.43 -2.85
CA LEU K 289 23.14 6.24 -1.75
C LEU K 289 22.85 7.27 -0.65
N PRO K 290 22.99 6.90 0.62
CA PRO K 290 23.44 5.62 1.16
C PRO K 290 22.33 4.58 1.23
N GLY K 291 22.57 3.40 0.65
CA GLY K 291 21.66 2.29 0.83
C GLY K 291 22.15 1.44 1.97
N THR K 292 22.32 0.15 1.72
CA THR K 292 22.94 -0.75 2.68
C THR K 292 24.11 -1.45 2.00
N LEU K 293 25.11 -1.82 2.79
CA LEU K 293 26.30 -2.49 2.25
C LEU K 293 25.93 -3.84 1.65
N ASN K 294 25.08 -4.60 2.33
CA ASN K 294 24.47 -5.80 1.81
C ASN K 294 23.05 -5.47 1.37
N ASP K 295 22.27 -6.51 1.08
CA ASP K 295 20.86 -6.31 0.84
C ASP K 295 20.15 -5.97 2.15
N ASN K 296 18.94 -5.43 2.03
CA ASN K 296 18.20 -4.99 3.21
C ASN K 296 17.76 -6.17 4.07
N TRP K 297 17.41 -7.31 3.44
CA TRP K 297 17.02 -8.48 4.20
C TRP K 297 18.19 -9.07 4.98
N VAL K 298 19.41 -8.86 4.50
CA VAL K 298 20.59 -9.35 5.21
C VAL K 298 20.73 -8.67 6.56
N SER K 299 20.61 -7.34 6.57
CA SER K 299 20.64 -6.60 7.83
C SER K 299 19.43 -6.88 8.68
N LEU K 300 18.27 -7.11 8.07
CA LEU K 300 17.08 -7.48 8.83
C LEU K 300 17.27 -8.83 9.52
N LEU K 301 17.92 -9.78 8.84
CA LEU K 301 18.18 -11.09 9.44
C LEU K 301 19.23 -11.01 10.53
N ASN K 302 20.32 -10.29 10.28
CA ASN K 302 21.42 -10.24 11.24
C ASN K 302 21.04 -9.43 12.48
N VAL K 303 20.21 -8.40 12.31
CA VAL K 303 19.78 -7.61 13.46
C VAL K 303 18.76 -8.38 14.29
N ASN K 304 18.14 -9.43 13.74
CA ASN K 304 17.22 -10.27 14.46
C ASN K 304 17.81 -11.65 14.76
N SER K 305 19.09 -11.86 14.49
CA SER K 305 19.69 -13.16 14.69
C SER K 305 19.88 -13.44 16.17
N PRO K 306 19.46 -14.62 16.66
CA PRO K 306 19.71 -14.95 18.06
C PRO K 306 21.17 -15.24 18.38
N THR K 307 21.97 -15.52 17.36
CA THR K 307 23.38 -15.88 17.52
C THR K 307 24.32 -14.73 17.19
N LYS K 308 23.80 -13.51 17.00
CA LYS K 308 24.57 -12.40 16.46
C LYS K 308 25.70 -11.94 17.38
N LYS K 309 25.66 -12.27 18.67
CA LYS K 309 26.68 -11.85 19.61
C LYS K 309 27.43 -13.06 20.13
N ARG K 310 28.75 -13.03 20.06
CA ARG K 310 29.59 -14.06 20.66
C ARG K 310 29.75 -13.82 22.15
N PHE K 311 29.91 -14.90 22.90
CA PHE K 311 30.06 -14.84 24.35
C PHE K 311 31.37 -15.38 24.86
N THR K 312 32.18 -16.02 23.99
CA THR K 312 33.48 -16.64 24.23
C THR K 312 33.41 -17.86 25.14
N ASP K 313 32.23 -18.27 25.61
CA ASP K 313 32.03 -19.56 26.25
C ASP K 313 30.95 -20.30 25.49
N GLN K 314 31.19 -21.58 25.19
CA GLN K 314 30.35 -22.30 24.24
C GLN K 314 28.96 -22.59 24.79
N ASP K 315 28.82 -22.72 26.11
CA ASP K 315 27.51 -23.01 26.68
C ASP K 315 26.58 -21.82 26.58
N LEU K 316 27.12 -20.59 26.58
CA LEU K 316 26.27 -19.41 26.53
C LEU K 316 25.64 -19.22 25.15
N ASN K 317 26.43 -19.38 24.09
CA ASN K 317 25.92 -19.20 22.73
C ASN K 317 25.43 -20.51 22.14
N LYS K 318 24.58 -21.19 22.90
CA LYS K 318 23.83 -22.34 22.42
C LYS K 318 22.36 -21.94 22.40
N LEU K 319 21.76 -21.95 21.21
CA LEU K 319 20.42 -21.44 21.04
C LEU K 319 19.38 -22.42 21.57
N SER K 320 18.31 -21.87 22.14
CA SER K 320 17.21 -22.68 22.64
C SER K 320 16.27 -23.04 21.49
N SER K 321 15.23 -23.80 21.80
CA SER K 321 14.27 -24.22 20.78
C SER K 321 13.42 -23.04 20.31
N SER K 322 12.93 -22.23 21.26
CA SER K 322 12.07 -21.11 20.92
C SER K 322 12.82 -20.08 20.07
N GLU K 323 14.10 -19.84 20.38
CA GLU K 323 14.89 -18.87 19.64
C GLU K 323 15.03 -19.26 18.17
N VAL K 324 15.46 -20.48 17.91
CA VAL K 324 15.69 -20.91 16.53
C VAL K 324 14.36 -21.06 15.78
N ILE K 325 13.35 -21.63 16.44
CA ILE K 325 12.06 -21.82 15.78
C ILE K 325 11.43 -20.48 15.40
N ASN K 326 11.48 -19.51 16.31
CA ASN K 326 10.91 -18.20 16.00
C ASN K 326 11.76 -17.43 15.00
N PHE K 327 13.09 -17.61 15.02
CA PHE K 327 13.93 -16.95 14.03
C PHE K 327 13.70 -17.53 12.64
N LEU K 328 13.51 -18.85 12.55
CA LEU K 328 13.21 -19.45 11.25
C LEU K 328 11.81 -19.08 10.76
N ASP K 329 10.85 -18.93 11.69
CA ASP K 329 9.53 -18.44 11.29
C ASP K 329 9.62 -17.01 10.77
N TYR K 330 10.42 -16.16 11.42
CA TYR K 330 10.64 -14.81 10.93
C TYR K 330 11.41 -14.82 9.61
N ALA K 331 12.29 -15.79 9.41
CA ALA K 331 12.99 -15.92 8.13
C ALA K 331 12.04 -16.30 7.01
N VAL K 332 11.09 -17.19 7.28
CA VAL K 332 10.07 -17.52 6.28
C VAL K 332 9.18 -16.31 6.00
N GLN K 333 8.87 -15.54 7.05
CA GLN K 333 8.15 -14.28 6.86
C GLN K 333 8.91 -13.30 5.97
N LEU K 334 10.22 -13.19 6.17
CA LEU K 334 11.03 -12.29 5.36
C LEU K 334 11.18 -12.80 3.94
N ASN K 335 11.25 -14.13 3.77
CA ASN K 335 11.35 -14.71 2.43
C ASN K 335 10.06 -14.50 1.64
N THR K 336 8.92 -14.61 2.32
CA THR K 336 7.65 -14.35 1.65
C THR K 336 7.47 -12.86 1.36
N GLN K 337 7.76 -12.02 2.35
CA GLN K 337 7.47 -10.59 2.23
C GLN K 337 8.45 -9.88 1.31
N VAL K 338 9.75 -10.19 1.43
CA VAL K 338 10.76 -9.47 0.66
C VAL K 338 11.17 -10.30 -0.55
N GLY K 339 11.75 -11.48 -0.29
CA GLY K 339 12.17 -12.37 -1.36
C GLY K 339 13.27 -11.81 -2.24
N GLY K 340 14.13 -10.96 -1.70
CA GLY K 340 15.19 -10.35 -2.47
C GLY K 340 16.45 -11.16 -2.62
N GLY K 341 16.49 -12.36 -2.05
CA GLY K 341 17.69 -13.17 -2.13
C GLY K 341 17.51 -14.46 -1.36
N SER K 342 18.63 -15.12 -1.08
CA SER K 342 18.62 -16.40 -0.37
C SER K 342 18.49 -16.13 1.14
N ILE K 343 17.26 -15.76 1.52
CA ILE K 343 16.99 -15.39 2.91
C ILE K 343 17.03 -16.62 3.80
N LEU K 344 16.38 -17.70 3.36
CA LEU K 344 16.28 -18.90 4.19
C LEU K 344 17.63 -19.57 4.38
N LYS K 345 18.44 -19.64 3.30
CA LYS K 345 19.77 -20.22 3.42
C LYS K 345 20.65 -19.41 4.34
N TYR K 346 20.54 -18.07 4.28
CA TYR K 346 21.31 -17.21 5.16
C TYR K 346 20.93 -17.43 6.62
N ALA K 347 19.63 -17.48 6.92
CA ALA K 347 19.19 -17.65 8.30
C ALA K 347 19.54 -19.04 8.83
N ILE K 348 19.41 -20.07 7.98
CA ILE K 348 19.75 -21.43 8.39
C ILE K 348 21.23 -21.53 8.69
N SER K 349 22.09 -20.97 7.83
CA SER K 349 23.51 -20.93 8.12
C SER K 349 23.85 -20.08 9.34
N LEU K 350 23.00 -19.10 9.67
CA LEU K 350 23.16 -18.39 10.94
C LEU K 350 22.94 -19.32 12.13
N VAL K 351 21.89 -20.16 12.09
CA VAL K 351 21.51 -20.89 13.30
C VAL K 351 21.93 -22.36 13.32
N ILE K 352 22.49 -22.90 12.22
CA ILE K 352 22.71 -24.35 12.19
C ILE K 352 23.93 -24.79 12.98
N ASN K 353 24.85 -23.89 13.30
CA ASN K 353 26.08 -24.28 13.98
C ASN K 353 26.07 -23.95 15.47
N ASN K 354 24.96 -23.43 15.99
CA ASN K 354 24.85 -23.08 17.41
C ASN K 354 23.69 -23.83 18.07
N LEU K 355 23.48 -25.07 17.64
CA LEU K 355 22.38 -25.90 18.13
C LEU K 355 22.87 -26.80 19.25
N ASP K 356 22.03 -26.98 20.27
CA ASP K 356 22.25 -27.95 21.34
C ASP K 356 21.46 -29.22 21.05
N GLU K 357 21.75 -30.25 21.85
CA GLU K 357 21.23 -31.58 21.55
C GLU K 357 19.75 -31.72 21.90
N TYR K 358 19.19 -30.80 22.68
CA TYR K 358 17.75 -30.83 22.93
C TYR K 358 16.95 -30.42 21.69
N THR K 359 17.47 -29.51 20.89
CA THR K 359 16.70 -28.90 19.82
C THR K 359 17.04 -29.44 18.44
N ILE K 360 17.80 -30.54 18.35
CA ILE K 360 18.20 -31.07 17.05
C ILE K 360 16.99 -31.58 16.27
N THR K 361 16.06 -32.25 16.95
CA THR K 361 14.90 -32.82 16.26
C THR K 361 13.98 -31.74 15.70
N GLN K 362 13.73 -30.68 16.47
CA GLN K 362 12.84 -29.61 16.02
C GLN K 362 13.41 -28.90 14.79
N VAL K 363 14.67 -28.49 14.87
CA VAL K 363 15.30 -27.80 13.76
C VAL K 363 15.45 -28.72 12.56
N TYR K 364 15.71 -30.01 12.80
CA TYR K 364 15.85 -30.94 11.69
C TYR K 364 14.52 -31.17 10.98
N ASP K 365 13.42 -31.25 11.73
CA ASP K 365 12.11 -31.37 11.08
C ASP K 365 11.74 -30.10 10.34
N TYR K 366 12.08 -28.93 10.91
CA TYR K 366 11.85 -27.66 10.23
C TYR K 366 12.65 -27.58 8.94
N LEU K 367 13.91 -28.03 8.98
CA LEU K 367 14.74 -28.08 7.79
C LEU K 367 14.21 -29.07 6.77
N LEU K 368 13.65 -30.19 7.23
CA LEU K 368 13.05 -31.15 6.32
C LEU K 368 11.86 -30.56 5.59
N ASN K 369 11.01 -29.82 6.31
CA ASN K 369 9.87 -29.15 5.67
C ASN K 369 10.33 -28.09 4.69
N LEU K 370 11.25 -27.22 5.11
CA LEU K 370 11.75 -26.16 4.25
C LEU K 370 12.50 -26.71 3.05
N SER K 371 13.18 -27.85 3.24
CA SER K 371 13.92 -28.46 2.15
C SER K 371 13.01 -29.18 1.18
N TRP K 372 11.88 -29.70 1.64
CA TRP K 372 10.85 -30.15 0.72
C TRP K 372 10.30 -28.99 -0.09
N HIS K 373 10.09 -27.85 0.56
CA HIS K 373 9.60 -26.69 -0.18
C HIS K 373 10.68 -26.01 -1.00
N TYR K 374 11.92 -26.00 -0.51
CA TYR K 374 13.03 -25.35 -1.20
C TYR K 374 14.21 -26.31 -1.25
N PRO K 375 14.48 -26.96 -2.40
CA PRO K 375 15.53 -27.97 -2.45
C PRO K 375 16.95 -27.45 -2.19
N MET K 376 17.18 -26.15 -2.34
CA MET K 376 18.51 -25.60 -2.09
C MET K 376 18.90 -25.69 -0.61
N LEU K 377 17.93 -25.87 0.28
CA LEU K 377 18.19 -26.08 1.70
C LEU K 377 18.45 -27.54 2.03
N ILE K 378 18.37 -28.43 1.03
CA ILE K 378 18.63 -29.86 1.27
C ILE K 378 20.05 -30.14 1.78
N PRO K 379 21.14 -29.53 1.27
CA PRO K 379 22.48 -29.86 1.83
C PRO K 379 22.65 -29.60 3.31
N TYR K 380 21.89 -28.67 3.89
CA TYR K 380 21.97 -28.41 5.33
C TYR K 380 21.51 -29.59 6.17
N LEU K 381 20.71 -30.50 5.59
CA LEU K 381 20.35 -31.73 6.27
C LEU K 381 21.56 -32.59 6.57
N GLY K 382 22.64 -32.43 5.81
CA GLY K 382 23.86 -33.13 6.12
C GLY K 382 24.63 -32.58 7.31
N VAL K 383 24.28 -31.38 7.77
CA VAL K 383 24.94 -30.81 8.94
C VAL K 383 24.53 -31.57 10.19
N LEU K 384 23.23 -31.87 10.34
CA LEU K 384 22.71 -32.57 11.51
C LEU K 384 22.28 -33.99 11.17
N ILE K 385 22.91 -34.60 10.15
CA ILE K 385 22.56 -35.95 9.75
C ILE K 385 23.07 -37.00 10.74
N GLU K 386 24.05 -36.65 11.56
CA GLU K 386 24.59 -37.62 12.52
C GLU K 386 23.78 -37.65 13.81
N HIS K 387 23.33 -36.49 14.28
CA HIS K 387 22.69 -36.41 15.59
C HIS K 387 21.26 -36.96 15.56
N VAL K 388 20.65 -37.01 14.39
CA VAL K 388 19.26 -37.45 14.28
C VAL K 388 19.23 -38.97 14.18
N TYR K 389 18.41 -39.60 15.02
CA TYR K 389 18.23 -41.05 15.01
C TYR K 389 17.45 -41.43 13.77
N LEU K 390 18.17 -41.80 12.71
CA LEU K 390 17.54 -41.98 11.40
C LEU K 390 16.78 -43.29 11.29
N ASP K 391 17.16 -44.31 12.07
CA ASP K 391 16.41 -45.56 12.06
C ASP K 391 14.99 -45.36 12.57
N ASP K 392 14.85 -45.00 13.85
CA ASP K 392 13.62 -44.55 14.50
C ASP K 392 12.40 -45.42 14.20
N GLY K 393 11.33 -44.80 13.71
CA GLY K 393 10.14 -45.51 13.29
C GLY K 393 9.84 -45.32 11.81
N ASP K 394 10.89 -45.20 11.00
CA ASP K 394 10.88 -45.11 9.54
C ASP K 394 10.25 -43.82 8.99
N GLU K 395 9.87 -42.90 9.88
CA GLU K 395 9.27 -41.63 9.45
C GLU K 395 10.27 -40.80 8.64
N TYR K 396 11.54 -40.80 9.05
CA TYR K 396 12.56 -40.06 8.30
C TYR K 396 12.80 -40.67 6.93
N LYS K 397 12.68 -41.99 6.80
CA LYS K 397 12.75 -42.64 5.50
C LYS K 397 11.64 -42.16 4.58
N ASN K 398 10.41 -42.07 5.10
CA ASN K 398 9.29 -41.57 4.32
C ASN K 398 9.49 -40.11 3.94
N LYS K 399 10.04 -39.31 4.85
CA LYS K 399 10.27 -37.90 4.56
C LYS K 399 11.34 -37.72 3.48
N PHE K 400 12.42 -38.50 3.56
CA PHE K 400 13.46 -38.43 2.53
C PHE K 400 12.95 -38.91 1.18
N ASN K 401 12.12 -39.95 1.15
CA ASN K 401 11.59 -40.42 -0.12
C ASN K 401 10.55 -39.46 -0.69
N GLU K 402 9.79 -38.76 0.17
CA GLU K 402 8.91 -37.71 -0.32
C GLU K 402 9.71 -36.55 -0.89
N ILE K 403 10.85 -36.23 -0.28
CA ILE K 403 11.75 -35.22 -0.83
C ILE K 403 12.28 -35.66 -2.19
N LEU K 404 12.62 -36.94 -2.33
CA LEU K 404 13.06 -37.48 -3.61
C LEU K 404 11.96 -37.41 -4.65
N SER K 405 10.71 -37.68 -4.25
CA SER K 405 9.57 -37.53 -5.15
C SER K 405 9.41 -36.09 -5.62
N MET K 406 9.55 -35.13 -4.69
CA MET K 406 9.45 -33.72 -5.04
C MET K 406 10.57 -33.32 -5.99
N CYS K 407 11.77 -33.85 -5.78
CA CYS K 407 12.89 -33.53 -6.64
C CYS K 407 12.72 -34.13 -8.03
N ALA K 408 12.13 -35.33 -8.11
CA ALA K 408 11.84 -35.92 -9.41
C ALA K 408 10.75 -35.16 -10.14
N GLU K 409 9.73 -34.70 -9.41
CA GLU K 409 8.64 -33.96 -10.03
C GLU K 409 9.08 -32.59 -10.51
N ASN K 410 9.85 -31.87 -9.69
CA ASN K 410 10.28 -30.51 -10.01
C ASN K 410 11.50 -30.48 -10.93
N LYS K 411 12.08 -31.65 -11.24
CA LYS K 411 13.21 -31.78 -12.15
C LYS K 411 14.41 -30.95 -11.70
N CYS K 412 14.79 -31.11 -10.44
CA CYS K 412 15.95 -30.44 -9.86
C CYS K 412 17.01 -31.47 -9.51
N SER K 413 18.24 -31.21 -9.94
CA SER K 413 19.33 -32.16 -9.76
C SER K 413 20.08 -31.95 -8.46
N ASP K 414 20.14 -30.71 -7.94
CA ASP K 414 20.89 -30.47 -6.72
C ASP K 414 20.24 -31.15 -5.52
N GLY K 415 18.93 -30.96 -5.36
CA GLY K 415 18.23 -31.56 -4.24
C GLY K 415 18.21 -33.07 -4.32
N MET K 416 17.96 -33.61 -5.52
CA MET K 416 17.95 -35.07 -5.69
C MET K 416 19.33 -35.66 -5.44
N ALA K 417 20.39 -35.01 -5.95
CA ALA K 417 21.74 -35.52 -5.75
C ALA K 417 22.15 -35.49 -4.28
N TRP K 418 21.84 -34.40 -3.58
CA TRP K 418 22.18 -34.31 -2.17
C TRP K 418 21.36 -35.29 -1.33
N THR K 419 20.08 -35.44 -1.64
CA THR K 419 19.23 -36.38 -0.92
C THR K 419 19.67 -37.82 -1.16
N LEU K 420 20.04 -38.16 -2.40
CA LEU K 420 20.54 -39.50 -2.70
C LEU K 420 21.87 -39.75 -2.01
N TYR K 421 22.71 -38.72 -1.93
CA TYR K 421 23.97 -38.84 -1.19
C TYR K 421 23.72 -39.11 0.28
N PHE K 422 22.75 -38.41 0.88
CA PHE K 422 22.41 -38.64 2.28
C PHE K 422 21.83 -40.04 2.49
N CYS K 423 20.97 -40.50 1.58
CA CYS K 423 20.36 -41.81 1.72
C CYS K 423 21.38 -42.93 1.56
N ILE K 424 22.33 -42.77 0.62
CA ILE K 424 23.35 -43.79 0.43
C ILE K 424 24.33 -43.80 1.58
N LYS K 425 24.76 -42.63 2.04
CA LYS K 425 25.73 -42.55 3.13
C LYS K 425 25.12 -43.04 4.46
N ASN K 426 23.87 -42.69 4.73
CA ASN K 426 23.23 -42.98 6.00
C ASN K 426 22.31 -44.20 5.94
N ASN K 427 22.35 -44.95 4.85
CA ASN K 427 21.63 -46.23 4.69
C ASN K 427 20.12 -46.06 4.85
N ILE K 428 19.58 -44.97 4.31
CA ILE K 428 18.14 -44.78 4.24
C ILE K 428 17.63 -45.52 3.01
N ASP K 429 16.66 -46.41 3.22
CA ASP K 429 16.13 -47.23 2.14
C ASP K 429 15.29 -46.40 1.19
N ILE K 430 15.39 -46.75 -0.09
CA ILE K 430 14.68 -46.07 -1.17
C ILE K 430 13.72 -47.07 -1.80
N ASP K 431 12.44 -46.71 -1.89
CA ASP K 431 11.46 -47.58 -2.48
C ASP K 431 11.64 -47.67 -3.99
N ASP K 432 11.04 -48.69 -4.59
CA ASP K 432 11.11 -48.86 -6.04
C ASP K 432 10.32 -47.77 -6.76
N ASP K 433 9.24 -47.29 -6.14
CA ASP K 433 8.37 -46.31 -6.78
C ASP K 433 9.09 -45.01 -7.07
N VAL K 434 9.92 -44.55 -6.13
CA VAL K 434 10.72 -43.36 -6.37
C VAL K 434 11.92 -43.64 -7.27
N ILE K 435 12.40 -44.88 -7.32
CA ILE K 435 13.45 -45.23 -8.27
C ILE K 435 12.94 -45.13 -9.69
N GLU K 436 11.68 -45.53 -9.93
CA GLU K 436 11.04 -45.30 -11.23
C GLU K 436 11.02 -43.83 -11.59
N LYS K 437 10.72 -42.96 -10.63
CA LYS K 437 10.70 -41.52 -10.89
C LYS K 437 12.10 -40.98 -11.15
N ILE K 438 13.12 -41.55 -10.51
CA ILE K 438 14.49 -41.11 -10.75
C ILE K 438 14.93 -41.50 -12.17
N ILE K 439 14.59 -42.72 -12.60
CA ILE K 439 14.91 -43.13 -13.97
C ILE K 439 14.12 -42.30 -14.97
N CYS K 440 12.88 -41.95 -14.65
CA CYS K 440 12.08 -41.11 -15.53
C CYS K 440 12.68 -39.71 -15.66
N PHE K 441 13.16 -39.15 -14.54
CA PHE K 441 13.88 -37.88 -14.59
C PHE K 441 15.21 -38.05 -15.33
N GLY K 442 15.98 -39.06 -14.95
CA GLY K 442 17.25 -39.32 -15.60
C GLY K 442 18.30 -38.25 -15.41
N ASP K 443 18.47 -37.77 -14.18
CA ASP K 443 19.60 -36.89 -13.89
C ASP K 443 20.88 -37.71 -13.85
N CYS K 444 21.93 -37.17 -14.50
CA CYS K 444 23.15 -37.94 -14.67
C CYS K 444 23.87 -38.18 -13.35
N LEU K 445 23.90 -37.17 -12.47
CA LEU K 445 24.61 -37.34 -11.19
C LEU K 445 23.83 -38.25 -10.25
N SER K 446 22.50 -38.13 -10.26
CA SER K 446 21.66 -39.02 -9.47
C SER K 446 21.80 -40.46 -9.93
N LEU K 447 21.87 -40.68 -11.24
CA LEU K 447 22.09 -42.02 -11.75
C LEU K 447 23.51 -42.50 -11.47
N CYS K 448 24.48 -41.59 -11.40
CA CYS K 448 25.82 -41.96 -10.96
C CYS K 448 25.80 -42.47 -9.52
N LEU K 449 25.07 -41.79 -8.65
CA LEU K 449 24.93 -42.25 -7.26
C LEU K 449 24.21 -43.59 -7.19
N LEU K 450 23.14 -43.75 -7.98
CA LEU K 450 22.39 -45.00 -7.99
C LEU K 450 23.25 -46.15 -8.50
N ASP K 451 24.09 -45.90 -9.52
CA ASP K 451 25.02 -46.91 -10.00
C ASP K 451 26.10 -47.21 -8.98
N SER K 452 26.53 -46.20 -8.22
CA SER K 452 27.52 -46.40 -7.18
C SER K 452 26.97 -47.17 -5.98
N SER K 453 25.64 -47.21 -5.82
CA SER K 453 25.07 -48.05 -4.77
C SER K 453 25.03 -49.52 -5.18
N ASP K 454 25.07 -49.81 -6.49
CA ASP K 454 25.04 -51.14 -7.09
C ASP K 454 23.78 -51.95 -6.80
N ILE K 455 22.78 -51.33 -6.17
CA ILE K 455 21.52 -52.04 -5.89
C ILE K 455 20.67 -52.10 -7.15
N TYR K 456 20.70 -51.04 -7.95
CA TYR K 456 19.79 -50.84 -9.07
C TYR K 456 20.51 -51.01 -10.41
N GLU K 457 21.34 -52.07 -10.50
CA GLU K 457 22.19 -52.27 -11.66
C GLU K 457 21.38 -52.49 -12.94
N GLU K 458 20.28 -53.27 -12.85
CA GLU K 458 19.53 -53.61 -14.06
C GLU K 458 18.78 -52.40 -14.62
N LYS K 459 18.31 -51.48 -13.76
CA LYS K 459 17.60 -50.31 -14.27
C LYS K 459 18.57 -49.32 -14.91
N ILE K 460 19.74 -49.13 -14.31
CA ILE K 460 20.77 -48.29 -14.90
C ILE K 460 21.25 -48.91 -16.21
N ASN K 461 21.34 -50.24 -16.26
CA ASN K 461 21.70 -50.94 -17.49
C ASN K 461 20.66 -50.71 -18.58
N ASN K 462 19.38 -50.77 -18.23
CA ASN K 462 18.32 -50.51 -19.21
C ASN K 462 18.37 -49.07 -19.71
N PHE K 463 18.64 -48.12 -18.80
CA PHE K 463 18.74 -46.71 -19.18
C PHE K 463 19.89 -46.48 -20.15
N VAL K 464 21.08 -47.00 -19.82
CA VAL K 464 22.22 -46.79 -20.70
C VAL K 464 22.09 -47.59 -21.98
N SER K 465 21.33 -48.70 -21.95
CA SER K 465 21.06 -49.44 -23.18
C SER K 465 20.15 -48.64 -24.10
N ASP K 466 19.17 -47.93 -23.53
CA ASP K 466 18.34 -47.03 -24.34
C ASP K 466 19.16 -45.90 -24.93
N ILE K 467 20.08 -45.34 -24.13
CA ILE K 467 20.95 -44.27 -24.63
C ILE K 467 21.85 -44.78 -25.76
N ILE K 468 22.40 -45.99 -25.61
CA ILE K 468 23.26 -46.56 -26.65
C ILE K 468 22.47 -46.86 -27.92
N LYS K 469 21.29 -47.48 -27.77
CA LYS K 469 20.50 -47.84 -28.94
C LYS K 469 19.85 -46.63 -29.60
N LEU K 470 19.80 -45.49 -28.92
CA LEU K 470 19.36 -44.26 -29.59
C LEU K 470 20.35 -43.77 -30.62
N ASP K 471 21.62 -44.16 -30.50
CA ASP K 471 22.70 -43.87 -31.46
C ASP K 471 22.94 -42.38 -31.66
N TYR K 472 22.61 -41.56 -30.66
CA TYR K 472 22.89 -40.13 -30.70
C TYR K 472 24.12 -39.87 -29.84
N GLU K 473 25.14 -39.23 -30.44
CA GLU K 473 26.39 -39.02 -29.73
C GLU K 473 26.23 -37.99 -28.61
N TYR K 474 25.37 -36.99 -28.83
CA TYR K 474 25.12 -36.00 -27.78
C TYR K 474 24.37 -36.62 -26.60
N ASP K 475 23.55 -37.65 -26.86
CA ASP K 475 22.86 -38.33 -25.77
C ASP K 475 23.85 -39.10 -24.89
N ILE K 476 24.86 -39.70 -25.51
CA ILE K 476 25.92 -40.34 -24.73
C ILE K 476 26.75 -39.29 -24.00
N ASP K 477 26.98 -38.14 -24.64
CA ASP K 477 27.76 -37.08 -24.01
C ASP K 477 27.03 -36.47 -22.82
N ARG K 478 25.70 -36.46 -22.85
CA ARG K 478 24.93 -35.94 -21.72
C ARG K 478 25.01 -36.85 -20.50
N TYR K 479 25.41 -38.10 -20.67
CA TYR K 479 25.56 -39.04 -19.56
C TYR K 479 26.94 -39.68 -19.55
N TRP K 480 27.93 -38.98 -20.11
CA TRP K 480 29.31 -39.46 -20.11
C TRP K 480 29.81 -39.80 -18.71
N LEU K 481 29.38 -39.07 -17.69
CA LEU K 481 29.86 -39.37 -16.33
C LEU K 481 29.31 -40.69 -15.83
N LEU K 482 28.02 -40.96 -16.10
CA LEU K 482 27.45 -42.27 -15.77
C LEU K 482 28.13 -43.38 -16.56
N PHE K 483 28.36 -43.15 -17.85
CA PHE K 483 29.00 -44.16 -18.68
C PHE K 483 30.42 -44.44 -18.22
N TYR K 484 31.16 -43.40 -17.83
CA TYR K 484 32.53 -43.61 -17.35
C TYR K 484 32.55 -44.24 -15.98
N GLN K 485 31.58 -43.93 -15.12
CA GLN K 485 31.54 -44.59 -13.81
C GLN K 485 31.20 -46.07 -13.95
N ARG K 486 30.34 -46.42 -14.90
CA ARG K 486 30.09 -47.84 -15.15
C ARG K 486 31.28 -48.51 -15.84
N PHE K 487 32.00 -47.78 -16.69
CA PHE K 487 33.14 -48.36 -17.39
C PHE K 487 34.32 -48.56 -16.44
N PHE K 488 34.50 -47.64 -15.50
CA PHE K 488 35.65 -47.69 -14.58
C PHE K 488 35.50 -48.83 -13.58
N LYS K 489 34.27 -49.15 -13.18
CA LYS K 489 34.01 -50.28 -12.30
C LYS K 489 33.77 -51.57 -13.06
N ASP K 490 34.05 -51.58 -14.37
CA ASP K 490 33.93 -52.75 -15.25
C ASP K 490 32.51 -53.29 -15.28
N LYS K 491 31.52 -52.42 -15.17
CA LYS K 491 30.12 -52.81 -15.28
C LYS K 491 29.55 -52.64 -16.68
N ALA K 492 30.27 -51.94 -17.57
CA ALA K 492 29.81 -51.68 -18.93
C ALA K 492 31.01 -51.35 -19.78
N PRO K 493 30.98 -51.66 -21.07
CA PRO K 493 32.06 -51.23 -21.96
C PRO K 493 31.99 -49.74 -22.25
N SER K 494 33.08 -49.22 -22.81
CA SER K 494 33.15 -47.81 -23.15
C SER K 494 32.22 -47.52 -24.31
N PRO K 495 31.31 -46.54 -24.19
CA PRO K 495 30.40 -46.24 -25.30
C PRO K 495 31.10 -45.60 -26.49
N TYR K 496 32.23 -44.94 -26.27
CA TYR K 496 32.91 -44.24 -27.35
C TYR K 496 33.90 -45.18 -28.05
N ASN K 497 34.38 -44.73 -29.20
CA ASN K 497 35.40 -45.46 -29.95
C ASN K 497 36.78 -44.85 -29.83
N ASP K 498 36.93 -43.74 -29.10
CA ASP K 498 38.23 -43.15 -28.90
C ASP K 498 38.91 -43.77 -27.67
N LYS K 499 40.08 -43.24 -27.33
CA LYS K 499 40.87 -43.77 -26.22
C LYS K 499 40.80 -42.90 -24.97
N CYS K 500 39.91 -41.90 -24.94
CA CYS K 500 39.84 -40.99 -23.80
C CYS K 500 39.39 -41.70 -22.53
N PHE K 501 38.32 -42.51 -22.64
CA PHE K 501 37.85 -43.28 -21.49
C PHE K 501 38.88 -44.33 -21.08
N ASP K 502 39.55 -44.94 -22.05
CA ASP K 502 40.59 -45.92 -21.74
C ASP K 502 41.79 -45.26 -21.07
N ILE K 503 42.16 -44.05 -21.50
CA ILE K 503 43.24 -43.32 -20.85
C ILE K 503 42.87 -42.97 -19.42
N MET K 504 41.63 -42.52 -19.20
CA MET K 504 41.20 -42.16 -17.86
C MET K 504 41.10 -43.38 -16.95
N LYS K 505 40.66 -44.52 -17.49
CA LYS K 505 40.59 -45.74 -16.69
C LYS K 505 41.98 -46.28 -16.38
N GLY K 506 42.90 -46.20 -17.33
CA GLY K 506 44.24 -46.73 -17.12
C GLY K 506 45.05 -45.98 -16.08
N TYR K 507 44.79 -44.68 -15.92
CA TYR K 507 45.46 -43.88 -14.92
C TYR K 507 44.64 -43.67 -13.67
N GLY K 508 43.56 -44.45 -13.50
CA GLY K 508 42.78 -44.44 -12.29
C GLY K 508 42.02 -43.16 -12.02
N VAL K 509 41.44 -42.55 -13.04
CA VAL K 509 40.57 -41.40 -12.83
C VAL K 509 39.24 -41.89 -12.29
N ASP K 510 38.84 -41.37 -11.13
CA ASP K 510 37.57 -41.72 -10.53
C ASP K 510 36.89 -40.45 -10.06
N PHE K 511 35.69 -40.20 -10.57
CA PHE K 511 34.92 -39.03 -10.17
C PHE K 511 34.02 -39.31 -9.00
N MET K 512 34.03 -40.54 -8.48
CA MET K 512 33.37 -40.90 -7.23
C MET K 512 34.37 -41.61 -6.33
N PRO K 513 35.35 -40.88 -5.80
CA PRO K 513 36.41 -41.53 -5.04
C PRO K 513 36.03 -41.74 -3.58
N ASP K 514 36.72 -42.69 -2.95
CA ASP K 514 36.56 -42.92 -1.53
C ASP K 514 37.42 -41.94 -0.74
N GLU K 515 37.16 -41.88 0.56
CA GLU K 515 37.89 -40.96 1.44
C GLU K 515 39.32 -41.42 1.67
#